data_8T1D
#
_entry.id   8T1D
#
_cell.length_a   1.00
_cell.length_b   1.00
_cell.length_c   1.00
_cell.angle_alpha   90.00
_cell.angle_beta   90.00
_cell.angle_gamma   90.00
#
_symmetry.space_group_name_H-M   'P 1'
#
loop_
_entity.id
_entity.type
_entity.pdbx_description
1 polymer 'Transient receptor potential cation channel subfamily V member 4/Enhanced green fluorescent protein chimera'
2 non-polymer '(1aR,1bS,4aS,7aS,7bS,8R,9R,9aS)-9a-(decanoyloxy)-4a,7b-dihydroxy-3-(hydroxymethyl)-1,1,6,8-tetramethyl-5-oxo-1a,1b,4,4a,5,7a,7b,8,9,9a-decahydro-1H-cyclopropa[3,4]benzo[1,2-e]azulen-9-yl decanoate'
#
_entity_poly.entity_id   1
_entity_poly.type   'polypeptide(L)'
_entity_poly.pdbx_seq_one_letter_code
;MADSSEGPRAGPGEVAELPGDESGTPGGEAFPLSSLANLFEGEDGSLSPSPADASRPAGPGDGRPNLRMKFQGAFRKGVP
NPIDLLESTLYESSVVPGPKKAPMDSLFDYGTYRHHSSDNKRWRKKIIEKQPQSPKAPAPQPPPILKVFNRPILFDIVSR
GSTADLDGLLPFLLTHKKRLTDEEFREPSTGKTCLPKALLNLSNGRNDTIPVLLDIAERTGNMREFINSPFRDIYYRGQT
ALHIAIERRCKHYVELLVAQGADVHAQARGRFFQPKDEGGYFYFGELPLSLAACTNQPHIVNYLTENPHKKADMRRQDSR
GNTVLHALVAIADNTRENTKFVTKMYDLLLLKCARLFPDSNLEAVLNNDGLSPLMMAAKTGKIGIFQHIIRREVTDEDTR
HLSRKFKDWAYGPVYSSLYDLSSLDTCGEEASVLEILVYNSKIENRHEMLAVEPINELLRDKWRKFGAVSFYINVVSYLC
AMVIFTLTAYYQPLEGTPPYPYRTTVDYLRLAGEVITLFTGVLFFFTNIKDLFMKKCPGVNSLFIDGSFQLLYFIYSVLV
IVSAALYLAGIEAYLAVMVFALVLGWMNALYFTRGLKLTGTYSIMIQKILFKDLFRFLLVYLLFMIGYASALVSLLNPCA
NMKVCNEDQTNCTVPTYPSCRDSETFSTFLLDLFKLTIGMGDLEMLSSTKYPVVFIILLVTYIILTFVLLLNMLIALMGE
TVGQVSKESKHIWKLQWATTILDIERSFPVFLRKAFRSGEMVTVGKSSDGTPDRRWCFRVDEVNWSHWNQNLGIINEDPG
KNETYQYYGFSHTVGRLRRDRWSSVVPRVVELNKNSNPDEVVVPLDSMGNPRCDGHQQGYPRKWRTDDAPLLVPRGSAAA
AVSKGEELFTGVVPILVELDGDVNGHKFSVSGEGEGDATYGKLTLKFICTTGKLPVPWPTLVTTLTYGVQCFSRYPDHMK
QHDFFKSAMPEGYVQERTIFFKDDGNYKTRAEVKFEGDTLVNRIELKGIDFKEDGNILGHKLEYNYNSHNVYIMADKQKN
GIKVNFKIRHNIEDGSVQLADHYQQNTPIGDGPVLLPDNHYLSTQSKLSKDPNEKRDHMVLLEFVTAAGITLGMDELYKS
GLRSWSHPQFEK
;
_entity_poly.pdbx_strand_id   A,B,C,D
#
loop_
_chem_comp.id
_chem_comp.type
_chem_comp.name
_chem_comp.formula
XS9 non-polymer '(1aR,1bS,4aS,7aS,7bS,8R,9R,9aS)-9a-(decanoyloxy)-4a,7b-dihydroxy-3-(hydroxymethyl)-1,1,6,8-tetramethyl-5-oxo-1a,1b,4,4a,5,7a,7b,8,9,9a-decahydro-1H-cyclopropa[3,4]benzo[1,2-e]azulen-9-yl decanoate' 'C40 H64 O8'
#
# COMPACT_ATOMS: atom_id res chain seq x y z
N VAL A 148 -38.09 12.42 -66.14
CA VAL A 148 -38.85 12.91 -65.01
C VAL A 148 -37.98 12.94 -63.77
N PHE A 149 -37.40 11.79 -63.43
CA PHE A 149 -36.53 11.63 -62.27
C PHE A 149 -35.10 11.43 -62.77
N ASN A 150 -34.24 12.40 -62.47
CA ASN A 150 -32.82 12.26 -62.80
C ASN A 150 -32.14 11.40 -61.73
N ARG A 151 -30.85 11.12 -61.93
CA ARG A 151 -30.16 10.22 -61.00
C ARG A 151 -29.98 10.80 -59.59
N PRO A 152 -29.48 12.04 -59.39
CA PRO A 152 -29.36 12.51 -58.00
C PRO A 152 -30.70 12.89 -57.36
N ILE A 153 -31.77 12.98 -58.15
CA ILE A 153 -33.04 13.48 -57.64
C ILE A 153 -33.69 12.43 -56.73
N LEU A 154 -33.77 11.19 -57.20
CA LEU A 154 -34.60 10.22 -56.49
C LEU A 154 -33.90 9.63 -55.28
N PHE A 155 -32.59 9.86 -55.13
CA PHE A 155 -31.91 9.51 -53.89
C PHE A 155 -32.51 10.29 -52.72
N ASP A 156 -32.77 11.59 -52.93
CA ASP A 156 -33.37 12.41 -51.89
C ASP A 156 -34.82 12.01 -51.63
N ILE A 157 -35.49 11.48 -52.65
CA ILE A 157 -36.87 10.99 -52.50
C ILE A 157 -36.84 9.73 -51.63
N VAL A 158 -35.85 8.87 -51.87
CA VAL A 158 -35.69 7.67 -51.07
C VAL A 158 -35.24 8.02 -49.65
N SER A 159 -34.24 8.89 -49.53
CA SER A 159 -33.61 9.22 -48.25
C SER A 159 -34.53 9.97 -47.30
N ARG A 160 -35.55 10.63 -47.84
CA ARG A 160 -36.49 11.38 -47.00
C ARG A 160 -37.44 10.44 -46.29
N GLY A 161 -37.73 9.29 -46.90
CA GLY A 161 -38.68 8.34 -46.33
C GLY A 161 -40.11 8.85 -46.42
N SER A 162 -40.44 9.37 -47.59
CA SER A 162 -41.68 10.13 -47.81
C SER A 162 -42.35 9.66 -49.09
N THR A 163 -42.64 8.35 -49.19
CA THR A 163 -43.01 7.68 -50.43
C THR A 163 -44.30 8.17 -51.10
N ALA A 164 -44.58 7.57 -52.26
CA ALA A 164 -45.61 7.94 -53.23
C ALA A 164 -45.34 9.33 -53.81
N ASP A 165 -44.07 9.74 -53.82
CA ASP A 165 -43.65 10.88 -54.61
C ASP A 165 -43.39 10.40 -56.03
N LEU A 166 -43.13 9.10 -56.16
CA LEU A 166 -42.84 8.44 -57.43
C LEU A 166 -44.00 8.49 -58.42
N ASP A 167 -45.23 8.37 -57.91
CA ASP A 167 -46.50 8.49 -58.64
C ASP A 167 -46.59 7.55 -59.84
N GLY A 168 -46.55 6.25 -59.60
CA GLY A 168 -46.47 5.32 -60.71
C GLY A 168 -45.11 5.37 -61.36
N LEU A 169 -44.11 4.87 -60.64
CA LEU A 169 -42.71 4.99 -61.06
C LEU A 169 -42.40 4.15 -62.30
N LEU A 170 -43.08 3.01 -62.45
CA LEU A 170 -42.70 2.01 -63.44
C LEU A 170 -42.71 2.43 -64.92
N PRO A 171 -43.77 3.13 -65.48
CA PRO A 171 -43.81 3.32 -66.95
C PRO A 171 -42.65 4.08 -67.60
N PHE A 172 -42.11 5.12 -66.95
CA PHE A 172 -41.01 5.84 -67.60
C PHE A 172 -39.67 5.15 -67.37
N LEU A 173 -39.58 4.30 -66.35
CA LEU A 173 -38.49 3.33 -66.26
C LEU A 173 -38.67 2.28 -67.35
N LEU A 174 -39.92 1.95 -67.66
CA LEU A 174 -40.20 0.94 -68.66
C LEU A 174 -40.09 1.51 -70.07
N THR A 175 -40.17 2.84 -70.20
CA THR A 175 -40.13 3.51 -71.49
C THR A 175 -38.79 3.34 -72.19
N HIS A 176 -37.72 3.75 -71.53
CA HIS A 176 -36.36 3.54 -72.03
C HIS A 176 -35.77 2.21 -71.55
N LYS A 177 -36.63 1.28 -71.14
CA LYS A 177 -36.34 0.01 -70.46
C LYS A 177 -35.22 0.12 -69.43
N LYS A 178 -35.27 1.17 -68.61
CA LYS A 178 -34.25 1.45 -67.62
C LYS A 178 -34.46 0.54 -66.40
N ARG A 179 -33.50 -0.35 -66.16
CA ARG A 179 -33.54 -1.25 -65.02
C ARG A 179 -32.74 -0.59 -63.89
N LEU A 180 -33.06 -0.93 -62.65
CA LEU A 180 -32.51 -0.24 -61.49
C LEU A 180 -31.03 -0.52 -61.29
N THR A 181 -30.52 -1.60 -61.90
CA THR A 181 -29.12 -1.98 -61.75
C THR A 181 -28.18 -1.24 -62.69
N ASP A 182 -28.71 -0.29 -63.47
CA ASP A 182 -27.92 0.44 -64.45
C ASP A 182 -26.89 1.37 -63.81
N GLU A 183 -25.85 1.72 -64.57
CA GLU A 183 -24.76 2.56 -64.06
C GLU A 183 -25.23 4.00 -63.88
N GLU A 184 -26.10 4.48 -64.78
CA GLU A 184 -26.58 5.85 -64.69
C GLU A 184 -27.87 5.94 -63.87
N PHE A 185 -27.91 5.21 -62.76
CA PHE A 185 -29.04 5.23 -61.86
C PHE A 185 -28.52 5.09 -60.43
N ARG A 186 -27.20 4.99 -60.31
CA ARG A 186 -26.56 4.62 -59.04
C ARG A 186 -25.36 5.56 -58.87
N GLU A 187 -24.95 5.75 -57.61
CA GLU A 187 -23.77 6.58 -57.33
C GLU A 187 -22.52 5.84 -57.79
N PRO A 188 -21.76 6.42 -58.73
CA PRO A 188 -20.63 5.68 -59.30
C PRO A 188 -19.39 5.72 -58.43
N SER A 189 -19.43 6.48 -57.33
CA SER A 189 -18.33 6.54 -56.37
C SER A 189 -18.11 5.19 -55.70
N THR A 190 -19.09 4.74 -54.93
CA THR A 190 -19.03 3.44 -54.29
C THR A 190 -19.53 2.36 -55.25
N GLY A 191 -20.79 2.47 -55.65
CA GLY A 191 -21.47 1.42 -56.38
C GLY A 191 -22.76 1.09 -55.67
N LYS A 192 -23.19 2.01 -54.82
CA LYS A 192 -24.38 1.86 -53.97
C LYS A 192 -25.64 1.81 -54.83
N THR A 193 -26.69 1.16 -54.33
CA THR A 193 -27.97 1.11 -55.02
C THR A 193 -28.91 1.98 -54.19
N CYS A 194 -30.15 2.16 -54.67
CA CYS A 194 -31.10 3.04 -53.99
C CYS A 194 -31.60 2.43 -52.69
N LEU A 195 -31.82 1.11 -52.69
CA LEU A 195 -32.34 0.42 -51.50
C LEU A 195 -31.41 0.48 -50.29
N PRO A 196 -30.04 0.41 -50.42
CA PRO A 196 -29.20 0.72 -49.25
C PRO A 196 -29.40 2.10 -48.66
N LYS A 197 -29.66 3.11 -49.49
CA LYS A 197 -29.94 4.44 -48.96
C LYS A 197 -31.27 4.47 -48.22
N ALA A 198 -32.20 3.60 -48.63
CA ALA A 198 -33.41 3.39 -47.85
C ALA A 198 -33.12 2.64 -46.55
N LEU A 199 -31.98 1.95 -46.50
CA LEU A 199 -31.67 1.19 -45.28
C LEU A 199 -30.74 1.99 -44.37
N LEU A 200 -29.81 2.76 -44.93
CA LEU A 200 -29.01 3.67 -44.12
C LEU A 200 -29.87 4.81 -43.60
N ASN A 201 -30.42 5.62 -44.51
CA ASN A 201 -31.27 6.73 -44.10
C ASN A 201 -32.64 6.17 -43.71
N LEU A 202 -32.77 5.79 -42.44
CA LEU A 202 -33.86 4.94 -41.96
C LEU A 202 -34.53 5.63 -40.78
N SER A 203 -35.71 6.20 -41.03
CA SER A 203 -36.49 6.81 -39.97
C SER A 203 -37.07 5.74 -39.06
N ASN A 204 -36.50 5.65 -37.84
CA ASN A 204 -36.79 4.75 -36.72
C ASN A 204 -37.21 3.34 -37.10
N GLY A 205 -36.54 2.79 -38.11
CA GLY A 205 -36.84 1.46 -38.60
C GLY A 205 -38.19 1.32 -39.27
N ARG A 206 -38.66 2.36 -39.97
CA ARG A 206 -39.93 2.19 -40.67
C ARG A 206 -39.76 2.24 -42.18
N ASN A 207 -39.42 3.44 -42.71
CA ASN A 207 -39.11 3.76 -44.11
C ASN A 207 -39.98 3.02 -45.13
N ASP A 208 -41.27 3.36 -45.22
CA ASP A 208 -42.25 2.57 -45.99
C ASP A 208 -41.99 2.48 -47.49
N THR A 209 -40.89 3.05 -48.00
CA THR A 209 -40.47 2.88 -49.38
C THR A 209 -40.03 1.45 -49.70
N ILE A 210 -39.76 0.64 -48.66
CA ILE A 210 -39.16 -0.69 -48.82
C ILE A 210 -40.04 -1.65 -49.62
N PRO A 211 -41.35 -1.85 -49.33
CA PRO A 211 -42.13 -2.73 -50.23
C PRO A 211 -42.39 -2.11 -51.59
N VAL A 212 -42.33 -0.78 -51.69
CA VAL A 212 -42.56 -0.14 -52.98
C VAL A 212 -41.30 -0.25 -53.84
N LEU A 213 -40.13 -0.27 -53.22
CA LEU A 213 -38.90 -0.54 -53.97
C LEU A 213 -38.79 -2.01 -54.36
N LEU A 214 -39.55 -2.89 -53.71
CA LEU A 214 -39.57 -4.30 -54.08
C LEU A 214 -40.26 -4.54 -55.41
N ASP A 215 -41.55 -4.19 -55.47
CA ASP A 215 -42.38 -4.64 -56.59
C ASP A 215 -42.08 -3.86 -57.87
N ILE A 216 -41.57 -2.63 -57.75
CA ILE A 216 -41.14 -1.89 -58.93
C ILE A 216 -39.90 -2.54 -59.53
N ALA A 217 -38.99 -3.02 -58.67
CA ALA A 217 -37.88 -3.82 -59.15
C ALA A 217 -38.35 -5.19 -59.64
N GLU A 218 -39.46 -5.70 -59.10
CA GLU A 218 -40.00 -6.98 -59.55
C GLU A 218 -40.60 -6.87 -60.94
N ARG A 219 -41.23 -5.72 -61.25
CA ARG A 219 -41.82 -5.52 -62.57
C ARG A 219 -40.73 -5.26 -63.61
N THR A 220 -39.58 -4.75 -63.19
CA THR A 220 -38.44 -4.71 -64.09
C THR A 220 -37.77 -6.08 -64.20
N GLY A 221 -38.03 -6.98 -63.25
CA GLY A 221 -37.54 -8.34 -63.32
C GLY A 221 -36.05 -8.48 -63.07
N ASN A 222 -35.54 -7.83 -62.04
CA ASN A 222 -34.14 -7.96 -61.67
C ASN A 222 -33.90 -8.33 -60.21
N MET A 223 -34.93 -8.78 -59.49
CA MET A 223 -34.86 -9.06 -58.05
C MET A 223 -33.89 -10.20 -57.74
N ARG A 224 -33.66 -11.07 -58.73
CA ARG A 224 -32.61 -12.09 -58.67
C ARG A 224 -31.22 -11.46 -58.66
N GLU A 225 -31.12 -10.20 -59.09
CA GLU A 225 -29.82 -9.52 -59.12
C GLU A 225 -29.89 -8.20 -58.36
N PHE A 226 -31.10 -7.70 -58.08
CA PHE A 226 -31.25 -6.39 -57.45
C PHE A 226 -30.78 -6.37 -56.00
N ILE A 227 -31.33 -7.25 -55.17
CA ILE A 227 -30.84 -7.31 -53.80
C ILE A 227 -29.69 -8.31 -53.73
N ASN A 228 -28.58 -7.98 -54.39
CA ASN A 228 -27.33 -8.72 -54.35
C ASN A 228 -26.15 -7.78 -54.47
N SER A 229 -26.44 -6.52 -54.79
CA SER A 229 -25.47 -5.65 -55.43
C SER A 229 -24.38 -5.24 -54.46
N PRO A 230 -23.12 -5.58 -54.74
CA PRO A 230 -22.02 -5.17 -53.86
C PRO A 230 -21.74 -3.68 -53.94
N PHE A 231 -20.99 -3.17 -52.97
CA PHE A 231 -20.54 -1.79 -53.01
C PHE A 231 -19.10 -1.76 -53.48
N ARG A 232 -18.76 -2.55 -54.50
CA ARG A 232 -17.38 -2.88 -54.92
C ARG A 232 -16.46 -1.66 -55.02
N ASP A 233 -15.40 -1.70 -54.21
CA ASP A 233 -14.61 -0.53 -53.87
C ASP A 233 -13.30 -1.04 -53.28
N ILE A 234 -12.54 -0.21 -52.58
CA ILE A 234 -11.48 -0.74 -51.72
C ILE A 234 -11.86 -0.32 -50.30
N TYR A 235 -13.14 -0.02 -50.08
CA TYR A 235 -13.53 0.38 -48.73
C TYR A 235 -14.89 -0.19 -48.32
N TYR A 236 -15.61 -0.87 -49.20
CA TYR A 236 -16.90 -1.40 -48.78
C TYR A 236 -17.28 -2.76 -49.35
N ARG A 237 -16.33 -3.48 -49.96
CA ARG A 237 -16.52 -4.62 -50.86
C ARG A 237 -17.56 -5.65 -50.45
N GLY A 238 -18.46 -5.98 -51.36
CA GLY A 238 -19.38 -7.09 -51.14
C GLY A 238 -20.55 -6.81 -50.22
N GLN A 239 -20.61 -5.62 -49.62
CA GLN A 239 -21.65 -5.29 -48.67
C GLN A 239 -23.01 -5.21 -49.36
N THR A 240 -23.83 -6.23 -49.20
CA THR A 240 -25.13 -6.27 -49.84
C THR A 240 -26.14 -5.51 -48.99
N ALA A 241 -27.39 -5.51 -49.45
CA ALA A 241 -28.44 -4.84 -48.70
C ALA A 241 -28.88 -5.65 -47.49
N LEU A 242 -28.52 -6.93 -47.44
CA LEU A 242 -28.83 -7.73 -46.26
C LEU A 242 -27.91 -7.35 -45.10
N HIS A 243 -26.63 -7.07 -45.40
CA HIS A 243 -25.66 -6.72 -44.36
C HIS A 243 -26.05 -5.43 -43.67
N ILE A 244 -26.65 -4.50 -44.41
CA ILE A 244 -27.14 -3.27 -43.81
C ILE A 244 -28.40 -3.55 -43.01
N ALA A 245 -29.24 -4.46 -43.50
CA ALA A 245 -30.51 -4.79 -42.87
C ALA A 245 -30.32 -5.45 -41.53
N ILE A 246 -29.19 -6.15 -41.35
CA ILE A 246 -28.92 -6.86 -40.11
C ILE A 246 -28.33 -5.89 -39.09
N GLU A 247 -27.38 -5.07 -39.52
CA GLU A 247 -26.64 -4.23 -38.57
C GLU A 247 -27.45 -3.06 -38.04
N ARG A 248 -28.62 -2.76 -38.62
CA ARG A 248 -29.47 -1.70 -38.10
C ARG A 248 -30.29 -2.13 -36.89
N ARG A 249 -30.08 -3.36 -36.38
CA ARG A 249 -30.90 -4.00 -35.35
C ARG A 249 -32.37 -4.05 -35.76
N CYS A 250 -32.61 -4.32 -37.03
CA CYS A 250 -33.94 -4.20 -37.64
C CYS A 250 -34.45 -5.61 -37.96
N LYS A 251 -35.26 -6.16 -37.05
CA LYS A 251 -35.77 -7.51 -37.18
C LYS A 251 -36.74 -7.64 -38.36
N HIS A 252 -37.47 -6.56 -38.65
CA HIS A 252 -38.58 -6.61 -39.60
C HIS A 252 -38.09 -6.84 -41.03
N TYR A 253 -37.17 -5.98 -41.49
CA TYR A 253 -36.78 -6.06 -42.90
C TYR A 253 -35.68 -7.08 -43.15
N VAL A 254 -35.17 -7.75 -42.11
CA VAL A 254 -34.35 -8.94 -42.29
C VAL A 254 -35.23 -10.03 -42.87
N GLU A 255 -36.45 -10.16 -42.31
CA GLU A 255 -37.41 -11.15 -42.80
C GLU A 255 -37.85 -10.88 -44.22
N LEU A 256 -37.84 -9.62 -44.63
CA LEU A 256 -38.33 -9.23 -45.93
C LEU A 256 -37.36 -9.59 -47.05
N LEU A 257 -36.07 -9.27 -46.87
CA LEU A 257 -35.10 -9.44 -47.95
C LEU A 257 -34.79 -10.89 -48.26
N VAL A 258 -34.74 -11.74 -47.25
CA VAL A 258 -34.42 -13.15 -47.46
C VAL A 258 -35.63 -13.87 -48.02
N ALA A 259 -36.83 -13.32 -47.80
CA ALA A 259 -38.04 -13.95 -48.30
C ALA A 259 -38.17 -13.74 -49.80
N GLN A 260 -37.64 -12.62 -50.30
CA GLN A 260 -37.61 -12.37 -51.72
C GLN A 260 -36.33 -12.89 -52.36
N GLY A 261 -35.61 -13.76 -51.64
CA GLY A 261 -34.44 -14.43 -52.16
C GLY A 261 -33.29 -13.51 -52.49
N ALA A 262 -32.64 -12.90 -51.49
CA ALA A 262 -31.61 -11.94 -51.82
C ALA A 262 -30.25 -12.62 -51.98
N ASP A 263 -29.71 -13.10 -50.86
CA ASP A 263 -28.41 -13.76 -50.72
C ASP A 263 -28.27 -14.03 -49.23
N VAL A 264 -27.45 -15.03 -48.88
CA VAL A 264 -27.02 -15.20 -47.49
C VAL A 264 -25.52 -15.49 -47.41
N HIS A 265 -24.84 -15.57 -48.56
CA HIS A 265 -23.43 -15.93 -48.59
C HIS A 265 -22.69 -14.87 -49.39
N ALA A 266 -22.33 -13.78 -48.74
CA ALA A 266 -21.70 -12.63 -49.38
C ALA A 266 -20.51 -12.21 -48.55
N GLN A 267 -19.31 -12.48 -49.05
CA GLN A 267 -18.11 -12.16 -48.30
C GLN A 267 -17.85 -10.66 -48.30
N ALA A 268 -18.26 -9.99 -47.23
CA ALA A 268 -18.12 -8.55 -47.09
C ALA A 268 -16.66 -8.17 -46.84
N ARG A 269 -15.84 -8.21 -47.89
CA ARG A 269 -14.44 -7.85 -47.79
C ARG A 269 -14.26 -6.34 -47.84
N GLY A 270 -13.04 -5.87 -48.06
CA GLY A 270 -12.82 -4.45 -48.12
C GLY A 270 -12.19 -3.93 -46.85
N ARG A 271 -11.44 -2.83 -46.96
CA ARG A 271 -10.56 -2.32 -45.91
C ARG A 271 -11.33 -1.94 -44.65
N PHE A 272 -12.61 -1.60 -44.77
CA PHE A 272 -13.42 -1.29 -43.60
C PHE A 272 -13.71 -2.52 -42.75
N PHE A 273 -13.94 -3.66 -43.40
CA PHE A 273 -14.46 -4.80 -42.67
C PHE A 273 -13.35 -5.75 -42.24
N GLN A 274 -12.12 -5.37 -42.47
CA GLN A 274 -10.97 -6.16 -42.04
C GLN A 274 -10.68 -5.89 -40.57
N PRO A 275 -9.91 -6.75 -39.85
CA PRO A 275 -9.59 -6.44 -38.45
C PRO A 275 -8.77 -5.18 -38.23
N LYS A 276 -8.73 -4.72 -36.98
CA LYS A 276 -8.09 -3.46 -36.58
C LYS A 276 -6.61 -3.46 -36.89
N ASP A 277 -5.98 -4.63 -36.81
CA ASP A 277 -4.55 -4.73 -37.09
C ASP A 277 -4.28 -4.66 -38.59
N GLU A 278 -5.28 -4.99 -39.41
CA GLU A 278 -5.13 -4.88 -40.85
C GLU A 278 -5.19 -3.42 -41.26
N GLY A 279 -5.82 -2.60 -40.43
CA GLY A 279 -6.19 -1.26 -40.82
C GLY A 279 -7.66 -1.21 -41.15
N GLY A 280 -8.46 -1.81 -40.27
CA GLY A 280 -9.89 -1.86 -40.46
C GLY A 280 -10.63 -1.34 -39.24
N TYR A 281 -11.94 -1.54 -39.19
CA TYR A 281 -12.72 -0.98 -38.09
C TYR A 281 -13.53 -2.04 -37.36
N PHE A 282 -14.08 -3.01 -38.09
CA PHE A 282 -14.92 -4.04 -37.50
C PHE A 282 -14.90 -5.28 -38.37
N TYR A 283 -14.32 -6.36 -37.83
CA TYR A 283 -14.27 -7.64 -38.53
C TYR A 283 -15.22 -8.61 -37.85
N PHE A 284 -16.29 -8.97 -38.54
CA PHE A 284 -17.32 -9.86 -38.01
C PHE A 284 -17.28 -11.25 -38.65
N GLY A 285 -16.38 -11.49 -39.58
CA GLY A 285 -16.29 -12.79 -40.19
C GLY A 285 -16.87 -12.88 -41.59
N GLU A 286 -17.23 -11.71 -42.14
CA GLU A 286 -17.53 -11.50 -43.54
C GLU A 286 -18.71 -12.32 -44.04
N LEU A 287 -19.81 -12.36 -43.29
CA LEU A 287 -20.95 -13.18 -43.67
C LEU A 287 -22.19 -12.71 -42.91
N PRO A 288 -23.40 -12.84 -43.49
CA PRO A 288 -24.61 -12.38 -42.78
C PRO A 288 -24.92 -13.10 -41.49
N LEU A 289 -24.72 -14.42 -41.42
CA LEU A 289 -24.91 -15.10 -40.15
C LEU A 289 -23.82 -14.74 -39.17
N SER A 290 -22.60 -14.51 -39.67
CA SER A 290 -21.53 -14.05 -38.80
C SER A 290 -21.75 -12.61 -38.36
N LEU A 291 -22.48 -11.83 -39.16
CA LEU A 291 -22.74 -10.44 -38.79
C LEU A 291 -23.79 -10.38 -37.69
N ALA A 292 -24.75 -11.31 -37.72
CA ALA A 292 -25.80 -11.30 -36.71
C ALA A 292 -25.32 -11.96 -35.43
N ALA A 293 -24.23 -12.74 -35.53
CA ALA A 293 -23.66 -13.40 -34.36
C ALA A 293 -22.77 -12.45 -33.59
N CYS A 294 -21.93 -11.69 -34.29
CA CYS A 294 -20.99 -10.80 -33.62
C CYS A 294 -21.69 -9.59 -33.02
N THR A 295 -22.78 -9.14 -33.64
CA THR A 295 -23.45 -7.93 -33.19
C THR A 295 -24.58 -8.22 -32.21
N ASN A 296 -24.58 -9.41 -31.61
CA ASN A 296 -25.48 -9.84 -30.53
C ASN A 296 -26.95 -9.73 -30.92
N GLN A 297 -27.38 -10.52 -31.89
CA GLN A 297 -28.77 -10.51 -32.33
C GLN A 297 -29.25 -11.95 -32.40
N PRO A 298 -29.79 -12.48 -31.30
CA PRO A 298 -30.15 -13.91 -31.24
C PRO A 298 -31.31 -14.30 -32.13
N HIS A 299 -32.32 -13.44 -32.25
CA HIS A 299 -33.51 -13.79 -33.01
C HIS A 299 -33.21 -13.80 -34.50
N ILE A 300 -32.29 -12.95 -34.93
CA ILE A 300 -31.93 -12.90 -36.34
C ILE A 300 -31.05 -14.08 -36.70
N VAL A 301 -30.22 -14.55 -35.75
CA VAL A 301 -29.45 -15.77 -35.95
C VAL A 301 -30.39 -16.98 -36.02
N ASN A 302 -31.40 -17.00 -35.14
CA ASN A 302 -32.44 -18.01 -35.19
C ASN A 302 -33.18 -18.02 -36.52
N TYR A 303 -33.63 -16.84 -36.96
CA TYR A 303 -34.46 -16.75 -38.15
C TYR A 303 -33.67 -17.07 -39.41
N LEU A 304 -32.39 -16.69 -39.46
CA LEU A 304 -31.65 -16.82 -40.71
C LEU A 304 -31.25 -18.26 -40.98
N THR A 305 -31.34 -19.15 -40.00
CA THR A 305 -31.04 -20.55 -40.19
C THR A 305 -32.26 -21.45 -40.25
N GLU A 306 -33.44 -20.98 -39.87
CA GLU A 306 -34.64 -21.82 -39.93
C GLU A 306 -35.71 -21.22 -40.84
N ASN A 307 -35.33 -20.25 -41.69
CA ASN A 307 -36.24 -19.69 -42.67
C ASN A 307 -36.53 -20.72 -43.75
N PRO A 308 -37.69 -20.66 -44.42
CA PRO A 308 -37.96 -21.62 -45.51
C PRO A 308 -37.08 -21.39 -46.73
N HIS A 309 -36.55 -20.18 -46.89
CA HIS A 309 -35.63 -19.85 -47.95
C HIS A 309 -34.22 -20.33 -47.60
N LYS A 310 -33.23 -19.80 -48.34
CA LYS A 310 -31.85 -20.27 -48.27
C LYS A 310 -31.25 -20.09 -46.89
N LYS A 311 -30.89 -21.20 -46.25
CA LYS A 311 -30.75 -21.30 -44.80
C LYS A 311 -29.38 -20.89 -44.27
N ALA A 312 -28.37 -20.77 -45.15
CA ALA A 312 -27.00 -20.40 -44.80
C ALA A 312 -26.40 -21.30 -43.73
N ASP A 313 -26.12 -22.57 -44.09
CA ASP A 313 -25.56 -23.54 -43.16
C ASP A 313 -24.29 -23.02 -42.50
N MET A 314 -24.10 -23.37 -41.22
CA MET A 314 -23.26 -22.58 -40.33
C MET A 314 -21.81 -22.99 -40.45
N ARG A 315 -21.32 -23.16 -41.69
CA ARG A 315 -20.06 -23.82 -41.95
C ARG A 315 -19.29 -23.06 -43.01
N ARG A 316 -19.98 -22.12 -43.66
CA ARG A 316 -19.45 -21.43 -44.81
C ARG A 316 -18.26 -20.56 -44.41
N GLN A 317 -17.07 -20.98 -44.78
CA GLN A 317 -15.87 -20.24 -44.43
C GLN A 317 -15.78 -18.99 -45.29
N ASP A 318 -15.31 -17.91 -44.69
CA ASP A 318 -15.11 -16.64 -45.39
C ASP A 318 -13.81 -16.67 -46.18
N SER A 319 -13.33 -15.48 -46.58
CA SER A 319 -12.10 -15.37 -47.35
C SER A 319 -10.83 -15.66 -46.53
N ARG A 320 -10.95 -15.93 -45.23
CA ARG A 320 -9.82 -16.35 -44.42
C ARG A 320 -9.97 -17.76 -43.90
N GLY A 321 -11.10 -18.42 -44.14
CA GLY A 321 -11.39 -19.72 -43.60
C GLY A 321 -12.14 -19.68 -42.28
N ASN A 322 -12.41 -18.49 -41.76
CA ASN A 322 -13.03 -18.33 -40.46
C ASN A 322 -14.53 -18.60 -40.52
N THR A 323 -15.00 -19.59 -39.76
CA THR A 323 -16.42 -19.87 -39.65
C THR A 323 -17.05 -18.91 -38.64
N VAL A 324 -18.27 -19.22 -38.22
CA VAL A 324 -18.99 -18.30 -37.35
C VAL A 324 -18.47 -18.42 -35.91
N LEU A 325 -17.67 -19.45 -35.63
CA LEU A 325 -17.11 -19.57 -34.29
C LEU A 325 -15.67 -19.04 -34.24
N HIS A 326 -14.99 -19.00 -35.39
CA HIS A 326 -13.70 -18.31 -35.41
C HIS A 326 -13.90 -16.82 -35.28
N ALA A 327 -14.89 -16.27 -35.96
CA ALA A 327 -15.15 -14.84 -35.94
C ALA A 327 -15.65 -14.37 -34.59
N LEU A 328 -16.52 -15.15 -33.95
CA LEU A 328 -17.06 -14.80 -32.65
C LEU A 328 -16.02 -14.85 -31.55
N VAL A 329 -14.91 -15.55 -31.76
CA VAL A 329 -13.74 -15.35 -30.92
C VAL A 329 -13.09 -13.99 -31.19
N ALA A 330 -12.99 -13.60 -32.45
CA ALA A 330 -12.27 -12.40 -32.85
C ALA A 330 -12.97 -11.09 -32.50
N ILE A 331 -14.16 -11.13 -31.89
CA ILE A 331 -14.83 -9.90 -31.50
C ILE A 331 -14.97 -9.86 -29.98
N ALA A 332 -14.27 -10.75 -29.29
CA ALA A 332 -14.31 -10.81 -27.85
C ALA A 332 -13.22 -9.92 -27.27
N ASP A 333 -13.61 -8.85 -26.62
CA ASP A 333 -12.70 -8.06 -25.80
C ASP A 333 -13.12 -8.34 -24.37
N ASN A 334 -12.21 -8.89 -23.59
CA ASN A 334 -12.47 -9.75 -22.43
C ASN A 334 -13.35 -9.21 -21.31
N THR A 335 -13.76 -7.94 -21.39
CA THR A 335 -14.00 -7.11 -20.21
C THR A 335 -15.04 -7.59 -19.21
N ARG A 336 -16.32 -7.34 -19.45
CA ARG A 336 -17.34 -7.98 -18.63
C ARG A 336 -18.58 -8.29 -19.45
N GLU A 337 -18.96 -7.33 -20.29
CA GLU A 337 -20.26 -7.38 -20.95
C GLU A 337 -20.17 -8.06 -22.29
N ASN A 338 -18.95 -8.20 -22.80
CA ASN A 338 -18.72 -8.92 -24.04
C ASN A 338 -18.87 -10.42 -23.84
N THR A 339 -18.26 -10.94 -22.78
CA THR A 339 -18.17 -12.39 -22.61
C THR A 339 -19.45 -12.96 -21.97
N LYS A 340 -20.46 -12.13 -21.78
CA LYS A 340 -21.78 -12.71 -21.53
C LYS A 340 -22.32 -13.28 -22.82
N PHE A 341 -22.54 -12.43 -23.83
CA PHE A 341 -23.23 -12.91 -25.02
C PHE A 341 -22.31 -13.70 -25.93
N VAL A 342 -21.00 -13.47 -25.83
CA VAL A 342 -20.06 -14.24 -26.64
C VAL A 342 -20.09 -15.72 -26.25
N THR A 343 -20.06 -15.99 -24.96
CA THR A 343 -20.12 -17.38 -24.51
C THR A 343 -21.51 -17.96 -24.70
N LYS A 344 -22.55 -17.12 -24.66
CA LYS A 344 -23.90 -17.61 -24.86
C LYS A 344 -24.18 -17.90 -26.34
N MET A 345 -23.70 -17.02 -27.22
CA MET A 345 -23.96 -17.23 -28.64
C MET A 345 -22.88 -18.09 -29.29
N TYR A 346 -21.87 -18.49 -28.51
CA TYR A 346 -21.03 -19.59 -28.91
C TYR A 346 -21.75 -20.91 -28.69
N ASP A 347 -22.38 -21.04 -27.52
CA ASP A 347 -23.12 -22.25 -27.16
C ASP A 347 -24.34 -22.43 -28.05
N LEU A 348 -25.02 -21.34 -28.35
CA LEU A 348 -26.27 -21.39 -29.11
C LEU A 348 -26.02 -21.82 -30.55
N LEU A 349 -24.82 -21.58 -31.05
CA LEU A 349 -24.51 -21.89 -32.43
C LEU A 349 -23.77 -23.22 -32.55
N LEU A 350 -23.06 -23.61 -31.50
CA LEU A 350 -22.41 -24.92 -31.51
C LEU A 350 -23.44 -26.03 -31.33
N LEU A 351 -24.46 -25.75 -30.51
CA LEU A 351 -25.55 -26.69 -30.32
C LEU A 351 -26.41 -26.80 -31.58
N LYS A 352 -26.58 -25.68 -32.29
CA LYS A 352 -27.47 -25.65 -33.44
C LYS A 352 -26.88 -26.42 -34.61
N CYS A 353 -25.55 -26.51 -34.68
CA CYS A 353 -24.94 -27.35 -35.71
C CYS A 353 -25.11 -28.84 -35.40
N ALA A 354 -25.14 -29.19 -34.11
CA ALA A 354 -25.26 -30.59 -33.72
C ALA A 354 -26.68 -31.12 -33.93
N ARG A 355 -27.67 -30.23 -33.88
CA ARG A 355 -29.05 -30.63 -34.10
C ARG A 355 -29.36 -30.61 -35.58
N LEU A 356 -28.48 -29.97 -36.35
CA LEU A 356 -28.24 -30.26 -37.76
C LEU A 356 -27.27 -31.42 -37.85
N PHE A 357 -26.51 -31.51 -38.96
CA PHE A 357 -25.57 -32.57 -39.33
C PHE A 357 -24.70 -32.98 -38.15
N PRO A 358 -24.92 -34.17 -37.58
CA PRO A 358 -24.29 -34.53 -36.31
C PRO A 358 -22.93 -35.19 -36.45
N ASP A 359 -22.35 -35.19 -37.65
CA ASP A 359 -21.06 -35.81 -37.86
C ASP A 359 -19.94 -34.91 -37.37
N SER A 360 -19.83 -33.72 -37.96
CA SER A 360 -18.78 -32.80 -37.55
C SER A 360 -19.37 -31.58 -36.84
N ASN A 361 -18.84 -31.29 -35.67
CA ASN A 361 -19.08 -30.03 -34.99
C ASN A 361 -18.25 -28.94 -35.65
N LEU A 362 -18.57 -27.68 -35.38
CA LEU A 362 -17.89 -26.57 -36.03
C LEU A 362 -16.50 -26.37 -35.48
N GLU A 363 -16.28 -26.86 -34.26
CA GLU A 363 -15.07 -26.55 -33.53
C GLU A 363 -13.89 -27.33 -34.10
N ALA A 364 -14.18 -28.37 -34.87
CA ALA A 364 -13.17 -29.06 -35.64
C ALA A 364 -12.86 -28.41 -36.97
N VAL A 365 -13.72 -27.50 -37.46
CA VAL A 365 -13.58 -26.92 -38.79
C VAL A 365 -12.48 -25.87 -38.78
N LEU A 366 -11.39 -26.13 -39.49
CA LEU A 366 -10.22 -25.29 -39.36
C LEU A 366 -10.21 -24.20 -40.43
N ASN A 367 -9.55 -23.09 -40.10
CA ASN A 367 -9.41 -21.98 -41.04
C ASN A 367 -8.25 -22.20 -42.00
N ASN A 368 -7.84 -21.15 -42.71
CA ASN A 368 -6.67 -21.21 -43.58
C ASN A 368 -5.38 -20.91 -42.83
N ASP A 369 -5.38 -21.09 -41.52
CA ASP A 369 -4.16 -21.09 -40.72
C ASP A 369 -4.07 -22.37 -39.90
N GLY A 370 -5.03 -23.26 -40.03
CA GLY A 370 -5.04 -24.52 -39.30
C GLY A 370 -5.75 -24.47 -37.97
N LEU A 371 -6.08 -23.26 -37.52
CA LEU A 371 -6.59 -23.04 -36.18
C LEU A 371 -8.02 -23.50 -36.00
N SER A 372 -8.38 -23.85 -34.77
CA SER A 372 -9.73 -24.18 -34.36
C SER A 372 -10.29 -22.93 -33.69
N PRO A 373 -11.59 -22.86 -33.29
CA PRO A 373 -12.04 -21.70 -32.50
C PRO A 373 -11.35 -21.59 -31.16
N LEU A 374 -10.95 -22.72 -30.58
CA LEU A 374 -10.24 -22.66 -29.31
C LEU A 374 -8.82 -22.13 -29.50
N MET A 375 -8.11 -22.62 -30.51
CA MET A 375 -6.72 -22.23 -30.70
C MET A 375 -6.59 -20.79 -31.16
N MET A 376 -7.63 -20.24 -31.77
CA MET A 376 -7.60 -18.81 -32.06
C MET A 376 -7.76 -17.98 -30.79
N ALA A 377 -8.47 -18.54 -29.80
CA ALA A 377 -8.63 -17.84 -28.53
C ALA A 377 -7.36 -17.90 -27.71
N ALA A 378 -6.48 -18.83 -28.03
CA ALA A 378 -5.21 -18.94 -27.33
C ALA A 378 -4.16 -18.02 -27.95
N LYS A 379 -4.19 -17.86 -29.28
CA LYS A 379 -3.22 -16.99 -29.93
C LYS A 379 -3.47 -15.53 -29.62
N THR A 380 -4.73 -15.11 -29.67
CA THR A 380 -5.08 -13.71 -29.47
C THR A 380 -5.37 -13.37 -28.01
N GLY A 381 -5.30 -14.35 -27.12
CA GLY A 381 -5.40 -14.09 -25.69
C GLY A 381 -6.76 -13.65 -25.22
N LYS A 382 -7.79 -14.46 -25.48
CA LYS A 382 -9.17 -14.10 -25.16
C LYS A 382 -9.64 -15.05 -24.05
N ILE A 383 -9.49 -14.62 -22.79
CA ILE A 383 -9.62 -15.54 -21.67
C ILE A 383 -11.07 -15.93 -21.45
N GLY A 384 -11.99 -14.98 -21.65
CA GLY A 384 -13.40 -15.18 -21.37
C GLY A 384 -14.02 -16.27 -22.20
N ILE A 385 -13.63 -16.34 -23.47
CA ILE A 385 -14.08 -17.44 -24.31
C ILE A 385 -13.16 -18.65 -24.13
N PHE A 386 -11.97 -18.45 -23.56
CA PHE A 386 -11.04 -19.58 -23.39
C PHE A 386 -11.38 -20.37 -22.15
N GLN A 387 -11.83 -19.70 -21.08
CA GLN A 387 -12.28 -20.39 -19.88
C GLN A 387 -13.52 -21.20 -20.16
N HIS A 388 -14.35 -20.73 -21.08
CA HIS A 388 -15.66 -21.34 -21.28
C HIS A 388 -15.54 -22.65 -22.05
N ILE A 389 -14.68 -22.68 -23.06
CA ILE A 389 -14.60 -23.83 -23.94
C ILE A 389 -13.91 -25.02 -23.26
N ILE A 390 -12.90 -24.77 -22.43
CA ILE A 390 -12.30 -25.83 -21.63
C ILE A 390 -13.28 -26.34 -20.57
N ARG A 391 -13.98 -25.45 -19.89
CA ARG A 391 -14.92 -25.85 -18.86
C ARG A 391 -16.34 -26.00 -19.39
N ARG A 392 -16.49 -26.42 -20.64
CA ARG A 392 -17.84 -26.57 -21.20
C ARG A 392 -18.37 -27.96 -20.90
N GLU A 393 -19.52 -28.02 -20.24
CA GLU A 393 -20.27 -29.27 -20.05
C GLU A 393 -21.65 -29.06 -20.64
N VAL A 394 -22.19 -30.09 -21.30
CA VAL A 394 -23.55 -30.02 -21.81
C VAL A 394 -24.35 -31.19 -21.25
N THR A 395 -25.49 -30.86 -20.63
CA THR A 395 -26.18 -31.80 -19.75
C THR A 395 -27.19 -32.73 -20.42
N ASP A 396 -27.60 -32.48 -21.65
CA ASP A 396 -28.63 -33.34 -22.25
C ASP A 396 -28.00 -34.58 -22.87
N GLU A 397 -28.79 -35.33 -23.65
CA GLU A 397 -28.37 -36.63 -24.15
C GLU A 397 -27.79 -36.57 -25.55
N ASP A 398 -28.46 -35.87 -26.48
CA ASP A 398 -28.03 -35.88 -27.87
C ASP A 398 -26.76 -35.09 -28.10
N THR A 399 -26.51 -34.06 -27.30
CA THR A 399 -25.37 -33.19 -27.49
C THR A 399 -24.44 -33.24 -26.27
N ARG A 400 -24.39 -34.40 -25.62
CA ARG A 400 -23.49 -34.59 -24.49
C ARG A 400 -22.04 -34.66 -24.91
N HIS A 401 -21.79 -35.15 -26.13
CA HIS A 401 -20.44 -35.30 -26.66
C HIS A 401 -19.76 -33.96 -26.91
N LEU A 402 -20.53 -32.87 -26.97
CA LEU A 402 -19.96 -31.52 -27.07
C LEU A 402 -19.65 -30.95 -25.70
N SER A 403 -18.92 -31.70 -24.88
CA SER A 403 -18.54 -31.24 -23.55
C SER A 403 -17.05 -31.44 -23.35
N ARG A 404 -16.53 -30.80 -22.32
CA ARG A 404 -15.14 -30.95 -21.99
C ARG A 404 -14.90 -31.01 -20.48
N LYS A 405 -15.95 -30.95 -19.65
CA LYS A 405 -15.82 -31.20 -18.21
C LYS A 405 -16.91 -32.20 -17.84
N PHE A 406 -16.54 -33.49 -17.82
CA PHE A 406 -17.50 -34.50 -17.44
C PHE A 406 -17.41 -34.78 -15.95
N LYS A 407 -18.57 -35.00 -15.34
CA LYS A 407 -18.61 -35.41 -13.94
C LYS A 407 -18.32 -36.91 -13.85
N ASP A 408 -17.46 -37.27 -12.90
CA ASP A 408 -16.95 -38.64 -12.84
C ASP A 408 -17.49 -39.44 -11.68
N TRP A 409 -17.30 -38.98 -10.45
CA TRP A 409 -17.91 -39.60 -9.28
C TRP A 409 -18.08 -38.56 -8.17
N ALA A 410 -18.86 -38.90 -7.14
CA ALA A 410 -19.10 -37.98 -6.04
C ALA A 410 -19.43 -38.73 -4.78
N TYR A 411 -18.90 -38.28 -3.64
CA TYR A 411 -19.23 -38.92 -2.37
C TYR A 411 -19.21 -37.88 -1.28
N GLY A 412 -20.33 -37.21 -1.04
CA GLY A 412 -20.31 -36.04 -0.20
C GLY A 412 -19.48 -34.95 -0.84
N PRO A 413 -18.88 -34.10 -0.03
CA PRO A 413 -18.13 -32.98 -0.61
C PRO A 413 -16.72 -33.35 -1.06
N VAL A 414 -16.56 -34.36 -1.92
CA VAL A 414 -15.22 -34.69 -2.43
C VAL A 414 -15.28 -34.85 -3.95
N TYR A 415 -16.15 -34.05 -4.60
CA TYR A 415 -16.52 -34.14 -6.02
C TYR A 415 -15.34 -34.30 -6.96
N SER A 416 -15.54 -35.09 -8.02
CA SER A 416 -14.50 -35.38 -8.99
C SER A 416 -15.03 -35.11 -10.39
N SER A 417 -14.38 -34.19 -11.09
CA SER A 417 -14.73 -33.86 -12.46
C SER A 417 -13.58 -34.27 -13.37
N LEU A 418 -13.93 -34.58 -14.62
CA LEU A 418 -12.99 -35.21 -15.55
C LEU A 418 -12.93 -34.38 -16.81
N TYR A 419 -11.82 -33.69 -17.01
CA TYR A 419 -11.66 -32.80 -18.15
C TYR A 419 -11.23 -33.56 -19.39
N ASP A 420 -11.16 -32.86 -20.51
CA ASP A 420 -10.73 -33.48 -21.76
C ASP A 420 -9.43 -32.85 -22.26
N LEU A 421 -8.65 -33.67 -22.95
CA LEU A 421 -7.44 -33.22 -23.63
C LEU A 421 -7.51 -33.51 -25.13
N SER A 422 -8.61 -33.16 -25.80
CA SER A 422 -8.77 -33.33 -27.24
C SER A 422 -7.67 -32.62 -28.02
N SER A 423 -7.46 -31.34 -27.73
CA SER A 423 -6.36 -30.60 -28.32
C SER A 423 -5.57 -29.81 -27.29
N LEU A 424 -5.80 -30.04 -26.01
CA LEU A 424 -5.08 -29.34 -24.96
C LEU A 424 -3.67 -29.91 -24.84
N ASP A 425 -3.50 -31.17 -25.22
CA ASP A 425 -2.19 -31.79 -25.24
C ASP A 425 -2.13 -32.88 -26.29
N THR A 426 -1.37 -32.64 -27.34
CA THR A 426 -1.12 -33.62 -28.39
C THR A 426 0.39 -33.80 -28.46
N CYS A 427 0.84 -35.04 -28.60
CA CYS A 427 2.27 -35.34 -28.52
C CYS A 427 2.98 -35.16 -29.86
N GLY A 428 2.43 -34.37 -30.77
CA GLY A 428 3.10 -34.05 -32.01
C GLY A 428 2.30 -34.39 -33.23
N GLU A 429 1.14 -34.99 -33.04
CA GLU A 429 0.27 -35.41 -34.14
C GLU A 429 -0.57 -34.27 -34.67
N GLU A 430 -0.71 -33.21 -33.88
CA GLU A 430 -1.55 -32.07 -34.23
C GLU A 430 -0.86 -30.78 -33.82
N ALA A 431 -1.61 -29.68 -33.84
CA ALA A 431 -1.27 -28.51 -33.05
C ALA A 431 -1.92 -28.68 -31.69
N SER A 432 -1.46 -27.92 -30.71
CA SER A 432 -1.99 -28.08 -29.36
C SER A 432 -2.00 -26.73 -28.66
N VAL A 433 -2.97 -26.53 -27.79
CA VAL A 433 -3.18 -25.23 -27.15
C VAL A 433 -2.05 -24.93 -26.17
N LEU A 434 -1.54 -25.98 -25.51
CA LEU A 434 -0.53 -25.79 -24.48
C LEU A 434 0.82 -25.41 -25.10
N GLU A 435 1.02 -25.74 -26.38
CA GLU A 435 2.17 -25.21 -27.09
C GLU A 435 1.89 -23.81 -27.60
N ILE A 436 0.65 -23.53 -27.97
CA ILE A 436 0.28 -22.22 -28.48
C ILE A 436 0.24 -21.20 -27.34
N LEU A 437 -0.22 -21.62 -26.16
CA LEU A 437 -0.23 -20.75 -25.00
C LEU A 437 1.16 -20.33 -24.57
N VAL A 438 2.12 -21.24 -24.60
CA VAL A 438 3.46 -20.90 -24.15
C VAL A 438 4.27 -20.20 -25.24
N TYR A 439 4.07 -20.55 -26.50
CA TYR A 439 4.94 -20.02 -27.54
C TYR A 439 4.24 -18.99 -28.42
N ASN A 440 3.17 -19.40 -29.12
CA ASN A 440 2.55 -18.57 -30.14
C ASN A 440 1.36 -17.79 -29.59
N SER A 441 1.61 -17.06 -28.50
CA SER A 441 0.54 -16.31 -27.84
C SER A 441 0.94 -14.85 -27.69
N LYS A 442 -0.07 -13.99 -27.68
CA LYS A 442 0.15 -12.57 -27.42
C LYS A 442 0.47 -12.39 -25.95
N ILE A 443 1.62 -11.78 -25.66
CA ILE A 443 2.07 -11.75 -24.28
C ILE A 443 1.44 -10.53 -23.61
N GLU A 444 0.17 -10.65 -23.26
CA GLU A 444 -0.46 -9.77 -22.28
C GLU A 444 -1.09 -10.63 -21.18
N ASN A 445 -1.83 -11.66 -21.55
CA ASN A 445 -2.59 -12.47 -20.62
C ASN A 445 -2.09 -13.91 -20.58
N ARG A 446 -0.84 -14.14 -21.01
CA ARG A 446 -0.29 -15.47 -21.12
C ARG A 446 -0.16 -16.15 -19.77
N HIS A 447 0.18 -15.38 -18.73
CA HIS A 447 0.31 -15.95 -17.40
C HIS A 447 -1.05 -16.11 -16.74
N GLU A 448 -2.09 -15.51 -17.32
CA GLU A 448 -3.43 -15.65 -16.75
C GLU A 448 -4.25 -16.71 -17.48
N MET A 449 -3.75 -17.22 -18.59
CA MET A 449 -4.45 -18.27 -19.33
C MET A 449 -3.89 -19.64 -19.00
N LEU A 450 -2.66 -19.68 -18.49
CA LEU A 450 -2.07 -20.93 -18.05
C LEU A 450 -2.79 -21.44 -16.80
N ALA A 451 -3.11 -20.53 -15.88
CA ALA A 451 -3.71 -20.94 -14.62
C ALA A 451 -5.22 -20.70 -14.67
N VAL A 452 -5.92 -21.60 -15.36
CA VAL A 452 -7.38 -21.60 -15.26
C VAL A 452 -7.89 -22.86 -14.57
N GLU A 453 -7.71 -24.00 -15.22
CA GLU A 453 -8.11 -25.39 -14.98
C GLU A 453 -7.25 -26.10 -16.01
N PRO A 454 -7.34 -27.45 -16.27
CA PRO A 454 -6.14 -28.33 -16.23
C PRO A 454 -4.79 -27.81 -16.69
N ILE A 455 -4.76 -26.81 -17.60
CA ILE A 455 -3.54 -26.17 -18.09
C ILE A 455 -2.59 -25.79 -16.95
N ASN A 456 -3.15 -25.36 -15.80
CA ASN A 456 -2.34 -25.22 -14.61
C ASN A 456 -1.84 -26.57 -14.11
N GLU A 457 -2.75 -27.53 -13.95
CA GLU A 457 -2.37 -28.79 -13.32
C GLU A 457 -1.61 -29.70 -14.27
N LEU A 458 -1.84 -29.55 -15.58
CA LEU A 458 -1.17 -30.44 -16.53
C LEU A 458 0.31 -30.11 -16.66
N LEU A 459 0.69 -28.87 -16.37
CA LEU A 459 2.10 -28.49 -16.40
C LEU A 459 2.84 -29.05 -15.20
N ARG A 460 2.23 -28.97 -14.02
CA ARG A 460 2.90 -29.53 -12.84
C ARG A 460 2.78 -31.05 -12.81
N ASP A 461 1.89 -31.62 -13.63
CA ASP A 461 1.82 -33.07 -13.72
C ASP A 461 2.92 -33.64 -14.60
N LYS A 462 3.22 -32.95 -15.71
CA LYS A 462 4.36 -33.35 -16.53
C LYS A 462 5.68 -33.07 -15.85
N TRP A 463 5.70 -32.11 -14.91
CA TRP A 463 6.87 -31.87 -14.09
C TRP A 463 7.04 -33.01 -13.10
N ARG A 464 5.92 -33.59 -12.68
CA ARG A 464 5.92 -34.67 -11.71
C ARG A 464 6.33 -35.98 -12.39
N LYS A 465 6.05 -36.11 -13.68
CA LYS A 465 6.35 -37.36 -14.37
C LYS A 465 7.74 -37.39 -14.97
N PHE A 466 8.04 -36.44 -15.86
CA PHE A 466 9.32 -36.42 -16.54
C PHE A 466 9.99 -35.07 -16.53
N GLY A 467 9.31 -34.03 -16.06
CA GLY A 467 9.84 -32.70 -16.09
C GLY A 467 10.97 -32.48 -15.11
N ALA A 468 10.75 -32.81 -13.84
CA ALA A 468 11.78 -32.63 -12.82
C ALA A 468 12.94 -33.59 -13.01
N VAL A 469 12.66 -34.74 -13.61
CA VAL A 469 13.71 -35.75 -13.81
C VAL A 469 14.68 -35.30 -14.91
N SER A 470 14.15 -35.03 -16.10
CA SER A 470 15.01 -34.78 -17.24
C SER A 470 15.65 -33.39 -17.19
N PHE A 471 15.07 -32.49 -16.39
CA PHE A 471 15.71 -31.19 -16.18
C PHE A 471 16.90 -31.32 -15.25
N TYR A 472 16.76 -32.12 -14.19
CA TYR A 472 17.87 -32.33 -13.26
C TYR A 472 18.98 -33.13 -13.91
N ILE A 473 18.65 -33.99 -14.87
CA ILE A 473 19.68 -34.65 -15.66
C ILE A 473 20.35 -33.65 -16.59
N ASN A 474 19.58 -32.67 -17.07
CA ASN A 474 20.11 -31.72 -18.04
C ASN A 474 21.11 -30.76 -17.41
N VAL A 475 20.83 -30.33 -16.17
CA VAL A 475 21.69 -29.34 -15.52
C VAL A 475 23.03 -29.97 -15.14
N VAL A 476 23.01 -31.23 -14.70
CA VAL A 476 24.27 -31.86 -14.29
C VAL A 476 25.07 -32.30 -15.51
N SER A 477 24.39 -32.55 -16.63
CA SER A 477 25.11 -32.92 -17.83
C SER A 477 25.75 -31.71 -18.50
N TYR A 478 25.11 -30.53 -18.37
CA TYR A 478 25.73 -29.32 -18.90
C TYR A 478 26.81 -28.80 -17.96
N LEU A 479 26.63 -28.98 -16.65
CA LEU A 479 27.67 -28.60 -15.69
C LEU A 479 28.88 -29.50 -15.80
N CYS A 480 28.67 -30.79 -16.09
CA CYS A 480 29.80 -31.68 -16.34
C CYS A 480 30.28 -31.58 -17.79
N ALA A 481 29.68 -30.69 -18.57
CA ALA A 481 30.21 -30.42 -19.90
C ALA A 481 31.16 -29.23 -19.86
N MET A 482 30.91 -28.28 -18.97
CA MET A 482 31.74 -27.08 -18.95
C MET A 482 32.97 -27.26 -18.07
N VAL A 483 32.89 -28.17 -17.09
CA VAL A 483 34.07 -28.53 -16.31
C VAL A 483 35.09 -29.26 -17.17
N ILE A 484 34.61 -30.09 -18.10
CA ILE A 484 35.49 -30.68 -19.10
C ILE A 484 36.06 -29.60 -20.02
N PHE A 485 35.23 -28.61 -20.36
CA PHE A 485 35.72 -27.50 -21.17
C PHE A 485 36.57 -26.55 -20.35
N THR A 486 36.44 -26.59 -19.02
CA THR A 486 37.34 -25.85 -18.14
C THR A 486 38.73 -26.46 -18.17
N LEU A 487 38.82 -27.80 -18.15
CA LEU A 487 40.10 -28.48 -18.12
C LEU A 487 40.86 -28.35 -19.44
N THR A 488 40.13 -28.18 -20.54
CA THR A 488 40.77 -28.01 -21.84
C THR A 488 41.27 -26.58 -22.02
N ALA A 489 40.96 -25.70 -21.07
CA ALA A 489 41.50 -24.36 -21.05
C ALA A 489 42.79 -24.25 -20.26
N TYR A 490 42.80 -24.69 -19.01
CA TYR A 490 43.99 -24.53 -18.17
C TYR A 490 45.08 -25.53 -18.58
N TYR A 491 44.70 -26.76 -18.90
CA TYR A 491 45.65 -27.78 -19.34
C TYR A 491 45.76 -27.77 -20.86
N GLN A 492 46.10 -26.59 -21.39
CA GLN A 492 46.28 -26.39 -22.83
C GLN A 492 47.73 -26.06 -23.10
N PRO A 493 48.56 -27.05 -23.47
CA PRO A 493 49.97 -26.77 -23.78
C PRO A 493 50.10 -26.04 -25.10
N LEU A 494 49.97 -24.71 -25.09
CA LEU A 494 49.80 -23.93 -26.31
C LEU A 494 51.05 -23.83 -27.20
N GLU A 495 52.18 -23.36 -26.65
CA GLU A 495 53.46 -23.07 -27.31
C GLU A 495 53.37 -22.51 -28.73
N GLY A 496 52.49 -21.55 -28.97
CA GLY A 496 52.45 -20.93 -30.28
C GLY A 496 51.56 -21.70 -31.24
N THR A 497 52.10 -21.97 -32.44
CA THR A 497 51.57 -22.71 -33.58
C THR A 497 50.90 -24.02 -33.15
N PRO A 498 49.84 -24.49 -33.82
CA PRO A 498 48.91 -25.51 -33.24
C PRO A 498 49.59 -26.81 -32.87
N PRO A 499 49.63 -27.13 -31.56
CA PRO A 499 50.41 -28.28 -31.08
C PRO A 499 49.67 -29.60 -31.15
N TYR A 500 49.65 -30.22 -32.32
CA TYR A 500 48.93 -31.48 -32.48
C TYR A 500 49.57 -32.68 -31.78
N PRO A 501 50.86 -33.14 -32.10
CA PRO A 501 51.29 -34.49 -31.72
C PRO A 501 51.31 -34.78 -30.23
N TYR A 502 50.40 -35.65 -29.79
CA TYR A 502 50.09 -35.78 -28.38
C TYR A 502 51.09 -36.68 -27.66
N ARG A 503 51.06 -37.97 -28.01
CA ARG A 503 52.01 -39.01 -27.59
C ARG A 503 52.21 -39.16 -26.08
N THR A 504 51.31 -38.60 -25.27
CA THR A 504 51.35 -38.73 -23.81
C THR A 504 49.92 -38.92 -23.33
N THR A 505 49.76 -39.61 -22.20
CA THR A 505 48.42 -39.88 -21.70
C THR A 505 47.77 -38.65 -21.07
N VAL A 506 48.57 -37.64 -20.73
CA VAL A 506 48.01 -36.36 -20.29
C VAL A 506 47.38 -35.65 -21.48
N ASP A 507 48.05 -35.69 -22.63
CA ASP A 507 47.51 -35.10 -23.85
C ASP A 507 46.41 -35.95 -24.46
N TYR A 508 46.30 -37.21 -24.04
CA TYR A 508 45.22 -38.06 -24.55
C TYR A 508 43.89 -37.73 -23.88
N LEU A 509 43.92 -37.30 -22.62
CA LEU A 509 42.72 -36.77 -21.99
C LEU A 509 42.32 -35.43 -22.60
N ARG A 510 43.30 -34.64 -23.02
CA ARG A 510 42.99 -33.42 -23.77
C ARG A 510 42.51 -33.75 -25.18
N LEU A 511 42.94 -34.89 -25.72
CA LEU A 511 42.49 -35.31 -27.05
C LEU A 511 41.00 -35.61 -27.06
N ALA A 512 40.51 -36.25 -26.01
CA ALA A 512 39.07 -36.46 -25.88
C ALA A 512 38.35 -35.15 -25.57
N GLY A 513 38.98 -34.31 -24.74
CA GLY A 513 38.36 -33.10 -24.22
C GLY A 513 37.95 -32.04 -25.21
N GLU A 514 38.77 -31.80 -26.24
CA GLU A 514 38.40 -30.81 -27.26
C GLU A 514 37.28 -31.36 -28.14
N VAL A 515 37.25 -32.67 -28.33
CA VAL A 515 36.22 -33.31 -29.15
C VAL A 515 34.89 -33.29 -28.42
N ILE A 516 34.90 -33.50 -27.10
CA ILE A 516 33.68 -33.51 -26.29
C ILE A 516 33.02 -32.14 -26.30
N THR A 517 33.82 -31.08 -26.22
CA THR A 517 33.29 -29.73 -26.38
C THR A 517 32.75 -29.51 -27.79
N LEU A 518 33.54 -29.85 -28.80
CA LEU A 518 33.11 -29.69 -30.18
C LEU A 518 31.96 -30.62 -30.54
N PHE A 519 31.79 -31.73 -29.82
CA PHE A 519 30.56 -32.50 -29.92
C PHE A 519 29.37 -31.69 -29.44
N THR A 520 29.44 -31.15 -28.21
CA THR A 520 28.29 -30.43 -27.67
C THR A 520 28.24 -29.01 -28.21
N GLY A 521 29.32 -28.54 -28.81
CA GLY A 521 29.34 -27.21 -29.41
C GLY A 521 28.51 -27.15 -30.67
N VAL A 522 28.47 -28.26 -31.41
CA VAL A 522 27.68 -28.30 -32.63
C VAL A 522 26.28 -28.82 -32.33
N LEU A 523 26.11 -29.55 -31.23
CA LEU A 523 24.78 -29.96 -30.78
C LEU A 523 23.96 -28.76 -30.32
N PHE A 524 24.65 -27.71 -29.87
CA PHE A 524 23.95 -26.45 -29.60
C PHE A 524 23.75 -25.66 -30.88
N PHE A 525 24.48 -26.03 -31.93
CA PHE A 525 24.41 -25.27 -33.18
C PHE A 525 23.25 -25.73 -34.05
N PHE A 526 22.96 -27.03 -34.05
CA PHE A 526 21.84 -27.55 -34.84
C PHE A 526 20.50 -27.12 -34.26
N THR A 527 20.47 -26.81 -32.96
CA THR A 527 19.21 -26.51 -32.30
C THR A 527 18.70 -25.14 -32.69
N ASN A 528 19.59 -24.16 -32.82
CA ASN A 528 19.14 -22.80 -33.15
C ASN A 528 18.88 -22.67 -34.64
N ILE A 529 19.33 -23.65 -35.43
CA ILE A 529 18.96 -23.71 -36.85
C ILE A 529 17.49 -24.09 -36.94
N LYS A 530 17.11 -25.17 -36.26
CA LYS A 530 15.74 -25.66 -36.37
C LYS A 530 14.76 -24.80 -35.58
N ASP A 531 15.24 -24.07 -34.56
CA ASP A 531 14.36 -23.16 -33.84
C ASP A 531 14.06 -21.92 -34.69
N LEU A 532 15.03 -21.51 -35.50
CA LEU A 532 14.79 -20.42 -36.45
C LEU A 532 14.00 -20.91 -37.66
N PHE A 533 14.06 -22.21 -37.92
CA PHE A 533 13.31 -22.80 -39.03
C PHE A 533 11.87 -23.08 -38.62
N MET A 534 11.61 -23.08 -37.30
CA MET A 534 10.29 -23.42 -36.76
C MET A 534 9.86 -22.25 -35.88
N LYS A 535 8.88 -22.47 -35.00
CA LYS A 535 8.25 -21.48 -34.11
C LYS A 535 9.25 -20.57 -33.39
N LYS A 536 8.82 -19.32 -33.19
CA LYS A 536 9.58 -18.22 -32.60
C LYS A 536 10.89 -17.96 -33.33
N CYS A 537 10.78 -17.54 -34.59
CA CYS A 537 11.95 -17.23 -35.40
C CYS A 537 12.60 -15.88 -35.04
N PRO A 538 11.87 -14.70 -34.95
CA PRO A 538 12.55 -13.50 -34.49
C PRO A 538 12.94 -13.56 -33.01
N GLY A 539 11.96 -13.79 -32.15
CA GLY A 539 12.17 -13.79 -30.71
C GLY A 539 12.64 -12.47 -30.13
N VAL A 540 12.42 -11.36 -30.84
CA VAL A 540 13.03 -10.09 -30.45
C VAL A 540 11.96 -9.03 -30.16
N ASN A 541 12.06 -8.46 -28.97
CA ASN A 541 11.14 -7.47 -28.40
C ASN A 541 11.90 -6.71 -27.33
N SER A 542 11.19 -6.04 -26.42
CA SER A 542 11.74 -5.76 -25.11
C SER A 542 11.68 -6.97 -24.19
N LEU A 543 11.01 -8.03 -24.61
CA LEU A 543 10.83 -9.27 -23.85
C LEU A 543 11.61 -10.38 -24.59
N PHE A 544 12.68 -10.86 -23.95
CA PHE A 544 13.54 -11.89 -24.52
C PHE A 544 13.48 -13.21 -23.76
N ILE A 545 12.31 -13.62 -23.26
CA ILE A 545 12.11 -14.70 -22.28
C ILE A 545 12.80 -16.02 -22.62
N ASP A 546 12.68 -16.48 -23.87
CA ASP A 546 13.48 -17.62 -24.29
C ASP A 546 14.52 -17.22 -25.33
N GLY A 547 14.28 -16.09 -26.02
CA GLY A 547 15.16 -15.66 -27.08
C GLY A 547 16.49 -15.10 -26.61
N SER A 548 16.59 -14.74 -25.32
CA SER A 548 17.88 -14.32 -24.79
C SER A 548 18.86 -15.49 -24.77
N PHE A 549 18.55 -16.54 -24.00
CA PHE A 549 19.46 -17.67 -23.90
C PHE A 549 19.55 -18.48 -25.18
N GLN A 550 18.57 -18.37 -26.08
CA GLN A 550 18.72 -18.98 -27.39
C GLN A 550 19.76 -18.23 -28.21
N LEU A 551 19.78 -16.91 -28.11
CA LEU A 551 20.83 -16.12 -28.74
C LEU A 551 22.16 -16.33 -28.04
N LEU A 552 22.13 -16.43 -26.70
CA LEU A 552 23.38 -16.62 -25.96
C LEU A 552 23.92 -18.03 -26.13
N TYR A 553 23.05 -18.99 -26.48
CA TYR A 553 23.56 -20.29 -26.93
C TYR A 553 24.12 -20.21 -28.33
N PHE A 554 23.70 -19.21 -29.11
CA PHE A 554 24.20 -19.11 -30.47
C PHE A 554 25.57 -18.42 -30.50
N ILE A 555 25.81 -17.51 -29.57
CA ILE A 555 27.13 -16.90 -29.42
C ILE A 555 28.14 -17.95 -28.96
N TYR A 556 27.70 -18.84 -28.08
CA TYR A 556 28.55 -19.96 -27.65
C TYR A 556 28.79 -20.94 -28.80
N SER A 557 27.76 -21.23 -29.58
CA SER A 557 27.88 -22.26 -30.61
C SER A 557 28.73 -21.77 -31.78
N VAL A 558 28.83 -20.45 -31.95
CA VAL A 558 29.73 -19.90 -32.96
C VAL A 558 31.16 -19.86 -32.44
N LEU A 559 31.34 -19.33 -31.23
CA LEU A 559 32.69 -19.07 -30.73
C LEU A 559 33.35 -20.32 -30.16
N VAL A 560 32.72 -21.49 -30.31
CA VAL A 560 33.46 -22.74 -30.19
C VAL A 560 33.99 -23.16 -31.55
N ILE A 561 33.19 -22.94 -32.59
CA ILE A 561 33.61 -23.28 -33.95
C ILE A 561 34.72 -22.35 -34.43
N VAL A 562 34.63 -21.07 -34.05
CA VAL A 562 35.64 -20.09 -34.44
C VAL A 562 36.97 -20.39 -33.75
N SER A 563 36.92 -20.72 -32.45
CA SER A 563 38.13 -21.11 -31.74
C SER A 563 38.64 -22.47 -32.20
N ALA A 564 37.75 -23.30 -32.76
CA ALA A 564 38.21 -24.55 -33.37
C ALA A 564 38.97 -24.30 -34.65
N ALA A 565 38.38 -23.51 -35.56
CA ALA A 565 38.96 -23.34 -36.89
C ALA A 565 40.24 -22.51 -36.86
N LEU A 566 40.33 -21.56 -35.92
CA LEU A 566 41.58 -20.82 -35.74
C LEU A 566 42.65 -21.71 -35.14
N TYR A 567 42.25 -22.71 -34.36
CA TYR A 567 43.20 -23.71 -33.90
C TYR A 567 43.55 -24.70 -35.00
N LEU A 568 42.67 -24.86 -36.00
CA LEU A 568 42.86 -25.87 -37.03
C LEU A 568 44.04 -25.58 -37.96
N ALA A 569 44.15 -24.39 -38.52
CA ALA A 569 45.17 -24.25 -39.56
C ALA A 569 46.50 -23.69 -39.05
N GLY A 570 46.54 -22.41 -38.70
CA GLY A 570 47.84 -21.83 -38.37
C GLY A 570 47.99 -20.97 -37.12
N ILE A 571 46.91 -20.32 -36.71
CA ILE A 571 47.05 -19.10 -35.92
C ILE A 571 46.94 -19.38 -34.42
N GLU A 572 47.85 -18.80 -33.65
CA GLU A 572 47.91 -19.01 -32.20
C GLU A 572 46.87 -18.18 -31.46
N ALA A 573 46.11 -17.34 -32.18
CA ALA A 573 45.09 -16.49 -31.58
C ALA A 573 43.74 -17.21 -31.44
N TYR A 574 43.75 -18.53 -31.50
CA TYR A 574 42.55 -19.32 -31.22
C TYR A 574 42.09 -19.18 -29.78
N LEU A 575 43.02 -19.02 -28.84
CA LEU A 575 42.69 -19.03 -27.43
C LEU A 575 42.09 -17.71 -26.97
N ALA A 576 42.38 -16.62 -27.69
CA ALA A 576 41.81 -15.32 -27.34
C ALA A 576 40.29 -15.32 -27.54
N VAL A 577 39.82 -16.03 -28.56
CA VAL A 577 38.39 -16.20 -28.74
C VAL A 577 37.87 -17.28 -27.78
N MET A 578 38.73 -18.22 -27.40
CA MET A 578 38.30 -19.33 -26.55
C MET A 578 38.05 -18.87 -25.12
N VAL A 579 38.72 -17.79 -24.69
CA VAL A 579 38.45 -17.24 -23.35
C VAL A 579 37.01 -16.73 -23.28
N PHE A 580 36.51 -16.15 -24.38
CA PHE A 580 35.09 -15.81 -24.46
C PHE A 580 34.22 -17.06 -24.43
N ALA A 581 34.72 -18.18 -24.96
CA ALA A 581 33.92 -19.40 -24.98
C ALA A 581 33.82 -20.02 -23.59
N LEU A 582 34.81 -19.73 -22.73
CA LEU A 582 34.73 -20.20 -21.35
C LEU A 582 33.65 -19.48 -20.57
N VAL A 583 33.70 -18.14 -20.55
CA VAL A 583 32.78 -17.38 -19.72
C VAL A 583 31.36 -17.43 -20.27
N LEU A 584 31.21 -17.52 -21.60
CA LEU A 584 29.88 -17.72 -22.16
C LEU A 584 29.40 -19.14 -21.90
N GLY A 585 30.32 -20.08 -21.70
CA GLY A 585 29.96 -21.42 -21.29
C GLY A 585 29.50 -21.45 -19.85
N TRP A 586 29.91 -20.46 -19.07
CA TRP A 586 29.51 -20.44 -17.66
C TRP A 586 28.51 -19.33 -17.37
N MET A 587 28.38 -18.33 -18.25
CA MET A 587 27.22 -17.46 -18.17
C MET A 587 25.94 -18.20 -18.53
N ASN A 588 26.04 -19.20 -19.41
CA ASN A 588 24.85 -19.91 -19.87
C ASN A 588 24.44 -21.01 -18.91
N ALA A 589 25.18 -21.20 -17.82
CA ALA A 589 24.70 -22.07 -16.75
C ALA A 589 23.69 -21.35 -15.88
N LEU A 590 23.57 -20.04 -16.05
CA LEU A 590 22.57 -19.27 -15.31
C LEU A 590 21.19 -19.49 -15.89
N TYR A 591 21.12 -20.07 -17.09
CA TYR A 591 19.88 -20.58 -17.68
C TYR A 591 19.23 -21.59 -16.75
N PHE A 592 20.03 -22.51 -16.23
CA PHE A 592 19.50 -23.62 -15.45
C PHE A 592 19.31 -23.25 -13.99
N THR A 593 18.62 -22.14 -13.74
CA THR A 593 18.13 -21.80 -12.41
C THR A 593 16.62 -21.62 -12.44
N ARG A 594 15.99 -21.94 -13.56
CA ARG A 594 14.56 -21.83 -13.79
C ARG A 594 13.77 -23.04 -13.28
N GLY A 595 14.37 -23.85 -12.41
CA GLY A 595 13.67 -24.96 -11.80
C GLY A 595 13.10 -24.57 -10.46
N LEU A 596 13.91 -23.91 -9.63
CA LEU A 596 13.45 -23.40 -8.35
C LEU A 596 12.94 -21.98 -8.54
N LYS A 597 11.85 -21.65 -7.86
CA LYS A 597 11.24 -20.32 -8.02
C LYS A 597 12.11 -19.25 -7.39
N LEU A 598 12.82 -19.58 -6.30
CA LEU A 598 13.60 -18.58 -5.58
C LEU A 598 14.82 -18.15 -6.40
N THR A 599 15.48 -19.11 -7.06
CA THR A 599 16.62 -18.74 -7.89
C THR A 599 16.21 -18.56 -9.34
N GLY A 600 14.93 -18.76 -9.64
CA GLY A 600 14.40 -18.46 -10.96
C GLY A 600 13.98 -17.01 -11.08
N THR A 601 13.30 -16.52 -10.04
CA THR A 601 12.97 -15.11 -9.94
C THR A 601 14.23 -14.27 -9.84
N TYR A 602 15.25 -14.79 -9.15
CA TYR A 602 16.50 -14.06 -8.92
C TYR A 602 17.28 -13.87 -10.22
N SER A 603 17.17 -14.83 -11.14
CA SER A 603 17.98 -14.77 -12.35
C SER A 603 17.39 -13.80 -13.37
N ILE A 604 16.07 -13.63 -13.38
CA ILE A 604 15.45 -12.78 -14.39
C ILE A 604 15.34 -11.35 -13.88
N MET A 605 15.49 -11.14 -12.58
CA MET A 605 15.62 -9.78 -12.06
C MET A 605 16.97 -9.19 -12.43
N ILE A 606 17.96 -10.05 -12.68
CA ILE A 606 19.27 -9.59 -13.14
C ILE A 606 19.14 -8.95 -14.53
N GLN A 607 18.54 -9.69 -15.45
CA GLN A 607 18.43 -9.30 -16.86
C GLN A 607 17.62 -8.03 -17.06
N LYS A 608 16.61 -7.83 -16.23
CA LYS A 608 15.77 -6.63 -16.32
C LYS A 608 16.56 -5.39 -15.92
N ILE A 609 17.41 -5.53 -14.90
CA ILE A 609 18.29 -4.44 -14.47
C ILE A 609 19.38 -4.25 -15.52
N LEU A 610 20.00 -5.35 -15.92
CA LEU A 610 21.22 -5.33 -16.73
C LEU A 610 20.95 -4.88 -18.16
N PHE A 611 20.12 -5.64 -18.87
CA PHE A 611 19.94 -5.41 -20.30
C PHE A 611 19.12 -4.17 -20.59
N LYS A 612 18.29 -3.72 -19.66
CA LYS A 612 17.31 -2.68 -19.95
C LYS A 612 17.44 -1.43 -19.10
N ASP A 613 18.19 -1.47 -18.00
CA ASP A 613 18.29 -0.28 -17.16
C ASP A 613 19.74 0.08 -16.88
N LEU A 614 20.59 -0.92 -16.65
CA LEU A 614 22.00 -0.64 -16.43
C LEU A 614 22.71 -0.31 -17.74
N PHE A 615 22.29 -0.94 -18.83
CA PHE A 615 22.95 -0.73 -20.11
C PHE A 615 22.69 0.67 -20.65
N ARG A 616 21.54 1.26 -20.30
CA ARG A 616 21.23 2.61 -20.76
C ARG A 616 22.06 3.64 -20.01
N PHE A 617 22.49 3.30 -18.79
CA PHE A 617 23.32 4.24 -18.03
C PHE A 617 24.77 4.20 -18.50
N LEU A 618 25.26 3.01 -18.86
CA LEU A 618 26.67 2.87 -19.24
C LEU A 618 26.96 3.53 -20.59
N LEU A 619 25.92 3.75 -21.40
CA LEU A 619 26.09 4.54 -22.61
C LEU A 619 26.30 6.01 -22.27
N VAL A 620 25.43 6.56 -21.42
CA VAL A 620 25.49 7.99 -21.13
C VAL A 620 26.52 8.29 -20.05
N TYR A 621 27.16 7.24 -19.51
CA TYR A 621 28.29 7.46 -18.61
C TYR A 621 29.59 7.36 -19.40
N LEU A 622 29.58 6.61 -20.49
CA LEU A 622 30.75 6.52 -21.36
C LEU A 622 30.90 7.77 -22.21
N LEU A 623 29.81 8.21 -22.84
CA LEU A 623 29.85 9.39 -23.69
C LEU A 623 30.07 10.65 -22.87
N PHE A 624 29.69 10.63 -21.60
CA PHE A 624 29.97 11.77 -20.74
C PHE A 624 31.41 11.74 -20.25
N MET A 625 31.95 10.54 -20.04
CA MET A 625 33.35 10.38 -19.67
C MET A 625 34.27 10.77 -20.82
N ILE A 626 33.89 10.38 -22.04
CA ILE A 626 34.73 10.63 -23.21
C ILE A 626 34.60 12.10 -23.60
N GLY A 627 33.59 12.77 -23.05
CA GLY A 627 33.41 14.20 -23.26
C GLY A 627 34.47 15.01 -22.56
N TYR A 628 34.65 14.80 -21.25
CA TYR A 628 35.59 15.63 -20.51
C TYR A 628 37.03 15.18 -20.74
N ALA A 629 37.23 13.87 -20.93
CA ALA A 629 38.58 13.34 -21.06
C ALA A 629 39.23 13.78 -22.37
N SER A 630 38.42 14.13 -23.37
CA SER A 630 38.97 14.81 -24.53
C SER A 630 38.99 16.32 -24.34
N ALA A 631 38.16 16.82 -23.43
CA ALA A 631 38.15 18.26 -23.15
C ALA A 631 39.32 18.65 -22.27
N LEU A 632 39.61 17.83 -21.25
CA LEU A 632 40.56 18.25 -20.22
C LEU A 632 42.00 17.93 -20.61
N VAL A 633 42.22 17.21 -21.71
CA VAL A 633 43.58 17.05 -22.22
C VAL A 633 43.94 18.22 -23.13
N SER A 634 42.95 19.02 -23.51
CA SER A 634 43.23 20.23 -24.27
C SER A 634 43.89 21.25 -23.34
N LEU A 635 43.39 21.32 -22.10
CA LEU A 635 43.87 22.27 -21.10
C LEU A 635 45.30 22.02 -20.68
N LEU A 636 45.83 20.82 -20.90
CA LEU A 636 47.23 20.50 -20.72
C LEU A 636 48.06 21.35 -21.67
N ASN A 637 49.20 21.86 -21.18
CA ASN A 637 50.16 22.65 -21.93
C ASN A 637 50.71 21.85 -23.11
N PRO A 638 51.12 22.52 -24.22
CA PRO A 638 51.75 21.80 -25.32
C PRO A 638 53.07 21.20 -24.88
N CYS A 639 53.44 20.03 -25.43
CA CYS A 639 54.52 19.28 -24.79
C CYS A 639 55.86 19.70 -25.36
N ALA A 640 55.87 20.73 -26.19
CA ALA A 640 57.09 21.43 -26.56
C ALA A 640 57.51 22.30 -25.38
N ASN A 641 56.54 22.66 -24.54
CA ASN A 641 56.71 23.34 -23.25
C ASN A 641 57.43 24.69 -23.37
N VAL A 654 60.89 16.25 -19.98
CA VAL A 654 60.05 16.97 -20.95
C VAL A 654 59.18 16.01 -21.82
N PRO A 655 59.71 14.86 -22.34
CA PRO A 655 58.75 13.89 -22.92
C PRO A 655 58.22 12.89 -21.90
N THR A 656 57.76 13.40 -20.75
CA THR A 656 57.17 12.55 -19.72
C THR A 656 55.71 12.94 -19.62
N TYR A 657 54.83 11.95 -19.43
CA TYR A 657 53.40 12.22 -19.36
C TYR A 657 52.93 13.05 -18.18
N PRO A 658 53.19 12.72 -16.85
CA PRO A 658 52.34 13.27 -15.77
C PRO A 658 52.42 14.77 -15.54
N SER A 659 53.18 15.48 -16.37
CA SER A 659 53.03 16.91 -16.53
C SER A 659 52.64 17.34 -17.93
N CYS A 660 52.48 16.44 -18.90
CA CYS A 660 52.54 16.87 -20.29
C CYS A 660 51.71 15.99 -21.22
N ARG A 661 52.03 16.01 -22.51
CA ARG A 661 51.28 15.41 -23.63
C ARG A 661 52.32 14.87 -24.61
N ASP A 662 52.12 15.02 -25.94
CA ASP A 662 52.85 14.31 -27.01
C ASP A 662 52.46 12.84 -27.10
N SER A 663 51.50 12.59 -27.99
CA SER A 663 50.42 11.60 -28.09
C SER A 663 50.64 10.18 -27.58
N GLU A 664 49.47 9.53 -27.45
CA GLU A 664 48.97 8.39 -26.67
C GLU A 664 48.57 8.78 -25.25
N THR A 665 49.08 9.86 -24.66
CA THR A 665 48.38 10.98 -24.01
C THR A 665 47.09 10.75 -23.20
N PHE A 666 46.40 9.62 -23.41
CA PHE A 666 44.97 9.59 -23.16
C PHE A 666 44.55 8.37 -22.37
N SER A 667 45.20 7.23 -22.65
CA SER A 667 44.90 6.01 -21.91
C SER A 667 45.34 6.13 -20.46
N THR A 668 46.45 6.83 -20.24
CA THR A 668 46.88 7.13 -18.88
C THR A 668 46.03 8.24 -18.27
N PHE A 669 45.34 9.03 -19.10
CA PHE A 669 44.49 10.09 -18.58
C PHE A 669 43.22 9.52 -17.97
N LEU A 670 42.75 8.38 -18.50
CA LEU A 670 41.58 7.73 -17.93
C LEU A 670 41.90 7.08 -16.59
N LEU A 671 43.16 6.67 -16.39
CA LEU A 671 43.58 6.18 -15.09
C LEU A 671 43.60 7.30 -14.05
N ASP A 672 43.86 8.53 -14.51
CA ASP A 672 43.90 9.67 -13.61
C ASP A 672 42.51 10.05 -13.10
N LEU A 673 41.50 9.86 -13.96
CA LEU A 673 40.16 10.32 -13.63
C LEU A 673 39.35 9.24 -12.95
N PHE A 674 39.56 7.98 -13.35
CA PHE A 674 38.77 6.89 -12.79
C PHE A 674 39.16 6.62 -11.34
N LYS A 675 40.43 6.86 -10.99
CA LYS A 675 40.85 6.67 -9.61
C LYS A 675 40.36 7.82 -8.73
N LEU A 676 40.06 8.96 -9.33
CA LEU A 676 39.62 10.11 -8.56
C LEU A 676 38.16 9.94 -8.14
N THR A 677 37.43 9.09 -8.86
CA THR A 677 36.02 8.82 -8.55
C THR A 677 35.87 7.73 -7.49
N ILE A 678 36.98 7.15 -7.07
CA ILE A 678 37.01 6.08 -6.08
C ILE A 678 38.01 6.45 -5.00
N GLY A 679 38.45 5.46 -4.22
CA GLY A 679 39.13 5.68 -2.97
C GLY A 679 40.59 6.01 -3.20
N MET A 680 41.49 5.01 -3.19
CA MET A 680 42.96 5.10 -3.16
C MET A 680 43.57 6.28 -3.92
N GLY A 681 43.20 6.43 -5.20
CA GLY A 681 43.07 7.70 -5.91
C GLY A 681 44.06 8.82 -5.67
N ASP A 682 45.32 8.64 -6.07
CA ASP A 682 46.35 9.66 -5.87
C ASP A 682 46.00 10.89 -6.70
N LEU A 683 46.39 12.07 -6.21
CA LEU A 683 45.96 13.34 -6.76
C LEU A 683 46.44 13.55 -8.20
N GLU A 684 47.67 13.11 -8.48
CA GLU A 684 48.32 13.13 -9.79
C GLU A 684 48.25 14.54 -10.38
N MET A 685 48.67 15.53 -9.58
CA MET A 685 48.26 16.92 -9.76
C MET A 685 48.73 17.52 -11.07
N LEU A 686 47.78 17.94 -11.88
CA LEU A 686 48.03 18.45 -13.22
C LEU A 686 48.03 19.97 -13.20
N SER A 687 48.64 20.56 -12.18
CA SER A 687 48.88 22.01 -12.13
C SER A 687 49.89 22.47 -13.18
N SER A 688 50.55 21.53 -13.85
CA SER A 688 51.48 21.80 -14.95
C SER A 688 50.80 22.33 -16.21
N THR A 689 49.47 22.38 -16.24
CA THR A 689 48.69 22.98 -17.33
C THR A 689 49.01 24.45 -17.55
N LYS A 690 48.67 24.95 -18.74
CA LYS A 690 48.67 26.39 -18.98
C LYS A 690 47.67 27.13 -18.12
N TYR A 691 46.57 26.48 -17.75
CA TYR A 691 45.49 27.11 -16.98
C TYR A 691 45.02 26.16 -15.89
N PRO A 692 45.68 26.18 -14.73
CA PRO A 692 45.16 25.42 -13.59
C PRO A 692 43.96 26.07 -12.95
N VAL A 693 43.68 27.33 -13.29
CA VAL A 693 42.58 28.09 -12.72
C VAL A 693 41.24 27.58 -13.24
N VAL A 694 41.21 27.02 -14.46
CA VAL A 694 39.95 26.52 -15.00
C VAL A 694 39.96 25.01 -15.07
N PHE A 695 41.14 24.40 -14.99
CA PHE A 695 41.23 22.94 -15.03
C PHE A 695 40.69 22.33 -13.74
N ILE A 696 40.90 23.04 -12.63
CA ILE A 696 40.40 22.53 -11.35
C ILE A 696 38.90 22.76 -11.24
N ILE A 697 38.36 23.69 -12.03
CA ILE A 697 36.92 23.94 -12.01
C ILE A 697 36.19 22.82 -12.72
N LEU A 698 36.70 22.40 -13.88
CA LEU A 698 36.02 21.40 -14.69
C LEU A 698 36.19 20.00 -14.09
N LEU A 699 37.28 19.79 -13.36
CA LEU A 699 37.47 18.50 -12.71
C LEU A 699 36.54 18.35 -11.51
N VAL A 700 36.14 19.47 -10.90
CA VAL A 700 35.15 19.44 -9.83
C VAL A 700 33.77 19.12 -10.41
N THR A 701 33.46 19.65 -11.59
CA THR A 701 32.20 19.32 -12.23
C THR A 701 32.16 17.87 -12.69
N TYR A 702 33.32 17.27 -12.92
CA TYR A 702 33.40 15.85 -13.26
C TYR A 702 33.09 15.00 -12.03
N ILE A 703 33.72 15.32 -10.89
CA ILE A 703 33.58 14.50 -9.70
C ILE A 703 32.19 14.70 -9.07
N ILE A 704 31.58 15.86 -9.32
CA ILE A 704 30.23 16.10 -8.83
C ILE A 704 29.22 15.37 -9.69
N LEU A 705 29.33 15.52 -11.02
CA LEU A 705 28.28 14.96 -11.87
C LEU A 705 28.38 13.45 -12.04
N THR A 706 29.60 12.91 -12.12
CA THR A 706 29.71 11.46 -12.34
C THR A 706 29.49 10.66 -11.06
N PHE A 707 30.33 10.87 -10.05
CA PHE A 707 30.28 10.06 -8.84
C PHE A 707 29.05 10.38 -7.99
N VAL A 708 28.75 11.67 -7.81
CA VAL A 708 27.65 12.02 -6.92
C VAL A 708 26.33 12.01 -7.71
N LEU A 709 26.24 12.80 -8.77
CA LEU A 709 24.95 13.00 -9.44
C LEU A 709 24.48 11.79 -10.25
N LEU A 710 25.23 11.40 -11.29
CA LEU A 710 24.76 10.37 -12.22
C LEU A 710 24.61 9.00 -11.55
N LEU A 711 25.41 8.74 -10.52
CA LEU A 711 25.26 7.48 -9.79
C LEU A 711 23.99 7.50 -8.95
N ASN A 712 23.70 8.65 -8.33
CA ASN A 712 22.49 8.75 -7.50
C ASN A 712 21.26 8.89 -8.38
N MET A 713 21.44 9.37 -9.61
CA MET A 713 20.37 9.32 -10.60
C MET A 713 20.03 7.87 -10.96
N LEU A 714 21.04 7.01 -11.00
CA LEU A 714 20.84 5.63 -11.43
C LEU A 714 20.29 4.76 -10.29
N ILE A 715 20.80 4.94 -9.08
CA ILE A 715 20.42 4.12 -7.93
C ILE A 715 18.97 4.41 -7.55
N ALA A 716 18.61 5.70 -7.53
CA ALA A 716 17.23 6.09 -7.24
C ALA A 716 16.28 5.66 -8.35
N LEU A 717 16.80 5.48 -9.56
CA LEU A 717 16.03 4.92 -10.66
C LEU A 717 15.76 3.44 -10.43
N MET A 718 16.80 2.70 -10.03
CA MET A 718 16.68 1.28 -9.70
C MET A 718 15.73 1.07 -8.53
N GLY A 719 15.77 1.99 -7.56
CA GLY A 719 14.99 1.89 -6.35
C GLY A 719 13.48 1.92 -6.51
N GLU A 720 12.99 2.41 -7.65
CA GLU A 720 11.55 2.52 -7.83
C GLU A 720 11.05 1.81 -9.09
N THR A 721 11.88 1.71 -10.13
CA THR A 721 11.48 1.00 -11.33
C THR A 721 11.45 -0.51 -11.12
N VAL A 722 12.61 -1.09 -10.84
CA VAL A 722 12.71 -2.55 -10.70
C VAL A 722 12.60 -2.97 -9.24
N GLY A 723 12.13 -2.08 -8.37
CA GLY A 723 11.87 -2.46 -7.00
C GLY A 723 10.65 -3.36 -6.89
N GLN A 724 9.54 -2.93 -7.48
CA GLN A 724 8.28 -3.67 -7.40
C GLN A 724 8.13 -4.69 -8.52
N VAL A 725 9.13 -5.56 -8.71
CA VAL A 725 9.00 -6.65 -9.68
C VAL A 725 8.65 -7.97 -9.02
N SER A 726 8.16 -7.94 -7.78
CA SER A 726 7.75 -9.13 -7.07
C SER A 726 6.55 -9.79 -7.75
N LYS A 727 5.65 -8.97 -8.29
CA LYS A 727 4.51 -9.51 -9.02
C LYS A 727 4.89 -9.85 -10.46
N GLU A 728 5.81 -9.07 -11.04
CA GLU A 728 6.14 -9.25 -12.44
C GLU A 728 7.03 -10.47 -12.67
N SER A 729 8.11 -10.57 -11.89
CA SER A 729 9.09 -11.63 -12.13
C SER A 729 8.56 -12.99 -11.67
N LYS A 730 7.59 -13.01 -10.76
CA LYS A 730 6.90 -14.25 -10.42
C LYS A 730 6.14 -14.78 -11.62
N HIS A 731 5.50 -13.89 -12.37
CA HIS A 731 4.69 -14.31 -13.52
C HIS A 731 5.58 -14.67 -14.70
N ILE A 732 6.76 -14.05 -14.80
CA ILE A 732 7.64 -14.37 -15.93
C ILE A 732 8.32 -15.72 -15.71
N TRP A 733 8.64 -16.05 -14.44
CA TRP A 733 9.24 -17.36 -14.16
C TRP A 733 8.27 -18.49 -14.43
N LYS A 734 7.01 -18.34 -14.01
CA LYS A 734 5.98 -19.33 -14.30
C LYS A 734 5.80 -19.50 -15.80
N LEU A 735 5.95 -18.40 -16.54
CA LEU A 735 5.96 -18.48 -18.00
C LEU A 735 7.24 -19.15 -18.49
N GLN A 736 8.35 -18.97 -17.78
CA GLN A 736 9.59 -19.63 -18.16
C GLN A 736 9.59 -21.09 -17.75
N TRP A 737 9.01 -21.39 -16.59
CA TRP A 737 8.97 -22.78 -16.13
C TRP A 737 8.06 -23.62 -17.01
N ALA A 738 7.00 -23.02 -17.55
CA ALA A 738 6.13 -23.73 -18.47
C ALA A 738 6.82 -23.94 -19.81
N THR A 739 7.78 -23.08 -20.15
CA THR A 739 8.52 -23.22 -21.39
C THR A 739 9.47 -24.42 -21.31
N THR A 740 10.06 -24.61 -20.13
CA THR A 740 11.03 -25.68 -19.88
C THR A 740 10.47 -27.07 -20.10
N ILE A 741 9.27 -27.31 -19.55
CA ILE A 741 8.64 -28.62 -19.61
C ILE A 741 8.25 -28.96 -21.04
N LEU A 742 7.73 -27.97 -21.76
CA LEU A 742 7.43 -28.17 -23.17
C LEU A 742 8.68 -28.22 -24.03
N ASP A 743 9.81 -27.70 -23.54
CA ASP A 743 11.03 -27.74 -24.32
C ASP A 743 11.65 -29.13 -24.28
N ILE A 744 11.64 -29.76 -23.10
CA ILE A 744 12.13 -31.11 -22.89
C ILE A 744 11.29 -32.10 -23.68
N GLU A 745 9.97 -31.87 -23.67
CA GLU A 745 9.02 -32.82 -24.25
C GLU A 745 9.14 -32.85 -25.77
N ARG A 746 9.55 -31.73 -26.36
CA ARG A 746 9.82 -31.70 -27.79
C ARG A 746 11.10 -32.47 -28.11
N SER A 747 12.04 -32.49 -27.17
CA SER A 747 13.33 -33.13 -27.40
C SER A 747 13.22 -34.65 -27.39
N PHE A 748 12.15 -35.17 -26.81
CA PHE A 748 11.86 -36.59 -26.86
C PHE A 748 11.44 -36.98 -28.26
N PRO A 749 11.65 -38.23 -28.67
CA PRO A 749 10.93 -38.74 -29.84
C PRO A 749 9.48 -39.01 -29.47
N VAL A 750 8.67 -39.27 -30.50
CA VAL A 750 7.23 -39.45 -30.33
C VAL A 750 6.95 -40.73 -29.55
N PHE A 751 7.79 -41.75 -29.77
CA PHE A 751 7.66 -43.06 -29.14
C PHE A 751 7.72 -43.00 -27.61
N LEU A 752 8.71 -42.28 -27.09
CA LEU A 752 8.74 -42.00 -25.66
C LEU A 752 7.64 -41.03 -25.25
N ARG A 753 7.30 -40.09 -26.11
CA ARG A 753 6.36 -39.03 -25.74
C ARG A 753 4.93 -39.56 -25.66
N LYS A 754 4.60 -40.53 -26.51
CA LYS A 754 3.31 -41.21 -26.37
C LYS A 754 3.30 -42.15 -25.17
N ALA A 755 4.46 -42.58 -24.70
CA ALA A 755 4.51 -43.53 -23.59
C ALA A 755 4.25 -42.84 -22.26
N PHE A 756 4.58 -41.56 -22.14
CA PHE A 756 4.27 -40.85 -20.91
C PHE A 756 2.81 -40.45 -20.84
N ARG A 757 2.38 -39.54 -21.74
CA ARG A 757 0.99 -39.20 -22.05
C ARG A 757 0.18 -38.87 -20.80
N SER A 758 0.44 -37.71 -20.20
CA SER A 758 -0.20 -37.31 -18.95
C SER A 758 -1.71 -37.31 -19.06
N GLY A 759 -2.35 -38.11 -18.21
CA GLY A 759 -3.78 -38.30 -18.27
C GLY A 759 -4.17 -39.77 -18.25
N GLU A 760 -5.34 -40.10 -18.81
CA GLU A 760 -5.82 -41.48 -18.79
C GLU A 760 -6.79 -41.65 -19.95
N MET A 761 -6.98 -42.89 -20.39
CA MET A 761 -7.88 -43.18 -21.50
C MET A 761 -9.23 -43.67 -21.00
N VAL A 762 -10.17 -42.76 -20.74
CA VAL A 762 -11.41 -43.11 -20.07
C VAL A 762 -12.48 -43.45 -21.11
N THR A 763 -13.55 -44.13 -20.68
CA THR A 763 -14.73 -44.31 -21.52
C THR A 763 -15.83 -43.31 -21.17
N VAL A 764 -16.07 -42.27 -21.96
CA VAL A 764 -16.90 -41.15 -21.54
C VAL A 764 -18.39 -41.49 -21.52
N GLY A 765 -18.95 -41.82 -22.68
CA GLY A 765 -20.38 -42.00 -22.80
C GLY A 765 -20.77 -42.28 -24.24
N LYS A 766 -21.83 -43.08 -24.39
CA LYS A 766 -22.18 -43.71 -25.66
C LYS A 766 -22.53 -42.71 -26.76
N SER A 767 -22.03 -42.96 -27.97
CA SER A 767 -22.17 -42.04 -29.09
C SER A 767 -22.81 -42.80 -30.25
N SER A 768 -22.81 -42.16 -31.41
CA SER A 768 -23.46 -42.68 -32.61
C SER A 768 -22.84 -43.98 -33.10
N ASP A 769 -21.51 -44.04 -33.14
CA ASP A 769 -20.82 -45.21 -33.68
C ASP A 769 -20.46 -46.23 -32.61
N GLY A 770 -21.44 -46.60 -31.78
CA GLY A 770 -21.28 -47.69 -30.84
C GLY A 770 -20.41 -47.41 -29.62
N THR A 771 -19.15 -47.00 -29.85
CA THR A 771 -18.15 -46.78 -28.81
C THR A 771 -18.57 -45.67 -27.85
N PRO A 772 -18.20 -45.79 -26.56
CA PRO A 772 -18.58 -44.75 -25.59
C PRO A 772 -17.67 -43.52 -25.58
N ASP A 773 -17.35 -42.98 -26.76
CA ASP A 773 -16.61 -41.73 -26.96
C ASP A 773 -15.26 -41.76 -26.26
N ARG A 774 -14.35 -42.61 -26.74
CA ARG A 774 -13.06 -42.85 -26.10
C ARG A 774 -12.19 -41.61 -26.24
N ARG A 775 -11.88 -40.97 -25.12
CA ARG A 775 -11.13 -39.73 -25.10
C ARG A 775 -10.05 -39.78 -24.04
N TRP A 776 -8.89 -39.19 -24.32
CA TRP A 776 -7.89 -38.99 -23.30
C TRP A 776 -8.35 -37.89 -22.34
N CYS A 777 -8.21 -38.15 -21.05
CA CYS A 777 -8.82 -37.27 -20.07
C CYS A 777 -7.95 -37.04 -18.84
N PHE A 778 -8.25 -35.98 -18.09
CA PHE A 778 -7.51 -35.59 -16.90
C PHE A 778 -8.49 -35.27 -15.78
N ARG A 779 -8.21 -35.77 -14.58
CA ARG A 779 -9.15 -35.72 -13.46
C ARG A 779 -8.72 -34.69 -12.44
N VAL A 780 -9.66 -33.85 -12.02
CA VAL A 780 -9.43 -32.81 -11.03
C VAL A 780 -10.47 -32.99 -9.93
N ASP A 781 -10.01 -33.17 -8.69
CA ASP A 781 -10.90 -33.43 -7.57
C ASP A 781 -11.09 -32.16 -6.75
N GLU A 782 -12.32 -31.93 -6.27
CA GLU A 782 -12.65 -30.65 -5.66
C GLU A 782 -13.70 -30.87 -4.57
N VAL A 783 -13.57 -30.13 -3.47
CA VAL A 783 -14.47 -30.21 -2.34
C VAL A 783 -15.50 -29.09 -2.44
N ASN A 784 -16.72 -29.37 -2.00
CA ASN A 784 -17.83 -28.39 -2.01
C ASN A 784 -18.76 -28.68 -0.84
N TRP A 785 -18.57 -27.96 0.27
CA TRP A 785 -19.49 -28.06 1.40
C TRP A 785 -20.66 -27.09 1.24
N SER A 786 -20.71 -26.39 0.12
CA SER A 786 -21.73 -25.38 -0.16
C SER A 786 -23.04 -26.02 -0.60
N HIS A 787 -23.92 -25.22 -1.21
CA HIS A 787 -25.21 -25.62 -1.78
C HIS A 787 -25.14 -26.86 -2.67
N TRP A 788 -23.97 -27.15 -3.27
CA TRP A 788 -23.67 -28.45 -3.86
C TRP A 788 -23.99 -29.60 -2.92
N ASN A 789 -23.60 -29.49 -1.65
CA ASN A 789 -23.93 -30.53 -0.68
C ASN A 789 -25.38 -30.43 -0.23
N GLN A 790 -26.04 -29.28 -0.46
CA GLN A 790 -27.46 -29.18 -0.15
C GLN A 790 -28.29 -29.90 -1.20
N ASN A 791 -27.74 -30.08 -2.39
CA ASN A 791 -28.41 -30.84 -3.44
C ASN A 791 -28.30 -32.33 -3.19
N VAL B 148 -30.25 -69.98 -14.87
CA VAL B 148 -31.11 -69.01 -15.55
C VAL B 148 -30.42 -67.64 -15.59
N PHE B 149 -30.12 -67.10 -14.42
CA PHE B 149 -29.45 -65.80 -14.29
C PHE B 149 -28.01 -66.04 -13.86
N ASN B 150 -27.07 -65.51 -14.63
CA ASN B 150 -25.66 -65.59 -14.28
C ASN B 150 -25.31 -64.45 -13.31
N ARG B 151 -24.01 -64.24 -13.09
CA ARG B 151 -23.59 -63.10 -12.27
C ARG B 151 -23.75 -61.76 -12.99
N PRO B 152 -23.25 -61.55 -14.25
CA PRO B 152 -23.45 -60.22 -14.86
C PRO B 152 -24.90 -59.93 -15.27
N ILE B 153 -25.76 -60.94 -15.26
CA ILE B 153 -27.18 -60.77 -15.61
C ILE B 153 -27.86 -59.92 -14.54
N LEU B 154 -27.84 -60.39 -13.29
CA LEU B 154 -28.69 -59.81 -12.26
C LEU B 154 -28.20 -58.44 -11.83
N PHE B 155 -26.88 -58.22 -11.87
CA PHE B 155 -26.32 -56.90 -11.63
C PHE B 155 -26.73 -55.92 -12.71
N ASP B 156 -26.98 -56.41 -13.92
CA ASP B 156 -27.46 -55.55 -14.99
C ASP B 156 -28.97 -55.38 -14.93
N ILE B 157 -29.67 -56.31 -14.28
CA ILE B 157 -31.12 -56.21 -14.08
C ILE B 157 -31.44 -55.03 -13.16
N VAL B 158 -30.78 -54.97 -12.01
CA VAL B 158 -31.13 -53.97 -11.01
C VAL B 158 -30.50 -52.62 -11.34
N SER B 159 -29.53 -52.61 -12.26
CA SER B 159 -28.84 -51.38 -12.65
C SER B 159 -29.77 -50.43 -13.40
N ARG B 160 -30.60 -50.98 -14.28
CA ARG B 160 -31.56 -50.16 -15.03
C ARG B 160 -32.78 -49.86 -14.16
N GLY B 161 -32.95 -50.61 -13.07
CA GLY B 161 -34.03 -50.37 -12.15
C GLY B 161 -35.36 -50.94 -12.60
N SER B 162 -35.33 -51.75 -13.67
CA SER B 162 -36.56 -52.35 -14.18
C SER B 162 -37.00 -53.49 -13.27
N THR B 163 -38.23 -53.39 -12.76
CA THR B 163 -38.79 -54.42 -11.90
C THR B 163 -39.40 -55.51 -12.77
N ALA B 164 -39.92 -56.56 -12.11
CA ALA B 164 -40.59 -57.71 -12.71
C ALA B 164 -39.73 -58.44 -13.74
N ASP B 165 -38.41 -58.41 -13.58
CA ASP B 165 -37.51 -59.13 -14.48
C ASP B 165 -37.18 -60.50 -13.92
N LEU B 166 -36.85 -60.57 -12.63
CA LEU B 166 -36.69 -61.88 -11.99
C LEU B 166 -38.04 -62.55 -11.79
N ASP B 167 -39.02 -61.83 -11.23
CA ASP B 167 -40.45 -62.09 -11.16
C ASP B 167 -40.80 -63.55 -10.83
N GLY B 168 -40.40 -64.01 -9.66
CA GLY B 168 -40.51 -65.42 -9.35
C GLY B 168 -39.23 -66.19 -9.48
N LEU B 169 -38.09 -65.54 -9.29
CA LEU B 169 -36.80 -66.21 -9.20
C LEU B 169 -36.61 -66.87 -7.85
N LEU B 170 -37.39 -66.47 -6.85
CA LEU B 170 -37.32 -67.03 -5.50
C LEU B 170 -37.47 -68.56 -5.42
N PRO B 171 -38.26 -69.26 -6.28
CA PRO B 171 -38.08 -70.71 -6.38
C PRO B 171 -36.71 -71.14 -6.89
N PHE B 172 -36.15 -70.44 -7.89
CA PHE B 172 -34.86 -70.80 -8.48
C PHE B 172 -33.71 -70.61 -7.49
N LEU B 173 -33.87 -69.66 -6.56
CA LEU B 173 -32.96 -69.57 -5.42
C LEU B 173 -33.09 -70.83 -4.56
N LEU B 174 -34.32 -71.23 -4.25
CA LEU B 174 -34.58 -72.37 -3.39
C LEU B 174 -34.37 -73.69 -4.14
N THR B 175 -34.33 -73.64 -5.47
CA THR B 175 -34.15 -74.84 -6.29
C THR B 175 -32.76 -75.42 -6.13
N HIS B 176 -31.74 -74.63 -6.43
CA HIS B 176 -30.36 -75.09 -6.36
C HIS B 176 -29.71 -74.68 -5.06
N LYS B 177 -30.54 -74.31 -4.08
CA LYS B 177 -30.14 -73.80 -2.76
C LYS B 177 -29.22 -72.59 -2.89
N LYS B 178 -29.63 -71.70 -3.78
CA LYS B 178 -28.91 -70.46 -4.08
C LYS B 178 -29.41 -69.39 -3.13
N ARG B 179 -28.49 -68.61 -2.57
CA ARG B 179 -28.81 -67.52 -1.66
C ARG B 179 -28.08 -66.26 -2.09
N LEU B 180 -28.64 -65.10 -1.76
CA LEU B 180 -28.14 -63.84 -2.30
C LEU B 180 -26.79 -63.48 -1.72
N THR B 181 -26.53 -63.88 -0.48
CA THR B 181 -25.23 -63.60 0.13
C THR B 181 -24.13 -64.54 -0.35
N ASP B 182 -24.41 -65.53 -1.19
CA ASP B 182 -23.40 -66.45 -1.69
C ASP B 182 -22.58 -65.77 -2.77
N GLU B 183 -21.36 -66.25 -3.00
CA GLU B 183 -20.39 -65.59 -3.87
C GLU B 183 -20.70 -65.71 -5.35
N GLU B 184 -21.80 -66.40 -5.71
CA GLU B 184 -22.17 -66.61 -7.10
C GLU B 184 -22.50 -65.31 -7.82
N PHE B 185 -23.60 -64.65 -7.45
CA PHE B 185 -23.86 -63.31 -7.98
C PHE B 185 -23.48 -62.23 -6.97
N ARG B 186 -22.19 -62.25 -6.61
CA ARG B 186 -21.50 -61.17 -5.91
C ARG B 186 -20.28 -60.84 -6.76
N GLU B 187 -20.02 -59.55 -6.94
CA GLU B 187 -18.89 -59.12 -7.75
C GLU B 187 -17.58 -59.48 -7.04
N PRO B 188 -16.68 -60.18 -7.71
CA PRO B 188 -15.48 -60.70 -7.03
C PRO B 188 -14.48 -59.64 -6.64
N SER B 189 -14.47 -58.53 -7.38
CA SER B 189 -13.54 -57.43 -7.10
C SER B 189 -13.84 -56.76 -5.75
N THR B 190 -15.00 -56.12 -5.65
CA THR B 190 -15.35 -55.44 -4.41
C THR B 190 -15.97 -56.40 -3.41
N GLY B 191 -17.12 -56.95 -3.77
CA GLY B 191 -17.93 -57.72 -2.85
C GLY B 191 -19.34 -57.18 -2.86
N LYS B 192 -19.65 -56.38 -3.87
CA LYS B 192 -20.94 -55.71 -3.97
C LYS B 192 -22.04 -56.72 -4.19
N THR B 193 -23.17 -56.49 -3.51
CA THR B 193 -24.32 -57.37 -3.53
C THR B 193 -25.41 -56.64 -4.32
N CYS B 194 -26.62 -57.21 -4.34
CA CYS B 194 -27.71 -56.65 -5.13
C CYS B 194 -28.13 -55.27 -4.63
N LEU B 195 -28.36 -55.16 -3.32
CA LEU B 195 -28.82 -53.92 -2.70
C LEU B 195 -27.87 -52.73 -2.84
N PRO B 196 -26.51 -52.86 -2.74
CA PRO B 196 -25.68 -51.69 -3.05
C PRO B 196 -25.76 -51.25 -4.51
N LYS B 197 -25.92 -52.20 -5.43
CA LYS B 197 -25.93 -51.90 -6.85
C LYS B 197 -27.16 -51.07 -7.23
N ALA B 198 -28.25 -51.27 -6.51
CA ALA B 198 -29.46 -50.50 -6.72
C ALA B 198 -29.26 -49.06 -6.25
N LEU B 199 -28.61 -48.89 -5.11
CA LEU B 199 -28.50 -47.58 -4.46
C LEU B 199 -27.57 -46.62 -5.18
N LEU B 200 -26.44 -47.11 -5.68
CA LEU B 200 -25.54 -46.28 -6.46
C LEU B 200 -26.21 -45.84 -7.76
N ASN B 201 -26.97 -46.75 -8.36
CA ASN B 201 -27.58 -46.49 -9.65
C ASN B 201 -29.04 -46.08 -9.49
N LEU B 202 -29.30 -45.30 -8.45
CA LEU B 202 -30.64 -44.80 -8.10
C LEU B 202 -31.20 -43.90 -9.19
N SER B 203 -32.52 -43.88 -9.33
CA SER B 203 -33.19 -43.07 -10.35
C SER B 203 -34.28 -42.24 -9.71
N ASN B 204 -34.06 -40.91 -9.68
CA ASN B 204 -34.99 -39.89 -9.18
C ASN B 204 -35.32 -40.11 -7.70
N GLY B 205 -34.39 -40.70 -6.96
CA GLY B 205 -34.55 -40.80 -5.53
C GLY B 205 -35.12 -42.11 -5.02
N ARG B 206 -35.74 -42.89 -5.91
CA ARG B 206 -36.40 -44.13 -5.46
C ARG B 206 -36.06 -45.26 -6.42
N ASN B 207 -35.95 -46.46 -5.88
CA ASN B 207 -35.71 -47.67 -6.66
C ASN B 207 -36.72 -48.71 -6.18
N ASP B 208 -37.60 -49.11 -7.09
CA ASP B 208 -38.69 -50.00 -6.74
C ASP B 208 -38.23 -51.45 -6.66
N THR B 209 -37.00 -51.71 -7.10
CA THR B 209 -36.40 -53.04 -7.01
C THR B 209 -36.07 -53.38 -5.57
N ILE B 210 -35.77 -52.36 -4.77
CA ILE B 210 -35.36 -52.53 -3.37
C ILE B 210 -36.46 -53.13 -2.50
N PRO B 211 -37.74 -52.70 -2.53
CA PRO B 211 -38.74 -53.44 -1.75
C PRO B 211 -39.00 -54.86 -2.28
N VAL B 212 -38.67 -55.13 -3.54
CA VAL B 212 -38.69 -56.49 -4.05
C VAL B 212 -37.46 -57.22 -3.51
N LEU B 213 -36.27 -56.62 -3.67
CA LEU B 213 -35.04 -57.23 -3.19
C LEU B 213 -35.00 -57.39 -1.67
N LEU B 214 -35.72 -56.56 -0.93
CA LEU B 214 -35.86 -56.81 0.50
C LEU B 214 -36.76 -58.02 0.73
N ASP B 215 -37.82 -58.14 -0.05
CA ASP B 215 -38.79 -59.21 0.18
C ASP B 215 -38.26 -60.55 -0.31
N ILE B 216 -37.47 -60.55 -1.39
CA ILE B 216 -36.86 -61.79 -1.89
C ILE B 216 -35.81 -62.29 -0.91
N ALA B 217 -35.01 -61.36 -0.36
CA ALA B 217 -34.00 -61.75 0.62
C ALA B 217 -34.64 -62.10 1.96
N GLU B 218 -35.85 -61.60 2.22
CA GLU B 218 -36.60 -61.97 3.42
C GLU B 218 -36.98 -63.44 3.40
N ARG B 219 -37.37 -63.94 2.22
CA ARG B 219 -37.86 -65.30 2.09
C ARG B 219 -36.71 -66.30 2.08
N THR B 220 -35.56 -65.92 1.52
CA THR B 220 -34.40 -66.80 1.47
C THR B 220 -33.80 -66.99 2.85
N GLY B 221 -33.99 -66.01 3.74
CA GLY B 221 -33.49 -66.12 5.10
C GLY B 221 -32.41 -65.11 5.42
N ASN B 222 -31.60 -64.75 4.44
CA ASN B 222 -30.54 -63.79 4.64
C ASN B 222 -31.07 -62.36 4.62
N MET B 223 -31.16 -61.75 5.79
CA MET B 223 -31.44 -60.33 5.90
C MET B 223 -30.35 -59.67 6.73
N ARG B 224 -29.91 -60.35 7.79
CA ARG B 224 -28.82 -59.87 8.62
C ARG B 224 -27.50 -60.01 7.87
N GLU B 225 -27.41 -61.02 7.02
CA GLU B 225 -26.21 -61.19 6.20
C GLU B 225 -26.30 -60.34 4.95
N PHE B 226 -27.51 -59.96 4.55
CA PHE B 226 -27.71 -59.30 3.26
C PHE B 226 -27.66 -57.77 3.36
N ILE B 227 -28.31 -57.21 4.37
CA ILE B 227 -28.21 -55.78 4.66
C ILE B 227 -26.76 -55.46 5.02
N ASN B 228 -26.22 -56.24 5.94
CA ASN B 228 -24.91 -55.92 6.49
C ASN B 228 -23.84 -56.78 5.83
N SER B 229 -23.39 -56.34 4.66
CA SER B 229 -22.32 -57.04 3.99
C SER B 229 -21.25 -56.03 3.59
N PRO B 230 -20.08 -56.08 4.21
CA PRO B 230 -19.02 -55.09 3.93
C PRO B 230 -18.42 -55.32 2.55
N PHE B 231 -18.08 -54.23 1.88
CA PHE B 231 -17.23 -54.35 0.70
C PHE B 231 -15.86 -54.76 1.20
N ARG B 232 -15.43 -55.99 0.93
CA ARG B 232 -14.15 -56.47 1.44
C ARG B 232 -12.97 -55.98 0.59
N ASP B 233 -13.24 -55.10 -0.37
CA ASP B 233 -12.21 -54.39 -1.13
C ASP B 233 -11.36 -53.55 -0.17
N ILE B 234 -10.10 -53.36 -0.53
CA ILE B 234 -9.19 -52.56 0.29
C ILE B 234 -9.33 -51.08 -0.05
N TYR B 235 -10.28 -50.77 -0.94
CA TYR B 235 -10.51 -49.40 -1.38
C TYR B 235 -11.89 -48.92 -0.93
N TYR B 236 -12.66 -49.78 -0.28
CA TYR B 236 -13.94 -49.37 0.27
C TYR B 236 -14.26 -50.02 1.60
N ARG B 237 -13.25 -50.59 2.27
CA ARG B 237 -13.40 -51.61 3.32
C ARG B 237 -14.38 -51.31 4.44
N GLY B 238 -15.44 -52.11 4.52
CA GLY B 238 -16.37 -52.01 5.62
C GLY B 238 -17.67 -51.34 5.24
N GLN B 239 -17.72 -50.76 4.04
CA GLN B 239 -18.87 -49.97 3.60
C GLN B 239 -20.11 -50.83 3.44
N THR B 240 -21.06 -50.69 4.35
CA THR B 240 -22.28 -51.45 4.26
C THR B 240 -23.24 -50.77 3.31
N ALA B 241 -24.44 -51.34 3.17
CA ALA B 241 -25.45 -50.70 2.34
C ALA B 241 -26.06 -49.50 3.05
N LEU B 242 -25.90 -49.41 4.37
CA LEU B 242 -26.42 -48.26 5.12
C LEU B 242 -25.63 -47.00 4.80
N HIS B 243 -24.32 -47.15 4.56
CA HIS B 243 -23.50 -45.98 4.27
C HIS B 243 -23.86 -45.36 2.93
N ILE B 244 -24.37 -46.17 2.01
CA ILE B 244 -24.68 -45.67 0.67
C ILE B 244 -25.97 -44.87 0.70
N ALA B 245 -26.95 -45.33 1.49
CA ALA B 245 -28.24 -44.67 1.52
C ALA B 245 -28.16 -43.32 2.23
N ILE B 246 -27.33 -43.23 3.28
CA ILE B 246 -27.12 -41.96 3.95
C ILE B 246 -26.30 -41.02 3.08
N GLU B 247 -25.38 -41.58 2.29
CA GLU B 247 -24.58 -40.80 1.34
C GLU B 247 -25.45 -40.10 0.31
N ARG B 248 -26.32 -40.86 -0.35
CA ARG B 248 -27.05 -40.34 -1.50
C ARG B 248 -28.23 -39.45 -1.12
N ARG B 249 -28.34 -39.08 0.17
CA ARG B 249 -29.24 -38.06 0.69
C ARG B 249 -30.69 -38.44 0.49
N CYS B 250 -31.03 -39.69 0.81
CA CYS B 250 -32.40 -40.18 0.66
C CYS B 250 -32.81 -40.76 2.03
N LYS B 251 -33.68 -40.02 2.70
CA LYS B 251 -34.18 -40.40 4.03
C LYS B 251 -35.00 -41.69 3.97
N HIS B 252 -35.66 -41.93 2.83
CA HIS B 252 -36.58 -43.02 2.62
C HIS B 252 -35.96 -44.40 2.84
N TYR B 253 -34.89 -44.69 2.09
CA TYR B 253 -34.31 -46.02 2.17
C TYR B 253 -33.44 -46.22 3.40
N VAL B 254 -33.07 -45.14 4.09
CA VAL B 254 -32.42 -45.28 5.39
C VAL B 254 -33.41 -45.87 6.40
N GLU B 255 -34.67 -45.46 6.29
CA GLU B 255 -35.71 -45.93 7.19
C GLU B 255 -36.01 -47.41 6.98
N LEU B 256 -35.76 -47.93 5.78
CA LEU B 256 -36.01 -49.34 5.51
C LEU B 256 -34.87 -50.21 6.04
N LEU B 257 -33.63 -49.77 5.85
CA LEU B 257 -32.48 -50.57 6.25
C LEU B 257 -32.31 -50.60 7.76
N VAL B 258 -32.77 -49.54 8.44
CA VAL B 258 -32.84 -49.57 9.90
C VAL B 258 -33.93 -50.53 10.35
N ALA B 259 -35.08 -50.51 9.69
CA ALA B 259 -36.22 -51.30 10.12
C ALA B 259 -36.02 -52.78 9.84
N GLN B 260 -35.41 -53.12 8.70
CA GLN B 260 -35.10 -54.51 8.41
C GLN B 260 -33.83 -54.96 9.13
N GLY B 261 -33.12 -54.01 9.73
CA GLY B 261 -32.00 -54.34 10.59
C GLY B 261 -30.67 -54.02 9.95
N ALA B 262 -30.12 -52.86 10.32
CA ALA B 262 -28.81 -52.46 9.82
C ALA B 262 -27.73 -52.86 10.81
N ASP B 263 -26.53 -52.31 10.61
CA ASP B 263 -25.39 -52.50 11.50
C ASP B 263 -24.86 -51.13 11.87
N VAL B 264 -25.75 -50.27 12.39
CA VAL B 264 -25.61 -48.81 12.47
C VAL B 264 -24.34 -48.30 13.16
N HIS B 265 -23.59 -49.17 13.81
CA HIS B 265 -22.21 -48.89 14.15
C HIS B 265 -21.25 -49.62 13.21
N ALA B 266 -21.28 -49.25 11.93
CA ALA B 266 -20.49 -49.91 10.90
C ALA B 266 -19.24 -49.11 10.59
N GLN B 267 -18.08 -49.72 10.81
CA GLN B 267 -16.80 -49.01 10.67
C GLN B 267 -16.28 -49.14 9.25
N ALA B 268 -16.51 -48.11 8.43
CA ALA B 268 -16.00 -48.07 7.07
C ALA B 268 -14.51 -47.81 7.07
N ARG B 269 -13.72 -48.83 7.40
CA ARG B 269 -12.28 -48.66 7.58
C ARG B 269 -11.53 -48.85 6.24
N GLY B 270 -11.96 -48.09 5.25
CA GLY B 270 -11.43 -48.22 3.90
C GLY B 270 -10.37 -47.18 3.63
N ARG B 271 -9.60 -47.41 2.57
CA ARG B 271 -8.53 -46.49 2.21
C ARG B 271 -9.14 -45.25 1.55
N PHE B 272 -10.35 -45.39 1.01
CA PHE B 272 -11.12 -44.23 0.57
C PHE B 272 -11.52 -43.38 1.76
N PHE B 273 -11.90 -44.03 2.85
CA PHE B 273 -12.44 -43.33 4.00
C PHE B 273 -11.32 -43.03 5.01
N GLN B 274 -10.26 -42.38 4.55
CA GLN B 274 -9.12 -41.99 5.36
C GLN B 274 -9.00 -40.47 5.36
N PRO B 275 -8.16 -39.86 6.23
CA PRO B 275 -7.90 -38.41 6.09
C PRO B 275 -7.19 -38.06 4.78
N LYS B 276 -7.29 -36.80 4.39
CA LYS B 276 -6.79 -36.36 3.09
C LYS B 276 -5.27 -36.46 3.00
N ASP B 277 -4.59 -36.23 4.12
CA ASP B 277 -3.14 -36.31 4.15
C ASP B 277 -2.64 -37.73 4.43
N GLU B 278 -3.54 -38.70 4.36
CA GLU B 278 -3.17 -40.08 4.65
C GLU B 278 -3.56 -40.97 3.48
N GLY B 279 -3.61 -40.41 2.27
CA GLY B 279 -4.00 -41.15 1.10
C GLY B 279 -5.46 -41.54 1.10
N GLY B 280 -6.34 -40.54 1.15
CA GLY B 280 -7.76 -40.80 1.17
C GLY B 280 -8.51 -39.58 0.73
N TYR B 281 -9.82 -39.73 0.56
CA TYR B 281 -10.57 -38.66 -0.08
C TYR B 281 -11.48 -37.93 0.91
N PHE B 282 -12.34 -38.67 1.60
CA PHE B 282 -13.26 -38.07 2.56
C PHE B 282 -13.20 -38.86 3.85
N TYR B 283 -12.84 -38.18 4.94
CA TYR B 283 -12.48 -38.86 6.18
C TYR B 283 -13.62 -39.58 6.87
N PHE B 284 -14.81 -38.98 6.92
CA PHE B 284 -15.75 -38.90 8.04
C PHE B 284 -15.71 -40.05 9.04
N GLY B 285 -15.56 -39.77 10.33
CA GLY B 285 -16.24 -40.56 11.33
C GLY B 285 -15.94 -42.04 11.49
N GLU B 286 -16.08 -42.75 10.36
CA GLU B 286 -16.07 -44.19 10.14
C GLU B 286 -17.27 -44.83 10.84
N LEU B 287 -18.45 -44.23 10.68
CA LEU B 287 -19.65 -44.70 11.36
C LEU B 287 -20.86 -44.06 10.69
N PRO B 288 -22.01 -44.75 10.62
CA PRO B 288 -23.18 -44.18 9.93
C PRO B 288 -23.79 -42.95 10.59
N LEU B 289 -23.69 -42.83 11.92
CA LEU B 289 -24.15 -41.62 12.58
C LEU B 289 -23.31 -40.43 12.20
N SER B 290 -22.01 -40.64 12.00
CA SER B 290 -21.12 -39.54 11.68
C SER B 290 -21.28 -39.12 10.22
N LEU B 291 -21.81 -40.01 9.37
CA LEU B 291 -22.04 -39.66 7.97
C LEU B 291 -23.16 -38.65 7.86
N ALA B 292 -24.16 -38.77 8.74
CA ALA B 292 -25.29 -37.85 8.71
C ALA B 292 -24.87 -36.48 9.22
N ALA B 293 -23.91 -36.46 10.14
CA ALA B 293 -23.50 -35.20 10.73
C ALA B 293 -22.40 -34.51 9.93
N CYS B 294 -21.53 -35.25 9.26
CA CYS B 294 -20.48 -34.63 8.47
C CYS B 294 -20.98 -34.15 7.11
N THR B 295 -21.91 -34.88 6.51
CA THR B 295 -22.39 -34.51 5.18
C THR B 295 -23.64 -33.65 5.23
N ASN B 296 -23.85 -32.93 6.33
CA ASN B 296 -24.92 -31.94 6.53
C ASN B 296 -26.31 -32.53 6.34
N GLN B 297 -26.73 -33.45 7.21
CA GLN B 297 -28.07 -34.03 7.11
C GLN B 297 -28.73 -33.97 8.46
N PRO B 298 -29.52 -32.92 8.72
CA PRO B 298 -30.14 -32.77 10.04
C PRO B 298 -31.25 -33.77 10.29
N HIS B 299 -31.94 -34.21 9.24
CA HIS B 299 -33.09 -35.09 9.42
C HIS B 299 -32.65 -36.52 9.64
N ILE B 300 -31.55 -36.93 8.99
CA ILE B 300 -31.07 -38.30 9.13
C ILE B 300 -30.38 -38.47 10.48
N VAL B 301 -29.69 -37.43 10.97
CA VAL B 301 -28.96 -37.55 12.24
C VAL B 301 -29.95 -37.57 13.41
N ASN B 302 -31.14 -37.01 13.20
CA ASN B 302 -32.21 -37.19 14.17
C ASN B 302 -32.74 -38.61 14.13
N TYR B 303 -32.89 -39.15 12.92
CA TYR B 303 -33.54 -40.45 12.75
C TYR B 303 -32.64 -41.59 13.24
N LEU B 304 -31.32 -41.41 13.17
CA LEU B 304 -30.42 -42.48 13.57
C LEU B 304 -30.29 -42.60 15.08
N THR B 305 -30.85 -41.65 15.81
CA THR B 305 -30.84 -41.68 17.27
C THR B 305 -32.17 -42.18 17.82
N GLU B 306 -33.27 -41.51 17.47
CA GLU B 306 -34.60 -41.88 17.96
C GLU B 306 -35.32 -42.75 16.93
N ASN B 307 -34.72 -43.90 16.66
CA ASN B 307 -35.34 -44.94 15.87
C ASN B 307 -35.99 -45.97 16.79
N PRO B 308 -37.04 -46.68 16.37
CA PRO B 308 -37.58 -47.75 17.20
C PRO B 308 -36.62 -48.94 17.29
N HIS B 309 -35.86 -49.13 16.22
CA HIS B 309 -34.88 -50.20 16.10
C HIS B 309 -33.56 -49.74 16.72
N LYS B 310 -32.49 -50.47 16.39
CA LYS B 310 -31.14 -50.32 16.96
C LYS B 310 -30.63 -48.89 16.96
N LYS B 311 -30.33 -48.37 18.14
CA LYS B 311 -30.00 -46.96 18.34
C LYS B 311 -28.51 -46.74 18.18
N ALA B 312 -28.15 -45.78 17.34
CA ALA B 312 -26.76 -45.36 17.20
C ALA B 312 -26.49 -44.24 18.18
N ASP B 313 -25.82 -44.57 19.28
CA ASP B 313 -25.55 -43.56 20.31
C ASP B 313 -24.36 -42.72 19.90
N MET B 314 -24.29 -41.50 20.44
CA MET B 314 -23.32 -40.51 20.00
C MET B 314 -21.98 -40.66 20.71
N ARG B 315 -21.80 -41.74 21.44
CA ARG B 315 -20.62 -41.93 22.27
C ARG B 315 -19.56 -42.81 21.64
N ARG B 316 -19.94 -43.68 20.69
CA ARG B 316 -19.05 -44.76 20.26
C ARG B 316 -17.84 -44.27 19.49
N GLN B 317 -16.65 -44.54 20.03
CA GLN B 317 -15.41 -44.21 19.36
C GLN B 317 -15.22 -45.13 18.16
N ASP B 318 -14.55 -44.62 17.12
CA ASP B 318 -14.29 -45.42 15.93
C ASP B 318 -13.00 -46.21 16.07
N SER B 319 -12.48 -46.70 14.95
CA SER B 319 -11.22 -47.42 14.88
C SER B 319 -10.03 -46.62 15.38
N ARG B 320 -10.07 -45.30 15.30
CA ARG B 320 -9.00 -44.48 15.83
C ARG B 320 -9.44 -43.63 17.01
N GLY B 321 -10.61 -43.89 17.58
CA GLY B 321 -11.02 -43.22 18.80
C GLY B 321 -11.96 -42.06 18.64
N ASN B 322 -12.10 -41.55 17.42
CA ASN B 322 -12.89 -40.35 17.17
C ASN B 322 -14.37 -40.57 17.37
N THR B 323 -15.01 -39.76 18.21
CA THR B 323 -16.46 -39.73 18.26
C THR B 323 -16.96 -38.79 17.17
N VAL B 324 -18.26 -38.51 17.17
CA VAL B 324 -18.83 -37.68 16.11
C VAL B 324 -18.43 -36.23 16.28
N LEU B 325 -18.15 -35.80 17.51
CA LEU B 325 -17.69 -34.42 17.70
C LEU B 325 -16.22 -34.29 17.36
N HIS B 326 -15.48 -35.40 17.40
CA HIS B 326 -14.15 -35.41 16.80
C HIS B 326 -14.25 -35.37 15.28
N ALA B 327 -15.31 -35.96 14.74
CA ALA B 327 -15.43 -36.08 13.29
C ALA B 327 -15.86 -34.76 12.66
N LEU B 328 -16.71 -34.01 13.36
CA LEU B 328 -17.15 -32.70 12.88
C LEU B 328 -16.02 -31.70 12.85
N VAL B 329 -15.02 -31.89 13.70
CA VAL B 329 -13.81 -31.09 13.65
C VAL B 329 -12.91 -31.55 12.50
N ALA B 330 -12.95 -32.83 12.17
CA ALA B 330 -12.06 -33.40 11.17
C ALA B 330 -12.50 -33.13 9.74
N ILE B 331 -13.72 -32.66 9.52
CA ILE B 331 -14.19 -32.37 8.17
C ILE B 331 -14.43 -30.87 8.04
N ALA B 332 -14.06 -30.10 9.06
CA ALA B 332 -14.33 -28.68 9.10
C ALA B 332 -13.11 -27.93 8.57
N ASP B 333 -13.16 -27.48 7.33
CA ASP B 333 -12.28 -26.40 6.90
C ASP B 333 -12.84 -25.12 7.49
N ASN B 334 -12.00 -24.12 7.66
CA ASN B 334 -12.41 -22.93 8.38
C ASN B 334 -13.00 -21.86 7.47
N THR B 335 -13.65 -22.28 6.38
CA THR B 335 -14.32 -21.38 5.46
C THR B 335 -15.69 -20.98 6.00
N ARG B 336 -16.53 -20.35 5.17
CA ARG B 336 -17.81 -19.86 5.65
C ARG B 336 -18.93 -20.88 5.50
N GLU B 337 -18.99 -21.53 4.33
CA GLU B 337 -20.03 -22.53 4.10
C GLU B 337 -19.80 -23.77 4.94
N ASN B 338 -18.55 -24.05 5.29
CA ASN B 338 -18.23 -25.18 6.14
C ASN B 338 -18.64 -24.88 7.57
N THR B 339 -18.10 -23.80 8.16
CA THR B 339 -18.30 -23.57 9.58
C THR B 339 -19.65 -22.93 9.89
N LYS B 340 -20.56 -22.93 8.92
CA LYS B 340 -21.93 -22.58 9.25
C LYS B 340 -22.62 -23.79 9.85
N PHE B 341 -22.69 -24.90 9.11
CA PHE B 341 -23.46 -26.04 9.57
C PHE B 341 -22.68 -26.90 10.55
N VAL B 342 -21.34 -26.76 10.55
CA VAL B 342 -20.52 -27.53 11.48
C VAL B 342 -20.77 -27.06 12.91
N THR B 343 -20.87 -25.75 13.10
CA THR B 343 -21.21 -25.22 14.42
C THR B 343 -22.65 -25.52 14.78
N LYS B 344 -23.51 -25.74 13.78
CA LYS B 344 -24.89 -26.13 14.07
C LYS B 344 -24.94 -27.55 14.61
N MET B 345 -24.33 -28.50 13.91
CA MET B 345 -24.44 -29.89 14.31
C MET B 345 -23.49 -30.23 15.43
N TYR B 346 -22.48 -29.41 15.68
CA TYR B 346 -21.73 -29.56 16.92
C TYR B 346 -22.60 -29.20 18.10
N ASP B 347 -23.48 -28.21 17.93
CA ASP B 347 -24.46 -27.89 18.95
C ASP B 347 -25.54 -28.96 19.03
N LEU B 348 -26.13 -29.30 17.87
CA LEU B 348 -27.33 -30.13 17.83
C LEU B 348 -27.03 -31.57 18.25
N LEU B 349 -25.75 -31.96 18.27
CA LEU B 349 -25.42 -33.28 18.77
C LEU B 349 -24.83 -33.22 20.18
N LEU B 350 -24.48 -32.03 20.65
CA LEU B 350 -24.09 -31.88 22.05
C LEU B 350 -25.32 -31.73 22.92
N LEU B 351 -26.26 -30.90 22.49
CA LEU B 351 -27.51 -30.68 23.22
C LEU B 351 -28.37 -31.93 23.25
N LYS B 352 -28.30 -32.73 22.19
CA LYS B 352 -29.08 -33.96 22.14
C LYS B 352 -28.49 -35.01 23.07
N CYS B 353 -27.17 -34.96 23.29
CA CYS B 353 -26.55 -35.95 24.16
C CYS B 353 -26.84 -35.67 25.62
N ALA B 354 -27.09 -34.41 25.96
CA ALA B 354 -27.42 -34.05 27.34
C ALA B 354 -28.89 -34.28 27.64
N ARG B 355 -29.74 -34.20 26.62
CA ARG B 355 -31.17 -34.46 26.79
C ARG B 355 -31.41 -35.96 26.70
N LEU B 356 -30.44 -36.67 26.13
CA LEU B 356 -30.14 -38.07 26.44
C LEU B 356 -29.30 -38.13 27.70
N PHE B 357 -28.44 -39.16 27.81
CA PHE B 357 -27.60 -39.52 28.95
C PHE B 357 -26.95 -38.30 29.60
N PRO B 358 -27.41 -37.90 30.79
CA PRO B 358 -27.11 -36.55 31.28
C PRO B 358 -25.90 -36.49 32.19
N ASP B 359 -25.26 -37.63 32.42
CA ASP B 359 -24.12 -37.70 33.30
C ASP B 359 -22.79 -37.70 32.57
N SER B 360 -22.79 -37.80 31.24
CA SER B 360 -21.58 -37.84 30.45
C SER B 360 -21.46 -36.60 29.58
N ASN B 361 -20.35 -35.89 29.71
CA ASN B 361 -19.97 -34.83 28.78
C ASN B 361 -19.38 -35.57 27.58
N LEU B 362 -19.94 -35.33 26.40
CA LEU B 362 -19.51 -36.05 25.22
C LEU B 362 -18.18 -35.48 24.77
N GLU B 363 -17.97 -34.19 25.03
CA GLU B 363 -16.75 -33.50 24.66
C GLU B 363 -15.58 -33.98 25.49
N ALA B 364 -15.84 -34.45 26.71
CA ALA B 364 -14.79 -34.99 27.57
C ALA B 364 -14.24 -36.32 27.10
N VAL B 365 -14.94 -37.00 26.19
CA VAL B 365 -14.48 -38.29 25.66
C VAL B 365 -13.28 -38.06 24.75
N LEU B 366 -12.17 -38.72 25.06
CA LEU B 366 -10.96 -38.50 24.28
C LEU B 366 -10.83 -39.56 23.21
N ASN B 367 -10.23 -39.18 22.08
CA ASN B 367 -9.91 -40.16 21.06
C ASN B 367 -8.63 -40.92 21.41
N ASN B 368 -8.14 -41.73 20.47
CA ASN B 368 -6.93 -42.48 20.73
C ASN B 368 -5.68 -41.69 20.38
N ASP B 369 -5.65 -40.42 20.79
CA ASP B 369 -4.43 -39.61 20.78
C ASP B 369 -4.45 -38.81 22.07
N GLY B 370 -5.52 -38.95 22.84
CA GLY B 370 -5.66 -38.21 24.08
C GLY B 370 -6.35 -36.88 23.90
N LEU B 371 -6.54 -36.45 22.65
CA LEU B 371 -7.09 -35.13 22.38
C LEU B 371 -8.59 -35.10 22.56
N SER B 372 -9.16 -33.90 22.67
CA SER B 372 -10.59 -33.68 22.85
C SER B 372 -11.06 -32.88 21.65
N PRO B 373 -12.39 -32.77 21.37
CA PRO B 373 -12.84 -31.96 20.23
C PRO B 373 -12.49 -30.48 20.28
N LEU B 374 -12.13 -29.95 21.43
CA LEU B 374 -11.55 -28.61 21.46
C LEU B 374 -10.06 -28.67 21.16
N MET B 375 -9.35 -29.63 21.75
CA MET B 375 -7.92 -29.72 21.51
C MET B 375 -7.62 -30.26 20.12
N MET B 376 -8.57 -30.96 19.51
CA MET B 376 -8.38 -31.40 18.12
C MET B 376 -8.55 -30.23 17.16
N ALA B 377 -9.39 -29.26 17.54
CA ALA B 377 -9.48 -28.03 16.76
C ALA B 377 -8.29 -27.12 17.03
N ALA B 378 -7.65 -27.32 18.18
CA ALA B 378 -6.47 -26.54 18.49
C ALA B 378 -5.25 -27.03 17.70
N LYS B 379 -5.03 -28.35 17.70
CA LYS B 379 -3.87 -28.93 17.02
C LYS B 379 -4.00 -28.88 15.51
N THR B 380 -5.17 -29.14 14.94
CA THR B 380 -5.31 -29.16 13.50
C THR B 380 -5.65 -27.82 12.88
N GLY B 381 -5.53 -26.72 13.62
CA GLY B 381 -5.47 -25.41 13.01
C GLY B 381 -6.78 -24.69 12.81
N LYS B 382 -7.90 -25.35 13.10
CA LYS B 382 -9.23 -24.83 12.83
C LYS B 382 -9.55 -23.61 13.68
N ILE B 383 -10.26 -22.62 13.12
CA ILE B 383 -10.65 -21.44 13.88
C ILE B 383 -12.16 -21.28 13.93
N GLY B 384 -12.88 -21.91 13.00
CA GLY B 384 -14.32 -21.71 12.94
C GLY B 384 -15.04 -22.46 14.04
N ILE B 385 -14.61 -23.70 14.27
CA ILE B 385 -15.20 -24.48 15.35
C ILE B 385 -14.43 -24.24 16.64
N PHE B 386 -13.27 -23.58 16.56
CA PHE B 386 -12.50 -23.31 17.78
C PHE B 386 -13.09 -22.13 18.54
N GLN B 387 -13.52 -21.10 17.81
CA GLN B 387 -14.15 -19.96 18.45
C GLN B 387 -15.49 -20.33 19.07
N HIS B 388 -16.16 -21.31 18.48
CA HIS B 388 -17.53 -21.60 18.86
C HIS B 388 -17.58 -22.36 20.19
N ILE B 389 -16.58 -23.17 20.45
CA ILE B 389 -16.56 -24.00 21.65
C ILE B 389 -16.30 -23.12 22.87
N ILE B 390 -15.36 -22.19 22.73
CA ILE B 390 -15.04 -21.27 23.82
C ILE B 390 -16.20 -20.32 24.12
N ARG B 391 -16.79 -19.73 23.10
CA ARG B 391 -17.95 -18.86 23.32
C ARG B 391 -19.24 -19.62 23.12
N ARG B 392 -19.54 -20.58 23.98
CA ARG B 392 -20.73 -21.42 23.83
C ARG B 392 -21.59 -21.27 25.08
N GLU B 393 -22.51 -20.31 25.05
CA GLU B 393 -23.48 -20.15 26.14
C GLU B 393 -24.77 -20.87 25.72
N VAL B 394 -25.34 -21.63 26.64
CA VAL B 394 -26.61 -22.32 26.41
C VAL B 394 -27.55 -21.90 27.54
N THR B 395 -28.72 -21.36 27.18
CA THR B 395 -29.58 -20.71 28.16
C THR B 395 -30.60 -21.65 28.79
N ASP B 396 -30.69 -22.88 28.31
CA ASP B 396 -31.64 -23.85 28.85
C ASP B 396 -31.22 -24.29 30.24
N GLU B 397 -32.19 -24.48 31.14
CA GLU B 397 -31.91 -24.75 32.55
C GLU B 397 -31.39 -26.17 32.77
N ASP B 398 -31.75 -27.10 31.90
CA ASP B 398 -31.26 -28.47 32.02
C ASP B 398 -29.85 -28.58 31.43
N THR B 399 -29.63 -27.93 30.30
CA THR B 399 -28.32 -27.86 29.68
C THR B 399 -27.69 -26.50 29.96
N ARG B 400 -27.22 -26.35 31.17
CA ARG B 400 -26.49 -25.15 31.55
C ARG B 400 -25.07 -25.49 31.95
N HIS B 401 -24.81 -26.74 32.33
CA HIS B 401 -23.45 -27.17 32.59
C HIS B 401 -22.64 -27.25 31.31
N LEU B 402 -23.32 -27.40 30.17
CA LEU B 402 -22.67 -27.32 28.87
C LEU B 402 -22.57 -25.89 28.38
N SER B 403 -21.97 -25.02 29.18
CA SER B 403 -21.91 -23.61 28.82
C SER B 403 -20.57 -23.03 29.24
N ARG B 404 -19.98 -22.27 28.33
CA ARG B 404 -18.77 -21.50 28.59
C ARG B 404 -19.16 -20.08 28.16
N LYS B 405 -18.39 -19.08 28.61
CA LYS B 405 -18.79 -17.66 28.56
C LYS B 405 -20.11 -17.48 29.29
N PHE B 406 -20.08 -17.63 30.62
CA PHE B 406 -21.24 -17.28 31.41
C PHE B 406 -21.44 -15.77 31.45
N LYS B 407 -22.68 -15.33 31.28
CA LYS B 407 -23.02 -13.93 31.46
C LYS B 407 -23.03 -13.62 32.95
N ASP B 408 -22.80 -12.36 33.30
CA ASP B 408 -22.61 -11.97 34.69
C ASP B 408 -23.21 -10.58 34.87
N TRP B 409 -22.85 -9.87 35.95
CA TRP B 409 -23.47 -8.58 36.27
C TRP B 409 -23.25 -7.50 35.22
N ALA B 410 -24.10 -6.47 35.25
CA ALA B 410 -24.05 -5.41 34.26
C ALA B 410 -24.63 -4.11 34.80
N TYR B 411 -23.77 -3.17 35.18
CA TYR B 411 -24.25 -1.91 35.75
C TYR B 411 -24.19 -0.83 34.69
N GLY B 412 -25.18 -0.77 33.80
CA GLY B 412 -25.11 0.13 32.68
C GLY B 412 -24.15 -0.42 31.65
N PRO B 413 -23.38 0.43 31.00
CA PRO B 413 -22.47 -0.05 29.95
C PRO B 413 -21.16 -0.63 30.46
N VAL B 414 -21.21 -1.52 31.44
CA VAL B 414 -20.01 -2.18 31.94
C VAL B 414 -20.26 -3.69 31.99
N TYR B 415 -20.99 -4.18 30.96
CA TYR B 415 -21.36 -5.59 30.80
C TYR B 415 -20.20 -6.55 31.02
N SER B 416 -20.32 -7.39 32.04
CA SER B 416 -19.28 -8.37 32.35
C SER B 416 -19.58 -9.67 31.61
N SER B 417 -18.60 -10.59 31.61
CA SER B 417 -18.72 -11.89 30.99
C SER B 417 -17.69 -12.81 31.60
N LEU B 418 -18.03 -14.08 31.77
CA LEU B 418 -17.21 -14.96 32.58
C LEU B 418 -16.87 -16.23 31.81
N TYR B 419 -15.65 -16.28 31.28
CA TYR B 419 -15.17 -17.40 30.48
C TYR B 419 -14.62 -18.51 31.36
N ASP B 420 -14.62 -19.71 30.82
CA ASP B 420 -14.22 -20.92 31.53
C ASP B 420 -12.78 -21.28 31.19
N LEU B 421 -12.11 -21.96 32.12
CA LEU B 421 -10.79 -22.53 31.89
C LEU B 421 -10.75 -24.02 32.20
N SER B 422 -11.74 -24.78 31.73
CA SER B 422 -11.77 -26.21 32.01
C SER B 422 -10.67 -26.95 31.26
N SER B 423 -10.35 -26.48 30.05
CA SER B 423 -9.28 -27.10 29.29
C SER B 423 -8.27 -26.08 28.76
N LEU B 424 -8.57 -24.80 28.84
CA LEU B 424 -7.68 -23.77 28.33
C LEU B 424 -6.44 -23.61 29.20
N ASP B 425 -6.58 -23.83 30.50
CA ASP B 425 -5.47 -23.59 31.41
C ASP B 425 -5.52 -24.47 32.64
N THR B 426 -4.68 -25.50 32.65
CA THR B 426 -4.44 -26.29 33.84
C THR B 426 -3.01 -26.08 34.31
N CYS B 427 -2.77 -26.40 35.57
CA CYS B 427 -1.44 -26.25 36.17
C CYS B 427 -0.65 -27.55 36.09
N GLY B 428 -0.55 -28.11 34.88
CA GLY B 428 0.18 -29.33 34.65
C GLY B 428 -0.57 -30.60 34.98
N GLU B 429 -1.79 -30.49 35.50
CA GLU B 429 -2.57 -31.65 35.92
C GLU B 429 -3.19 -32.39 34.76
N GLU B 430 -3.19 -31.81 33.56
CA GLU B 430 -3.97 -32.31 32.44
C GLU B 430 -3.39 -31.72 31.17
N ALA B 431 -3.92 -32.08 30.00
CA ALA B 431 -3.48 -31.44 28.77
C ALA B 431 -4.07 -30.03 28.69
N SER B 432 -3.48 -29.21 27.83
CA SER B 432 -3.87 -27.79 27.79
C SER B 432 -4.08 -27.38 26.35
N VAL B 433 -5.10 -26.56 26.11
CA VAL B 433 -5.27 -25.95 24.79
C VAL B 433 -4.22 -24.88 24.58
N LEU B 434 -3.79 -24.22 25.65
CA LEU B 434 -2.84 -23.12 25.52
C LEU B 434 -1.44 -23.64 25.22
N GLU B 435 -1.12 -24.85 25.68
CA GLU B 435 0.17 -25.44 25.36
C GLU B 435 0.23 -25.92 23.91
N ILE B 436 -0.92 -26.30 23.36
CA ILE B 436 -1.00 -26.84 22.01
C ILE B 436 -0.88 -25.70 20.99
N LEU B 437 -1.52 -24.57 21.27
CA LEU B 437 -1.49 -23.45 20.33
C LEU B 437 -0.14 -22.76 20.27
N VAL B 438 0.76 -23.04 21.20
CA VAL B 438 2.00 -22.29 21.31
C VAL B 438 3.19 -23.18 20.91
N TYR B 439 3.07 -24.48 21.16
CA TYR B 439 4.19 -25.37 20.91
C TYR B 439 4.04 -26.21 19.66
N ASN B 440 2.98 -27.01 19.55
CA ASN B 440 2.80 -27.96 18.45
C ASN B 440 1.40 -27.79 17.86
N SER B 441 1.28 -26.90 16.88
CA SER B 441 -0.04 -26.56 16.37
C SER B 441 -0.22 -26.76 14.87
N LYS B 442 0.66 -27.56 14.24
CA LYS B 442 0.58 -27.95 12.83
C LYS B 442 0.53 -26.68 11.99
N ILE B 443 1.65 -25.94 11.91
CA ILE B 443 1.68 -24.50 12.15
C ILE B 443 0.76 -23.74 11.20
N GLU B 444 -0.35 -23.31 11.77
CA GLU B 444 -1.54 -22.77 11.13
C GLU B 444 -1.81 -21.48 11.89
N ASN B 445 -3.04 -20.99 11.92
CA ASN B 445 -3.38 -19.66 12.42
C ASN B 445 -3.16 -19.52 13.91
N ARG B 446 -1.90 -19.58 14.36
CA ARG B 446 -1.59 -19.35 15.77
C ARG B 446 -1.84 -17.90 16.14
N HIS B 447 -1.61 -16.98 15.22
CA HIS B 447 -1.87 -15.58 15.51
C HIS B 447 -3.36 -15.29 15.58
N GLU B 448 -4.18 -16.16 14.99
CA GLU B 448 -5.63 -16.03 15.08
C GLU B 448 -6.22 -16.85 16.19
N MET B 449 -5.57 -17.94 16.61
CA MET B 449 -6.10 -18.75 17.70
C MET B 449 -5.58 -18.29 19.05
N LEU B 450 -4.47 -17.55 19.08
CA LEU B 450 -4.06 -16.95 20.34
C LEU B 450 -4.62 -15.54 20.44
N ALA B 451 -5.89 -15.36 20.12
CA ALA B 451 -6.47 -14.03 20.14
C ALA B 451 -7.95 -13.98 20.49
N VAL B 452 -8.56 -15.08 20.93
CA VAL B 452 -9.95 -15.30 20.54
C VAL B 452 -10.91 -14.44 21.33
N GLU B 453 -11.36 -14.85 22.52
CA GLU B 453 -11.49 -13.84 23.56
C GLU B 453 -10.51 -14.06 24.73
N PRO B 454 -10.52 -15.22 25.46
CA PRO B 454 -9.88 -15.20 26.77
C PRO B 454 -8.40 -15.50 26.73
N ILE B 455 -7.92 -16.09 25.63
CA ILE B 455 -6.51 -16.44 25.50
C ILE B 455 -5.67 -15.17 25.40
N ASN B 456 -6.26 -14.11 24.88
CA ASN B 456 -5.54 -12.85 24.72
C ASN B 456 -5.33 -12.17 26.07
N GLU B 457 -6.28 -12.31 27.00
CA GLU B 457 -6.07 -11.72 28.32
C GLU B 457 -5.45 -12.70 29.30
N LEU B 458 -5.49 -14.00 29.00
CA LEU B 458 -4.90 -14.97 29.91
C LEU B 458 -3.37 -14.91 29.85
N LEU B 459 -2.84 -14.48 28.71
CA LEU B 459 -1.40 -14.26 28.64
C LEU B 459 -1.04 -12.88 29.18
N ARG B 460 -1.96 -11.91 29.09
CA ARG B 460 -1.72 -10.63 29.72
C ARG B 460 -1.84 -10.73 31.23
N ASP B 461 -2.68 -11.65 31.73
CA ASP B 461 -2.85 -11.78 33.16
C ASP B 461 -1.67 -12.49 33.80
N LYS B 462 -1.21 -13.59 33.20
CA LYS B 462 -0.05 -14.31 33.72
C LYS B 462 1.22 -13.51 33.65
N TRP B 463 1.32 -12.55 32.72
CA TRP B 463 2.50 -11.73 32.56
C TRP B 463 2.69 -10.78 33.74
N ARG B 464 1.63 -10.11 34.16
CA ARG B 464 1.75 -9.14 35.23
C ARG B 464 1.35 -9.74 36.57
N LYS B 465 1.28 -11.05 36.66
CA LYS B 465 1.02 -11.68 37.94
C LYS B 465 2.28 -12.39 38.42
N PHE B 466 2.91 -13.16 37.52
CA PHE B 466 4.21 -13.73 37.83
C PHE B 466 5.16 -13.63 36.65
N GLY B 467 4.61 -13.45 35.45
CA GLY B 467 5.39 -13.55 34.23
C GLY B 467 6.46 -12.52 34.02
N ALA B 468 6.12 -11.23 34.14
CA ALA B 468 7.12 -10.19 33.96
C ALA B 468 8.09 -10.15 35.13
N VAL B 469 7.59 -10.44 36.35
CA VAL B 469 8.41 -10.37 37.55
C VAL B 469 9.46 -11.47 37.53
N SER B 470 9.07 -12.66 37.07
CA SER B 470 10.02 -13.76 37.03
C SER B 470 10.93 -13.68 35.79
N PHE B 471 10.54 -12.88 34.81
CA PHE B 471 11.34 -12.81 33.59
C PHE B 471 12.58 -11.96 33.79
N TYR B 472 12.45 -10.81 34.47
CA TYR B 472 13.61 -9.98 34.72
C TYR B 472 14.55 -10.64 35.74
N ILE B 473 14.01 -11.50 36.60
CA ILE B 473 14.84 -12.36 37.43
C ILE B 473 15.63 -13.33 36.55
N ASN B 474 14.96 -13.89 35.54
CA ASN B 474 15.60 -14.90 34.69
C ASN B 474 16.65 -14.27 33.77
N VAL B 475 16.59 -12.96 33.58
CA VAL B 475 17.62 -12.29 32.78
C VAL B 475 18.84 -12.02 33.65
N VAL B 476 18.66 -11.31 34.78
CA VAL B 476 19.81 -10.80 35.51
C VAL B 476 20.46 -11.89 36.36
N SER B 477 19.74 -12.96 36.66
CA SER B 477 20.39 -14.09 37.33
C SER B 477 21.17 -14.92 36.33
N TYR B 478 20.85 -14.78 35.04
CA TYR B 478 21.64 -15.46 34.02
C TYR B 478 22.77 -14.57 33.52
N LEU B 479 22.53 -13.26 33.45
CA LEU B 479 23.55 -12.36 32.93
C LEU B 479 24.66 -12.13 33.95
N CYS B 480 24.32 -12.11 35.24
CA CYS B 480 25.36 -12.04 36.26
C CYS B 480 26.13 -13.35 36.35
N ALA B 481 25.45 -14.47 36.11
CA ALA B 481 26.12 -15.76 36.20
C ALA B 481 27.10 -15.97 35.04
N MET B 482 26.91 -15.24 33.95
CA MET B 482 27.89 -15.29 32.87
C MET B 482 29.11 -14.44 33.18
N VAL B 483 28.90 -13.29 33.84
CA VAL B 483 30.01 -12.43 34.25
C VAL B 483 30.85 -13.12 35.30
N ILE B 484 30.20 -13.88 36.19
CA ILE B 484 30.91 -14.74 37.13
C ILE B 484 31.68 -15.82 36.37
N PHE B 485 31.06 -16.38 35.34
CA PHE B 485 31.73 -17.40 34.55
C PHE B 485 32.79 -16.79 33.63
N THR B 486 32.66 -15.50 33.32
CA THR B 486 33.62 -14.82 32.48
C THR B 486 34.93 -14.60 33.23
N LEU B 487 34.83 -14.13 34.47
CA LEU B 487 36.02 -13.75 35.23
C LEU B 487 36.76 -14.98 35.76
N THR B 488 36.12 -16.14 35.74
CA THR B 488 36.82 -17.38 36.06
C THR B 488 37.64 -17.91 34.89
N ALA B 489 37.57 -17.25 33.74
CA ALA B 489 38.42 -17.59 32.60
C ALA B 489 39.56 -16.60 32.43
N TYR B 490 39.29 -15.32 32.69
CA TYR B 490 40.31 -14.30 32.52
C TYR B 490 41.36 -14.36 33.63
N TYR B 491 40.90 -14.41 34.88
CA TYR B 491 41.80 -14.47 36.03
C TYR B 491 42.05 -15.89 36.51
N GLN B 492 42.01 -16.89 35.62
CA GLN B 492 42.23 -18.26 36.08
C GLN B 492 43.72 -18.52 36.25
N PRO B 493 44.18 -18.89 37.44
CA PRO B 493 45.63 -18.97 37.69
C PRO B 493 46.24 -20.34 37.48
N LEU B 494 45.44 -21.35 37.12
CA LEU B 494 45.98 -22.70 37.01
C LEU B 494 46.84 -22.89 35.78
N GLU B 495 46.28 -22.59 34.60
CA GLU B 495 46.76 -23.03 33.28
C GLU B 495 47.18 -24.50 33.30
N GLY B 496 46.29 -25.37 33.81
CA GLY B 496 46.60 -26.77 34.03
C GLY B 496 47.25 -27.00 35.38
N THR B 497 47.14 -28.23 35.95
CA THR B 497 47.65 -28.72 37.25
C THR B 497 47.42 -27.70 38.37
N PRO B 498 46.21 -27.68 38.93
CA PRO B 498 45.70 -26.51 39.72
C PRO B 498 46.57 -26.17 40.92
N PRO B 499 46.64 -24.88 41.29
CA PRO B 499 47.55 -24.42 42.37
C PRO B 499 47.03 -24.79 43.75
N TYR B 500 47.41 -26.00 44.19
CA TYR B 500 47.09 -26.58 45.50
C TYR B 500 47.36 -25.66 46.70
N PRO B 501 48.42 -24.80 46.72
CA PRO B 501 48.41 -23.70 47.70
C PRO B 501 47.70 -22.45 47.18
N TYR B 502 46.36 -22.47 47.19
CA TYR B 502 45.58 -21.29 46.87
C TYR B 502 45.83 -20.20 47.89
N ARG B 503 45.37 -20.43 49.13
CA ARG B 503 45.79 -19.72 50.35
C ARG B 503 45.48 -18.23 50.36
N THR B 504 44.72 -17.74 49.38
CA THR B 504 44.38 -16.33 49.28
C THR B 504 42.86 -16.22 49.20
N THR B 505 42.27 -15.26 49.92
CA THR B 505 40.83 -15.04 49.80
C THR B 505 40.44 -14.52 48.41
N VAL B 506 41.35 -13.84 47.71
CA VAL B 506 41.11 -13.46 46.31
C VAL B 506 41.04 -14.72 45.44
N ASP B 507 41.92 -15.69 45.72
CA ASP B 507 41.80 -17.00 45.11
C ASP B 507 40.54 -17.73 45.59
N TYR B 508 40.05 -17.40 46.79
CA TYR B 508 38.85 -18.05 47.31
C TYR B 508 37.58 -17.39 46.79
N LEU B 509 37.63 -16.10 46.45
CA LEU B 509 36.56 -15.49 45.68
C LEU B 509 36.42 -16.14 44.31
N ARG B 510 37.55 -16.41 43.64
CA ARG B 510 37.49 -17.09 42.35
C ARG B 510 37.14 -18.56 42.51
N LEU B 511 37.50 -19.16 43.65
CA LEU B 511 37.18 -20.56 43.89
C LEU B 511 35.68 -20.76 44.05
N ALA B 512 35.00 -19.77 44.63
CA ALA B 512 33.55 -19.81 44.69
C ALA B 512 32.93 -19.54 43.33
N GLY B 513 33.70 -18.97 42.40
CA GLY B 513 33.26 -18.74 41.05
C GLY B 513 32.94 -20.00 40.27
N GLU B 514 33.76 -21.04 40.44
CA GLU B 514 33.48 -22.31 39.76
C GLU B 514 32.36 -23.05 40.47
N VAL B 515 32.16 -22.79 41.76
CA VAL B 515 31.07 -23.42 42.51
C VAL B 515 29.73 -22.93 42.00
N ILE B 516 29.64 -21.63 41.71
CA ILE B 516 28.47 -21.07 41.03
C ILE B 516 28.36 -21.64 39.63
N THR B 517 29.50 -21.79 38.94
CA THR B 517 29.52 -22.37 37.60
C THR B 517 29.08 -23.83 37.61
N LEU B 518 29.58 -24.61 38.58
CA LEU B 518 29.17 -26.00 38.71
C LEU B 518 27.71 -26.11 39.12
N PHE B 519 27.21 -25.12 39.85
CA PHE B 519 25.79 -25.10 40.19
C PHE B 519 24.94 -24.85 38.95
N THR B 520 25.36 -23.90 38.10
CA THR B 520 24.64 -23.65 36.85
C THR B 520 24.79 -24.80 35.88
N GLY B 521 25.94 -25.48 35.91
CA GLY B 521 26.17 -26.60 35.02
C GLY B 521 25.33 -27.82 35.38
N VAL B 522 25.04 -27.98 36.67
CA VAL B 522 24.27 -29.16 37.10
C VAL B 522 22.78 -28.86 37.07
N LEU B 523 22.42 -27.58 37.13
CA LEU B 523 21.00 -27.21 37.18
C LEU B 523 20.42 -27.08 35.78
N PHE B 524 21.22 -26.59 34.84
CA PHE B 524 20.83 -26.65 33.42
C PHE B 524 20.81 -28.09 32.94
N PHE B 525 21.60 -28.96 33.56
CA PHE B 525 21.56 -30.38 33.27
C PHE B 525 20.25 -30.99 33.78
N PHE B 526 19.90 -30.70 35.04
CA PHE B 526 18.75 -31.35 35.68
C PHE B 526 17.43 -30.86 35.11
N THR B 527 17.36 -29.61 34.64
CA THR B 527 16.18 -29.16 33.92
C THR B 527 16.01 -29.92 32.62
N ASN B 528 17.12 -30.24 31.97
CA ASN B 528 17.06 -30.96 30.70
C ASN B 528 16.86 -32.46 30.92
N ILE B 529 17.21 -32.96 32.11
CA ILE B 529 16.93 -34.36 32.44
C ILE B 529 15.43 -34.57 32.63
N LYS B 530 14.76 -33.64 33.34
CA LYS B 530 13.34 -33.86 33.62
C LYS B 530 12.47 -33.49 32.43
N ASP B 531 13.05 -33.01 31.34
CA ASP B 531 12.31 -32.87 30.09
C ASP B 531 12.18 -34.20 29.37
N LEU B 532 13.23 -35.02 29.40
CA LEU B 532 13.29 -36.18 28.52
C LEU B 532 12.65 -37.44 29.12
N PHE B 533 11.96 -37.33 30.25
CA PHE B 533 11.26 -38.50 30.79
C PHE B 533 9.96 -38.75 30.03
N GLY B 547 12.76 -29.83 19.10
CA GLY B 547 13.29 -29.15 20.28
C GLY B 547 14.60 -28.45 20.00
N SER B 548 14.52 -27.26 19.43
CA SER B 548 15.70 -26.48 19.05
C SER B 548 16.54 -26.04 20.24
N PHE B 549 15.98 -25.20 21.11
CA PHE B 549 16.80 -24.51 22.10
C PHE B 549 16.87 -25.27 23.42
N GLN B 550 16.10 -26.34 23.56
CA GLN B 550 16.22 -27.18 24.74
C GLN B 550 17.52 -27.97 24.71
N LEU B 551 18.07 -28.18 23.51
CA LEU B 551 19.31 -28.94 23.37
C LEU B 551 20.54 -28.03 23.50
N LEU B 552 20.41 -26.75 23.20
CA LEU B 552 21.56 -25.85 23.32
C LEU B 552 21.90 -25.57 24.78
N TYR B 553 20.90 -25.54 25.66
CA TYR B 553 21.21 -25.46 27.09
C TYR B 553 21.77 -26.79 27.58
N PHE B 554 21.43 -27.88 26.91
CA PHE B 554 22.02 -29.17 27.26
C PHE B 554 23.48 -29.25 26.86
N ILE B 555 23.86 -28.56 25.78
CA ILE B 555 25.27 -28.48 25.39
C ILE B 555 26.04 -27.67 26.42
N TYR B 556 25.46 -26.55 26.86
CA TYR B 556 26.12 -25.70 27.86
C TYR B 556 26.20 -26.39 29.21
N SER B 557 25.29 -27.34 29.47
CA SER B 557 25.30 -28.05 30.73
C SER B 557 26.40 -29.10 30.76
N VAL B 558 26.60 -29.80 29.65
CA VAL B 558 27.55 -30.92 29.60
C VAL B 558 28.98 -30.41 29.67
N LEU B 559 29.27 -29.32 28.93
CA LEU B 559 30.64 -28.84 28.79
C LEU B 559 31.17 -28.23 30.07
N VAL B 560 30.28 -27.84 30.98
CA VAL B 560 30.68 -27.44 32.33
C VAL B 560 31.09 -28.69 33.10
N ILE B 561 30.31 -29.77 32.94
CA ILE B 561 30.57 -31.01 33.67
C ILE B 561 31.81 -31.70 33.13
N VAL B 562 32.02 -31.61 31.81
CA VAL B 562 33.23 -32.17 31.19
C VAL B 562 34.46 -31.39 31.65
N SER B 563 34.32 -30.08 31.82
CA SER B 563 35.42 -29.27 32.33
C SER B 563 35.70 -29.58 33.80
N ALA B 564 34.64 -29.73 34.59
CA ALA B 564 34.78 -29.93 36.03
C ALA B 564 35.44 -31.25 36.37
N ALA B 565 35.30 -32.25 35.49
CA ALA B 565 36.04 -33.49 35.64
C ALA B 565 37.51 -33.30 35.31
N LEU B 566 37.80 -32.46 34.31
CA LEU B 566 39.19 -32.25 33.92
C LEU B 566 39.88 -31.27 34.85
N TYR B 567 39.11 -30.51 35.63
CA TYR B 567 39.68 -29.59 36.61
C TYR B 567 40.34 -30.35 37.74
N LEU B 568 39.63 -31.33 38.30
CA LEU B 568 40.12 -32.11 39.44
C LEU B 568 41.21 -33.09 39.01
N ALA B 569 41.21 -33.47 37.74
CA ALA B 569 42.21 -34.40 37.23
C ALA B 569 43.50 -33.68 36.87
N GLY B 570 43.45 -32.35 36.82
CA GLY B 570 44.63 -31.57 36.53
C GLY B 570 45.02 -31.57 35.06
N ILE B 571 44.11 -32.00 34.20
CA ILE B 571 44.34 -32.07 32.76
C ILE B 571 44.41 -30.65 32.20
N GLU B 572 45.45 -30.39 31.40
CA GLU B 572 45.70 -29.08 30.80
C GLU B 572 44.62 -28.64 29.81
N ALA B 573 43.77 -29.56 29.36
CA ALA B 573 42.70 -29.26 28.42
C ALA B 573 41.47 -28.66 29.08
N TYR B 574 41.55 -28.39 30.40
CA TYR B 574 40.48 -27.71 31.13
C TYR B 574 40.18 -26.34 30.57
N LEU B 575 41.24 -25.57 30.29
CA LEU B 575 41.08 -24.20 29.82
C LEU B 575 40.59 -24.16 28.37
N ALA B 576 40.79 -25.25 27.63
CA ALA B 576 40.32 -25.30 26.25
C ALA B 576 38.82 -25.52 26.17
N VAL B 577 38.30 -26.42 27.00
CA VAL B 577 36.88 -26.76 26.96
C VAL B 577 36.06 -25.65 27.59
N MET B 578 36.63 -24.96 28.57
CA MET B 578 35.90 -23.94 29.32
C MET B 578 35.60 -22.72 28.46
N VAL B 579 36.41 -22.48 27.43
CA VAL B 579 36.11 -21.39 26.51
C VAL B 579 34.98 -21.78 25.56
N PHE B 580 34.84 -23.08 25.27
CA PHE B 580 33.72 -23.54 24.45
C PHE B 580 32.38 -23.40 25.19
N ALA B 581 32.42 -23.38 26.53
CA ALA B 581 31.23 -23.02 27.27
C ALA B 581 31.00 -21.52 27.23
N LEU B 582 32.08 -20.74 27.19
CA LEU B 582 31.95 -19.29 27.32
C LEU B 582 31.53 -18.65 26.00
N VAL B 583 31.86 -19.28 24.88
CA VAL B 583 31.32 -18.83 23.59
C VAL B 583 29.84 -19.19 23.49
N LEU B 584 29.45 -20.32 24.09
CA LEU B 584 28.09 -20.81 23.90
C LEU B 584 27.14 -20.14 24.87
N GLY B 585 27.63 -19.78 26.06
CA GLY B 585 26.77 -19.19 27.06
C GLY B 585 26.32 -17.78 26.72
N TRP B 586 27.22 -16.99 26.11
CA TRP B 586 26.82 -15.67 25.65
C TRP B 586 25.99 -15.72 24.38
N MET B 587 25.95 -16.87 23.70
CA MET B 587 24.97 -17.04 22.63
C MET B 587 23.57 -17.26 23.19
N ASN B 588 23.48 -17.77 24.41
CA ASN B 588 22.17 -17.91 25.03
C ASN B 588 21.74 -16.65 25.76
N ALA B 589 22.66 -15.71 25.98
CA ALA B 589 22.29 -14.39 26.44
C ALA B 589 21.58 -13.67 25.30
N LEU B 590 22.00 -13.98 24.07
CA LEU B 590 21.33 -13.52 22.87
C LEU B 590 19.94 -14.15 22.76
N TYR B 591 19.75 -15.33 23.36
CA TYR B 591 18.43 -15.95 23.34
C TYR B 591 17.47 -15.26 24.29
N PHE B 592 17.96 -14.72 25.41
CA PHE B 592 17.09 -13.98 26.33
C PHE B 592 16.78 -12.60 25.79
N THR B 593 15.98 -12.55 24.73
CA THR B 593 15.46 -11.30 24.16
C THR B 593 13.96 -11.41 23.94
N ARG B 594 13.33 -12.47 24.45
CA ARG B 594 11.93 -12.77 24.21
C ARG B 594 11.02 -11.84 25.02
N GLY B 595 10.72 -10.67 24.47
CA GLY B 595 9.94 -9.67 25.18
C GLY B 595 10.45 -8.27 24.91
N LEU B 596 11.75 -8.15 24.66
CA LEU B 596 12.28 -6.93 24.08
C LEU B 596 11.99 -6.98 22.58
N LYS B 597 11.04 -6.14 22.14
CA LYS B 597 10.38 -6.19 20.83
C LYS B 597 11.37 -6.14 19.67
N LEU B 598 12.30 -5.20 19.73
CA LEU B 598 13.27 -4.96 18.65
C LEU B 598 14.24 -6.11 18.49
N THR B 599 14.82 -6.56 19.60
CA THR B 599 15.84 -7.61 19.58
C THR B 599 15.22 -8.96 19.24
N GLY B 600 13.98 -9.18 19.70
CA GLY B 600 13.30 -10.42 19.37
C GLY B 600 12.81 -10.45 17.94
N THR B 601 12.73 -9.28 17.29
CA THR B 601 12.30 -9.20 15.91
C THR B 601 13.39 -9.70 14.98
N TYR B 602 14.65 -9.31 15.23
CA TYR B 602 15.70 -9.69 14.29
C TYR B 602 16.25 -11.09 14.57
N SER B 603 15.74 -11.78 15.58
CA SER B 603 16.26 -13.11 15.92
C SER B 603 15.90 -14.14 14.86
N ILE B 604 14.64 -14.17 14.44
CA ILE B 604 14.21 -15.15 13.44
C ILE B 604 14.02 -14.45 12.09
N MET B 605 14.55 -13.24 11.93
CA MET B 605 14.73 -12.71 10.58
C MET B 605 15.71 -13.60 9.83
N ILE B 606 16.93 -13.65 10.35
CA ILE B 606 18.11 -14.20 9.67
C ILE B 606 18.06 -15.71 9.51
N GLN B 607 17.10 -16.37 10.14
CA GLN B 607 16.94 -17.81 10.01
C GLN B 607 16.54 -18.18 8.58
N LYS B 608 15.47 -17.57 8.08
CA LYS B 608 14.96 -17.93 6.76
C LYS B 608 15.45 -16.96 5.69
N ILE B 609 15.86 -15.75 6.09
CA ILE B 609 16.14 -14.69 5.13
C ILE B 609 17.61 -14.74 4.73
N LEU B 610 18.42 -15.48 5.50
CA LEU B 610 19.86 -15.43 5.25
C LEU B 610 20.43 -16.82 4.99
N PHE B 611 19.73 -17.87 5.41
CA PHE B 611 20.07 -19.19 4.91
C PHE B 611 19.66 -19.35 3.45
N LYS B 612 18.74 -18.51 2.96
CA LYS B 612 18.25 -18.56 1.59
C LYS B 612 19.00 -17.59 0.70
N ASP B 613 18.99 -16.29 1.03
CA ASP B 613 19.47 -15.27 0.11
C ASP B 613 20.98 -15.32 -0.08
N LEU B 614 21.71 -15.61 1.00
CA LEU B 614 23.17 -15.74 0.91
C LEU B 614 23.49 -17.01 0.14
N PHE B 615 22.68 -18.05 0.32
CA PHE B 615 22.80 -19.23 -0.54
C PHE B 615 22.39 -18.91 -1.96
N ARG B 616 21.36 -18.08 -2.15
CA ARG B 616 20.95 -17.67 -3.48
C ARG B 616 21.99 -16.76 -4.11
N PHE B 617 22.68 -15.97 -3.29
CA PHE B 617 23.83 -15.22 -3.77
C PHE B 617 25.02 -16.14 -4.04
N LEU B 618 25.05 -17.30 -3.40
CA LEU B 618 26.19 -18.22 -3.51
C LEU B 618 26.17 -18.96 -4.84
N LEU B 619 24.99 -19.16 -5.43
CA LEU B 619 24.92 -19.81 -6.74
C LEU B 619 25.51 -18.93 -7.84
N VAL B 620 25.06 -17.68 -7.90
CA VAL B 620 25.37 -16.83 -9.05
C VAL B 620 26.83 -16.38 -9.00
N TYR B 621 27.42 -16.37 -7.80
CA TYR B 621 28.83 -16.01 -7.70
C TYR B 621 29.70 -17.21 -8.06
N LEU B 622 29.28 -18.41 -7.69
CA LEU B 622 30.03 -19.62 -7.99
C LEU B 622 29.89 -20.01 -9.46
N LEU B 623 28.78 -19.63 -10.08
CA LEU B 623 28.61 -19.83 -11.52
C LEU B 623 29.54 -18.91 -12.28
N PHE B 624 29.70 -17.68 -11.80
CA PHE B 624 30.53 -16.71 -12.51
C PHE B 624 32.02 -16.97 -12.30
N MET B 625 32.46 -17.01 -11.03
CA MET B 625 33.86 -17.02 -10.65
C MET B 625 34.64 -18.21 -11.21
N ILE B 626 34.03 -19.39 -11.24
CA ILE B 626 34.68 -20.58 -11.79
C ILE B 626 34.85 -20.40 -13.29
N GLY B 627 33.89 -19.73 -13.92
CA GLY B 627 34.02 -19.42 -15.32
C GLY B 627 35.13 -18.43 -15.62
N TYR B 628 35.09 -17.26 -14.99
CA TYR B 628 36.04 -16.18 -15.25
C TYR B 628 37.46 -16.53 -14.87
N ALA B 629 37.69 -17.06 -13.67
CA ALA B 629 39.04 -17.30 -13.17
C ALA B 629 39.75 -18.38 -13.97
N SER B 630 39.05 -19.45 -14.30
CA SER B 630 39.64 -20.51 -15.11
C SER B 630 39.83 -20.07 -16.56
N ALA B 631 39.08 -19.06 -16.99
CA ALA B 631 39.33 -18.45 -18.29
C ALA B 631 40.59 -17.60 -18.21
N LEU B 632 40.76 -16.89 -17.10
CA LEU B 632 41.82 -15.90 -17.03
C LEU B 632 43.15 -16.51 -16.57
N VAL B 633 43.12 -17.67 -15.91
CA VAL B 633 44.37 -18.36 -15.63
C VAL B 633 44.79 -19.19 -16.83
N SER B 634 43.83 -19.48 -17.74
CA SER B 634 44.18 -20.09 -19.00
C SER B 634 44.72 -19.05 -19.97
N LEU B 635 44.44 -17.78 -19.69
CA LEU B 635 44.96 -16.67 -20.46
C LEU B 635 46.43 -16.48 -20.14
N LEU B 636 46.85 -16.93 -18.95
CA LEU B 636 48.24 -16.77 -18.51
C LEU B 636 49.17 -17.70 -19.27
N ASN B 637 50.48 -17.53 -19.09
CA ASN B 637 51.46 -18.31 -19.82
C ASN B 637 51.98 -19.48 -19.00
N PRO B 638 52.28 -20.61 -19.64
CA PRO B 638 52.93 -21.72 -18.92
C PRO B 638 54.39 -21.40 -18.67
N CYS B 639 54.96 -22.14 -17.71
CA CYS B 639 56.36 -21.96 -17.31
C CYS B 639 57.26 -22.52 -18.40
N ALA B 640 57.68 -21.64 -19.30
CA ALA B 640 58.62 -21.97 -20.37
C ALA B 640 59.75 -20.96 -20.42
N ASN B 641 59.82 -20.09 -19.41
CA ASN B 641 60.81 -19.02 -19.23
C ASN B 641 60.87 -18.08 -20.44
N VAL B 654 61.85 -18.71 -12.41
CA VAL B 654 60.74 -19.17 -13.25
C VAL B 654 59.51 -19.66 -12.44
N PRO B 655 59.66 -20.49 -11.34
CA PRO B 655 58.47 -20.80 -10.55
C PRO B 655 58.01 -19.62 -9.69
N THR B 656 57.47 -18.58 -10.33
CA THR B 656 56.94 -17.42 -9.61
C THR B 656 55.52 -17.19 -10.14
N TYR B 657 54.56 -17.04 -9.23
CA TYR B 657 53.19 -16.73 -9.62
C TYR B 657 52.98 -15.38 -10.31
N PRO B 658 53.62 -14.22 -9.88
CA PRO B 658 53.44 -12.98 -10.67
C PRO B 658 54.00 -12.99 -12.09
N SER B 659 54.70 -14.06 -12.48
CA SER B 659 55.11 -14.23 -13.87
C SER B 659 54.40 -15.41 -14.50
N CYS B 660 54.49 -16.59 -13.88
CA CYS B 660 54.01 -17.82 -14.48
C CYS B 660 52.87 -18.44 -13.68
N ARG B 661 52.37 -19.57 -14.17
CA ARG B 661 51.34 -20.34 -13.47
C ARG B 661 52.02 -21.46 -12.68
N ASP B 662 51.59 -21.65 -11.45
CA ASP B 662 52.15 -22.66 -10.56
C ASP B 662 51.03 -23.61 -10.11
N SER B 663 51.32 -24.45 -9.13
CA SER B 663 50.31 -25.32 -8.54
C SER B 663 49.33 -24.54 -7.68
N GLU B 664 49.75 -23.36 -7.20
CA GLU B 664 48.92 -22.57 -6.29
C GLU B 664 48.21 -21.48 -7.10
N THR B 665 48.20 -21.62 -8.42
CA THR B 665 47.51 -20.68 -9.28
C THR B 665 45.99 -20.82 -9.12
N PHE B 666 45.55 -22.03 -8.79
CA PHE B 666 44.16 -22.30 -8.43
C PHE B 666 43.74 -21.50 -7.21
N SER B 667 44.68 -21.31 -6.28
CA SER B 667 44.39 -20.60 -5.04
C SER B 667 44.58 -19.09 -5.20
N THR B 668 45.80 -18.68 -5.59
CA THR B 668 46.22 -17.30 -5.41
C THR B 668 45.56 -16.36 -6.40
N PHE B 669 44.96 -16.89 -7.47
CA PHE B 669 44.24 -16.03 -8.38
C PHE B 669 42.91 -15.62 -7.78
N LEU B 670 42.18 -16.60 -7.26
CA LEU B 670 40.84 -16.34 -6.72
C LEU B 670 40.92 -15.57 -5.41
N LEU B 671 42.03 -15.67 -4.68
CA LEU B 671 42.30 -14.75 -3.58
C LEU B 671 42.47 -13.34 -4.12
N ASP B 672 43.30 -13.18 -5.15
CA ASP B 672 43.55 -11.87 -5.72
C ASP B 672 42.38 -11.38 -6.57
N LEU B 673 41.42 -12.25 -6.87
CA LEU B 673 40.33 -11.89 -7.77
C LEU B 673 39.35 -10.92 -7.10
N PHE B 674 38.75 -11.33 -5.98
CA PHE B 674 37.76 -10.45 -5.36
C PHE B 674 38.40 -9.36 -4.53
N LYS B 675 39.67 -9.53 -4.16
CA LYS B 675 40.41 -8.45 -3.48
C LYS B 675 40.57 -7.24 -4.37
N LEU B 676 40.83 -7.48 -5.65
CA LEU B 676 41.02 -6.39 -6.63
C LEU B 676 39.71 -5.63 -6.86
N THR B 677 38.57 -6.30 -6.61
CA THR B 677 37.29 -5.66 -6.82
C THR B 677 36.95 -4.68 -5.70
N ILE B 678 37.01 -5.15 -4.45
CA ILE B 678 36.44 -4.40 -3.33
C ILE B 678 37.32 -3.23 -2.89
N GLY B 679 38.60 -3.48 -2.62
CA GLY B 679 39.42 -2.44 -2.02
C GLY B 679 40.80 -2.26 -2.64
N MET B 680 41.19 -3.18 -3.51
CA MET B 680 42.51 -3.14 -4.13
C MET B 680 42.39 -2.62 -5.55
N GLY B 681 41.59 -1.56 -5.73
CA GLY B 681 41.38 -0.91 -7.02
C GLY B 681 42.65 -0.36 -7.67
N ASP B 682 43.73 -0.18 -6.92
CA ASP B 682 45.04 0.11 -7.50
C ASP B 682 45.53 -1.06 -8.36
N LEU B 683 46.60 -0.80 -9.11
CA LEU B 683 47.00 -1.49 -10.35
C LEU B 683 46.87 -3.01 -10.34
N GLU B 684 47.71 -3.69 -9.52
CA GLU B 684 47.75 -5.13 -9.29
C GLU B 684 47.60 -5.93 -10.59
N MET B 685 48.54 -5.76 -11.50
CA MET B 685 48.38 -6.21 -12.87
C MET B 685 49.38 -7.32 -13.18
N LEU B 686 48.90 -8.34 -13.88
CA LEU B 686 49.73 -9.49 -14.26
C LEU B 686 50.26 -9.16 -15.65
N SER B 687 51.55 -8.85 -15.74
CA SER B 687 52.15 -8.42 -16.99
C SER B 687 52.31 -9.56 -17.98
N SER B 688 52.92 -10.67 -17.54
CA SER B 688 53.23 -11.75 -18.46
C SER B 688 51.99 -12.55 -18.81
N THR B 689 51.23 -12.07 -19.80
CA THR B 689 50.04 -12.78 -20.29
C THR B 689 50.21 -12.98 -21.78
N LYS B 690 49.37 -13.84 -22.35
CA LYS B 690 49.39 -14.07 -23.80
C LYS B 690 48.83 -12.86 -24.54
N TYR B 691 47.64 -12.40 -24.16
CA TYR B 691 46.96 -11.29 -24.81
C TYR B 691 46.47 -10.34 -23.74
N PRO B 692 47.22 -9.25 -23.49
CA PRO B 692 46.78 -8.29 -22.46
C PRO B 692 45.55 -7.48 -22.87
N VAL B 693 45.22 -7.47 -24.17
CA VAL B 693 44.09 -6.67 -24.63
C VAL B 693 42.77 -7.36 -24.33
N VAL B 694 42.81 -8.67 -24.10
CA VAL B 694 41.58 -9.39 -23.80
C VAL B 694 41.47 -9.66 -22.31
N PHE B 695 42.59 -9.58 -21.60
CA PHE B 695 42.56 -9.75 -20.15
C PHE B 695 41.89 -8.56 -19.48
N ILE B 696 42.17 -7.36 -19.96
CA ILE B 696 41.63 -6.16 -19.34
C ILE B 696 40.14 -6.01 -19.66
N ILE B 697 39.70 -6.54 -20.80
CA ILE B 697 38.28 -6.47 -21.15
C ILE B 697 37.48 -7.46 -20.29
N LEU B 698 38.02 -8.66 -20.11
CA LEU B 698 37.35 -9.66 -19.27
C LEU B 698 37.38 -9.26 -17.80
N LEU B 699 38.39 -8.48 -17.41
CA LEU B 699 38.43 -7.94 -16.05
C LEU B 699 37.35 -6.88 -15.86
N VAL B 700 37.11 -6.07 -16.90
CA VAL B 700 36.09 -5.03 -16.82
C VAL B 700 34.70 -5.65 -16.75
N THR B 701 34.47 -6.70 -17.52
CA THR B 701 33.21 -7.43 -17.43
C THR B 701 33.06 -8.10 -16.07
N TYR B 702 34.17 -8.58 -15.50
CA TYR B 702 34.09 -9.22 -14.19
C TYR B 702 33.80 -8.20 -13.10
N ILE B 703 34.07 -6.92 -13.33
CA ILE B 703 33.69 -5.91 -12.36
C ILE B 703 32.19 -5.71 -12.41
N ILE B 704 31.62 -5.56 -13.60
CA ILE B 704 30.24 -5.10 -13.71
C ILE B 704 29.25 -6.23 -13.94
N LEU B 705 29.61 -7.26 -14.72
CA LEU B 705 28.66 -8.34 -14.96
C LEU B 705 28.55 -9.29 -13.77
N THR B 706 29.38 -9.09 -12.76
CA THR B 706 29.42 -9.78 -11.47
C THR B 706 29.30 -8.71 -10.39
N PHE B 707 29.92 -8.96 -9.23
CA PHE B 707 29.70 -8.44 -7.88
C PHE B 707 29.05 -7.06 -7.76
N VAL B 708 29.41 -6.11 -8.60
CA VAL B 708 28.75 -4.79 -8.62
C VAL B 708 27.26 -4.94 -8.95
N LEU B 709 26.94 -5.69 -10.00
CA LEU B 709 25.54 -5.99 -10.29
C LEU B 709 24.94 -6.95 -9.27
N LEU B 710 25.78 -7.84 -8.73
CA LEU B 710 25.26 -8.82 -7.78
C LEU B 710 25.07 -8.19 -6.40
N LEU B 711 25.72 -7.05 -6.13
CA LEU B 711 25.37 -6.28 -4.95
C LEU B 711 24.01 -5.63 -5.10
N ASN B 712 23.73 -5.07 -6.29
CA ASN B 712 22.47 -4.39 -6.52
C ASN B 712 21.29 -5.36 -6.57
N MET B 713 21.56 -6.64 -6.81
CA MET B 713 20.54 -7.66 -6.60
C MET B 713 20.20 -7.78 -5.13
N LEU B 714 21.23 -7.95 -4.29
CA LEU B 714 21.02 -8.24 -2.87
C LEU B 714 20.42 -7.05 -2.14
N ILE B 715 20.70 -5.83 -2.60
CA ILE B 715 20.01 -4.65 -2.07
C ILE B 715 18.54 -4.70 -2.42
N ALA B 716 18.23 -5.13 -3.65
CA ALA B 716 16.83 -5.30 -4.03
C ALA B 716 16.22 -6.52 -3.38
N LEU B 717 17.03 -7.51 -2.99
CA LEU B 717 16.52 -8.64 -2.24
C LEU B 717 16.15 -8.23 -0.83
N MET B 718 17.10 -7.61 -0.12
CA MET B 718 16.86 -7.16 1.24
C MET B 718 15.90 -5.98 1.27
N GLY B 719 15.78 -5.26 0.16
CA GLY B 719 14.79 -4.21 0.03
C GLY B 719 13.37 -4.74 -0.01
N GLU B 720 13.18 -5.92 -0.60
CA GLU B 720 11.83 -6.46 -0.75
C GLU B 720 11.50 -7.49 0.33
N THR B 721 12.51 -8.22 0.82
CA THR B 721 12.23 -9.24 1.82
C THR B 721 12.21 -8.66 3.24
N VAL B 722 12.43 -7.35 3.36
CA VAL B 722 12.19 -6.70 4.64
C VAL B 722 10.72 -6.29 4.75
N GLY B 723 10.03 -6.23 3.61
CA GLY B 723 8.62 -5.94 3.61
C GLY B 723 7.81 -7.16 3.99
N GLN B 724 8.43 -8.33 3.92
CA GLN B 724 7.76 -9.56 4.35
C GLN B 724 7.84 -9.71 5.86
N VAL B 725 8.95 -9.31 6.46
CA VAL B 725 9.10 -9.45 7.91
C VAL B 725 8.39 -8.31 8.62
N SER B 726 8.15 -7.21 7.90
CA SER B 726 7.40 -6.10 8.47
C SER B 726 5.92 -6.45 8.51
N LYS B 727 5.50 -7.32 7.59
CA LYS B 727 4.12 -7.81 7.61
C LYS B 727 3.89 -8.74 8.81
N GLU B 728 4.92 -9.48 9.21
CA GLU B 728 4.83 -10.38 10.34
C GLU B 728 5.35 -9.76 11.63
N SER B 729 5.36 -8.42 11.72
CA SER B 729 5.95 -7.73 12.85
C SER B 729 5.20 -7.97 14.16
N LYS B 730 3.88 -7.81 14.13
CA LYS B 730 3.09 -8.06 15.32
C LYS B 730 2.93 -9.55 15.58
N HIS B 731 2.99 -10.36 14.52
CA HIS B 731 2.57 -11.75 14.64
C HIS B 731 3.70 -12.66 15.11
N ILE B 732 4.94 -12.14 15.15
CA ILE B 732 6.02 -12.95 15.70
C ILE B 732 6.29 -12.55 17.15
N TRP B 733 5.93 -11.31 17.51
CA TRP B 733 6.16 -10.87 18.89
C TRP B 733 5.18 -11.52 19.84
N LYS B 734 3.95 -11.75 19.38
CA LYS B 734 2.94 -12.38 20.22
C LYS B 734 3.31 -13.83 20.52
N LEU B 735 4.01 -14.48 19.61
CA LEU B 735 4.38 -15.88 19.84
C LEU B 735 5.65 -15.98 20.66
N GLN B 736 6.54 -14.99 20.57
CA GLN B 736 7.70 -14.94 21.45
C GLN B 736 7.26 -14.69 22.88
N TRP B 737 6.32 -13.75 23.05
CA TRP B 737 5.81 -13.39 24.35
C TRP B 737 4.99 -14.52 24.96
N ALA B 738 4.41 -15.37 24.11
CA ALA B 738 3.66 -16.52 24.60
C ALA B 738 4.59 -17.65 25.04
N THR B 739 5.68 -17.86 24.28
CA THR B 739 6.66 -18.87 24.67
C THR B 739 7.45 -18.42 25.90
N THR B 740 7.48 -17.11 26.15
CA THR B 740 8.14 -16.59 27.34
C THR B 740 7.39 -17.02 28.60
N ILE B 741 6.07 -16.90 28.57
CA ILE B 741 5.26 -17.08 29.77
C ILE B 741 5.14 -18.57 30.09
N LEU B 742 4.92 -19.39 29.07
CA LEU B 742 4.70 -20.81 29.30
C LEU B 742 5.99 -21.52 29.71
N ASP B 743 7.16 -21.01 29.30
CA ASP B 743 8.41 -21.60 29.75
C ASP B 743 8.65 -21.28 31.22
N ILE B 744 8.25 -20.08 31.66
CA ILE B 744 8.33 -19.75 33.09
C ILE B 744 7.32 -20.57 33.87
N GLU B 745 6.13 -20.74 33.31
CA GLU B 745 5.05 -21.39 34.03
C GLU B 745 5.26 -22.90 34.14
N ARG B 746 5.76 -23.55 33.09
CA ARG B 746 5.98 -24.98 33.13
C ARG B 746 7.28 -25.37 33.83
N SER B 747 8.03 -24.40 34.36
CA SER B 747 9.23 -24.72 35.12
C SER B 747 8.95 -24.72 36.61
N PHE B 748 7.88 -24.05 37.03
CA PHE B 748 7.48 -23.97 38.44
C PHE B 748 7.01 -25.32 38.96
N PRO B 749 7.06 -25.57 40.26
CA PRO B 749 6.37 -26.74 40.82
C PRO B 749 4.87 -26.54 40.82
N VAL B 750 4.15 -27.65 41.03
CA VAL B 750 2.71 -27.68 40.78
C VAL B 750 1.96 -26.92 41.85
N PHE B 751 2.42 -26.96 43.11
CA PHE B 751 1.76 -26.22 44.16
C PHE B 751 1.98 -24.72 44.01
N LEU B 752 3.11 -24.33 43.40
CA LEU B 752 3.34 -22.93 43.09
C LEU B 752 2.44 -22.47 41.95
N ARG B 753 2.20 -23.35 40.98
CA ARG B 753 1.31 -22.99 39.87
C ARG B 753 -0.13 -22.93 40.33
N LYS B 754 -0.52 -23.80 41.27
CA LYS B 754 -1.86 -23.76 41.83
C LYS B 754 -2.03 -22.56 42.74
N ALA B 755 -0.93 -22.01 43.23
CA ALA B 755 -0.97 -20.75 43.96
C ALA B 755 -1.25 -19.61 42.98
N PHE B 756 -0.85 -19.79 41.73
CA PHE B 756 -1.01 -18.76 40.70
C PHE B 756 -2.07 -19.13 39.67
N ARG B 757 -3.17 -19.75 40.09
CA ARG B 757 -4.24 -20.05 39.15
C ARG B 757 -4.92 -18.77 38.69
N SER B 758 -4.69 -18.41 37.43
CA SER B 758 -5.26 -17.20 36.88
C SER B 758 -6.76 -17.32 36.77
N GLY B 759 -7.46 -16.28 37.24
CA GLY B 759 -8.91 -16.32 37.35
C GLY B 759 -9.34 -16.61 38.77
N GLU B 760 -10.56 -17.13 38.90
CA GLU B 760 -11.14 -17.32 40.22
C GLU B 760 -12.14 -18.45 40.26
N MET B 761 -12.23 -19.13 41.40
CA MET B 761 -13.07 -20.30 41.59
C MET B 761 -14.53 -19.90 41.72
N VAL B 762 -15.27 -19.99 40.63
CA VAL B 762 -16.63 -19.46 40.58
C VAL B 762 -17.65 -20.60 40.69
N THR B 763 -18.61 -20.43 41.61
CA THR B 763 -19.80 -21.26 41.68
C THR B 763 -20.82 -20.66 40.72
N VAL B 764 -21.21 -21.44 39.70
CA VAL B 764 -22.04 -20.90 38.64
C VAL B 764 -23.27 -21.75 38.34
N GLY B 765 -23.27 -23.03 38.72
CA GLY B 765 -24.43 -23.86 38.46
C GLY B 765 -24.54 -25.02 39.43
N LYS B 766 -25.75 -25.56 39.60
CA LYS B 766 -26.02 -26.54 40.66
C LYS B 766 -26.78 -27.76 40.15
N SER B 767 -26.49 -28.21 38.92
CA SER B 767 -27.21 -29.31 38.25
C SER B 767 -27.07 -30.64 38.99
N SER B 768 -27.91 -31.61 38.61
CA SER B 768 -28.29 -32.82 39.35
C SER B 768 -27.14 -33.59 39.99
N ASP B 769 -27.41 -34.23 41.13
CA ASP B 769 -26.43 -34.49 42.19
C ASP B 769 -25.79 -33.15 42.51
N GLY B 770 -26.59 -32.26 43.12
CA GLY B 770 -26.48 -30.81 43.11
C GLY B 770 -25.10 -30.15 43.09
N THR B 771 -24.31 -30.37 44.18
CA THR B 771 -22.85 -30.30 44.34
C THR B 771 -22.22 -29.24 43.44
N PRO B 772 -22.43 -27.95 43.74
CA PRO B 772 -22.32 -26.89 42.71
C PRO B 772 -20.97 -26.73 42.04
N ASP B 773 -20.97 -26.04 40.91
CA ASP B 773 -19.88 -26.09 39.94
C ASP B 773 -18.60 -25.46 40.48
N ARG B 774 -17.61 -26.30 40.72
CA ARG B 774 -16.29 -25.91 41.16
C ARG B 774 -15.49 -25.62 39.89
N ARG B 775 -15.76 -24.47 39.27
CA ARG B 775 -15.29 -24.21 37.91
C ARG B 775 -14.45 -22.93 37.88
N TRP B 776 -13.17 -23.09 37.62
CA TRP B 776 -12.20 -22.01 37.65
C TRP B 776 -12.37 -21.09 36.46
N CYS B 777 -13.07 -19.97 36.63
CA CYS B 777 -13.44 -19.11 35.52
C CYS B 777 -12.56 -17.85 35.48
N PHE B 778 -12.89 -16.94 34.57
CA PHE B 778 -12.08 -15.76 34.29
C PHE B 778 -12.98 -14.61 33.86
N ARG B 779 -12.71 -13.42 34.37
CA ARG B 779 -13.56 -12.28 34.09
C ARG B 779 -13.03 -11.45 32.93
N VAL B 780 -13.93 -11.10 32.01
CA VAL B 780 -13.64 -10.20 30.91
C VAL B 780 -14.74 -9.16 30.83
N ASP B 781 -14.43 -7.91 31.15
CA ASP B 781 -15.45 -6.87 31.17
C ASP B 781 -15.55 -6.19 29.81
N GLU B 782 -16.75 -5.76 29.46
CA GLU B 782 -17.03 -5.20 28.15
C GLU B 782 -17.86 -3.94 28.29
N VAL B 783 -17.47 -2.91 27.56
CA VAL B 783 -18.16 -1.63 27.61
C VAL B 783 -18.90 -1.41 26.30
N ASN B 784 -20.23 -1.42 26.36
CA ASN B 784 -21.05 -1.35 25.16
C ASN B 784 -22.19 -0.38 25.38
N TRP B 785 -22.36 0.55 24.44
CA TRP B 785 -23.50 1.47 24.49
C TRP B 785 -24.57 1.10 23.48
N SER B 786 -24.25 0.26 22.50
CA SER B 786 -25.24 -0.13 21.50
C SER B 786 -26.29 -1.06 22.09
N HIS B 787 -25.83 -2.09 22.82
CA HIS B 787 -26.70 -3.07 23.48
C HIS B 787 -27.56 -2.39 24.55
N TRP B 788 -27.00 -1.35 25.17
CA TRP B 788 -27.65 -0.62 26.25
C TRP B 788 -28.87 0.15 25.79
N ASN B 789 -28.89 0.57 24.52
CA ASN B 789 -29.89 1.55 24.09
C ASN B 789 -31.26 0.94 23.83
N GLN B 790 -31.34 -0.18 23.10
CA GLN B 790 -32.65 -0.68 22.70
C GLN B 790 -33.37 -1.41 23.84
N ASN B 791 -32.64 -1.79 24.88
CA ASN B 791 -33.26 -2.49 26.00
C ASN B 791 -34.06 -1.54 26.88
N VAL C 148 -42.31 -15.62 62.76
CA VAL C 148 -42.94 -16.17 61.56
C VAL C 148 -41.97 -16.12 60.38
N PHE C 149 -41.45 -14.93 60.11
CA PHE C 149 -40.51 -14.69 59.01
C PHE C 149 -39.13 -14.39 59.62
N ASN C 150 -38.18 -15.29 59.41
CA ASN C 150 -36.82 -15.06 59.84
C ASN C 150 -36.11 -14.15 58.84
N ARG C 151 -34.87 -13.77 59.13
CA ARG C 151 -34.17 -12.81 58.27
C ARG C 151 -33.84 -13.37 56.89
N PRO C 152 -33.23 -14.56 56.72
CA PRO C 152 -32.97 -15.01 55.33
C PRO C 152 -34.21 -15.48 54.60
N ILE C 153 -35.34 -15.65 55.30
CA ILE C 153 -36.53 -16.22 54.68
C ILE C 153 -37.17 -15.23 53.72
N LEU C 154 -37.39 -14.00 54.18
CA LEU C 154 -38.22 -13.09 53.42
C LEU C 154 -37.47 -12.44 52.27
N PHE C 155 -36.14 -12.57 52.24
CA PHE C 155 -35.39 -12.16 51.04
C PHE C 155 -35.84 -12.97 49.83
N ASP C 156 -36.01 -14.28 50.02
CA ASP C 156 -36.47 -15.14 48.93
C ASP C 156 -37.91 -14.85 48.55
N ILE C 157 -38.70 -14.36 49.51
CA ILE C 157 -40.09 -13.98 49.25
C ILE C 157 -40.09 -12.72 48.40
N VAL C 158 -39.20 -11.79 48.72
CA VAL C 158 -39.05 -10.55 47.93
C VAL C 158 -38.47 -10.87 46.55
N SER C 159 -37.40 -11.66 46.52
CA SER C 159 -36.64 -11.93 45.30
C SER C 159 -37.43 -12.74 44.27
N ARG C 160 -38.44 -13.47 44.72
CA ARG C 160 -39.24 -14.29 43.80
C ARG C 160 -40.20 -13.40 43.02
N GLY C 161 -40.63 -12.28 43.61
CA GLY C 161 -41.58 -11.41 42.97
C GLY C 161 -42.97 -12.01 42.94
N SER C 162 -43.38 -12.57 44.09
CA SER C 162 -44.55 -13.41 44.20
C SER C 162 -45.37 -13.01 45.41
N THR C 163 -45.75 -11.74 45.49
CA THR C 163 -46.27 -11.10 46.70
C THR C 163 -47.57 -11.68 47.26
N ALA C 164 -48.00 -11.12 48.40
CA ALA C 164 -49.07 -11.57 49.29
C ALA C 164 -48.75 -12.94 49.87
N ASP C 165 -47.46 -13.26 49.98
CA ASP C 165 -47.02 -14.38 50.81
C ASP C 165 -46.91 -13.89 52.25
N LEU C 166 -46.76 -12.57 52.40
CA LEU C 166 -46.62 -11.92 53.70
C LEU C 166 -47.86 -12.06 54.58
N ASP C 167 -49.04 -12.01 53.97
CA ASP C 167 -50.35 -12.25 54.61
C ASP C 167 -50.61 -11.33 55.79
N GLY C 168 -50.64 -10.02 55.56
CA GLY C 168 -50.73 -9.09 56.68
C GLY C 168 -49.41 -9.06 57.44
N LEU C 169 -48.39 -8.48 56.81
CA LEU C 169 -47.04 -8.50 57.34
C LEU C 169 -46.89 -7.65 58.60
N LEU C 170 -47.66 -6.57 58.70
CA LEU C 170 -47.43 -5.54 59.71
C LEU C 170 -47.53 -5.98 61.18
N PRO C 171 -48.58 -6.78 61.67
CA PRO C 171 -48.72 -6.98 63.13
C PRO C 171 -47.58 -7.66 63.86
N PHE C 172 -46.90 -8.65 63.26
CA PHE C 172 -45.82 -9.29 63.99
C PHE C 172 -44.52 -8.50 63.87
N LEU C 173 -44.40 -7.64 62.86
CA LEU C 173 -43.38 -6.60 62.87
C LEU C 173 -43.72 -5.57 63.94
N LEU C 174 -45.02 -5.34 64.15
CA LEU C 174 -45.46 -4.35 65.13
C LEU C 174 -45.42 -4.94 66.54
N THR C 175 -45.41 -6.26 66.66
CA THR C 175 -45.43 -6.95 67.95
C THR C 175 -44.16 -6.69 68.75
N HIS C 176 -43.01 -7.01 68.18
CA HIS C 176 -41.72 -6.71 68.79
C HIS C 176 -41.18 -5.34 68.37
N LYS C 177 -42.08 -4.45 67.89
CA LYS C 177 -41.83 -3.17 67.24
C LYS C 177 -40.62 -3.18 66.31
N LYS C 178 -40.53 -4.23 65.49
CA LYS C 178 -39.41 -4.43 64.57
C LYS C 178 -39.59 -3.52 63.36
N ARG C 179 -38.69 -2.56 63.19
CA ARG C 179 -38.70 -1.66 62.06
C ARG C 179 -37.76 -2.24 60.99
N LEU C 180 -38.01 -1.91 59.73
CA LEU C 180 -37.31 -2.56 58.62
C LEU C 180 -35.84 -2.16 58.55
N THR C 181 -35.46 -1.05 59.20
CA THR C 181 -34.08 -0.57 59.16
C THR C 181 -33.18 -1.26 60.17
N ASP C 182 -33.71 -2.25 60.90
CA ASP C 182 -32.94 -2.93 61.95
C ASP C 182 -31.79 -3.77 61.38
N GLU C 183 -30.80 -4.06 62.22
CA GLU C 183 -29.62 -4.81 61.80
C GLU C 183 -29.96 -6.28 61.58
N GLU C 184 -30.86 -6.82 62.40
CA GLU C 184 -31.23 -8.23 62.26
C GLU C 184 -32.45 -8.40 61.34
N PHE C 185 -32.44 -7.66 60.24
CA PHE C 185 -33.49 -7.76 59.24
C PHE C 185 -32.87 -7.57 57.87
N ARG C 186 -31.55 -7.37 57.86
CA ARG C 186 -30.84 -6.94 56.64
C ARG C 186 -29.57 -7.79 56.56
N GLU C 187 -29.04 -7.94 55.34
CA GLU C 187 -27.80 -8.67 55.15
C GLU C 187 -26.64 -7.86 55.71
N PRO C 188 -25.91 -8.39 56.71
CA PRO C 188 -24.89 -7.58 57.38
C PRO C 188 -23.59 -7.51 56.61
N SER C 189 -23.49 -8.26 55.51
CA SER C 189 -22.31 -8.24 54.65
C SER C 189 -22.14 -6.88 54.01
N THR C 190 -23.08 -6.49 53.15
CA THR C 190 -23.06 -5.17 52.53
C THR C 190 -23.72 -4.14 53.44
N GLY C 191 -24.98 -4.35 53.75
CA GLY C 191 -25.80 -3.36 54.41
C GLY C 191 -27.05 -3.11 53.62
N LYS C 192 -27.35 -4.05 52.71
CA LYS C 192 -28.47 -3.98 51.79
C LYS C 192 -29.80 -4.03 52.53
N THR C 193 -30.84 -3.45 51.96
CA THR C 193 -32.18 -3.51 52.54
C THR C 193 -32.99 -4.43 51.62
N CYS C 194 -34.23 -4.71 52.00
CA CYS C 194 -35.06 -5.64 51.25
C CYS C 194 -35.50 -5.05 49.91
N LEU C 195 -35.82 -3.76 49.90
CA LEU C 195 -36.28 -3.10 48.68
C LEU C 195 -35.25 -3.07 47.54
N PRO C 196 -33.91 -2.90 47.79
CA PRO C 196 -32.96 -3.14 46.69
C PRO C 196 -33.01 -4.53 46.07
N LYS C 197 -33.26 -5.56 46.88
CA LYS C 197 -33.40 -6.91 46.32
C LYS C 197 -34.66 -7.02 45.47
N ALA C 198 -35.69 -6.22 45.81
CA ALA C 198 -36.84 -6.10 44.93
C ALA C 198 -36.49 -5.33 43.67
N LEU C 199 -35.42 -4.55 43.71
CA LEU C 199 -35.06 -3.76 42.53
C LEU C 199 -34.00 -4.47 41.69
N LEU C 200 -33.06 -5.18 42.33
CA LEU C 200 -32.14 -6.02 41.58
C LEU C 200 -32.87 -7.22 40.98
N ASN C 201 -33.43 -8.07 41.83
CA ASN C 201 -34.17 -9.24 41.35
C ASN C 201 -35.53 -8.77 40.86
N LEU C 202 -35.59 -8.39 39.59
CA LEU C 202 -36.68 -7.62 39.03
C LEU C 202 -37.21 -8.34 37.79
N SER C 203 -38.37 -8.99 37.94
CA SER C 203 -39.02 -9.66 36.81
C SER C 203 -39.59 -8.62 35.87
N ASN C 204 -38.93 -8.47 34.70
CA ASN C 204 -39.20 -7.60 33.55
C ASN C 204 -39.74 -6.22 33.91
N GLY C 205 -39.20 -5.63 34.98
CA GLY C 205 -39.64 -4.33 35.45
C GLY C 205 -41.04 -4.29 36.01
N ARG C 206 -41.49 -5.37 36.66
CA ARG C 206 -42.82 -5.29 37.26
C ARG C 206 -42.78 -5.36 38.77
N ASN C 207 -42.39 -6.53 39.33
CA ASN C 207 -42.18 -6.84 40.74
C ASN C 207 -43.17 -6.19 41.69
N ASP C 208 -44.44 -6.61 41.68
CA ASP C 208 -45.53 -5.91 42.36
C ASP C 208 -45.40 -5.81 43.88
N THR C 209 -44.31 -6.30 44.47
CA THR C 209 -44.02 -6.11 45.89
C THR C 209 -43.71 -4.66 46.24
N ILE C 210 -43.41 -3.83 45.25
CA ILE C 210 -42.93 -2.46 45.45
C ILE C 210 -43.94 -1.57 46.18
N PRO C 211 -45.23 -1.46 45.79
CA PRO C 211 -46.14 -0.66 46.62
C PRO C 211 -46.47 -1.30 47.95
N VAL C 212 -46.32 -2.62 48.06
CA VAL C 212 -46.59 -3.30 49.32
C VAL C 212 -45.43 -3.10 50.29
N LEU C 213 -44.21 -2.99 49.75
CA LEU C 213 -43.08 -2.64 50.60
C LEU C 213 -43.11 -1.17 51.01
N LEU C 214 -43.87 -0.34 50.30
CA LEU C 214 -44.02 1.06 50.68
C LEU C 214 -44.83 1.23 51.95
N ASP C 215 -46.10 0.80 51.90
CA ASP C 215 -47.04 1.16 52.95
C ASP C 215 -46.79 0.41 54.25
N ILE C 216 -46.19 -0.78 54.16
CA ILE C 216 -45.81 -1.50 55.37
C ILE C 216 -44.66 -0.77 56.08
N ALA C 217 -43.74 -0.22 55.29
CA ALA C 217 -42.72 0.66 55.86
C ALA C 217 -43.33 1.98 56.32
N GLU C 218 -44.43 2.40 55.70
CA GLU C 218 -45.10 3.64 56.10
C GLU C 218 -45.79 3.48 57.45
N ARG C 219 -46.35 2.29 57.70
CA ARG C 219 -47.03 2.03 58.95
C ARG C 219 -46.03 1.83 60.08
N THR C 220 -44.81 1.42 59.76
CA THR C 220 -43.74 1.46 60.75
C THR C 220 -43.19 2.86 60.92
N GLY C 221 -43.43 3.76 59.95
CA GLY C 221 -43.05 5.14 60.07
C GLY C 221 -41.56 5.40 59.95
N ASN C 222 -40.92 4.79 58.95
CA ASN C 222 -39.50 5.03 58.70
C ASN C 222 -39.18 5.42 57.27
N MET C 223 -40.18 5.81 56.46
CA MET C 223 -40.01 6.11 55.04
C MET C 223 -39.10 7.31 54.81
N ARG C 224 -39.02 8.18 55.83
CA ARG C 224 -38.05 9.28 55.85
C ARG C 224 -36.62 8.75 55.95
N GLU C 225 -36.46 7.51 56.38
CA GLU C 225 -35.12 6.93 56.51
C GLU C 225 -35.03 5.61 55.75
N PHE C 226 -36.17 5.03 55.37
CA PHE C 226 -36.19 3.71 54.73
C PHE C 226 -35.60 3.74 53.32
N ILE C 227 -36.14 4.59 52.45
CA ILE C 227 -35.54 4.70 51.12
C ILE C 227 -34.48 5.79 51.15
N ASN C 228 -33.40 5.52 51.90
CA ASN C 228 -32.21 6.35 51.96
C ASN C 228 -30.97 5.49 52.18
N SER C 229 -31.20 4.22 52.47
CA SER C 229 -30.22 3.41 53.19
C SER C 229 -29.02 3.09 52.30
N PRO C 230 -27.82 3.52 52.69
CA PRO C 230 -26.63 3.19 51.89
C PRO C 230 -26.24 1.74 51.99
N PHE C 231 -25.38 1.29 51.07
CA PHE C 231 -24.84 -0.06 51.15
C PHE C 231 -23.44 0.01 51.73
N ARG C 232 -23.24 0.82 52.78
CA ARG C 232 -21.94 1.23 53.31
C ARG C 232 -20.94 0.09 53.48
N ASP C 233 -19.82 0.20 52.77
CA ASP C 233 -18.91 -0.90 52.49
C ASP C 233 -17.61 -0.28 52.01
N ILE C 234 -16.73 -1.05 51.37
CA ILE C 234 -15.65 -0.44 50.60
C ILE C 234 -15.89 -0.87 49.15
N TYR C 235 -17.12 -1.25 48.83
CA TYR C 235 -17.37 -1.67 47.45
C TYR C 235 -18.72 -1.19 46.92
N TYR C 236 -19.56 -0.58 47.75
CA TYR C 236 -20.85 -0.14 47.23
C TYR C 236 -21.37 1.18 47.77
N ARG C 237 -20.52 1.97 48.45
CA ARG C 237 -20.88 3.08 49.35
C ARG C 237 -21.95 4.03 48.86
N GLY C 238 -22.95 4.30 49.69
CA GLY C 238 -23.91 5.33 49.41
C GLY C 238 -24.99 4.98 48.39
N GLN C 239 -24.91 3.80 47.79
CA GLN C 239 -25.85 3.41 46.75
C GLN C 239 -27.24 3.22 47.33
N THR C 240 -28.13 4.18 47.10
CA THR C 240 -29.47 4.11 47.64
C THR C 240 -30.35 3.30 46.71
N ALA C 241 -31.63 3.19 47.06
CA ALA C 241 -32.57 2.45 46.22
C ALA C 241 -32.96 3.25 44.99
N LEU C 242 -32.70 4.55 44.97
CA LEU C 242 -32.96 5.33 43.77
C LEU C 242 -31.93 5.03 42.69
N HIS C 243 -30.66 4.86 43.10
CA HIS C 243 -29.59 4.58 42.14
C HIS C 243 -29.83 3.27 41.40
N ILE C 244 -30.41 2.29 42.09
CA ILE C 244 -30.77 1.03 41.45
C ILE C 244 -31.97 1.23 40.55
N ALA C 245 -32.91 2.07 40.98
CA ALA C 245 -34.14 2.32 40.25
C ALA C 245 -33.89 3.01 38.91
N ILE C 246 -32.81 3.79 38.84
CA ILE C 246 -32.49 4.53 37.63
C ILE C 246 -31.76 3.61 36.66
N GLU C 247 -30.78 2.85 37.15
CA GLU C 247 -29.91 2.08 36.28
C GLU C 247 -30.59 0.86 35.67
N ARG C 248 -31.77 0.47 36.15
CA ARG C 248 -32.50 -0.64 35.55
C ARG C 248 -33.25 -0.25 34.29
N ARG C 249 -33.09 1.00 33.81
CA ARG C 249 -33.87 1.58 32.72
C ARG C 249 -35.37 1.51 33.00
N CYS C 250 -35.73 1.76 34.26
CA CYS C 250 -37.09 1.54 34.75
C CYS C 250 -37.73 2.89 35.04
N LYS C 251 -38.48 3.40 34.06
CA LYS C 251 -39.11 4.71 34.17
C LYS C 251 -40.18 4.76 35.26
N HIS C 252 -40.85 3.62 35.48
CA HIS C 252 -42.04 3.59 36.33
C HIS C 252 -41.67 3.83 37.79
N TYR C 253 -40.75 3.04 38.34
CA TYR C 253 -40.48 3.13 39.77
C TYR C 253 -39.48 4.23 40.11
N VAL C 254 -38.93 4.94 39.12
CA VAL C 254 -38.22 6.18 39.37
C VAL C 254 -39.23 7.21 39.88
N GLU C 255 -40.39 7.25 39.24
CA GLU C 255 -41.46 8.16 39.63
C GLU C 255 -42.00 7.85 41.02
N LEU C 256 -41.92 6.59 41.41
CA LEU C 256 -42.50 6.15 42.68
C LEU C 256 -41.64 6.56 43.87
N LEU C 257 -40.33 6.34 43.80
CA LEU C 257 -39.46 6.57 44.95
C LEU C 257 -39.28 8.05 45.30
N VAL C 258 -39.22 8.91 44.29
CA VAL C 258 -39.02 10.32 44.54
C VAL C 258 -40.32 10.96 45.00
N ALA C 259 -41.45 10.31 44.68
CA ALA C 259 -42.74 10.85 45.08
C ALA C 259 -42.97 10.62 46.57
N GLN C 260 -42.40 9.54 47.10
CA GLN C 260 -42.48 9.27 48.53
C GLN C 260 -41.29 9.88 49.26
N GLY C 261 -40.59 10.81 48.61
CA GLY C 261 -39.51 11.55 49.21
C GLY C 261 -38.33 10.71 49.65
N ALA C 262 -37.56 10.17 48.71
CA ALA C 262 -36.48 9.28 49.11
C ALA C 262 -35.20 10.05 49.38
N ASP C 263 -34.60 10.57 48.31
CA ASP C 263 -33.35 11.34 48.28
C ASP C 263 -33.10 11.64 46.81
N VAL C 264 -32.34 12.69 46.53
CA VAL C 264 -31.81 12.91 45.18
C VAL C 264 -30.33 13.31 45.22
N HIS C 265 -29.76 13.43 46.42
CA HIS C 265 -28.38 13.89 46.57
C HIS C 265 -27.64 12.87 47.44
N ALA C 266 -27.15 11.82 46.79
CA ALA C 266 -26.49 10.71 47.49
C ALA C 266 -25.21 10.39 46.75
N GLN C 267 -24.07 10.73 47.35
CA GLN C 267 -22.79 10.51 46.70
C GLN C 267 -22.43 9.03 46.71
N ALA C 268 -22.71 8.34 45.61
CA ALA C 268 -22.45 6.92 45.48
C ALA C 268 -20.95 6.66 45.35
N ARG C 269 -20.22 6.74 46.46
CA ARG C 269 -18.79 6.49 46.46
C ARG C 269 -18.51 4.99 46.53
N GLY C 270 -17.28 4.61 46.84
CA GLY C 270 -16.96 3.20 46.93
C GLY C 270 -16.20 2.75 45.71
N ARG C 271 -15.38 1.69 45.87
CA ARG C 271 -14.38 1.27 44.89
C ARG C 271 -15.02 0.85 43.56
N PHE C 272 -16.28 0.42 43.59
CA PHE C 272 -16.96 0.06 42.35
C PHE C 272 -17.27 1.27 41.49
N PHE C 273 -17.63 2.39 42.12
CA PHE C 273 -18.18 3.50 41.35
C PHE C 273 -17.10 4.53 41.02
N GLN C 274 -15.88 4.23 41.35
CA GLN C 274 -14.75 5.11 41.02
C GLN C 274 -14.33 4.86 39.57
N PRO C 275 -13.56 5.78 38.92
CA PRO C 275 -13.11 5.52 37.55
C PRO C 275 -12.19 4.32 37.39
N LYS C 276 -12.01 3.88 36.15
CA LYS C 276 -11.26 2.68 35.80
C LYS C 276 -9.80 2.78 36.22
N ASP C 277 -9.25 4.00 36.20
CA ASP C 277 -7.87 4.20 36.60
C ASP C 277 -7.71 4.13 38.12
N GLU C 278 -8.80 4.38 38.86
CA GLU C 278 -8.75 4.27 40.30
C GLU C 278 -8.75 2.80 40.69
N GLY C 279 -9.25 1.94 39.81
CA GLY C 279 -9.55 0.58 40.17
C GLY C 279 -11.04 0.42 40.38
N GLY C 280 -11.80 0.96 39.45
CA GLY C 280 -13.25 0.91 39.51
C GLY C 280 -13.84 0.35 38.23
N TYR C 281 -15.15 0.46 38.08
CA TYR C 281 -15.80 -0.14 36.92
C TYR C 281 -16.62 0.87 36.13
N PHE C 282 -17.30 1.78 36.82
CA PHE C 282 -18.16 2.75 36.16
C PHE C 282 -18.31 3.99 37.02
N TYR C 283 -17.76 5.10 36.56
CA TYR C 283 -17.86 6.38 37.25
C TYR C 283 -18.82 7.29 36.50
N PHE C 284 -19.97 7.56 37.11
CA PHE C 284 -21.00 8.39 36.50
C PHE C 284 -21.13 9.75 37.14
N GLY C 285 -20.32 10.05 38.14
CA GLY C 285 -20.38 11.36 38.77
C GLY C 285 -21.07 11.38 40.11
N GLU C 286 -21.38 10.19 40.63
CA GLU C 286 -21.79 9.95 42.01
C GLU C 286 -23.06 10.67 42.41
N LEU C 287 -24.10 10.64 41.57
CA LEU C 287 -25.33 11.37 41.86
C LEU C 287 -26.46 10.82 41.00
N PRO C 288 -27.71 10.86 41.48
CA PRO C 288 -28.82 10.31 40.68
C PRO C 288 -29.08 11.02 39.36
N LEU C 289 -28.98 12.36 39.31
CA LEU C 289 -29.12 13.04 38.03
C LEU C 289 -27.92 12.77 37.13
N SER C 290 -26.73 12.62 37.74
CA SER C 290 -25.56 12.24 36.96
C SER C 290 -25.64 10.80 36.50
N LEU C 291 -26.37 9.96 37.23
CA LEU C 291 -26.51 8.56 36.84
C LEU C 291 -27.46 8.44 35.65
N ALA C 292 -28.48 9.28 35.61
CA ALA C 292 -29.44 9.22 34.52
C ALA C 292 -28.90 9.92 33.29
N ALA C 293 -27.90 10.78 33.47
CA ALA C 293 -27.27 11.49 32.37
C ALA C 293 -26.26 10.61 31.66
N CYS C 294 -25.43 9.91 32.42
CA CYS C 294 -24.37 9.10 31.82
C CYS C 294 -24.93 7.85 31.16
N THR C 295 -26.03 7.31 31.69
CA THR C 295 -26.57 6.06 31.18
C THR C 295 -27.64 6.27 30.12
N ASN C 296 -27.67 7.47 29.53
CA ASN C 296 -28.51 7.84 28.38
C ASN C 296 -30.00 7.63 28.64
N GLN C 297 -30.56 8.36 29.59
CA GLN C 297 -31.99 8.27 29.90
C GLN C 297 -32.57 9.66 29.94
N PRO C 298 -33.06 10.15 28.80
CA PRO C 298 -33.51 11.56 28.72
C PRO C 298 -34.76 11.85 29.52
N HIS C 299 -35.72 10.93 29.55
CA HIS C 299 -36.99 11.18 30.21
C HIS C 299 -36.81 11.19 31.72
N ILE C 300 -35.86 10.40 32.22
CA ILE C 300 -35.62 10.38 33.66
C ILE C 300 -34.85 11.62 34.09
N VAL C 301 -33.99 12.14 33.22
CA VAL C 301 -33.34 13.42 33.48
C VAL C 301 -34.36 14.56 33.47
N ASN C 302 -35.29 14.51 32.53
CA ASN C 302 -36.42 15.45 32.49
C ASN C 302 -37.25 15.39 33.75
N TYR C 303 -37.65 14.17 34.15
CA TYR C 303 -38.57 14.01 35.27
C TYR C 303 -37.91 14.37 36.59
N LEU C 304 -36.61 14.08 36.75
CA LEU C 304 -35.98 14.25 38.05
C LEU C 304 -35.71 15.72 38.37
N THR C 305 -35.79 16.60 37.37
CA THR C 305 -35.60 18.03 37.60
C THR C 305 -36.88 18.84 37.56
N GLU C 306 -37.99 18.28 37.08
CA GLU C 306 -39.25 19.03 37.05
C GLU C 306 -40.35 18.35 37.86
N ASN C 307 -39.96 17.40 38.73
CA ASN C 307 -40.91 16.77 39.64
C ASN C 307 -41.37 17.77 40.70
N PRO C 308 -42.56 17.61 41.28
CA PRO C 308 -42.99 18.54 42.34
C PRO C 308 -42.20 18.36 43.62
N HIS C 309 -41.61 17.19 43.81
CA HIS C 309 -40.75 16.92 44.96
C HIS C 309 -39.36 17.50 44.73
N LYS C 310 -38.40 17.04 45.53
CA LYS C 310 -37.05 17.60 45.58
C LYS C 310 -36.33 17.49 44.25
N LYS C 311 -35.99 18.63 43.66
CA LYS C 311 -35.74 18.75 42.22
C LYS C 311 -34.31 18.44 41.80
N ALA C 312 -33.37 18.39 42.76
CA ALA C 312 -31.95 18.12 42.51
C ALA C 312 -31.33 19.08 41.50
N ASP C 313 -31.18 20.36 41.89
CA ASP C 313 -30.62 21.38 41.01
C ASP C 313 -29.26 20.96 40.47
N MET C 314 -29.00 21.33 39.21
CA MET C 314 -28.04 20.62 38.37
C MET C 314 -26.62 21.13 38.63
N ARG C 315 -26.26 21.31 39.89
CA ARG C 315 -25.07 22.07 40.26
C ARG C 315 -24.34 21.36 41.37
N ARG C 316 -25.01 20.36 41.95
CA ARG C 316 -24.53 19.69 43.16
C ARG C 316 -23.25 18.91 42.84
N GLN C 317 -22.12 19.42 43.31
CA GLN C 317 -20.85 18.77 43.06
C GLN C 317 -20.73 17.52 43.91
N ASP C 318 -20.14 16.47 43.35
CA ASP C 318 -19.91 15.23 44.06
C ASP C 318 -18.67 15.33 44.95
N SER C 319 -18.14 14.19 45.39
CA SER C 319 -16.98 14.15 46.25
C SER C 319 -15.68 14.54 45.55
N ARG C 320 -15.72 14.82 44.24
CA ARG C 320 -14.55 15.33 43.53
C ARG C 320 -14.75 16.74 43.00
N GLY C 321 -15.95 17.30 43.14
CA GLY C 321 -16.28 18.58 42.59
C GLY C 321 -16.93 18.51 41.22
N ASN C 322 -17.06 17.30 40.68
CA ASN C 322 -17.56 17.12 39.32
C ASN C 322 -19.08 17.28 39.26
N THR C 323 -19.56 18.23 38.48
CA THR C 323 -20.98 18.41 38.25
C THR C 323 -21.45 17.42 37.19
N VAL C 324 -22.66 17.64 36.66
CA VAL C 324 -23.23 16.68 35.73
C VAL C 324 -22.62 16.86 34.35
N LEU C 325 -21.87 17.94 34.13
CA LEU C 325 -21.21 18.11 32.85
C LEU C 325 -19.75 17.70 32.92
N HIS C 326 -19.15 17.70 34.11
CA HIS C 326 -17.82 17.10 34.24
C HIS C 326 -17.89 15.59 34.08
N ALA C 327 -18.90 14.97 34.68
CA ALA C 327 -19.05 13.53 34.63
C ALA C 327 -19.40 13.04 33.25
N LEU C 328 -20.28 13.75 32.55
CA LEU C 328 -20.68 13.38 31.20
C LEU C 328 -19.56 13.51 30.19
N VAL C 329 -18.53 14.29 30.49
CA VAL C 329 -17.28 14.18 29.74
C VAL C 329 -16.56 12.88 30.07
N ALA C 330 -16.53 12.47 31.34
CA ALA C 330 -15.75 11.33 31.78
C ALA C 330 -16.33 9.98 31.35
N ILE C 331 -17.47 9.94 30.67
CA ILE C 331 -18.01 8.67 30.21
C ILE C 331 -18.02 8.64 28.69
N ALA C 332 -17.34 9.58 28.06
CA ALA C 332 -17.27 9.65 26.61
C ALA C 332 -16.07 8.86 26.13
N ASP C 333 -16.33 7.75 25.45
CA ASP C 333 -15.29 7.05 24.70
C ASP C 333 -15.63 7.30 23.24
N ASN C 334 -14.69 7.93 22.53
CA ASN C 334 -14.92 8.78 21.37
C ASN C 334 -15.67 8.20 20.18
N THR C 335 -15.98 6.89 20.22
CA THR C 335 -16.06 6.06 19.02
C THR C 335 -17.05 6.48 17.93
N ARG C 336 -18.32 6.13 18.07
CA ARG C 336 -19.32 6.69 17.17
C ARG C 336 -20.64 6.91 17.89
N GLU C 337 -21.02 5.92 18.70
CA GLU C 337 -22.38 5.86 19.24
C GLU C 337 -22.44 6.53 20.60
N ASN C 338 -21.27 6.77 21.20
CA ASN C 338 -21.20 7.48 22.45
C ASN C 338 -21.44 8.97 22.25
N THR C 339 -20.78 9.55 21.24
CA THR C 339 -20.80 11.00 21.08
C THR C 339 -22.05 11.48 20.35
N LYS C 340 -22.98 10.57 20.08
CA LYS C 340 -24.31 11.07 19.72
C LYS C 340 -25.00 11.58 20.97
N PHE C 341 -25.24 10.71 21.95
CA PHE C 341 -26.06 11.13 23.08
C PHE C 341 -25.28 11.97 24.06
N VAL C 342 -23.95 11.84 24.08
CA VAL C 342 -23.13 12.68 24.97
C VAL C 342 -23.24 14.14 24.58
N THR C 343 -23.12 14.43 23.28
CA THR C 343 -23.25 15.81 22.85
C THR C 343 -24.69 16.29 22.93
N LYS C 344 -25.66 15.38 22.80
CA LYS C 344 -27.06 15.78 22.89
C LYS C 344 -27.47 16.02 24.34
N MET C 345 -27.00 15.17 25.26
CA MET C 345 -27.39 15.33 26.65
C MET C 345 -26.44 16.27 27.38
N TYR C 346 -25.40 16.75 26.69
CA TYR C 346 -24.67 17.91 27.17
C TYR C 346 -25.47 19.17 26.89
N ASP C 347 -26.01 19.27 25.68
CA ASP C 347 -26.80 20.42 25.27
C ASP C 347 -28.09 20.52 26.05
N LEU C 348 -28.72 19.37 26.28
CA LEU C 348 -30.03 19.32 26.94
C LEU C 348 -29.94 19.76 28.40
N LEU C 349 -28.76 19.60 28.99
CA LEU C 349 -28.59 19.92 30.40
C LEU C 349 -27.95 21.29 30.59
N LEU C 350 -27.18 21.75 29.60
CA LEU C 350 -26.64 23.09 29.67
C LEU C 350 -27.73 24.13 29.41
N LEU C 351 -28.66 23.79 28.50
CA LEU C 351 -29.79 24.66 28.24
C LEU C 351 -30.76 24.68 29.41
N LYS C 352 -30.90 23.54 30.11
CA LYS C 352 -31.88 23.43 31.18
C LYS C 352 -31.44 24.25 32.40
N CYS C 353 -30.14 24.43 32.58
CA CYS C 353 -29.67 25.30 33.65
C CYS C 353 -29.93 26.76 33.33
N ALA C 354 -29.88 27.13 32.06
CA ALA C 354 -30.07 28.52 31.67
C ALA C 354 -31.53 28.94 31.75
N ARG C 355 -32.45 27.99 31.62
CA ARG C 355 -33.87 28.29 31.73
C ARG C 355 -34.30 28.22 33.18
N LEU C 356 -33.44 27.65 34.02
CA LEU C 356 -33.34 27.94 35.45
C LEU C 356 -32.46 29.17 35.62
N PHE C 357 -31.80 29.30 36.79
CA PHE C 357 -30.97 30.42 37.24
C PHE C 357 -30.04 30.91 36.13
N PRO C 358 -30.31 32.08 35.55
CA PRO C 358 -29.60 32.50 34.34
C PRO C 358 -28.30 33.25 34.60
N ASP C 359 -27.83 33.27 35.84
CA ASP C 359 -26.61 34.00 36.16
C ASP C 359 -25.40 33.17 35.75
N SER C 360 -25.25 32.00 36.34
CA SER C 360 -24.10 31.16 36.02
C SER C 360 -24.54 29.91 35.27
N ASN C 361 -23.89 29.66 34.14
CA ASN C 361 -24.00 28.39 33.43
C ASN C 361 -23.14 27.37 34.15
N LEU C 362 -23.35 26.09 33.85
CA LEU C 362 -22.64 25.02 34.55
C LEU C 362 -21.20 24.93 34.11
N GLU C 363 -20.91 25.44 32.92
CA GLU C 363 -19.62 25.24 32.27
C GLU C 363 -18.56 26.10 32.95
N ALA C 364 -18.99 27.09 33.71
CA ALA C 364 -18.08 27.85 34.55
C ALA C 364 -17.85 27.22 35.91
N VAL C 365 -18.67 26.24 36.31
CA VAL C 365 -18.59 25.66 37.65
C VAL C 365 -17.43 24.69 37.72
N LEU C 366 -16.42 25.02 38.52
CA LEU C 366 -15.18 24.27 38.49
C LEU C 366 -15.18 23.18 39.55
N ASN C 367 -14.42 22.11 39.28
CA ASN C 367 -14.28 21.02 40.22
C ASN C 367 -13.22 21.31 41.27
N ASN C 368 -12.80 20.28 42.00
CA ASN C 368 -11.71 20.41 42.97
C ASN C 368 -10.33 20.22 42.33
N ASP C 369 -10.24 20.41 41.02
CA ASP C 369 -8.97 20.50 40.32
C ASP C 369 -8.91 21.79 39.51
N GLY C 370 -9.93 22.62 39.57
CA GLY C 370 -9.98 23.88 38.84
C GLY C 370 -10.57 23.78 37.46
N LEU C 371 -10.77 22.56 36.99
CA LEU C 371 -11.15 22.31 35.60
C LEU C 371 -12.60 22.67 35.31
N SER C 372 -12.88 23.02 34.06
CA SER C 372 -14.21 23.26 33.54
C SER C 372 -14.63 21.97 32.82
N PRO C 373 -15.88 21.81 32.32
CA PRO C 373 -16.17 20.63 31.50
C PRO C 373 -15.37 20.57 30.21
N LEU C 374 -15.02 21.73 29.66
CA LEU C 374 -14.20 21.74 28.46
C LEU C 374 -12.77 21.32 28.76
N MET C 375 -12.18 21.85 29.83
CA MET C 375 -10.78 21.56 30.12
C MET C 375 -10.58 20.13 30.59
N MET C 376 -11.63 19.49 31.11
CA MET C 376 -11.53 18.06 31.40
C MET C 376 -11.52 17.25 30.11
N ALA C 377 -12.18 17.75 29.08
CA ALA C 377 -12.19 17.06 27.79
C ALA C 377 -10.86 17.22 27.07
N ALA C 378 -10.08 18.22 27.48
CA ALA C 378 -8.77 18.41 26.87
C ALA C 378 -7.71 17.58 27.57
N LYS C 379 -7.83 17.39 28.90
CA LYS C 379 -6.87 16.59 29.63
C LYS C 379 -6.98 15.11 29.28
N THR C 380 -8.20 14.60 29.23
CA THR C 380 -8.43 13.19 29.00
C THR C 380 -8.58 12.85 27.52
N GLY C 381 -8.51 13.84 26.63
CA GLY C 381 -8.47 13.59 25.21
C GLY C 381 -9.75 13.05 24.62
N LYS C 382 -10.86 13.78 24.81
CA LYS C 382 -12.18 13.32 24.37
C LYS C 382 -12.63 14.24 23.24
N ILE C 383 -12.34 13.85 21.99
CA ILE C 383 -12.44 14.76 20.86
C ILE C 383 -13.90 15.05 20.53
N GLY C 384 -14.75 14.04 20.65
CA GLY C 384 -16.15 14.14 20.25
C GLY C 384 -16.92 15.17 21.04
N ILE C 385 -16.65 15.25 22.33
CA ILE C 385 -17.23 16.31 23.14
C ILE C 385 -16.40 17.59 23.04
N PHE C 386 -15.15 17.49 22.56
CA PHE C 386 -14.29 18.67 22.48
C PHE C 386 -14.59 19.47 21.21
N GLN C 387 -14.89 18.75 20.12
CA GLN C 387 -15.29 19.43 18.88
C GLN C 387 -16.61 20.15 19.06
N HIS C 388 -17.48 19.60 19.91
CA HIS C 388 -18.84 20.12 20.01
C HIS C 388 -18.88 21.42 20.78
N ILE C 389 -18.11 21.51 21.87
CA ILE C 389 -18.19 22.66 22.75
C ILE C 389 -17.53 23.89 22.14
N ILE C 390 -16.44 23.72 21.40
CA ILE C 390 -15.86 24.84 20.65
C ILE C 390 -16.78 25.29 19.51
N ARG C 391 -17.35 24.35 18.77
CA ARG C 391 -18.25 24.69 17.67
C ARG C 391 -19.70 24.74 18.08
N ARG C 392 -19.99 25.14 19.32
CA ARG C 392 -21.37 25.18 19.77
C ARG C 392 -21.99 26.53 19.44
N GLU C 393 -23.09 26.52 18.68
CA GLU C 393 -23.90 27.71 18.45
C GLU C 393 -25.32 27.39 18.92
N VAL C 394 -25.97 28.37 19.54
CA VAL C 394 -27.36 28.19 19.93
C VAL C 394 -28.19 29.31 19.30
N THR C 395 -29.26 28.92 18.60
CA THR C 395 -29.94 29.81 17.67
C THR C 395 -31.07 30.65 18.25
N ASP C 396 -31.56 30.35 19.46
CA ASP C 396 -32.68 31.14 19.96
C ASP C 396 -32.21 32.42 20.64
N GLU C 397 -33.10 33.09 21.35
CA GLU C 397 -32.82 34.42 21.89
C GLU C 397 -32.36 34.38 23.34
N ASP C 398 -33.04 33.63 24.20
CA ASP C 398 -32.74 33.66 25.62
C ASP C 398 -31.43 32.96 25.95
N THR C 399 -31.04 31.96 25.17
CA THR C 399 -29.86 31.17 25.45
C THR C 399 -28.84 31.30 24.32
N ARG C 400 -28.82 32.47 23.67
CA ARG C 400 -27.86 32.73 22.62
C ARG C 400 -26.45 32.90 23.17
N HIS C 401 -26.33 33.40 24.40
CA HIS C 401 -25.05 33.63 25.05
C HIS C 401 -24.28 32.34 25.33
N LEU C 402 -24.99 31.21 25.34
CA LEU C 402 -24.34 29.91 25.46
C LEU C 402 -23.87 29.37 24.13
N SER C 403 -23.13 30.18 23.37
CA SER C 403 -22.61 29.76 22.09
C SER C 403 -21.13 30.07 22.00
N ARG C 404 -20.48 29.48 21.01
CA ARG C 404 -19.07 29.73 20.79
C ARG C 404 -18.73 29.83 19.31
N LYS C 405 -19.70 29.70 18.41
CA LYS C 405 -19.48 29.97 16.98
C LYS C 405 -20.59 30.90 16.52
N PHE C 406 -20.32 32.20 16.54
CA PHE C 406 -21.32 33.16 16.09
C PHE C 406 -21.13 33.45 14.61
N LYS C 407 -22.24 33.59 13.91
CA LYS C 407 -22.20 34.02 12.52
C LYS C 407 -22.01 35.53 12.46
N ASP C 408 -21.12 35.96 11.57
CA ASP C 408 -20.70 37.36 11.57
C ASP C 408 -21.20 38.13 10.36
N TRP C 409 -20.88 37.70 9.16
CA TRP C 409 -21.44 38.29 7.94
C TRP C 409 -21.44 37.26 6.82
N ALA C 410 -22.15 37.55 5.73
CA ALA C 410 -22.24 36.62 4.61
C ALA C 410 -22.53 37.36 3.32
N TYR C 411 -21.88 36.97 2.24
CA TYR C 411 -22.14 37.59 0.95
C TYR C 411 -21.95 36.56 -0.15
N GLY C 412 -22.99 35.82 -0.48
CA GLY C 412 -22.83 34.67 -1.32
C GLY C 412 -21.97 33.62 -0.62
N PRO C 413 -21.25 32.83 -1.37
CA PRO C 413 -20.47 31.76 -0.74
C PRO C 413 -19.13 32.23 -0.18
N VAL C 414 -19.11 33.24 0.69
CA VAL C 414 -17.85 33.64 1.31
C VAL C 414 -18.05 33.80 2.82
N TYR C 415 -18.91 32.93 3.39
CA TYR C 415 -19.39 32.98 4.78
C TYR C 415 -18.31 33.22 5.83
N SER C 416 -18.66 33.98 6.86
CA SER C 416 -17.72 34.32 7.92
C SER C 416 -18.34 34.01 9.26
N SER C 417 -17.69 33.13 10.01
CA SER C 417 -18.12 32.77 11.34
C SER C 417 -17.08 33.25 12.35
N LEU C 418 -17.55 33.52 13.56
CA LEU C 418 -16.73 34.20 14.57
C LEU C 418 -16.72 33.37 15.83
N TYR C 419 -15.57 32.75 16.12
CA TYR C 419 -15.46 31.86 17.27
C TYR C 419 -15.17 32.65 18.54
N ASP C 420 -15.15 31.95 19.67
CA ASP C 420 -14.87 32.58 20.94
C ASP C 420 -13.57 32.03 21.54
N LEU C 421 -12.91 32.90 22.29
CA LEU C 421 -11.74 32.53 23.07
C LEU C 421 -11.93 32.81 24.56
N SER C 422 -13.06 32.38 25.13
CA SER C 422 -13.35 32.52 26.56
C SER C 422 -12.27 31.87 27.43
N SER C 423 -11.95 30.62 27.15
CA SER C 423 -10.83 29.96 27.82
C SER C 423 -9.92 29.24 26.86
N LEU C 424 -10.06 29.46 25.56
CA LEU C 424 -9.21 28.83 24.56
C LEU C 424 -7.84 29.49 24.56
N ASP C 425 -7.80 30.76 24.96
CA ASP C 425 -6.54 31.47 25.10
C ASP C 425 -6.63 32.56 26.15
N THR C 426 -5.95 32.36 27.27
CA THR C 426 -5.85 33.35 28.32
C THR C 426 -4.38 33.63 28.53
N CYS C 427 -4.03 34.90 28.71
CA CYS C 427 -2.63 35.30 28.75
C CYS C 427 -2.01 35.16 30.13
N GLY C 428 -2.58 34.33 30.99
CA GLY C 428 -1.98 34.05 32.28
C GLY C 428 -2.91 34.31 33.44
N GLU C 429 -4.09 34.84 33.15
CA GLU C 429 -5.07 35.18 34.19
C GLU C 429 -5.87 33.97 34.63
N GLU C 430 -5.86 32.91 33.84
CA GLU C 430 -6.64 31.71 34.12
C GLU C 430 -5.84 30.47 33.75
N ALA C 431 -6.50 29.32 33.71
CA ALA C 431 -6.02 28.19 32.94
C ALA C 431 -6.57 28.32 31.53
N SER C 432 -5.96 27.61 30.59
CA SER C 432 -6.40 27.75 29.20
C SER C 432 -6.25 26.41 28.51
N VAL C 433 -7.14 26.15 27.55
CA VAL C 433 -7.19 24.85 26.89
C VAL C 433 -5.97 24.65 26.00
N LEU C 434 -5.49 25.73 25.39
CA LEU C 434 -4.38 25.62 24.45
C LEU C 434 -3.06 25.33 25.17
N GLU C 435 -2.99 25.67 26.46
CA GLU C 435 -1.86 25.21 27.27
C GLU C 435 -2.08 23.78 27.74
N ILE C 436 -3.34 23.42 28.02
CA ILE C 436 -3.65 22.07 28.48
C ILE C 436 -3.52 21.07 27.35
N LEU C 437 -3.91 21.47 26.13
CA LEU C 437 -3.77 20.60 24.96
C LEU C 437 -2.32 20.29 24.65
N VAL C 438 -1.43 21.27 24.76
CA VAL C 438 -0.03 21.04 24.43
C VAL C 438 0.73 20.39 25.57
N TYR C 439 0.40 20.71 26.82
CA TYR C 439 1.22 20.22 27.93
C TYR C 439 0.53 19.14 28.74
N ASN C 440 -0.61 19.47 29.34
CA ASN C 440 -1.26 18.58 30.31
C ASN C 440 -2.34 17.72 29.66
N SER C 441 -1.96 17.02 28.59
CA SER C 441 -2.91 16.21 27.85
C SER C 441 -2.38 14.78 27.72
N LYS C 442 -3.32 13.85 27.63
CA LYS C 442 -2.99 12.45 27.38
C LYS C 442 -2.53 12.32 25.94
N ILE C 443 -1.33 11.79 25.74
CA ILE C 443 -0.76 11.80 24.39
C ILE C 443 -1.24 10.56 23.68
N GLU C 444 -2.50 10.59 23.23
CA GLU C 444 -2.97 9.68 22.19
C GLU C 444 -3.56 10.49 21.05
N ASN C 445 -4.41 11.46 21.37
CA ASN C 445 -5.15 12.23 20.38
C ASN C 445 -4.76 13.70 20.39
N ARG C 446 -3.57 14.00 20.92
CA ARG C 446 -3.12 15.39 21.08
C ARG C 446 -2.92 16.08 19.74
N HIS C 447 -2.45 15.34 18.74
CA HIS C 447 -2.26 15.94 17.42
C HIS C 447 -3.57 16.01 16.65
N GLU C 448 -4.60 15.32 17.14
CA GLU C 448 -5.91 15.37 16.47
C GLU C 448 -6.85 16.36 17.12
N MET C 449 -6.49 16.91 18.29
CA MET C 449 -7.32 17.89 18.96
C MET C 449 -6.83 19.29 18.69
N LEU C 450 -5.57 19.43 18.28
CA LEU C 450 -5.04 20.72 17.90
C LEU C 450 -5.69 21.19 16.60
N ALA C 451 -5.87 20.28 15.65
CA ALA C 451 -6.40 20.65 14.34
C ALA C 451 -7.88 20.30 14.26
N VAL C 452 -8.70 21.15 14.90
CA VAL C 452 -10.14 21.03 14.68
C VAL C 452 -10.68 22.26 13.96
N GLU C 453 -10.65 23.42 14.62
CA GLU C 453 -11.13 24.77 14.36
C GLU C 453 -10.40 25.52 15.47
N PRO C 454 -10.61 26.86 15.71
CA PRO C 454 -9.48 27.82 15.79
C PRO C 454 -8.13 27.40 16.35
N ILE C 455 -8.11 26.40 17.25
CA ILE C 455 -6.88 25.84 17.83
C ILE C 455 -5.82 25.55 16.77
N ASN C 456 -6.26 25.09 15.59
CA ASN C 456 -5.34 25.01 14.46
C ASN C 456 -4.91 26.40 14.01
N GLU C 457 -5.87 27.29 13.77
CA GLU C 457 -5.53 28.60 13.19
C GLU C 457 -4.92 29.54 14.20
N LEU C 458 -5.23 29.37 15.48
CA LEU C 458 -4.72 30.29 16.50
C LEU C 458 -3.23 30.06 16.74
N LEU C 459 -2.75 28.85 16.48
CA LEU C 459 -1.31 28.59 16.63
C LEU C 459 -0.52 29.20 15.49
N ARG C 460 -1.02 29.10 14.26
CA ARG C 460 -0.31 29.72 13.15
C ARG C 460 -0.53 31.22 13.11
N ASP C 461 -1.52 31.72 13.86
CA ASP C 461 -1.72 33.17 13.94
C ASP C 461 -0.73 33.79 14.92
N LYS C 462 -0.47 33.12 16.05
CA LYS C 462 0.56 33.59 16.96
C LYS C 462 1.95 33.42 16.38
N TRP C 463 2.12 32.48 15.45
CA TRP C 463 3.37 32.33 14.73
C TRP C 463 3.54 33.48 13.76
N ARG C 464 2.41 33.99 13.25
CA ARG C 464 2.41 35.08 12.29
C ARG C 464 2.67 36.40 13.00
N LYS C 465 2.28 36.50 14.27
CA LYS C 465 2.43 37.77 14.97
C LYS C 465 3.76 37.88 15.69
N PHE C 466 4.05 36.95 16.60
CA PHE C 466 5.28 37.01 17.39
C PHE C 466 6.04 35.70 17.43
N GLY C 467 5.47 34.63 16.89
CA GLY C 467 6.10 33.33 16.96
C GLY C 467 7.32 33.22 16.08
N ALA C 468 7.18 33.54 14.79
CA ALA C 468 8.29 33.45 13.85
C ALA C 468 9.36 34.49 14.14
N VAL C 469 8.96 35.62 14.74
CA VAL C 469 9.91 36.69 15.02
C VAL C 469 10.81 36.30 16.18
N SER C 470 10.21 35.98 17.33
CA SER C 470 11.01 35.79 18.55
C SER C 470 11.73 34.44 18.53
N PHE C 471 11.28 33.51 17.69
CA PHE C 471 12.03 32.27 17.52
C PHE C 471 13.29 32.49 16.69
N TYR C 472 13.17 33.30 15.63
CA TYR C 472 14.33 33.59 14.80
C TYR C 472 15.33 34.45 15.54
N ILE C 473 14.86 35.28 16.47
CA ILE C 473 15.77 36.01 17.35
C ILE C 473 16.44 35.05 18.32
N ASN C 474 15.70 34.01 18.74
CA ASN C 474 16.21 33.09 19.75
C ASN C 474 17.33 32.21 19.18
N VAL C 475 17.19 31.78 17.93
CA VAL C 475 18.18 30.86 17.36
C VAL C 475 19.49 31.59 17.08
N VAL C 476 19.42 32.84 16.64
CA VAL C 476 20.65 33.56 16.34
C VAL C 476 21.31 34.06 17.62
N SER C 477 20.53 34.24 18.68
CA SER C 477 21.13 34.66 19.94
C SER C 477 21.78 33.47 20.66
N TYR C 478 21.25 32.27 20.47
CA TYR C 478 21.91 31.10 21.04
C TYR C 478 23.10 30.67 20.19
N LEU C 479 23.02 30.84 18.87
CA LEU C 479 24.15 30.55 18.01
C LEU C 479 25.29 31.54 18.22
N CYS C 480 24.96 32.81 18.49
CA CYS C 480 26.00 33.77 18.84
C CYS C 480 26.35 33.70 20.31
N ALA C 481 25.76 32.76 21.05
CA ALA C 481 26.20 32.50 22.41
C ALA C 481 27.24 31.39 22.45
N MET C 482 27.13 30.43 21.53
CA MET C 482 28.04 29.29 21.58
C MET C 482 29.32 29.57 20.80
N VAL C 483 29.26 30.49 19.83
CA VAL C 483 30.46 30.94 19.13
C VAL C 483 31.36 31.72 20.08
N ILE C 484 30.75 32.51 20.98
CA ILE C 484 31.50 33.16 22.05
C ILE C 484 32.07 32.11 23.00
N PHE C 485 31.29 31.06 23.27
CA PHE C 485 31.79 29.98 24.12
C PHE C 485 32.78 29.10 23.35
N THR C 486 32.75 29.14 22.02
CA THR C 486 33.77 28.48 21.22
C THR C 486 35.11 29.20 21.37
N LEU C 487 35.09 30.53 21.35
CA LEU C 487 36.33 31.31 21.43
C LEU C 487 36.98 31.23 22.81
N THR C 488 36.18 30.98 23.84
CA THR C 488 36.72 30.85 25.19
C THR C 488 37.30 29.45 25.41
N ALA C 489 37.13 28.58 24.44
CA ALA C 489 37.78 27.27 24.46
C ALA C 489 39.13 27.25 23.77
N TYR C 490 39.20 27.71 22.52
CA TYR C 490 40.47 27.65 21.79
C TYR C 490 41.44 28.71 22.28
N TYR C 491 40.95 29.92 22.57
CA TYR C 491 41.79 30.99 23.10
C TYR C 491 41.78 30.97 24.63
N GLN C 492 42.16 29.83 25.18
CA GLN C 492 42.23 29.61 26.62
C GLN C 492 43.68 29.40 27.01
N PRO C 493 44.41 30.43 27.45
CA PRO C 493 45.79 30.25 27.88
C PRO C 493 45.88 29.52 29.21
N LEU C 494 45.83 28.18 29.18
CA LEU C 494 45.63 27.38 30.37
C LEU C 494 46.80 27.37 31.36
N GLU C 495 48.01 26.99 30.90
CA GLU C 495 49.25 26.78 31.67
C GLU C 495 49.09 26.20 33.07
N GLY C 496 48.27 25.19 33.23
CA GLY C 496 48.16 24.55 34.52
C GLY C 496 47.14 25.23 35.42
N THR C 497 47.57 25.53 36.67
CA THR C 497 46.88 26.23 37.75
C THR C 497 46.17 27.49 37.27
N PRO C 498 45.02 27.87 37.87
CA PRO C 498 44.07 28.82 37.21
C PRO C 498 44.68 30.18 36.90
N PRO C 499 44.80 30.51 35.60
CA PRO C 499 45.54 31.72 35.19
C PRO C 499 44.70 32.98 35.21
N TYR C 500 44.54 33.59 36.38
CA TYR C 500 43.72 34.80 36.47
C TYR C 500 44.32 36.04 35.84
N PRO C 501 45.55 36.59 36.26
CA PRO C 501 45.91 37.98 35.93
C PRO C 501 46.02 38.28 34.44
N TYR C 502 45.09 39.09 33.93
CA TYR C 502 44.89 39.20 32.51
C TYR C 502 45.87 40.18 31.88
N ARG C 503 45.73 41.46 32.22
CA ARG C 503 46.63 42.57 31.88
C ARG C 503 46.94 42.74 30.40
N THR C 504 46.15 42.13 29.52
CA THR C 504 46.29 42.28 28.07
C THR C 504 44.89 42.38 27.48
N THR C 505 44.78 43.06 26.34
CA THR C 505 43.46 43.24 25.73
C THR C 505 42.97 41.98 25.05
N VAL C 506 43.87 41.03 24.77
CA VAL C 506 43.43 39.72 24.28
C VAL C 506 42.77 38.94 25.42
N ASP C 507 43.34 39.04 26.62
CA ASP C 507 42.74 38.38 27.78
C ASP C 507 41.54 39.15 28.30
N TYR C 508 41.36 40.41 27.89
CA TYR C 508 40.19 41.17 28.30
C TYR C 508 38.94 40.75 27.53
N LEU C 509 39.11 40.33 26.27
CA LEU C 509 38.01 39.73 25.54
C LEU C 509 37.66 38.35 26.11
N ARG C 510 38.65 37.63 26.61
CA ARG C 510 38.37 36.39 27.32
C ARG C 510 37.76 36.66 28.69
N LEU C 511 38.06 37.83 29.27
CA LEU C 511 37.48 38.20 30.56
C LEU C 511 35.97 38.39 30.45
N ALA C 512 35.51 39.01 29.36
CA ALA C 512 34.09 39.11 29.11
C ALA C 512 33.50 37.76 28.75
N GLY C 513 34.24 36.97 27.97
CA GLY C 513 33.77 35.73 27.39
C GLY C 513 33.35 34.63 28.35
N GLU C 514 34.10 34.44 29.43
CA GLU C 514 33.73 33.42 30.42
C GLU C 514 32.50 33.87 31.20
N VAL C 515 32.36 35.19 31.39
CA VAL C 515 31.22 35.73 32.13
C VAL C 515 29.95 35.61 31.29
N ILE C 516 30.06 35.84 29.98
CA ILE C 516 28.91 35.78 29.08
C ILE C 516 28.34 34.36 29.03
N THR C 517 29.23 33.36 29.00
CA THR C 517 28.79 31.97 29.12
C THR C 517 28.15 31.71 30.48
N LEU C 518 28.85 32.08 31.55
CA LEU C 518 28.31 31.88 32.90
C LEU C 518 27.07 32.72 33.17
N PHE C 519 26.87 33.83 32.42
CA PHE C 519 25.59 34.50 32.42
C PHE C 519 24.49 33.61 31.86
N THR C 520 24.71 33.10 30.64
CA THR C 520 23.67 32.30 30.00
C THR C 520 23.68 30.87 30.53
N GLY C 521 24.74 30.48 31.22
CA GLY C 521 24.80 29.15 31.80
C GLY C 521 23.88 29.01 33.00
N VAL C 522 23.70 30.11 33.73
CA VAL C 522 22.81 30.08 34.89
C VAL C 522 21.41 30.50 34.48
N LEU C 523 21.28 31.23 33.37
CA LEU C 523 19.96 31.55 32.81
C LEU C 523 19.27 30.30 32.28
N PHE C 524 20.06 29.30 31.87
CA PHE C 524 19.49 28.00 31.55
C PHE C 524 19.24 27.18 32.81
N PHE C 525 19.86 27.59 33.93
CA PHE C 525 19.75 26.81 35.16
C PHE C 525 18.48 27.18 35.92
N PHE C 526 18.10 28.46 35.91
CA PHE C 526 16.89 28.88 36.61
C PHE C 526 15.63 28.37 35.91
N THR C 527 15.73 28.06 34.62
CA THR C 527 14.55 27.68 33.85
C THR C 527 14.10 26.28 34.20
N ASN C 528 15.05 25.36 34.40
CA ASN C 528 14.68 23.98 34.69
C ASN C 528 14.31 23.81 36.16
N ILE C 529 14.62 24.81 36.98
CA ILE C 529 14.14 24.83 38.35
C ILE C 529 12.64 25.10 38.33
N LYS C 530 12.23 26.16 37.63
CA LYS C 530 10.83 26.54 37.62
C LYS C 530 9.99 25.63 36.74
N ASP C 531 10.60 24.95 35.77
CA ASP C 531 9.85 23.97 34.98
C ASP C 531 9.57 22.71 35.79
N LEU C 532 10.49 22.36 36.69
CA LEU C 532 10.27 21.25 37.60
C LEU C 532 9.35 21.67 38.75
N PHE C 533 9.28 22.97 39.02
CA PHE C 533 8.41 23.49 40.06
C PHE C 533 6.98 23.67 39.53
N MET C 534 6.83 23.66 38.21
CA MET C 534 5.55 23.91 37.56
C MET C 534 5.27 22.73 36.64
N LYS C 535 4.35 22.88 35.68
CA LYS C 535 3.88 21.85 34.75
C LYS C 535 4.99 21.03 34.11
N LYS C 536 4.67 19.74 33.87
CA LYS C 536 5.56 18.72 33.33
C LYS C 536 6.81 18.54 34.16
N CYS C 537 6.64 18.11 35.41
CA CYS C 537 7.77 17.87 36.31
C CYS C 537 8.53 16.58 36.01
N PRO C 538 7.90 15.36 35.85
CA PRO C 538 8.70 14.21 35.43
C PRO C 538 9.21 14.32 34.01
N GLY C 539 8.28 14.47 33.06
CA GLY C 539 8.61 14.50 31.64
C GLY C 539 9.22 13.23 31.10
N VAL C 540 9.02 12.10 31.78
CA VAL C 540 9.75 10.88 31.44
C VAL C 540 8.79 9.75 31.06
N ASN C 541 9.03 9.19 29.87
CA ASN C 541 8.23 8.16 29.23
C ASN C 541 9.13 7.46 28.22
N SER C 542 8.55 6.74 27.26
CA SER C 542 9.23 6.52 25.99
C SER C 542 9.15 7.74 25.07
N LEU C 543 8.36 8.74 25.45
CA LEU C 543 8.17 9.97 24.68
C LEU C 543 8.79 11.12 25.48
N PHE C 544 9.87 11.69 24.94
CA PHE C 544 10.60 12.78 25.57
C PHE C 544 10.51 14.10 24.82
N ILE C 545 9.36 14.42 24.22
CA ILE C 545 9.16 15.50 23.25
C ILE C 545 9.72 16.86 23.65
N ASP C 546 9.47 17.29 24.88
CA ASP C 546 10.16 18.49 25.37
C ASP C 546 11.13 18.15 26.49
N GLY C 547 10.92 17.00 27.15
CA GLY C 547 11.74 16.63 28.28
C GLY C 547 13.14 16.17 27.92
N SER C 548 13.37 15.83 26.65
CA SER C 548 14.73 15.52 26.20
C SER C 548 15.62 16.75 26.28
N PHE C 549 15.30 17.77 25.49
CA PHE C 549 16.12 18.98 25.47
C PHE C 549 16.05 19.78 26.76
N GLN C 550 15.01 19.58 27.56
CA GLN C 550 15.01 20.19 28.89
C GLN C 550 16.03 19.51 29.79
N LEU C 551 16.15 18.19 29.68
CA LEU C 551 17.21 17.47 30.40
C LEU C 551 18.57 17.78 29.81
N LEU C 552 18.65 17.89 28.47
CA LEU C 552 19.92 18.19 27.83
C LEU C 552 20.35 19.63 28.05
N TYR C 553 19.39 20.53 28.33
CA TYR C 553 19.75 21.85 28.83
C TYR C 553 20.21 21.80 30.28
N PHE C 554 19.80 20.77 31.01
CA PHE C 554 20.20 20.68 32.41
C PHE C 554 21.61 20.10 32.55
N ILE C 555 21.99 19.21 31.63
CA ILE C 555 23.36 18.71 31.60
C ILE C 555 24.32 19.83 31.23
N TYR C 556 23.89 20.70 30.32
CA TYR C 556 24.68 21.87 29.96
C TYR C 556 24.76 22.86 31.12
N SER C 557 23.65 23.07 31.82
CA SER C 557 23.61 24.09 32.87
C SER C 557 24.40 23.65 34.10
N VAL C 558 24.59 22.33 34.27
CA VAL C 558 25.44 21.85 35.35
C VAL C 558 26.90 21.91 34.95
N LEU C 559 27.22 21.42 33.75
CA LEU C 559 28.62 21.26 33.36
C LEU C 559 29.23 22.56 32.84
N VAL C 560 28.51 23.68 32.96
CA VAL C 560 29.16 24.98 32.89
C VAL C 560 29.55 25.41 34.29
N ILE C 561 28.68 25.13 35.27
CA ILE C 561 28.96 25.49 36.66
C ILE C 561 30.09 24.63 37.22
N VAL C 562 30.13 23.35 36.84
CA VAL C 562 31.19 22.45 37.31
C VAL C 562 32.53 22.85 36.72
N SER C 563 32.56 23.19 35.44
CA SER C 563 33.80 23.67 34.82
C SER C 563 34.16 25.07 35.32
N ALA C 564 33.18 25.82 35.82
CA ALA C 564 33.49 27.10 36.46
C ALA C 564 34.17 26.88 37.80
N ALA C 565 33.57 26.04 38.66
CA ALA C 565 34.04 25.90 40.03
C ALA C 565 35.37 25.17 40.10
N LEU C 566 35.61 24.25 39.17
CA LEU C 566 36.91 23.60 39.09
C LEU C 566 37.98 24.55 38.58
N TYR C 567 37.56 25.54 37.78
CA TYR C 567 38.47 26.62 37.39
C TYR C 567 38.66 27.62 38.52
N LEU C 568 37.69 27.70 39.44
CA LEU C 568 37.73 28.71 40.50
C LEU C 568 38.84 28.51 41.52
N ALA C 569 39.00 27.31 42.09
CA ALA C 569 39.94 27.24 43.19
C ALA C 569 41.33 26.78 42.80
N GLY C 570 41.50 25.51 42.44
CA GLY C 570 42.85 25.03 42.22
C GLY C 570 43.17 24.20 40.99
N ILE C 571 42.17 23.48 40.48
CA ILE C 571 42.46 22.26 39.70
C ILE C 571 42.46 22.56 38.21
N GLU C 572 43.47 22.06 37.50
CA GLU C 572 43.64 22.28 36.07
C GLU C 572 42.73 21.38 35.23
N ALA C 573 41.97 20.49 35.89
CA ALA C 573 41.06 19.57 35.21
C ALA C 573 39.69 20.18 34.96
N TYR C 574 39.59 21.51 35.02
CA TYR C 574 38.37 22.21 34.65
C TYR C 574 38.03 22.06 33.18
N LEU C 575 39.05 21.97 32.32
CA LEU C 575 38.83 21.98 30.89
C LEU C 575 38.36 20.62 30.39
N ALA C 576 38.67 19.55 31.12
CA ALA C 576 38.23 18.21 30.72
C ALA C 576 36.71 18.10 30.79
N VAL C 577 36.10 18.77 31.77
CA VAL C 577 34.65 18.83 31.83
C VAL C 577 34.13 19.87 30.84
N MET C 578 34.96 20.88 30.53
CA MET C 578 34.53 21.96 29.65
C MET C 578 34.42 21.50 28.20
N VAL C 579 35.19 20.49 27.82
CA VAL C 579 35.07 19.92 26.47
C VAL C 579 33.69 19.31 26.27
N PHE C 580 33.14 18.69 27.32
CA PHE C 580 31.76 18.24 27.30
C PHE C 580 30.80 19.42 27.19
N ALA C 581 31.16 20.56 27.77
CA ALA C 581 30.28 21.72 27.74
C ALA C 581 30.26 22.36 26.34
N LEU C 582 31.32 22.15 25.56
CA LEU C 582 31.33 22.63 24.17
C LEU C 582 30.36 21.82 23.31
N VAL C 583 30.52 20.51 23.30
CA VAL C 583 29.73 19.68 22.38
C VAL C 583 28.27 19.63 22.82
N LEU C 584 28.00 19.70 24.12
CA LEU C 584 26.62 19.81 24.58
C LEU C 584 26.06 21.18 24.29
N GLY C 585 26.93 22.18 24.17
CA GLY C 585 26.50 23.49 23.75
C GLY C 585 26.16 23.51 22.27
N TRP C 586 26.69 22.55 21.51
CA TRP C 586 26.41 22.52 20.08
C TRP C 586 25.53 21.34 19.71
N MET C 587 25.40 20.33 20.57
CA MET C 587 24.31 19.38 20.39
C MET C 587 22.96 20.03 20.64
N ASN C 588 22.92 21.03 21.54
CA ASN C 588 21.65 21.63 21.90
C ASN C 588 21.23 22.70 20.91
N ALA C 589 22.04 22.97 19.88
CA ALA C 589 21.59 23.82 18.79
C ALA C 589 20.71 23.03 17.84
N LEU C 590 20.67 21.71 17.99
CA LEU C 590 19.80 20.88 17.17
C LEU C 590 18.35 21.00 17.63
N TYR C 591 18.15 21.56 18.83
CA TYR C 591 16.84 21.97 19.31
C TYR C 591 16.19 22.94 18.35
N PHE C 592 16.96 23.92 17.88
CA PHE C 592 16.42 24.99 17.08
C PHE C 592 16.37 24.64 15.60
N THR C 593 15.79 23.48 15.29
CA THR C 593 15.43 23.11 13.92
C THR C 593 13.94 22.82 13.82
N ARG C 594 13.21 23.09 14.90
CA ARG C 594 11.77 22.87 15.00
C ARG C 594 10.94 24.03 14.44
N GLY C 595 11.55 24.89 13.64
CA GLY C 595 10.81 25.95 12.97
C GLY C 595 10.39 25.54 11.58
N LEU C 596 11.30 24.94 10.83
CA LEU C 596 10.99 24.42 9.51
C LEU C 596 10.57 22.96 9.64
N LYS C 597 9.56 22.56 8.88
CA LYS C 597 9.05 21.19 8.97
C LYS C 597 10.04 20.18 8.42
N LEU C 598 10.81 20.58 7.39
CA LEU C 598 11.72 19.65 6.74
C LEU C 598 12.88 19.29 7.65
N THR C 599 13.42 20.28 8.36
CA THR C 599 14.52 20.00 9.28
C THR C 599 14.01 19.78 10.70
N GLY C 600 12.70 19.87 10.89
CA GLY C 600 12.09 19.53 12.16
C GLY C 600 11.77 18.05 12.24
N THR C 601 11.21 17.53 11.14
CA THR C 601 10.99 16.09 11.02
C THR C 601 12.31 15.35 11.01
N TYR C 602 13.34 15.94 10.41
CA TYR C 602 14.65 15.31 10.29
C TYR C 602 15.34 15.16 11.64
N SER C 603 15.09 16.11 12.55
CA SER C 603 15.80 16.09 13.83
C SER C 603 15.21 15.07 14.78
N ILE C 604 13.90 14.80 14.69
CA ILE C 604 13.26 13.90 15.64
C ILE C 604 13.31 12.47 15.13
N MET C 605 13.57 12.29 13.83
CA MET C 605 13.84 10.95 13.32
C MET C 605 15.20 10.45 13.80
N ILE C 606 16.10 11.37 14.13
CA ILE C 606 17.40 11.00 14.70
C ILE C 606 17.21 10.35 16.06
N GLN C 607 16.47 11.03 16.94
CA GLN C 607 16.29 10.62 18.33
C GLN C 607 15.56 9.29 18.46
N LYS C 608 14.62 9.02 17.54
CA LYS C 608 13.87 7.77 17.56
C LYS C 608 14.78 6.60 17.22
N ILE C 609 15.70 6.80 16.28
CA ILE C 609 16.68 5.79 15.92
C ILE C 609 17.70 5.66 17.05
N LEU C 610 18.22 6.81 17.50
CA LEU C 610 19.36 6.86 18.42
C LEU C 610 19.01 6.38 19.81
N PHE C 611 18.06 7.07 20.46
CA PHE C 611 17.78 6.83 21.86
C PHE C 611 17.03 5.52 22.09
N LYS C 612 16.32 5.02 21.08
CA LYS C 612 15.41 3.90 21.29
C LYS C 612 15.69 2.68 20.45
N ASP C 613 16.52 2.79 19.41
CA ASP C 613 16.77 1.61 18.58
C ASP C 613 18.27 1.35 18.41
N LEU C 614 19.05 2.41 18.27
CA LEU C 614 20.50 2.24 18.15
C LEU C 614 21.13 1.96 19.51
N PHE C 615 20.58 2.55 20.58
CA PHE C 615 21.14 2.37 21.91
C PHE C 615 20.94 0.95 22.42
N ARG C 616 19.87 0.29 21.97
CA ARG C 616 19.61 -1.09 22.39
C ARG C 616 20.58 -2.05 21.71
N PHE C 617 21.08 -1.68 20.53
CA PHE C 617 22.03 -2.54 19.84
C PHE C 617 23.43 -2.41 20.43
N LEU C 618 23.81 -1.19 20.83
CA LEU C 618 25.17 -0.94 21.32
C LEU C 618 25.39 -1.59 22.68
N LEU C 619 24.31 -1.90 23.40
CA LEU C 619 24.44 -2.68 24.63
C LEU C 619 24.78 -4.13 24.30
N VAL C 620 24.03 -4.73 23.37
CA VAL C 620 24.21 -6.15 23.09
C VAL C 620 25.35 -6.36 22.10
N TYR C 621 25.95 -5.27 21.62
CA TYR C 621 27.15 -5.40 20.82
C TYR C 621 28.38 -5.21 21.70
N LEU C 622 28.24 -4.47 22.79
CA LEU C 622 29.32 -4.30 23.75
C LEU C 622 29.49 -5.55 24.60
N LEU C 623 28.38 -6.07 25.14
CA LEU C 623 28.44 -7.27 25.99
C LEU C 623 28.82 -8.50 25.18
N PHE C 624 28.54 -8.49 23.89
CA PHE C 624 28.97 -9.60 23.06
C PHE C 624 30.44 -9.46 22.68
N MET C 625 30.91 -8.22 22.52
CA MET C 625 32.32 -7.96 22.27
C MET C 625 33.17 -8.28 23.49
N ILE C 626 32.67 -7.94 24.67
CA ILE C 626 33.42 -8.15 25.91
C ILE C 626 33.36 -9.62 26.27
N GLY C 627 32.45 -10.36 25.64
CA GLY C 627 32.37 -11.79 25.83
C GLY C 627 33.54 -12.53 25.21
N TYR C 628 33.80 -12.29 23.93
CA TYR C 628 34.87 -13.04 23.26
C TYR C 628 36.23 -12.49 23.61
N ALA C 629 36.33 -11.17 23.82
CA ALA C 629 37.62 -10.55 24.06
C ALA C 629 38.19 -10.95 25.42
N SER C 630 37.34 -11.37 26.35
CA SER C 630 37.84 -12.01 27.56
C SER C 630 37.98 -13.51 27.36
N ALA C 631 37.27 -14.07 26.37
CA ALA C 631 37.38 -15.49 26.09
C ALA C 631 38.65 -15.79 25.30
N LEU C 632 38.96 -14.95 24.32
CA LEU C 632 40.01 -15.29 23.37
C LEU C 632 41.39 -14.87 23.87
N VAL C 633 41.46 -14.14 24.99
CA VAL C 633 42.77 -13.89 25.62
C VAL C 633 43.14 -15.04 26.54
N SER C 634 42.18 -15.92 26.84
CA SER C 634 42.50 -17.11 27.61
C SER C 634 43.29 -18.07 26.74
N LEU C 635 42.90 -18.17 25.46
CA LEU C 635 43.53 -19.07 24.49
C LEU C 635 44.97 -18.71 24.20
N LEU C 636 45.38 -17.47 24.46
CA LEU C 636 46.77 -17.06 24.40
C LEU C 636 47.58 -17.85 25.41
N ASN C 637 48.79 -18.26 25.01
CA ASN C 637 49.74 -18.99 25.84
C ASN C 637 50.13 -18.18 27.06
N PRO C 638 50.49 -18.82 28.19
CA PRO C 638 50.98 -18.07 29.35
C PRO C 638 52.29 -17.36 29.02
N CYS C 639 52.53 -16.19 29.59
CA CYS C 639 53.60 -15.35 29.06
C CYS C 639 54.92 -15.67 29.74
N ALA C 640 54.93 -16.72 30.57
CA ALA C 640 56.16 -17.33 31.02
C ALA C 640 56.74 -18.16 29.88
N ASN C 641 55.87 -18.57 28.95
CA ASN C 641 56.21 -19.23 27.69
C ASN C 641 57.00 -20.52 27.85
N VAL C 654 60.09 -11.82 24.80
CA VAL C 654 59.24 -12.61 25.69
C VAL C 654 58.23 -11.73 26.48
N PRO C 655 58.63 -10.54 27.06
CA PRO C 655 57.56 -9.65 27.56
C PRO C 655 57.05 -8.68 26.50
N THR C 656 56.72 -9.21 25.32
CA THR C 656 56.16 -8.39 24.24
C THR C 656 54.73 -8.89 24.03
N TYR C 657 53.81 -7.96 23.77
CA TYR C 657 52.41 -8.33 23.58
C TYR C 657 52.09 -9.20 22.36
N PRO C 658 52.44 -8.82 21.06
CA PRO C 658 51.72 -9.42 19.92
C PRO C 658 51.92 -10.92 19.69
N SER C 659 52.68 -11.57 20.57
CA SER C 659 52.62 -13.02 20.71
C SER C 659 52.14 -13.49 22.08
N CYS C 660 51.84 -12.60 23.03
CA CYS C 660 51.82 -13.04 24.42
C CYS C 660 50.85 -12.23 25.29
N ARG C 661 51.07 -12.25 26.61
CA ARG C 661 50.19 -11.72 27.65
C ARG C 661 51.10 -11.12 28.71
N ASP C 662 50.81 -11.28 30.04
CA ASP C 662 51.40 -10.53 31.16
C ASP C 662 50.90 -9.10 31.21
N SER C 663 49.84 -8.93 32.03
CA SER C 663 48.70 -8.03 32.04
C SER C 663 48.85 -6.59 31.56
N GLU C 664 47.66 -6.02 31.33
CA GLU C 664 47.15 -4.91 30.53
C GLU C 664 46.87 -5.31 29.08
N THR C 665 47.52 -6.35 28.52
CA THR C 665 46.96 -7.52 27.81
C THR C 665 45.72 -7.36 26.90
N PHE C 666 44.94 -6.30 27.06
CA PHE C 666 43.53 -6.36 26.69
C PHE C 666 43.09 -5.16 25.87
N SER C 667 43.63 -3.99 26.21
CA SER C 667 43.30 -2.78 25.46
C SER C 667 43.87 -2.86 24.04
N THR C 668 45.04 -3.48 23.91
CA THR C 668 45.60 -3.73 22.59
C THR C 668 44.89 -4.90 21.90
N PHE C 669 44.19 -5.73 22.68
CA PHE C 669 43.46 -6.85 22.09
C PHE C 669 42.21 -6.37 21.38
N LEU C 670 41.62 -5.27 21.87
CA LEU C 670 40.44 -4.69 21.21
C LEU C 670 40.82 -4.02 19.90
N LEU C 671 42.06 -3.51 19.80
CA LEU C 671 42.55 -2.98 18.54
C LEU C 671 42.74 -4.09 17.51
N ASP C 672 43.05 -5.29 17.99
CA ASP C 672 43.25 -6.42 17.09
C ASP C 672 41.94 -6.89 16.48
N LEU C 673 40.85 -6.79 17.24
CA LEU C 673 39.57 -7.34 16.80
C LEU C 673 38.74 -6.31 16.06
N PHE C 674 38.82 -5.05 16.48
CA PHE C 674 38.01 -4.01 15.86
C PHE C 674 38.49 -3.70 14.46
N LYS C 675 39.80 -3.84 14.21
CA LYS C 675 40.33 -3.61 12.86
C LYS C 675 39.99 -4.77 11.93
N LEU C 676 39.73 -5.95 12.52
CA LEU C 676 39.43 -7.12 11.71
C LEU C 676 38.01 -7.05 11.17
N THR C 677 37.16 -6.26 11.83
CA THR C 677 35.77 -6.09 11.41
C THR C 677 35.61 -5.01 10.34
N ILE C 678 36.72 -4.34 10.01
CA ILE C 678 36.74 -3.26 9.03
C ILE C 678 37.85 -3.54 8.04
N GLY C 679 38.28 -2.52 7.31
CA GLY C 679 39.08 -2.67 6.11
C GLY C 679 40.54 -2.91 6.46
N MET C 680 41.35 -1.85 6.52
CA MET C 680 42.82 -1.82 6.61
C MET C 680 43.45 -2.96 7.42
N GLY C 681 43.00 -3.15 8.66
CA GLY C 681 42.91 -4.42 9.36
C GLY C 681 43.98 -5.49 9.19
N ASP C 682 45.19 -5.22 9.70
CA ASP C 682 46.31 -6.16 9.57
C ASP C 682 45.98 -7.41 10.36
N LEU C 683 46.50 -8.55 9.91
CA LEU C 683 46.11 -9.86 10.42
C LEU C 683 46.50 -10.06 11.88
N GLU C 684 47.67 -9.52 12.27
CA GLU C 684 48.21 -9.51 13.63
C GLU C 684 48.19 -10.93 14.20
N MET C 685 48.74 -11.88 13.44
CA MET C 685 48.42 -13.30 13.58
C MET C 685 48.83 -13.87 14.93
N LEU C 686 47.84 -14.38 15.65
CA LEU C 686 48.02 -14.88 17.00
C LEU C 686 48.14 -16.40 16.97
N SER C 687 48.87 -16.94 16.00
CA SER C 687 49.21 -18.35 15.97
C SER C 687 50.17 -18.75 17.09
N SER C 688 50.70 -17.77 17.83
CA SER C 688 51.55 -17.98 19.00
C SER C 688 50.82 -18.58 20.19
N THR C 689 49.48 -18.72 20.11
CA THR C 689 48.68 -19.38 21.13
C THR C 689 49.09 -20.82 21.37
N LYS C 690 48.69 -21.38 22.52
CA LYS C 690 48.78 -22.81 22.75
C LYS C 690 47.90 -23.61 21.82
N TYR C 691 46.79 -23.04 21.36
CA TYR C 691 45.82 -23.74 20.50
C TYR C 691 45.38 -22.81 19.38
N PRO C 692 46.13 -22.77 18.29
CA PRO C 692 45.65 -22.03 17.11
C PRO C 692 44.55 -22.77 16.36
N VAL C 693 44.34 -24.04 16.68
CA VAL C 693 43.35 -24.88 16.02
C VAL C 693 41.94 -24.47 16.43
N VAL C 694 41.77 -23.93 17.65
CA VAL C 694 40.45 -23.53 18.09
C VAL C 694 40.32 -22.02 18.15
N PHE C 695 41.46 -21.32 18.18
CA PHE C 695 41.44 -19.86 18.23
C PHE C 695 40.97 -19.28 16.90
N ILE C 696 41.31 -19.95 15.81
CA ILE C 696 40.88 -19.47 14.50
C ILE C 696 39.41 -19.82 14.26
N ILE C 697 38.89 -20.80 15.00
CA ILE C 697 37.48 -21.15 14.87
C ILE C 697 36.61 -20.07 15.52
N LEU C 698 36.99 -19.64 16.72
CA LEU C 698 36.17 -18.70 17.46
C LEU C 698 36.30 -17.29 16.90
N LEU C 699 37.42 -16.99 16.25
CA LEU C 699 37.58 -15.68 15.62
C LEU C 699 36.73 -15.59 14.36
N VAL C 700 36.47 -16.73 13.72
CA VAL C 700 35.57 -16.76 12.57
C VAL C 700 34.13 -16.55 13.03
N THR C 701 33.77 -17.11 14.18
CA THR C 701 32.43 -16.88 14.72
C THR C 701 32.24 -15.44 15.18
N TYR C 702 33.34 -14.76 15.51
CA TYR C 702 33.29 -13.35 15.84
C TYR C 702 33.02 -12.51 14.61
N ILE C 703 33.76 -12.76 13.53
CA ILE C 703 33.65 -11.94 12.32
C ILE C 703 32.35 -12.24 11.60
N ILE C 704 31.80 -13.44 11.79
CA ILE C 704 30.51 -13.78 11.18
C ILE C 704 29.38 -13.13 11.96
N LEU C 705 29.40 -13.27 13.28
CA LEU C 705 28.25 -12.82 14.06
C LEU C 705 28.23 -11.30 14.24
N THR C 706 29.39 -10.67 14.42
CA THR C 706 29.37 -9.23 14.66
C THR C 706 29.20 -8.43 13.37
N PHE C 707 30.14 -8.57 12.43
CA PHE C 707 30.12 -7.74 11.23
C PHE C 707 29.00 -8.15 10.27
N VAL C 708 28.79 -9.45 10.07
CA VAL C 708 27.80 -9.87 9.09
C VAL C 708 26.43 -9.96 9.76
N LEU C 709 26.31 -10.77 10.81
CA LEU C 709 24.99 -11.07 11.37
C LEU C 709 24.37 -9.91 12.15
N LEU C 710 25.00 -9.47 13.24
CA LEU C 710 24.39 -8.48 14.14
C LEU C 710 24.18 -7.14 13.46
N LEU C 711 25.05 -6.79 12.50
CA LEU C 711 24.86 -5.56 11.77
C LEU C 711 23.67 -5.66 10.82
N ASN C 712 23.51 -6.81 10.18
CA ASN C 712 22.40 -6.98 9.26
C ASN C 712 21.10 -7.22 10.03
N MET C 713 21.22 -7.71 11.27
CA MET C 713 20.08 -7.74 12.18
C MET C 713 19.60 -6.33 12.50
N LEU C 714 20.55 -5.39 12.63
CA LEU C 714 20.20 -4.03 13.04
C LEU C 714 19.69 -3.20 11.88
N ILE C 715 20.30 -3.33 10.70
CA ILE C 715 19.96 -2.53 9.54
C ILE C 715 18.57 -2.93 9.03
N ALA C 716 18.30 -4.23 8.99
CA ALA C 716 16.98 -4.71 8.58
C ALA C 716 15.92 -4.35 9.62
N LEU C 717 16.33 -4.16 10.86
CA LEU C 717 15.43 -3.67 11.90
C LEU C 717 15.08 -2.21 11.65
N MET C 718 16.09 -1.39 11.35
CA MET C 718 15.89 0.02 11.00
C MET C 718 15.03 0.17 9.76
N GLY C 719 15.20 -0.74 8.81
CA GLY C 719 14.53 -0.68 7.52
C GLY C 719 13.02 -0.81 7.57
N GLU C 720 12.48 -1.36 8.66
CA GLU C 720 11.03 -1.58 8.72
C GLU C 720 10.38 -0.91 9.94
N THR C 721 11.12 -0.77 11.05
CA THR C 721 10.57 -0.10 12.22
C THR C 721 10.45 1.41 12.01
N VAL C 722 11.59 2.08 11.82
CA VAL C 722 11.58 3.53 11.70
C VAL C 722 11.56 3.97 10.23
N GLY C 723 11.23 3.06 9.33
CA GLY C 723 11.06 3.42 7.93
C GLY C 723 9.80 4.24 7.73
N GLN C 724 8.67 3.73 8.22
CA GLN C 724 7.36 4.37 8.05
C GLN C 724 7.05 5.36 9.16
N VAL C 725 7.96 6.30 9.44
CA VAL C 725 7.67 7.37 10.39
C VAL C 725 7.29 8.66 9.72
N SER C 726 6.91 8.61 8.44
CA SER C 726 6.46 9.79 7.70
C SER C 726 5.18 10.34 8.29
N LYS C 727 4.29 9.46 8.75
CA LYS C 727 3.07 9.90 9.38
C LYS C 727 3.30 10.26 10.85
N GLU C 728 4.22 9.54 11.50
CA GLU C 728 4.42 9.73 12.93
C GLU C 728 5.20 11.00 13.23
N SER C 729 6.33 11.19 12.54
CA SER C 729 7.20 12.32 12.86
C SER C 729 6.63 13.64 12.37
N LYS C 730 5.73 13.59 11.39
CA LYS C 730 4.98 14.79 11.00
C LYS C 730 4.08 15.25 12.13
N HIS C 731 3.45 14.30 12.82
CA HIS C 731 2.54 14.66 13.90
C HIS C 731 3.29 15.06 15.16
N ILE C 732 4.50 14.54 15.35
CA ILE C 732 5.27 14.91 16.54
C ILE C 732 5.86 16.30 16.38
N TRP C 733 6.25 16.68 15.16
CA TRP C 733 6.78 18.02 14.92
C TRP C 733 5.71 19.08 15.12
N LYS C 734 4.50 18.84 14.59
CA LYS C 734 3.38 19.75 14.81
C LYS C 734 3.06 19.89 16.29
N LEU C 735 3.24 18.80 17.03
CA LEU C 735 3.13 18.87 18.48
C LEU C 735 4.30 19.62 19.09
N GLN C 736 5.48 19.52 18.47
CA GLN C 736 6.64 20.27 18.95
C GLN C 736 6.57 21.73 18.55
N TRP C 737 6.06 22.01 17.35
CA TRP C 737 5.95 23.39 16.88
C TRP C 737 4.92 24.15 17.70
N ALA C 738 3.86 23.48 18.14
CA ALA C 738 2.88 24.11 19.00
C ALA C 738 3.44 24.36 20.38
N THR C 739 4.42 23.56 20.80
CA THR C 739 5.05 23.75 22.09
C THR C 739 5.91 25.00 22.09
N THR C 740 6.58 25.26 20.97
CA THR C 740 7.50 26.39 20.80
C THR C 740 6.80 27.73 20.99
N ILE C 741 5.64 27.89 20.35
CA ILE C 741 4.92 29.16 20.36
C ILE C 741 4.38 29.45 21.75
N LEU C 742 3.89 28.41 22.42
CA LEU C 742 3.46 28.59 23.81
C LEU C 742 4.63 28.72 24.76
N ASP C 743 5.83 28.28 24.36
CA ASP C 743 6.98 28.41 25.24
C ASP C 743 7.50 29.83 25.26
N ILE C 744 7.53 30.47 24.09
CA ILE C 744 7.95 31.86 23.92
C ILE C 744 6.96 32.76 24.63
N GLU C 745 5.68 32.46 24.53
CA GLU C 745 4.61 33.31 25.03
C GLU C 745 4.60 33.34 26.55
N ARG C 746 5.04 32.26 27.18
CA ARG C 746 5.21 32.23 28.62
C ARG C 746 6.39 33.09 29.05
N SER C 747 7.41 33.19 28.19
CA SER C 747 8.62 33.91 28.53
C SER C 747 8.40 35.42 28.51
N PHE C 748 7.34 35.86 27.85
CA PHE C 748 6.95 37.26 27.87
C PHE C 748 6.39 37.61 29.25
N PRO C 749 6.47 38.87 29.68
CA PRO C 749 5.62 39.30 30.78
C PRO C 749 4.19 39.48 30.30
N VAL C 750 3.29 39.67 31.25
CA VAL C 750 1.86 39.75 30.98
C VAL C 750 1.55 41.01 30.17
N PHE C 751 2.28 42.08 30.46
CA PHE C 751 2.12 43.39 29.83
C PHE C 751 2.31 43.34 28.32
N LEU C 752 3.38 42.70 27.88
CA LEU C 752 3.56 42.44 26.45
C LEU C 752 2.56 41.41 25.94
N ARG C 753 2.21 40.43 26.78
CA ARG C 753 1.40 39.30 26.32
C ARG C 753 -0.05 39.73 26.13
N LYS C 754 -0.53 40.67 26.95
CA LYS C 754 -1.84 41.26 26.71
C LYS C 754 -1.83 42.19 25.51
N ALA C 755 -0.66 42.72 25.14
CA ALA C 755 -0.59 43.68 24.06
C ALA C 755 -0.70 43.00 22.69
N PHE C 756 -0.26 41.74 22.61
CA PHE C 756 -0.42 41.02 21.35
C PHE C 756 -1.85 40.51 21.17
N ARG C 757 -2.27 39.58 22.02
CA ARG C 757 -3.65 39.12 22.20
C ARG C 757 -4.34 38.75 20.89
N SER C 758 -3.94 37.62 20.32
CA SER C 758 -4.44 37.20 19.01
C SER C 758 -5.96 37.08 19.00
N GLY C 759 -6.58 37.84 18.11
CA GLY C 759 -8.03 37.94 18.05
C GLY C 759 -8.51 39.36 18.00
N GLU C 760 -9.74 39.60 18.46
CA GLU C 760 -10.33 40.94 18.42
C GLU C 760 -11.40 41.03 19.49
N MET C 761 -11.72 42.26 19.92
CA MET C 761 -12.72 42.47 20.96
C MET C 761 -14.06 42.86 20.34
N VAL C 762 -14.90 41.88 20.01
CA VAL C 762 -16.11 42.16 19.25
C VAL C 762 -17.28 42.40 20.20
N THR C 763 -18.35 43.01 19.68
CA THR C 763 -19.61 43.09 20.42
C THR C 763 -20.60 42.03 19.98
N VAL C 764 -20.83 40.96 20.76
CA VAL C 764 -21.54 39.78 20.25
C VAL C 764 -23.05 40.02 20.12
N GLY C 765 -23.72 40.29 21.23
CA GLY C 765 -25.17 40.37 21.23
C GLY C 765 -25.69 40.60 22.62
N LYS C 766 -26.80 41.33 22.70
CA LYS C 766 -27.31 41.92 23.93
C LYS C 766 -27.67 40.88 24.99
N SER C 767 -27.29 41.15 26.24
CA SER C 767 -27.46 40.22 27.35
C SER C 767 -28.24 40.92 28.45
N SER C 768 -28.28 40.27 29.62
CA SER C 768 -29.07 40.71 30.76
C SER C 768 -28.59 42.05 31.31
N ASP C 769 -27.27 42.21 31.46
CA ASP C 769 -26.72 43.42 32.05
C ASP C 769 -26.36 44.47 31.01
N GLY C 770 -27.28 44.79 30.11
CA GLY C 770 -27.11 45.89 29.18
C GLY C 770 -26.14 45.69 28.04
N THR C 771 -24.89 45.37 28.38
CA THR C 771 -23.79 45.24 27.42
C THR C 771 -24.03 44.11 26.42
N PRO C 772 -23.58 44.26 25.17
CA PRO C 772 -23.80 43.21 24.16
C PRO C 772 -22.81 42.05 24.22
N ASP C 773 -22.54 41.53 25.42
CA ASP C 773 -21.74 40.33 25.68
C ASP C 773 -20.33 40.46 25.09
N ARG C 774 -19.54 41.38 25.64
CA ARG C 774 -18.22 41.71 25.11
C ARG C 774 -17.27 40.54 25.33
N ARG C 775 -16.83 39.93 24.23
CA ARG C 775 -15.99 38.74 24.26
C ARG C 775 -14.83 38.89 23.29
N TRP C 776 -13.67 38.38 23.68
CA TRP C 776 -12.57 38.25 22.73
C TRP C 776 -12.87 37.14 21.73
N CYS C 777 -12.65 37.43 20.46
CA CYS C 777 -13.11 36.52 19.42
C CYS C 777 -12.13 36.37 18.27
N PHE C 778 -12.29 35.29 17.50
CA PHE C 778 -11.42 34.97 16.37
C PHE C 778 -12.29 34.58 15.17
N ARG C 779 -11.95 35.12 14.01
CA ARG C 779 -12.79 35.01 12.82
C ARG C 779 -12.21 34.03 11.81
N VAL C 780 -13.04 33.11 11.33
CA VAL C 780 -12.66 32.11 10.35
C VAL C 780 -13.62 32.23 9.17
N ASP C 781 -13.07 32.46 7.98
CA ASP C 781 -13.88 32.65 6.78
C ASP C 781 -13.91 31.39 5.94
N GLU C 782 -15.08 31.08 5.37
CA GLU C 782 -15.26 29.78 4.72
C GLU C 782 -16.24 29.92 3.56
N VAL C 783 -15.95 29.22 2.47
CA VAL C 783 -16.77 29.24 1.26
C VAL C 783 -17.72 28.05 1.28
N ASN C 784 -18.93 28.24 0.74
CA ASN C 784 -19.96 27.19 0.65
C ASN C 784 -20.81 27.42 -0.59
N TRP C 785 -20.47 26.73 -1.68
CA TRP C 785 -21.30 26.77 -2.88
C TRP C 785 -22.39 25.72 -2.83
N SER C 786 -22.50 25.01 -1.71
CA SER C 786 -23.45 23.94 -1.53
C SER C 786 -24.84 24.47 -1.19
N HIS C 787 -25.71 23.60 -0.65
CA HIS C 787 -27.07 23.91 -0.19
C HIS C 787 -27.16 25.14 0.71
N TRP C 788 -26.07 25.49 1.40
CA TRP C 788 -25.92 26.80 2.03
C TRP C 788 -26.23 27.94 1.07
N ASN C 789 -25.73 27.87 -0.17
CA ASN C 789 -26.06 28.89 -1.16
C ASN C 789 -27.46 28.70 -1.72
N GLN C 790 -28.05 27.51 -1.56
CA GLN C 790 -29.43 27.29 -1.98
C GLN C 790 -30.40 27.96 -1.00
N ASN C 791 -29.95 28.16 0.23
CA ASN C 791 -30.76 28.85 1.23
C ASN C 791 -30.74 30.36 0.99
N VAL D 148 -36.04 67.75 12.04
CA VAL D 148 -36.87 66.73 12.65
C VAL D 148 -36.11 65.42 12.76
N PHE D 149 -35.67 64.90 11.61
CA PHE D 149 -34.91 63.66 11.55
C PHE D 149 -33.45 63.99 11.24
N ASN D 150 -32.55 63.51 12.09
CA ASN D 150 -31.12 63.69 11.86
C ASN D 150 -30.62 62.57 10.92
N ARG D 151 -29.29 62.45 10.82
CA ARG D 151 -28.74 61.35 10.04
C ARG D 151 -28.85 60.00 10.74
N PRO D 152 -28.46 59.82 12.03
CA PRO D 152 -28.63 58.48 12.62
C PRO D 152 -30.07 58.09 12.90
N ILE D 153 -31.00 59.04 12.83
CA ILE D 153 -32.42 58.77 13.05
C ILE D 153 -32.96 57.89 11.94
N LEU D 154 -32.85 58.35 10.69
CA LEU D 154 -33.58 57.73 9.60
C LEU D 154 -32.97 56.39 9.20
N PHE D 155 -31.65 56.27 9.36
CA PHE D 155 -30.98 54.98 9.17
C PHE D 155 -31.42 53.96 10.21
N ASP D 156 -31.80 54.44 11.40
CA ASP D 156 -32.31 53.54 12.42
C ASP D 156 -33.79 53.28 12.24
N ILE D 157 -34.49 54.15 11.53
CA ILE D 157 -35.90 53.96 11.21
C ILE D 157 -36.08 52.77 10.28
N VAL D 158 -35.32 52.76 9.18
CA VAL D 158 -35.52 51.74 8.15
C VAL D 158 -34.83 50.44 8.54
N SER D 159 -33.94 50.49 9.54
CA SER D 159 -33.21 49.31 9.98
C SER D 159 -34.13 48.30 10.66
N ARG D 160 -35.07 48.78 11.47
CA ARG D 160 -36.02 47.90 12.13
C ARG D 160 -37.14 47.52 11.16
N GLY D 161 -37.27 48.26 10.07
CA GLY D 161 -38.26 47.95 9.06
C GLY D 161 -39.65 48.44 9.39
N SER D 162 -39.77 49.24 10.45
CA SER D 162 -41.07 49.74 10.86
C SER D 162 -41.52 50.85 9.92
N THR D 163 -42.69 50.68 9.30
CA THR D 163 -43.24 51.67 8.40
C THR D 163 -43.99 52.72 9.21
N ALA D 164 -44.52 53.73 8.52
CA ALA D 164 -45.32 54.84 9.06
C ALA D 164 -44.60 55.62 10.15
N ASP D 165 -43.26 55.67 10.10
CA ASP D 165 -42.50 56.45 11.06
C ASP D 165 -42.20 57.85 10.54
N LEU D 166 -41.78 57.94 9.27
CA LEU D 166 -41.66 59.25 8.65
C LEU D 166 -43.02 59.85 8.35
N ASP D 167 -43.90 59.05 7.70
CA ASP D 167 -45.35 59.22 7.51
C ASP D 167 -45.76 60.65 7.16
N GLY D 168 -45.29 61.15 6.02
CA GLY D 168 -45.48 62.54 5.69
C GLY D 168 -44.26 63.40 5.93
N LEU D 169 -43.06 62.82 5.84
CA LEU D 169 -41.83 63.58 5.86
C LEU D 169 -41.56 64.26 4.52
N LEU D 170 -42.22 63.81 3.46
CA LEU D 170 -42.08 64.38 2.12
C LEU D 170 -42.32 65.90 2.03
N PRO D 171 -43.23 66.54 2.83
CA PRO D 171 -43.15 68.00 2.93
C PRO D 171 -41.86 68.52 3.55
N PHE D 172 -41.34 67.85 4.59
CA PHE D 172 -40.14 68.30 5.29
C PHE D 172 -38.90 68.18 4.41
N LEU D 173 -38.92 67.23 3.46
CA LEU D 173 -37.91 67.21 2.40
C LEU D 173 -38.05 68.46 1.53
N LEU D 174 -39.27 68.77 1.13
CA LEU D 174 -39.54 69.91 0.25
C LEU D 174 -39.48 71.23 1.00
N THR D 175 -39.55 71.18 2.34
CA THR D 175 -39.52 72.39 3.16
C THR D 175 -38.16 73.06 3.12
N HIS D 176 -37.12 72.32 3.50
CA HIS D 176 -35.78 72.88 3.56
C HIS D 176 -34.99 72.52 2.31
N LYS D 177 -35.71 72.10 1.26
CA LYS D 177 -35.17 71.63 -0.02
C LYS D 177 -34.18 70.48 0.20
N LYS D 178 -34.61 69.56 1.05
CA LYS D 178 -33.83 68.38 1.41
C LYS D 178 -34.18 67.27 0.42
N ARG D 179 -33.16 66.56 -0.05
CA ARG D 179 -33.33 65.46 -0.99
C ARG D 179 -32.55 64.25 -0.50
N LEU D 180 -33.02 63.05 -0.87
CA LEU D 180 -32.47 61.82 -0.29
C LEU D 180 -31.06 61.55 -0.76
N THR D 181 -30.72 61.97 -1.97
CA THR D 181 -29.36 61.79 -2.47
C THR D 181 -28.36 62.80 -1.90
N ASP D 182 -28.78 63.77 -1.08
CA ASP D 182 -27.88 64.75 -0.50
C ASP D 182 -27.12 64.11 0.65
N GLU D 183 -25.95 64.68 0.97
CA GLU D 183 -25.02 64.08 1.92
C GLU D 183 -25.47 64.17 3.38
N GLU D 184 -26.62 64.79 3.63
CA GLU D 184 -27.12 64.97 4.99
C GLU D 184 -27.43 63.64 5.67
N PHE D 185 -28.44 62.91 5.23
CA PHE D 185 -28.66 61.56 5.73
C PHE D 185 -28.12 60.51 4.75
N ARG D 186 -26.82 60.61 4.50
CA ARG D 186 -26.00 59.58 3.86
C ARG D 186 -24.84 59.34 4.82
N GLU D 187 -24.50 58.06 5.02
CA GLU D 187 -23.41 57.70 5.92
C GLU D 187 -22.09 58.15 5.33
N PRO D 188 -21.28 58.92 6.07
CA PRO D 188 -20.08 59.52 5.48
C PRO D 188 -18.98 58.53 5.19
N SER D 189 -18.94 57.42 5.92
CA SER D 189 -17.94 56.38 5.72
C SER D 189 -18.07 55.70 4.37
N THR D 190 -19.17 54.98 4.16
CA THR D 190 -19.37 54.28 2.89
C THR D 190 -19.96 55.21 1.85
N GLY D 191 -21.17 55.68 2.11
CA GLY D 191 -21.95 56.39 1.12
C GLY D 191 -23.33 55.77 1.01
N LYS D 192 -23.66 54.94 1.99
CA LYS D 192 -24.90 54.19 1.99
C LYS D 192 -26.10 55.13 2.11
N THR D 193 -27.14 54.82 1.35
CA THR D 193 -28.34 55.62 1.27
C THR D 193 -29.44 54.82 1.96
N CYS D 194 -30.69 55.29 1.89
CA CYS D 194 -31.81 54.66 2.58
C CYS D 194 -32.09 53.27 2.05
N LEU D 195 -32.20 53.15 0.73
CA LEU D 195 -32.52 51.87 0.07
C LEU D 195 -31.51 50.75 0.29
N PRO D 196 -30.16 50.97 0.30
CA PRO D 196 -29.28 49.86 0.68
C PRO D 196 -29.45 49.40 2.13
N LYS D 197 -29.75 50.35 3.03
CA LYS D 197 -29.86 50.05 4.46
C LYS D 197 -31.06 49.13 4.74
N ALA D 198 -32.10 49.27 3.91
CA ALA D 198 -33.26 48.40 4.02
C ALA D 198 -32.93 46.99 3.58
N LEU D 199 -32.17 46.86 2.50
CA LEU D 199 -31.94 45.58 1.86
C LEU D 199 -31.00 44.66 2.65
N LEU D 200 -29.94 45.23 3.24
CA LEU D 200 -29.07 44.46 4.11
C LEU D 200 -29.81 43.98 5.34
N ASN D 201 -30.68 44.82 5.88
CA ASN D 201 -31.38 44.52 7.11
C ASN D 201 -32.78 44.01 6.83
N LEU D 202 -32.91 43.22 5.76
CA LEU D 202 -34.17 42.64 5.31
C LEU D 202 -34.75 41.70 6.35
N SER D 203 -36.08 41.58 6.38
CA SER D 203 -36.78 40.73 7.34
C SER D 203 -37.76 39.82 6.62
N ASN D 204 -37.45 38.52 6.60
CA ASN D 204 -38.26 37.44 6.03
C ASN D 204 -38.48 37.65 4.53
N GLY D 205 -37.54 38.31 3.87
CA GLY D 205 -37.58 38.40 2.43
C GLY D 205 -38.20 39.67 1.88
N ARG D 206 -38.93 40.41 2.71
CA ARG D 206 -39.63 41.59 2.21
C ARG D 206 -39.45 42.74 3.18
N ASN D 207 -39.38 43.95 2.65
CA ASN D 207 -39.29 45.16 3.45
C ASN D 207 -40.32 46.14 2.88
N ASP D 208 -41.30 46.48 3.71
CA ASP D 208 -42.42 47.30 3.27
C ASP D 208 -42.04 48.78 3.23
N THR D 209 -40.87 49.11 3.77
CA THR D 209 -40.36 50.48 3.73
C THR D 209 -39.94 50.84 2.32
N ILE D 210 -39.50 49.85 1.55
CA ILE D 210 -38.98 50.05 0.19
C ILE D 210 -40.05 50.58 -0.77
N PRO D 211 -41.29 50.06 -0.85
CA PRO D 211 -42.28 50.75 -1.70
C PRO D 211 -42.67 52.13 -1.20
N VAL D 212 -42.46 52.42 0.08
CA VAL D 212 -42.61 53.78 0.59
C VAL D 212 -41.41 54.60 0.15
N LEU D 213 -40.20 54.07 0.40
CA LEU D 213 -38.97 54.77 0.03
C LEU D 213 -38.81 54.93 -1.47
N LEU D 214 -39.41 54.05 -2.28
CA LEU D 214 -39.45 54.30 -3.71
C LEU D 214 -40.40 55.45 -4.02
N ASP D 215 -41.53 55.50 -3.33
CA ASP D 215 -42.54 56.50 -3.64
C ASP D 215 -42.14 57.88 -3.11
N ILE D 216 -41.45 57.93 -1.97
CA ILE D 216 -40.97 59.19 -1.43
C ILE D 216 -39.88 59.77 -2.32
N ALA D 217 -38.98 58.91 -2.79
CA ALA D 217 -37.92 59.35 -3.69
C ALA D 217 -38.46 59.67 -5.08
N GLU D 218 -39.62 59.10 -5.43
CA GLU D 218 -40.28 59.42 -6.70
C GLU D 218 -40.76 60.86 -6.71
N ARG D 219 -41.28 61.32 -5.57
CA ARG D 219 -41.87 62.65 -5.48
C ARG D 219 -40.79 63.72 -5.38
N THR D 220 -39.67 63.42 -4.71
CA THR D 220 -38.58 64.37 -4.58
C THR D 220 -37.88 64.61 -5.91
N GLY D 221 -37.92 63.62 -6.81
CA GLY D 221 -37.33 63.77 -8.12
C GLY D 221 -36.16 62.83 -8.34
N ASN D 222 -35.41 62.54 -7.29
CA ASN D 222 -34.27 61.63 -7.41
C ASN D 222 -34.71 60.17 -7.43
N MET D 223 -34.66 59.57 -8.61
CA MET D 223 -34.83 58.13 -8.74
C MET D 223 -33.64 57.55 -9.47
N ARG D 224 -33.16 58.27 -10.49
CA ARG D 224 -31.98 57.85 -11.22
C ARG D 224 -30.73 58.09 -10.38
N GLU D 225 -30.78 59.09 -9.51
CA GLU D 225 -29.67 59.35 -8.60
C GLU D 225 -29.80 58.47 -7.35
N PHE D 226 -31.01 58.02 -7.06
CA PHE D 226 -31.28 57.35 -5.79
C PHE D 226 -31.12 55.83 -5.88
N ILE D 227 -31.64 55.22 -6.95
CA ILE D 227 -31.42 53.80 -7.21
C ILE D 227 -29.94 53.58 -7.46
N ASN D 228 -29.37 54.40 -8.33
CA ASN D 228 -28.00 54.17 -8.77
C ASN D 228 -27.05 55.09 -8.01
N SER D 229 -26.67 54.68 -6.82
CA SER D 229 -25.70 55.45 -6.06
C SER D 229 -24.61 54.52 -5.58
N PRO D 230 -23.39 54.64 -6.09
CA PRO D 230 -22.30 53.73 -5.72
C PRO D 230 -21.84 53.99 -4.30
N PHE D 231 -21.48 52.92 -3.58
CA PHE D 231 -20.74 53.10 -2.34
C PHE D 231 -19.36 53.60 -2.73
N ARG D 232 -19.05 54.86 -2.43
CA ARG D 232 -17.75 55.41 -2.83
C ARG D 232 -16.62 55.00 -1.89
N ASP D 233 -16.91 54.10 -0.96
CA ASP D 233 -15.91 53.47 -0.11
C ASP D 233 -14.93 52.69 -0.98
N ILE D 234 -13.69 52.57 -0.52
CA ILE D 234 -12.67 51.84 -1.26
C ILE D 234 -12.74 50.35 -0.93
N TYR D 235 -13.73 49.97 -0.12
CA TYR D 235 -13.91 48.60 0.29
C TYR D 235 -15.21 48.03 -0.27
N TYR D 236 -15.98 48.85 -0.98
CA TYR D 236 -17.18 48.34 -1.63
C TYR D 236 -17.43 48.99 -3.00
N ARG D 237 -16.40 49.61 -3.58
CA ARG D 237 -16.53 50.62 -4.64
C ARG D 237 -17.39 50.26 -5.83
N GLY D 238 -18.48 50.99 -6.01
CA GLY D 238 -19.32 50.83 -7.17
C GLY D 238 -20.60 50.08 -6.90
N GLN D 239 -20.71 49.49 -5.71
CA GLN D 239 -21.83 48.63 -5.37
C GLN D 239 -23.13 49.40 -5.32
N THR D 240 -23.99 49.20 -6.30
CA THR D 240 -25.27 49.89 -6.32
C THR D 240 -26.27 49.13 -5.44
N ALA D 241 -27.50 49.62 -5.40
CA ALA D 241 -28.53 48.91 -4.67
C ALA D 241 -29.00 47.67 -5.42
N LEU D 242 -28.73 47.60 -6.73
CA LEU D 242 -29.10 46.43 -7.51
C LEU D 242 -28.26 45.22 -7.12
N HIS D 243 -26.99 45.45 -6.77
CA HIS D 243 -26.11 44.34 -6.42
C HIS D 243 -26.54 43.69 -5.11
N ILE D 244 -27.18 44.46 -4.24
CA ILE D 244 -27.57 43.94 -2.93
C ILE D 244 -28.80 43.05 -3.07
N ALA D 245 -29.74 43.45 -3.93
CA ALA D 245 -30.98 42.70 -4.07
C ALA D 245 -30.74 41.36 -4.77
N ILE D 246 -29.82 41.34 -5.74
CA ILE D 246 -29.48 40.08 -6.40
C ILE D 246 -28.67 39.20 -5.46
N GLU D 247 -27.85 39.82 -4.60
CA GLU D 247 -27.09 39.08 -3.59
C GLU D 247 -27.99 38.33 -2.62
N ARG D 248 -28.97 39.02 -2.04
CA ARG D 248 -29.75 38.46 -0.96
C ARG D 248 -30.83 37.49 -1.44
N ARG D 249 -30.81 37.11 -2.72
CA ARG D 249 -31.60 36.04 -3.32
C ARG D 249 -33.08 36.32 -3.24
N CYS D 250 -33.48 37.54 -3.59
CA CYS D 250 -34.89 37.94 -3.57
C CYS D 250 -35.21 38.50 -4.95
N LYS D 251 -35.98 37.71 -5.70
CA LYS D 251 -36.38 38.06 -7.06
C LYS D 251 -37.28 39.28 -7.08
N HIS D 252 -38.05 39.48 -6.00
CA HIS D 252 -39.06 40.52 -5.87
C HIS D 252 -38.51 41.92 -6.03
N TYR D 253 -37.54 42.29 -5.20
CA TYR D 253 -37.04 43.64 -5.23
C TYR D 253 -36.09 43.90 -6.39
N VAL D 254 -35.58 42.86 -7.04
CA VAL D 254 -34.84 43.06 -8.29
C VAL D 254 -35.78 43.57 -9.37
N GLU D 255 -37.03 43.08 -9.37
CA GLU D 255 -38.01 43.49 -10.36
C GLU D 255 -38.43 44.94 -10.18
N LEU D 256 -38.31 45.47 -8.95
CA LEU D 256 -38.67 46.86 -8.70
C LEU D 256 -37.56 47.80 -9.15
N LEU D 257 -36.31 47.44 -8.85
CA LEU D 257 -35.18 48.33 -9.15
C LEU D 257 -34.90 48.38 -10.64
N VAL D 258 -35.22 47.29 -11.35
CA VAL D 258 -35.17 47.32 -12.81
C VAL D 258 -36.28 48.21 -13.36
N ALA D 259 -37.48 48.10 -12.79
CA ALA D 259 -38.64 48.83 -13.32
C ALA D 259 -38.55 50.32 -13.03
N GLN D 260 -38.07 50.69 -11.85
CA GLN D 260 -37.88 52.10 -11.54
C GLN D 260 -36.59 52.62 -12.13
N GLY D 261 -35.77 51.73 -12.68
CA GLY D 261 -34.61 52.13 -13.44
C GLY D 261 -33.31 51.90 -12.70
N ALA D 262 -32.65 50.79 -13.01
CA ALA D 262 -31.36 50.47 -12.40
C ALA D 262 -30.23 50.94 -13.30
N ASP D 263 -29.02 50.48 -13.00
CA ASP D 263 -27.83 50.74 -13.79
C ASP D 263 -27.18 49.41 -14.12
N VAL D 264 -27.96 48.50 -14.71
CA VAL D 264 -27.71 47.05 -14.77
C VAL D 264 -26.37 46.63 -15.35
N HIS D 265 -25.62 47.55 -15.93
CA HIS D 265 -24.20 47.37 -16.17
C HIS D 265 -23.37 48.16 -15.15
N ALA D 266 -23.49 47.78 -13.88
CA ALA D 266 -22.83 48.49 -12.79
C ALA D 266 -21.56 47.77 -12.37
N GLN D 267 -20.43 48.45 -12.48
CA GLN D 267 -19.13 47.83 -12.24
C GLN D 267 -18.74 47.99 -10.78
N ALA D 268 -18.97 46.94 -9.99
CA ALA D 268 -18.57 46.94 -8.58
C ALA D 268 -17.06 46.78 -8.46
N ARG D 269 -16.32 47.85 -8.72
CA ARG D 269 -14.86 47.79 -8.77
C ARG D 269 -14.25 48.00 -7.39
N GLY D 270 -14.71 47.22 -6.43
CA GLY D 270 -14.30 47.38 -5.04
C GLY D 270 -13.19 46.42 -4.69
N ARG D 271 -12.53 46.69 -3.56
CA ARG D 271 -11.45 45.83 -3.11
C ARG D 271 -12.02 44.55 -2.50
N PHE D 272 -13.28 44.61 -2.06
CA PHE D 272 -14.00 43.41 -1.69
C PHE D 272 -14.25 42.53 -2.90
N PHE D 273 -14.57 43.17 -4.03
CA PHE D 273 -14.96 42.43 -5.23
C PHE D 273 -13.75 42.22 -6.13
N GLN D 274 -12.69 41.63 -5.58
CA GLN D 274 -11.46 41.32 -6.29
C GLN D 274 -11.24 39.81 -6.28
N PRO D 275 -10.29 39.26 -7.07
CA PRO D 275 -9.95 37.84 -6.91
C PRO D 275 -9.34 37.53 -5.56
N LYS D 276 -9.37 36.26 -5.17
CA LYS D 276 -8.96 35.85 -3.82
C LYS D 276 -7.46 36.05 -3.62
N ASP D 277 -6.68 35.86 -4.67
CA ASP D 277 -5.23 36.05 -4.58
C ASP D 277 -4.80 37.50 -4.82
N GLU D 278 -5.77 38.41 -4.82
CA GLU D 278 -5.48 39.81 -5.08
C GLU D 278 -6.02 40.67 -3.95
N GLY D 279 -6.14 40.09 -2.75
CA GLY D 279 -6.68 40.81 -1.61
C GLY D 279 -8.16 41.09 -1.75
N GLY D 280 -8.95 40.05 -1.85
CA GLY D 280 -10.38 40.21 -2.01
C GLY D 280 -11.09 38.93 -1.62
N TYR D 281 -12.41 39.00 -1.56
CA TYR D 281 -13.14 37.87 -0.99
C TYR D 281 -13.90 37.10 -2.05
N PHE D 282 -14.75 37.77 -2.81
CA PHE D 282 -15.55 37.12 -3.84
C PHE D 282 -15.43 37.92 -5.12
N TYR D 283 -14.94 37.28 -6.18
CA TYR D 283 -14.52 37.98 -7.39
C TYR D 283 -15.65 38.62 -8.17
N PHE D 284 -16.79 37.94 -8.31
CA PHE D 284 -17.62 37.80 -9.52
C PHE D 284 -17.58 38.96 -10.50
N GLY D 285 -17.30 38.69 -11.78
CA GLY D 285 -17.95 39.45 -12.84
C GLY D 285 -17.73 40.94 -12.97
N GLU D 286 -18.02 41.64 -11.86
CA GLU D 286 -18.12 43.07 -11.64
C GLU D 286 -19.29 43.63 -12.43
N LEU D 287 -20.44 42.96 -12.38
CA LEU D 287 -21.61 43.35 -13.16
C LEU D 287 -22.83 42.62 -12.59
N PRO D 288 -24.01 43.24 -12.63
CA PRO D 288 -25.20 42.58 -12.03
C PRO D 288 -25.67 41.33 -12.74
N LEU D 289 -25.45 41.22 -14.05
CA LEU D 289 -25.78 39.98 -14.75
C LEU D 289 -24.89 38.83 -14.29
N SER D 290 -23.63 39.14 -13.99
CA SER D 290 -22.70 38.10 -13.59
C SER D 290 -22.96 37.66 -12.15
N LEU D 291 -23.61 38.52 -11.35
CA LEU D 291 -23.93 38.15 -9.98
C LEU D 291 -24.99 37.07 -9.96
N ALA D 292 -25.92 37.12 -10.91
CA ALA D 292 -26.97 36.12 -10.98
C ALA D 292 -26.43 34.79 -11.45
N ALA D 293 -25.40 34.83 -12.28
CA ALA D 293 -24.85 33.61 -12.85
C ALA D 293 -23.79 32.98 -11.95
N CYS D 294 -23.03 33.79 -11.20
CA CYS D 294 -22.00 33.23 -10.34
C CYS D 294 -22.59 32.71 -9.03
N THR D 295 -23.61 33.37 -8.50
CA THR D 295 -24.16 32.97 -7.22
C THR D 295 -25.36 32.03 -7.37
N ASN D 296 -25.42 31.30 -8.49
CA ASN D 296 -26.40 30.25 -8.76
C ASN D 296 -27.84 30.73 -8.69
N GLN D 297 -28.25 31.63 -9.59
CA GLN D 297 -29.62 32.12 -9.60
C GLN D 297 -30.17 32.02 -11.01
N PRO D 298 -30.86 30.92 -11.33
CA PRO D 298 -31.36 30.74 -12.70
C PRO D 298 -32.51 31.66 -13.05
N HIS D 299 -33.30 32.06 -12.05
CA HIS D 299 -34.49 32.85 -12.34
C HIS D 299 -34.13 34.31 -12.52
N ILE D 300 -33.12 34.79 -11.78
CA ILE D 300 -32.72 36.19 -11.89
C ILE D 300 -31.93 36.42 -13.17
N VAL D 301 -31.14 35.43 -13.60
CA VAL D 301 -30.32 35.60 -14.80
C VAL D 301 -31.20 35.55 -16.05
N ASN D 302 -32.38 34.92 -15.94
CA ASN D 302 -33.36 35.03 -17.00
C ASN D 302 -33.99 36.41 -17.01
N TYR D 303 -34.27 36.94 -15.81
CA TYR D 303 -35.01 38.19 -15.70
C TYR D 303 -34.16 39.38 -16.11
N LEU D 304 -32.84 39.29 -15.94
CA LEU D 304 -31.99 40.42 -16.25
C LEU D 304 -31.74 40.56 -17.75
N THR D 305 -32.16 39.56 -18.52
CA THR D 305 -32.04 39.61 -19.98
C THR D 305 -33.36 40.03 -20.64
N GLU D 306 -34.42 39.28 -20.38
CA GLU D 306 -35.73 39.57 -20.98
C GLU D 306 -36.59 40.37 -20.02
N ASN D 307 -36.09 41.56 -19.70
CA ASN D 307 -36.85 42.56 -18.96
C ASN D 307 -37.48 43.55 -19.94
N PRO D 308 -38.60 44.18 -19.60
CA PRO D 308 -39.15 45.22 -20.49
C PRO D 308 -38.27 46.46 -20.50
N HIS D 309 -37.62 46.70 -19.37
CA HIS D 309 -36.73 47.83 -19.16
C HIS D 309 -35.34 47.47 -19.67
N LYS D 310 -34.34 48.27 -19.26
CA LYS D 310 -32.94 48.20 -19.71
C LYS D 310 -32.34 46.81 -19.66
N LYS D 311 -31.91 46.32 -20.82
CA LYS D 311 -31.47 44.94 -20.99
C LYS D 311 -29.98 44.81 -20.70
N ALA D 312 -29.63 43.89 -19.83
CA ALA D 312 -28.24 43.56 -19.57
C ALA D 312 -27.81 42.47 -20.53
N ASP D 313 -27.08 42.84 -21.58
CA ASP D 313 -26.66 41.85 -22.57
C ASP D 313 -25.44 41.08 -22.06
N MET D 314 -25.25 39.88 -22.59
CA MET D 314 -24.25 38.96 -22.06
C MET D 314 -22.88 39.19 -22.67
N ARG D 315 -22.71 40.29 -23.39
CA ARG D 315 -21.48 40.56 -24.11
C ARG D 315 -20.54 41.51 -23.39
N ARG D 316 -21.04 42.34 -22.47
CA ARG D 316 -20.27 43.48 -21.98
C ARG D 316 -19.09 43.07 -21.11
N GLN D 317 -17.89 43.42 -21.55
CA GLN D 317 -16.70 43.16 -20.78
C GLN D 317 -16.68 44.10 -19.57
N ASP D 318 -16.06 43.62 -18.48
CA ASP D 318 -15.95 44.44 -17.27
C ASP D 318 -14.71 45.32 -17.30
N SER D 319 -14.32 45.83 -16.13
CA SER D 319 -13.11 46.64 -15.96
C SER D 319 -11.84 45.92 -16.35
N ARG D 320 -11.79 44.59 -16.27
CA ARG D 320 -10.64 43.85 -16.73
C ARG D 320 -10.91 42.98 -17.93
N GLY D 321 -12.05 43.16 -18.60
CA GLY D 321 -12.31 42.49 -19.85
C GLY D 321 -13.17 41.25 -19.77
N ASN D 322 -13.38 40.73 -18.56
CA ASN D 322 -14.11 39.48 -18.37
C ASN D 322 -15.59 39.61 -18.70
N THR D 323 -16.09 38.76 -19.59
CA THR D 323 -17.53 38.62 -19.76
C THR D 323 -18.06 37.64 -18.72
N VAL D 324 -19.33 37.28 -18.83
CA VAL D 324 -19.93 36.42 -17.81
C VAL D 324 -19.42 34.99 -17.94
N LEU D 325 -19.01 34.59 -19.15
CA LEU D 325 -18.44 33.24 -19.30
C LEU D 325 -17.00 33.22 -18.83
N HIS D 326 -16.34 34.37 -18.81
CA HIS D 326 -15.07 34.46 -18.11
C HIS D 326 -15.29 34.42 -16.60
N ALA D 327 -16.43 34.93 -16.15
CA ALA D 327 -16.68 35.03 -14.71
C ALA D 327 -17.07 33.69 -14.13
N LEU D 328 -17.80 32.88 -14.89
CA LEU D 328 -18.21 31.54 -14.45
C LEU D 328 -17.01 30.62 -14.31
N VAL D 329 -15.96 30.88 -15.08
CA VAL D 329 -14.71 30.16 -14.93
C VAL D 329 -13.93 30.67 -13.72
N ALA D 330 -14.08 31.95 -13.40
CA ALA D 330 -13.32 32.57 -12.31
C ALA D 330 -13.86 32.27 -10.92
N ILE D 331 -15.07 31.72 -10.82
CA ILE D 331 -15.62 31.39 -9.51
C ILE D 331 -15.78 29.88 -9.39
N ALA D 332 -15.28 29.15 -10.38
CA ALA D 332 -15.44 27.70 -10.43
C ALA D 332 -14.23 27.04 -9.81
N ASP D 333 -14.34 26.58 -8.57
CA ASP D 333 -13.44 25.57 -8.07
C ASP D 333 -13.86 24.25 -8.70
N ASN D 334 -12.94 23.31 -8.80
CA ASN D 334 -13.21 22.09 -9.55
C ASN D 334 -13.80 20.99 -8.68
N THR D 335 -14.56 21.37 -7.66
CA THR D 335 -15.25 20.41 -6.79
C THR D 335 -16.54 19.92 -7.45
N ARG D 336 -17.40 19.23 -6.68
CA ARG D 336 -18.60 18.66 -7.28
C ARG D 336 -19.78 19.61 -7.21
N GLU D 337 -20.00 20.25 -6.05
CA GLU D 337 -21.12 21.18 -5.91
C GLU D 337 -20.90 22.43 -6.73
N ASN D 338 -19.64 22.79 -6.98
CA ASN D 338 -19.32 23.94 -7.81
C ASN D 338 -19.60 23.63 -9.27
N THR D 339 -18.94 22.59 -9.80
CA THR D 339 -19.00 22.35 -11.24
C THR D 339 -20.28 21.62 -11.65
N LYS D 340 -21.26 21.55 -10.77
CA LYS D 340 -22.58 21.11 -11.21
C LYS D 340 -23.30 22.28 -11.87
N PHE D 341 -23.50 23.38 -11.14
CA PHE D 341 -24.31 24.46 -11.67
C PHE D 341 -23.50 25.38 -12.57
N VAL D 342 -22.16 25.33 -12.46
CA VAL D 342 -21.32 26.16 -13.33
C VAL D 342 -21.42 25.68 -14.76
N THR D 343 -21.41 24.36 -14.97
CA THR D 343 -21.60 23.82 -16.30
C THR D 343 -23.03 24.03 -16.79
N LYS D 344 -23.98 24.18 -15.86
CA LYS D 344 -25.36 24.48 -16.26
C LYS D 344 -25.46 25.89 -16.82
N MET D 345 -24.96 26.88 -16.06
CA MET D 345 -25.14 28.25 -16.48
C MET D 345 -24.12 28.68 -17.52
N TYR D 346 -23.04 27.92 -17.68
CA TYR D 346 -22.20 28.13 -18.85
C TYR D 346 -22.95 27.71 -20.10
N ASP D 347 -23.77 26.67 -20.00
CA ASP D 347 -24.64 26.28 -21.11
C ASP D 347 -25.77 27.28 -21.26
N LEU D 348 -26.47 27.58 -20.16
CA LEU D 348 -27.73 28.33 -20.22
C LEU D 348 -27.50 29.78 -20.62
N LEU D 349 -26.25 30.25 -20.54
CA LEU D 349 -25.96 31.61 -21.01
C LEU D 349 -25.26 31.57 -22.36
N LEU D 350 -24.79 30.41 -22.80
CA LEU D 350 -24.27 30.31 -24.16
C LEU D 350 -25.41 30.08 -25.13
N LEU D 351 -26.34 29.18 -24.78
CA LEU D 351 -27.49 28.88 -25.62
C LEU D 351 -28.42 30.08 -25.72
N LYS D 352 -28.50 30.87 -24.65
CA LYS D 352 -29.37 32.05 -24.67
C LYS D 352 -28.77 33.14 -25.56
N CYS D 353 -27.45 33.18 -25.66
CA CYS D 353 -26.81 34.21 -26.48
C CYS D 353 -26.96 33.92 -27.96
N ALA D 354 -27.10 32.64 -28.32
CA ALA D 354 -27.28 32.27 -29.71
C ALA D 354 -28.74 32.39 -30.14
N ARG D 355 -29.67 32.26 -29.19
CA ARG D 355 -31.08 32.42 -29.49
C ARG D 355 -31.44 33.90 -29.42
N LEU D 356 -30.56 34.67 -28.77
CA LEU D 356 -30.33 36.09 -29.05
C LEU D 356 -29.40 36.22 -30.24
N PHE D 357 -28.60 37.30 -30.28
CA PHE D 357 -27.69 37.72 -31.34
C PHE D 357 -26.91 36.55 -31.93
N PRO D 358 -27.25 36.11 -33.16
CA PRO D 358 -26.82 34.79 -33.61
C PRO D 358 -25.54 34.82 -34.44
N ASP D 359 -24.96 36.01 -34.60
CA ASP D 359 -23.75 36.15 -35.38
C ASP D 359 -22.49 36.24 -34.54
N SER D 360 -22.61 36.32 -33.23
CA SER D 360 -21.47 36.45 -32.33
C SER D 360 -21.35 35.21 -31.46
N ASN D 361 -20.19 34.58 -31.49
CA ASN D 361 -19.81 33.55 -30.52
C ASN D 361 -19.38 34.32 -29.29
N LEU D 362 -20.02 34.04 -28.16
CA LEU D 362 -19.74 34.78 -26.94
C LEU D 362 -18.41 34.30 -26.38
N GLU D 363 -18.10 33.02 -26.62
CA GLU D 363 -16.87 32.41 -26.15
C GLU D 363 -15.65 32.98 -26.88
N ALA D 364 -15.85 33.43 -28.12
CA ALA D 364 -14.78 34.03 -28.89
C ALA D 364 -14.36 35.41 -28.38
N VAL D 365 -15.17 36.04 -27.53
CA VAL D 365 -14.85 37.34 -26.97
C VAL D 365 -13.72 37.20 -25.96
N LEU D 366 -12.63 37.93 -26.17
CA LEU D 366 -11.47 37.79 -25.30
C LEU D 366 -11.50 38.86 -24.21
N ASN D 367 -10.98 38.51 -23.04
CA ASN D 367 -10.81 39.51 -22.00
C ASN D 367 -9.57 40.35 -22.24
N ASN D 368 -9.21 41.19 -21.27
CA ASN D 368 -8.03 42.02 -21.43
C ASN D 368 -6.76 41.31 -20.98
N ASP D 369 -6.61 40.04 -21.38
CA ASP D 369 -5.36 39.32 -21.26
C ASP D 369 -5.20 38.53 -22.55
N GLY D 370 -6.22 38.60 -23.41
CA GLY D 370 -6.22 37.86 -24.65
C GLY D 370 -6.82 36.47 -24.53
N LEU D 371 -7.08 36.04 -23.30
CA LEU D 371 -7.56 34.68 -23.07
C LEU D 371 -9.05 34.55 -23.38
N SER D 372 -9.52 33.33 -23.53
CA SER D 372 -10.91 33.00 -23.83
C SER D 372 -11.42 32.17 -22.67
N PRO D 373 -12.75 31.97 -22.51
CA PRO D 373 -13.25 31.13 -21.41
C PRO D 373 -12.80 29.68 -21.42
N LEU D 374 -12.31 29.17 -22.54
CA LEU D 374 -11.64 27.87 -22.52
C LEU D 374 -10.18 28.03 -22.10
N MET D 375 -9.49 29.05 -22.63
CA MET D 375 -8.09 29.23 -22.27
C MET D 375 -7.95 29.77 -20.86
N MET D 376 -8.99 30.41 -20.32
CA MET D 376 -8.95 30.85 -18.94
C MET D 376 -9.13 29.67 -17.99
N ALA D 377 -9.85 28.65 -18.43
CA ALA D 377 -9.94 27.41 -17.66
C ALA D 377 -8.68 26.59 -17.83
N ALA D 378 -7.95 26.84 -18.92
CA ALA D 378 -6.69 26.13 -19.14
C ALA D 378 -5.59 26.70 -18.25
N LYS D 379 -5.44 28.02 -18.22
CA LYS D 379 -4.40 28.68 -17.45
C LYS D 379 -4.65 28.61 -15.96
N THR D 380 -5.88 28.80 -15.49
CA THR D 380 -6.14 28.81 -14.06
C THR D 380 -6.43 27.44 -13.47
N GLY D 381 -6.17 26.36 -14.20
CA GLY D 381 -6.09 25.05 -13.58
C GLY D 381 -7.36 24.24 -13.50
N LYS D 382 -8.49 24.83 -13.87
CA LYS D 382 -9.81 24.21 -13.72
C LYS D 382 -9.97 22.97 -14.59
N ILE D 383 -10.65 21.96 -14.09
CA ILE D 383 -10.90 20.75 -14.87
C ILE D 383 -12.38 20.50 -15.06
N GLY D 384 -13.22 21.06 -14.19
CA GLY D 384 -14.63 20.77 -14.25
C GLY D 384 -15.31 21.47 -15.41
N ILE D 385 -14.95 22.74 -15.60
CA ILE D 385 -15.49 23.48 -16.72
C ILE D 385 -14.61 23.31 -17.95
N PHE D 386 -13.43 22.73 -17.78
CA PHE D 386 -12.55 22.51 -18.92
C PHE D 386 -12.98 21.30 -19.73
N GLN D 387 -13.41 20.24 -19.04
CA GLN D 387 -13.89 19.05 -19.73
C GLN D 387 -15.19 19.34 -20.45
N HIS D 388 -15.98 20.27 -19.92
CA HIS D 388 -17.34 20.47 -20.42
C HIS D 388 -17.32 21.23 -21.74
N ILE D 389 -16.35 22.11 -21.93
CA ILE D 389 -16.30 22.94 -23.13
C ILE D 389 -15.87 22.09 -24.31
N ILE D 390 -14.89 21.22 -24.09
CA ILE D 390 -14.42 20.34 -25.16
C ILE D 390 -15.48 19.30 -25.54
N ARG D 391 -16.12 18.66 -24.57
CA ARG D 391 -17.19 17.72 -24.89
C ARG D 391 -18.55 18.39 -24.80
N ARG D 392 -18.83 19.33 -25.69
CA ARG D 392 -20.08 20.09 -25.64
C ARG D 392 -20.83 19.89 -26.95
N GLU D 393 -21.68 18.87 -27.00
CA GLU D 393 -22.54 18.67 -28.17
C GLU D 393 -23.90 19.29 -27.86
N VAL D 394 -24.45 20.01 -28.82
CA VAL D 394 -25.78 20.61 -28.71
C VAL D 394 -26.59 20.13 -29.90
N THR D 395 -27.75 19.53 -29.65
CA THR D 395 -28.47 18.81 -30.69
C THR D 395 -29.50 19.68 -31.40
N ASP D 396 -29.71 20.91 -30.93
CA ASP D 396 -30.68 21.81 -31.56
C ASP D 396 -30.17 22.29 -32.92
N GLU D 397 -31.07 22.41 -33.89
CA GLU D 397 -30.69 22.71 -35.26
C GLU D 397 -30.26 24.15 -35.45
N ASP D 398 -30.75 25.06 -34.61
CA ASP D 398 -30.34 26.45 -34.69
C ASP D 398 -29.01 26.66 -33.99
N THR D 399 -28.84 26.02 -32.83
CA THR D 399 -27.57 26.04 -32.11
C THR D 399 -26.83 24.72 -32.34
N ARG D 400 -26.27 24.60 -33.49
CA ARG D 400 -25.41 23.46 -33.82
C ARG D 400 -23.99 23.89 -34.10
N HIS D 401 -23.79 25.16 -34.45
CA HIS D 401 -22.45 25.69 -34.61
C HIS D 401 -21.75 25.81 -33.26
N LEU D 402 -22.52 25.91 -32.18
CA LEU D 402 -21.99 25.87 -30.82
C LEU D 402 -21.83 24.45 -30.34
N SER D 403 -21.10 23.62 -31.08
CA SER D 403 -20.98 22.23 -30.72
C SER D 403 -19.58 21.74 -31.02
N ARG D 404 -19.02 21.01 -30.05
CA ARG D 404 -17.75 20.32 -30.21
C ARG D 404 -18.07 18.88 -29.82
N LYS D 405 -17.20 17.94 -30.20
CA LYS D 405 -17.51 16.49 -30.18
C LYS D 405 -18.75 16.24 -31.03
N PHE D 406 -18.63 16.38 -32.34
CA PHE D 406 -19.69 15.96 -33.23
C PHE D 406 -19.77 14.44 -33.28
N LYS D 407 -20.99 13.92 -33.21
CA LYS D 407 -21.22 12.50 -33.42
C LYS D 407 -21.09 12.19 -34.91
N ASP D 408 -20.74 10.95 -35.23
CA ASP D 408 -20.42 10.59 -36.61
C ASP D 408 -20.90 9.16 -36.83
N TRP D 409 -20.41 8.47 -37.87
CA TRP D 409 -20.91 7.15 -38.24
C TRP D 409 -20.71 6.08 -37.18
N ALA D 410 -21.48 5.00 -37.27
CA ALA D 410 -21.44 3.93 -36.29
C ALA D 410 -21.89 2.60 -36.87
N TYR D 411 -20.93 1.72 -37.18
CA TYR D 411 -21.27 0.44 -37.78
C TYR D 411 -21.24 -0.65 -36.71
N GLY D 412 -22.30 -0.76 -35.91
CA GLY D 412 -22.26 -1.67 -34.79
C GLY D 412 -21.43 -1.06 -33.68
N PRO D 413 -20.66 -1.86 -32.97
CA PRO D 413 -19.88 -1.32 -31.85
C PRO D 413 -18.57 -0.65 -32.24
N VAL D 414 -18.60 0.24 -33.23
CA VAL D 414 -17.40 0.98 -33.63
C VAL D 414 -17.75 2.47 -33.69
N TYR D 415 -18.59 2.90 -32.74
CA TYR D 415 -19.06 4.28 -32.61
C TYR D 415 -17.96 5.32 -32.73
N SER D 416 -18.05 6.16 -33.76
CA SER D 416 -17.06 7.20 -33.98
C SER D 416 -17.50 8.48 -33.28
N SER D 417 -16.60 9.46 -33.20
CA SER D 417 -16.85 10.75 -32.58
C SER D 417 -15.84 11.74 -33.11
N LEU D 418 -16.25 12.99 -33.31
CA LEU D 418 -15.42 13.92 -34.04
C LEU D 418 -15.23 15.21 -33.26
N TYR D 419 -14.07 15.34 -32.63
CA TYR D 419 -13.73 16.48 -31.79
C TYR D 419 -13.18 17.63 -32.62
N ASP D 420 -13.31 18.83 -32.08
CA ASP D 420 -12.94 20.06 -32.76
C ASP D 420 -11.56 20.51 -32.31
N LEU D 421 -10.86 21.25 -33.18
CA LEU D 421 -9.61 21.90 -32.84
C LEU D 421 -9.64 23.39 -33.15
N SER D 422 -10.71 24.08 -32.76
CA SER D 422 -10.82 25.51 -33.04
C SER D 422 -9.83 26.31 -32.21
N SER D 423 -9.59 25.86 -30.98
CA SER D 423 -8.63 26.54 -30.13
C SER D 423 -7.60 25.60 -29.52
N LEU D 424 -7.80 24.29 -29.62
CA LEU D 424 -6.88 23.33 -29.04
C LEU D 424 -5.57 23.25 -29.80
N ASP D 425 -5.62 23.47 -31.10
CA ASP D 425 -4.43 23.31 -31.91
C ASP D 425 -4.42 24.20 -33.14
N THR D 426 -3.67 25.27 -33.09
CA THR D 426 -3.37 26.08 -34.26
C THR D 426 -1.90 25.96 -34.60
N CYS D 427 -1.58 26.31 -35.84
CA CYS D 427 -0.20 26.24 -36.32
C CYS D 427 0.49 27.60 -36.18
N GLY D 428 0.45 28.15 -34.97
CA GLY D 428 1.08 29.42 -34.67
C GLY D 428 0.28 30.65 -35.08
N GLU D 429 -0.88 30.46 -35.69
CA GLU D 429 -1.70 31.56 -36.18
C GLU D 429 -2.46 32.26 -35.08
N GLU D 430 -2.52 31.67 -33.88
CA GLU D 430 -3.43 32.12 -32.84
C GLU D 430 -2.92 31.56 -31.52
N ALA D 431 -3.57 31.87 -30.40
CA ALA D 431 -3.19 31.26 -29.13
C ALA D 431 -3.69 29.82 -29.09
N SER D 432 -3.12 29.03 -28.19
CA SER D 432 -3.42 27.59 -28.18
C SER D 432 -3.72 27.17 -26.76
N VAL D 433 -4.70 26.27 -26.60
CA VAL D 433 -4.94 25.65 -25.30
C VAL D 433 -3.83 24.66 -25.00
N LEU D 434 -3.28 24.03 -26.04
CA LEU D 434 -2.27 22.99 -25.82
C LEU D 434 -0.94 23.61 -25.41
N GLU D 435 -0.66 24.83 -25.84
CA GLU D 435 0.56 25.50 -25.42
C GLU D 435 0.46 25.98 -23.97
N ILE D 436 -0.76 26.29 -23.51
CA ILE D 436 -0.99 26.81 -22.17
C ILE D 436 -0.87 25.69 -21.15
N LEU D 437 -1.41 24.51 -21.48
CA LEU D 437 -1.38 23.39 -20.54
C LEU D 437 0.00 22.79 -20.36
N VAL D 438 0.96 23.13 -21.22
CA VAL D 438 2.25 22.48 -21.22
C VAL D 438 3.33 23.44 -20.73
N TYR D 439 3.15 24.72 -20.99
CA TYR D 439 4.18 25.69 -20.65
C TYR D 439 3.87 26.51 -19.42
N ASN D 440 2.75 27.23 -19.39
CA ASN D 440 2.42 28.17 -18.32
C ASN D 440 0.98 27.90 -17.84
N SER D 441 0.85 27.00 -16.88
CA SER D 441 -0.49 26.58 -16.48
C SER D 441 -0.80 26.76 -15.00
N LYS D 442 -0.03 27.62 -14.30
CA LYS D 442 -0.25 27.99 -12.90
C LYS D 442 -0.30 26.71 -12.06
N ILE D 443 0.86 26.06 -11.90
CA ILE D 443 1.01 24.61 -12.12
C ILE D 443 0.07 23.79 -11.25
N GLU D 444 -0.96 23.29 -11.92
CA GLU D 444 -2.16 22.67 -11.37
C GLU D 444 -2.28 21.36 -12.15
N ASN D 445 -3.47 20.80 -12.28
CA ASN D 445 -3.67 19.45 -12.81
C ASN D 445 -3.31 19.33 -14.28
N ARG D 446 -2.03 19.48 -14.62
CA ARG D 446 -1.59 19.27 -15.99
C ARG D 446 -1.71 17.82 -16.39
N HIS D 447 -1.51 16.90 -15.44
CA HIS D 447 -1.63 15.49 -15.76
C HIS D 447 -3.10 15.11 -15.95
N GLU D 448 -4.02 15.91 -15.43
CA GLU D 448 -5.44 15.69 -15.64
C GLU D 448 -6.00 16.48 -16.81
N MET D 449 -5.38 17.60 -17.17
CA MET D 449 -5.87 18.38 -18.30
C MET D 449 -5.21 17.96 -19.61
N LEU D 450 -4.06 17.30 -19.54
CA LEU D 450 -3.50 16.73 -20.75
C LEU D 450 -3.96 15.28 -20.89
N ALA D 451 -5.24 15.02 -20.68
CA ALA D 451 -5.72 13.65 -20.75
C ALA D 451 -7.16 13.51 -21.22
N VAL D 452 -7.80 14.58 -21.72
CA VAL D 452 -9.23 14.69 -21.44
C VAL D 452 -10.07 13.77 -22.32
N GLU D 453 -10.44 14.16 -23.54
CA GLU D 453 -10.41 13.15 -24.59
C GLU D 453 -9.37 13.43 -25.66
N PRO D 454 -9.38 14.60 -26.39
CA PRO D 454 -8.64 14.63 -27.65
C PRO D 454 -7.18 15.03 -27.49
N ILE D 455 -6.85 15.64 -26.35
CA ILE D 455 -5.47 16.08 -26.11
C ILE D 455 -4.56 14.87 -25.93
N ASN D 456 -5.12 13.77 -25.46
CA ASN D 456 -4.34 12.56 -25.24
C ASN D 456 -3.96 11.90 -26.56
N GLU D 457 -4.84 11.98 -27.58
CA GLU D 457 -4.48 11.41 -28.87
C GLU D 457 -3.85 12.44 -29.79
N LEU D 458 -4.00 13.73 -29.50
CA LEU D 458 -3.40 14.74 -30.36
C LEU D 458 -1.89 14.79 -30.17
N LEU D 459 -1.42 14.39 -28.99
CA LEU D 459 0.01 14.26 -28.80
C LEU D 459 0.51 12.91 -29.30
N ARG D 460 -0.34 11.89 -29.29
CA ARG D 460 0.03 10.62 -29.90
C ARG D 460 0.03 10.72 -31.42
N ASP D 461 -0.82 11.58 -31.98
CA ASP D 461 -0.88 11.70 -33.42
C ASP D 461 0.30 12.50 -33.96
N LYS D 462 0.63 13.62 -33.32
CA LYS D 462 1.78 14.42 -33.74
C LYS D 462 3.09 13.70 -33.56
N TRP D 463 3.17 12.75 -32.64
CA TRP D 463 4.39 12.00 -32.38
C TRP D 463 4.73 11.08 -33.53
N ARG D 464 3.76 10.34 -34.03
CA ARG D 464 4.05 9.38 -35.10
C ARG D 464 3.71 9.95 -36.46
N LYS D 465 3.57 11.27 -36.56
CA LYS D 465 3.37 11.89 -37.86
C LYS D 465 4.61 12.67 -38.22
N PHE D 466 5.12 13.47 -37.29
CA PHE D 466 6.39 14.14 -37.49
C PHE D 466 7.24 14.09 -36.23
N GLY D 467 6.61 13.88 -35.08
CA GLY D 467 7.27 14.03 -33.80
C GLY D 467 8.40 13.07 -33.49
N ALA D 468 8.16 11.77 -33.64
CA ALA D 468 9.21 10.78 -33.38
C ALA D 468 10.27 10.82 -34.47
N VAL D 469 9.85 11.07 -35.71
CA VAL D 469 10.78 11.07 -36.85
C VAL D 469 11.74 12.24 -36.73
N SER D 470 11.24 13.40 -36.31
CA SER D 470 12.11 14.56 -36.19
C SER D 470 12.90 14.53 -34.90
N PHE D 471 12.50 13.69 -33.94
CA PHE D 471 13.19 13.68 -32.66
C PHE D 471 14.50 12.92 -32.75
N TYR D 472 14.50 11.77 -33.44
CA TYR D 472 15.74 11.02 -33.60
C TYR D 472 16.71 11.74 -34.53
N ILE D 473 16.18 12.56 -35.44
CA ILE D 473 17.03 13.49 -36.19
C ILE D 473 17.67 14.50 -35.25
N ASN D 474 16.89 15.02 -34.31
CA ASN D 474 17.38 16.05 -33.41
C ASN D 474 18.39 15.50 -32.40
N VAL D 475 18.40 14.19 -32.21
CA VAL D 475 19.40 13.58 -31.33
C VAL D 475 20.72 13.39 -32.09
N VAL D 476 20.66 12.69 -33.23
CA VAL D 476 21.90 12.24 -33.86
C VAL D 476 22.56 13.38 -34.65
N SER D 477 21.79 14.40 -35.01
CA SER D 477 22.42 15.57 -35.63
C SER D 477 23.06 16.46 -34.57
N TYR D 478 22.64 16.29 -33.31
CA TYR D 478 23.29 17.01 -32.24
C TYR D 478 24.44 16.21 -31.64
N LEU D 479 24.28 14.88 -31.58
CA LEU D 479 25.31 14.04 -30.98
C LEU D 479 26.51 13.89 -31.90
N CYS D 480 26.28 13.86 -33.22
CA CYS D 480 27.41 13.85 -34.15
C CYS D 480 28.09 15.21 -34.18
N ALA D 481 27.33 16.28 -34.00
CA ALA D 481 27.91 17.62 -34.02
C ALA D 481 28.77 17.89 -32.80
N MET D 482 28.54 17.14 -31.71
CA MET D 482 29.42 17.27 -30.56
C MET D 482 30.72 16.50 -30.78
N VAL D 483 30.64 15.34 -31.44
CA VAL D 483 31.83 14.55 -31.75
C VAL D 483 32.71 15.30 -32.74
N ILE D 484 32.09 16.01 -33.68
CA ILE D 484 32.82 16.92 -34.56
C ILE D 484 33.44 18.05 -33.74
N PHE D 485 32.71 18.57 -32.76
CA PHE D 485 33.25 19.63 -31.91
C PHE D 485 34.25 19.09 -30.91
N THR D 486 34.18 17.78 -30.62
CA THR D 486 35.12 17.17 -29.69
C THR D 486 36.50 17.04 -30.33
N LEU D 487 36.54 16.57 -31.57
CA LEU D 487 37.80 16.27 -32.23
C LEU D 487 38.51 17.55 -32.70
N THR D 488 37.78 18.67 -32.74
CA THR D 488 38.42 19.95 -33.00
C THR D 488 39.10 20.53 -31.76
N ALA D 489 38.98 19.87 -30.62
CA ALA D 489 39.71 20.26 -29.43
C ALA D 489 40.89 19.34 -29.15
N TYR D 490 40.74 18.04 -29.43
CA TYR D 490 41.81 17.09 -29.17
C TYR D 490 42.94 17.22 -30.19
N TYR D 491 42.59 17.27 -31.47
CA TYR D 491 43.57 17.39 -32.54
C TYR D 491 43.76 18.82 -33.00
N GLN D 492 43.59 19.81 -32.12
CA GLN D 492 43.74 21.18 -32.56
C GLN D 492 45.22 21.55 -32.61
N PRO D 493 45.75 21.97 -33.76
CA PRO D 493 47.21 22.13 -33.89
C PRO D 493 47.72 23.54 -33.63
N LEU D 494 46.83 24.49 -33.33
CA LEU D 494 47.27 25.87 -33.19
C LEU D 494 48.00 26.12 -31.88
N GLU D 495 47.37 25.77 -30.76
CA GLU D 495 47.70 26.24 -29.41
C GLU D 495 48.01 27.74 -29.39
N GLY D 496 47.13 28.55 -29.97
CA GLY D 496 47.36 29.97 -30.17
C GLY D 496 48.09 30.24 -31.47
N THR D 497 47.95 31.47 -32.04
CA THR D 497 48.53 31.99 -33.29
C THR D 497 48.47 30.96 -34.43
N PRO D 498 47.31 30.86 -35.10
CA PRO D 498 46.95 29.67 -35.91
C PRO D 498 47.93 29.39 -37.04
N PRO D 499 48.13 28.10 -37.39
CA PRO D 499 49.15 27.72 -38.40
C PRO D 499 48.73 28.06 -39.82
N TYR D 500 49.06 29.28 -40.23
CA TYR D 500 48.81 29.86 -41.56
C TYR D 500 49.24 28.96 -42.72
N PRO D 501 50.35 28.16 -42.67
CA PRO D 501 50.50 27.07 -43.65
C PRO D 501 49.83 25.77 -43.18
N TYR D 502 48.50 25.72 -43.30
CA TYR D 502 47.77 24.48 -43.04
C TYR D 502 48.18 23.41 -44.04
N ARG D 503 47.83 23.62 -45.32
CA ARG D 503 48.38 22.95 -46.49
C ARG D 503 48.19 21.42 -46.52
N THR D 504 47.38 20.89 -45.61
CA THR D 504 47.12 19.46 -45.55
C THR D 504 45.61 19.24 -45.58
N THR D 505 45.15 18.25 -46.34
CA THR D 505 43.73 17.94 -46.34
C THR D 505 43.24 17.38 -44.99
N VAL D 506 44.14 16.77 -44.21
CA VAL D 506 43.81 16.37 -42.85
C VAL D 506 43.59 17.61 -41.99
N ASP D 507 44.42 18.64 -42.20
CA ASP D 507 44.16 19.94 -41.60
C ASP D 507 42.90 20.59 -42.19
N TYR D 508 42.54 20.23 -43.43
CA TYR D 508 41.34 20.80 -44.04
C TYR D 508 40.08 20.05 -43.63
N LEU D 509 40.19 18.77 -43.29
CA LEU D 509 39.10 18.09 -42.60
C LEU D 509 38.80 18.73 -41.25
N ARG D 510 39.85 19.06 -40.49
CA ARG D 510 39.64 19.73 -39.20
C ARG D 510 39.20 21.18 -39.40
N LEU D 511 39.62 21.80 -40.50
CA LEU D 511 39.23 23.18 -40.78
C LEU D 511 37.74 23.29 -41.07
N ALA D 512 37.18 22.26 -41.69
CA ALA D 512 35.73 22.20 -41.87
C ALA D 512 35.02 21.88 -40.57
N GLY D 513 35.74 21.36 -39.58
CA GLY D 513 35.21 21.09 -38.27
C GLY D 513 34.74 22.32 -37.52
N GLU D 514 35.51 23.42 -37.62
CA GLU D 514 35.08 24.65 -36.97
C GLU D 514 33.98 25.34 -37.77
N VAL D 515 33.91 25.05 -39.08
CA VAL D 515 32.85 25.62 -39.92
C VAL D 515 31.50 25.03 -39.53
N ILE D 516 31.48 23.74 -39.24
CA ILE D 516 30.29 23.10 -38.66
C ILE D 516 30.03 23.65 -37.26
N THR D 517 31.10 23.88 -36.48
CA THR D 517 30.97 24.46 -35.15
C THR D 517 30.43 25.88 -35.21
N LEU D 518 30.97 26.70 -36.13
CA LEU D 518 30.47 28.06 -36.29
C LEU D 518 29.04 28.07 -36.82
N PHE D 519 28.67 27.05 -37.60
CA PHE D 519 27.29 26.93 -38.05
C PHE D 519 26.35 26.62 -36.88
N THR D 520 26.77 25.70 -36.00
CA THR D 520 25.96 25.40 -34.82
C THR D 520 25.96 26.55 -33.83
N GLY D 521 27.05 27.31 -33.77
CA GLY D 521 27.13 28.44 -32.88
C GLY D 521 26.25 29.59 -33.30
N VAL D 522 26.04 29.75 -34.61
CA VAL D 522 25.26 30.87 -35.10
C VAL D 522 23.78 30.47 -35.20
N LEU D 523 23.51 29.17 -35.28
CA LEU D 523 22.13 28.71 -35.45
C LEU D 523 21.45 28.54 -34.11
N PHE D 524 22.20 28.08 -33.10
CA PHE D 524 21.69 28.13 -31.73
C PHE D 524 21.53 29.56 -31.24
N PHE D 525 22.32 30.47 -31.80
CA PHE D 525 22.15 31.89 -31.51
C PHE D 525 20.85 32.42 -32.14
N PHE D 526 20.63 32.11 -33.42
CA PHE D 526 19.50 32.68 -34.16
C PHE D 526 18.16 32.10 -33.69
N THR D 527 18.14 30.85 -33.23
CA THR D 527 16.93 30.32 -32.62
C THR D 527 16.61 31.05 -31.32
N ASN D 528 17.64 31.46 -30.59
CA ASN D 528 17.42 32.17 -29.34
C ASN D 528 17.14 33.65 -29.57
N ILE D 529 17.55 34.18 -30.73
CA ILE D 529 17.21 35.55 -31.09
C ILE D 529 15.72 35.66 -31.39
N LYS D 530 15.19 34.70 -32.16
CA LYS D 530 13.79 34.82 -32.56
C LYS D 530 12.83 34.39 -31.45
N ASP D 531 13.36 33.95 -30.31
CA ASP D 531 12.53 33.74 -29.13
C ASP D 531 12.24 35.07 -28.42
N LEU D 532 13.24 35.95 -28.36
CA LEU D 532 13.14 37.12 -27.49
C LEU D 532 12.47 38.32 -28.13
N PHE D 533 11.90 38.18 -29.32
CA PHE D 533 11.16 39.29 -29.92
C PHE D 533 9.79 39.46 -29.27
N GLY D 547 12.25 30.69 -18.14
CA GLY D 547 12.92 30.06 -19.26
C GLY D 547 14.26 29.45 -18.88
N SER D 548 14.20 28.25 -18.31
CA SER D 548 15.40 27.55 -17.83
C SER D 548 16.36 27.18 -18.95
N PHE D 549 15.93 26.31 -19.86
CA PHE D 549 16.88 25.68 -20.77
C PHE D 549 17.01 26.44 -22.08
N GLN D 550 16.19 27.46 -22.28
CA GLN D 550 16.34 28.31 -23.45
C GLN D 550 17.59 29.19 -23.32
N LEU D 551 18.02 29.42 -22.08
CA LEU D 551 19.18 30.26 -21.84
C LEU D 551 20.48 29.45 -21.86
N LEU D 552 20.41 28.15 -21.58
CA LEU D 552 21.62 27.33 -21.60
C LEU D 552 22.10 27.08 -23.02
N TYR D 553 21.18 26.99 -23.99
CA TYR D 553 21.61 26.94 -25.38
C TYR D 553 22.13 28.30 -25.83
N PHE D 554 21.66 29.37 -25.18
CA PHE D 554 22.18 30.69 -25.50
C PHE D 554 23.60 30.86 -24.97
N ILE D 555 23.93 30.21 -23.85
CA ILE D 555 25.31 30.20 -23.35
C ILE D 555 26.22 29.46 -24.32
N TYR D 556 25.76 28.30 -24.80
CA TYR D 556 26.55 27.51 -25.73
C TYR D 556 26.70 28.20 -27.08
N SER D 557 25.74 29.09 -27.41
CA SER D 557 25.81 29.81 -28.68
C SER D 557 26.84 30.93 -28.61
N VAL D 558 26.90 31.64 -27.48
CA VAL D 558 27.76 32.81 -27.36
C VAL D 558 29.23 32.40 -27.31
N LEU D 559 29.52 31.34 -26.55
CA LEU D 559 30.90 30.94 -26.28
C LEU D 559 31.59 30.37 -27.53
N VAL D 560 30.80 29.93 -28.51
CA VAL D 560 31.34 29.57 -29.80
C VAL D 560 31.73 30.84 -30.55
N ILE D 561 30.87 31.87 -30.45
CA ILE D 561 31.10 33.12 -31.16
C ILE D 561 32.25 33.89 -30.52
N VAL D 562 32.35 33.81 -29.19
CA VAL D 562 33.47 34.44 -28.47
C VAL D 562 34.78 33.76 -28.82
N SER D 563 34.74 32.43 -29.00
CA SER D 563 35.93 31.70 -29.42
C SER D 563 36.31 32.03 -30.86
N ALA D 564 35.31 32.13 -31.74
CA ALA D 564 35.56 32.33 -33.16
C ALA D 564 36.14 33.70 -33.44
N ALA D 565 35.87 34.67 -32.58
CA ALA D 565 36.53 35.97 -32.68
C ALA D 565 37.99 35.88 -32.22
N LEU D 566 38.25 35.06 -31.20
CA LEU D 566 39.60 34.93 -30.69
C LEU D 566 40.44 34.01 -31.55
N TYR D 567 39.79 33.21 -32.40
CA TYR D 567 40.49 32.33 -33.33
C TYR D 567 41.20 33.13 -34.40
N LEU D 568 40.47 34.06 -35.02
CA LEU D 568 41.01 34.88 -36.10
C LEU D 568 41.99 35.93 -35.59
N ALA D 569 41.85 36.31 -34.33
CA ALA D 569 42.74 37.30 -33.73
C ALA D 569 44.04 36.66 -33.27
N GLY D 570 44.08 35.33 -33.22
CA GLY D 570 45.28 34.62 -32.83
C GLY D 570 45.55 34.66 -31.34
N ILE D 571 44.54 35.02 -30.56
CA ILE D 571 44.65 35.09 -29.10
C ILE D 571 44.77 33.69 -28.54
N GLU D 572 45.74 33.48 -27.65
CA GLU D 572 46.04 32.19 -27.03
C GLU D 572 44.91 31.67 -26.14
N ALA D 573 43.97 32.54 -25.76
CA ALA D 573 42.85 32.16 -24.91
C ALA D 573 41.71 31.48 -25.68
N TYR D 574 41.92 31.23 -26.98
CA TYR D 574 40.96 30.48 -27.79
C TYR D 574 40.72 29.09 -27.25
N LEU D 575 41.79 28.39 -26.88
CA LEU D 575 41.68 27.02 -26.43
C LEU D 575 41.08 26.94 -25.03
N ALA D 576 41.14 28.04 -24.28
CA ALA D 576 40.56 28.04 -22.94
C ALA D 576 39.04 28.16 -22.99
N VAL D 577 38.54 29.04 -23.86
CA VAL D 577 37.09 29.28 -23.94
C VAL D 577 36.40 28.11 -24.63
N MET D 578 37.11 27.47 -25.56
CA MET D 578 36.51 26.41 -26.37
C MET D 578 36.21 25.16 -25.54
N VAL D 579 36.95 24.98 -24.44
CA VAL D 579 36.66 23.87 -23.54
C VAL D 579 35.42 24.18 -22.71
N PHE D 580 35.17 25.47 -22.42
CA PHE D 580 33.95 25.85 -21.71
C PHE D 580 32.71 25.62 -22.55
N ALA D 581 32.86 25.60 -23.87
CA ALA D 581 31.75 25.18 -24.71
C ALA D 581 31.62 23.65 -24.69
N LEU D 582 32.75 22.95 -24.56
CA LEU D 582 32.72 21.49 -24.70
C LEU D 582 32.24 20.83 -23.43
N VAL D 583 32.43 21.46 -22.27
CA VAL D 583 31.81 20.98 -21.04
C VAL D 583 30.31 21.24 -21.07
N LEU D 584 29.89 22.34 -21.69
CA LEU D 584 28.50 22.74 -21.62
C LEU D 584 27.68 22.02 -22.67
N GLY D 585 28.30 21.69 -23.80
CA GLY D 585 27.56 21.05 -24.88
C GLY D 585 27.18 19.61 -24.57
N TRP D 586 28.08 18.89 -23.89
CA TRP D 586 27.73 17.54 -23.46
C TRP D 586 26.80 17.53 -22.26
N MET D 587 26.62 18.67 -21.59
CA MET D 587 25.55 18.77 -20.60
C MET D 587 24.19 18.89 -21.28
N ASN D 588 24.16 19.41 -22.51
CA ASN D 588 22.90 19.46 -23.24
C ASN D 588 22.63 18.17 -23.99
N ALA D 589 23.63 17.31 -24.14
CA ALA D 589 23.37 15.95 -24.63
C ALA D 589 22.62 15.19 -23.55
N LEU D 590 22.91 15.52 -22.28
CA LEU D 590 22.18 15.01 -21.15
C LEU D 590 20.74 15.55 -21.14
N TYR D 591 20.53 16.71 -21.77
CA TYR D 591 19.18 17.25 -21.86
C TYR D 591 18.34 16.49 -22.89
N PHE D 592 18.95 15.99 -23.96
CA PHE D 592 18.22 15.21 -24.95
C PHE D 592 17.96 13.79 -24.43
N THR D 593 17.08 13.69 -23.44
CA THR D 593 16.59 12.43 -22.91
C THR D 593 15.08 12.42 -22.83
N ARG D 594 14.43 13.44 -23.38
CA ARG D 594 12.98 13.63 -23.26
C ARG D 594 12.22 12.65 -24.14
N GLY D 595 11.96 11.47 -23.62
CA GLY D 595 11.30 10.42 -24.39
C GLY D 595 11.88 9.05 -24.08
N LEU D 596 13.16 9.02 -23.72
CA LEU D 596 13.73 7.84 -23.09
C LEU D 596 13.31 7.86 -21.62
N LYS D 597 12.38 6.97 -21.27
CA LYS D 597 11.62 6.97 -20.02
C LYS D 597 12.49 6.97 -18.77
N LEU D 598 13.50 6.09 -18.75
CA LEU D 598 14.38 5.91 -17.60
C LEU D 598 15.27 7.13 -17.36
N THR D 599 15.90 7.62 -18.42
CA THR D 599 16.83 8.73 -18.32
C THR D 599 16.10 10.04 -18.04
N GLY D 600 14.90 10.18 -18.60
CA GLY D 600 14.11 11.37 -18.33
C GLY D 600 13.51 11.36 -16.93
N THR D 601 13.44 10.19 -16.31
CA THR D 601 12.91 10.07 -14.95
C THR D 601 13.88 10.65 -13.94
N TYR D 602 15.18 10.34 -14.08
CA TYR D 602 16.12 10.79 -13.06
C TYR D 602 16.59 12.22 -13.30
N SER D 603 16.13 12.88 -14.35
CA SER D 603 16.59 14.23 -14.65
C SER D 603 16.08 15.24 -13.63
N ILE D 604 14.78 15.18 -13.31
CA ILE D 604 14.20 16.13 -12.35
C ILE D 604 13.94 15.41 -11.01
N MET D 605 14.55 14.24 -10.81
CA MET D 605 14.64 13.72 -9.45
C MET D 605 15.50 14.67 -8.62
N ILE D 606 16.75 14.80 -9.04
CA ILE D 606 17.83 15.42 -8.27
C ILE D 606 17.67 16.93 -8.10
N GLN D 607 16.72 17.53 -8.82
CA GLN D 607 16.46 18.95 -8.70
C GLN D 607 15.91 19.30 -7.32
N LYS D 608 14.84 18.61 -6.90
CA LYS D 608 14.20 18.92 -5.64
C LYS D 608 14.67 17.99 -4.52
N ILE D 609 15.18 16.81 -4.89
CA ILE D 609 15.45 15.77 -3.90
C ILE D 609 16.88 15.92 -3.38
N LEU D 610 17.70 16.71 -4.07
CA LEU D 610 19.12 16.76 -3.71
C LEU D 610 19.57 18.17 -3.41
N PHE D 611 18.84 19.18 -3.90
CA PHE D 611 19.03 20.53 -3.36
C PHE D 611 18.50 20.64 -1.94
N LYS D 612 17.60 19.74 -1.54
CA LYS D 612 17.00 19.75 -0.22
C LYS D 612 17.73 18.83 0.76
N ASP D 613 17.84 17.54 0.42
CA ASP D 613 18.31 16.54 1.37
C ASP D 613 19.79 16.70 1.69
N LEU D 614 20.59 17.04 0.67
CA LEU D 614 22.02 17.27 0.87
C LEU D 614 22.20 18.54 1.69
N PHE D 615 21.33 19.54 1.44
CA PHE D 615 21.30 20.71 2.30
C PHE D 615 20.80 20.36 3.69
N ARG D 616 19.82 19.46 3.78
CA ARG D 616 19.32 19.03 5.07
C ARG D 616 20.36 18.19 5.80
N PHE D 617 21.17 17.45 5.03
CA PHE D 617 22.32 16.77 5.61
C PHE D 617 23.42 17.76 5.99
N LEU D 618 23.43 18.94 5.34
CA LEU D 618 24.49 19.92 5.55
C LEU D 618 24.31 20.65 6.87
N LEU D 619 23.07 20.79 7.36
CA LEU D 619 22.85 21.41 8.65
C LEU D 619 23.40 20.57 9.79
N VAL D 620 23.03 19.29 9.82
CA VAL D 620 23.31 18.46 11.00
C VAL D 620 24.79 18.11 11.07
N TYR D 621 25.48 18.15 9.93
CA TYR D 621 26.91 17.88 9.94
C TYR D 621 27.68 19.13 10.37
N LEU D 622 27.20 20.31 9.96
CA LEU D 622 27.85 21.55 10.33
C LEU D 622 27.55 21.93 11.78
N LEU D 623 26.41 21.48 12.30
CA LEU D 623 26.12 21.66 13.72
C LEU D 623 27.05 20.80 14.56
N PHE D 624 27.32 19.58 14.09
CA PHE D 624 28.16 18.68 14.87
C PHE D 624 29.63 19.03 14.79
N MET D 625 30.17 19.11 13.57
CA MET D 625 31.60 19.22 13.31
C MET D 625 32.25 20.45 13.93
N ILE D 626 31.56 21.58 13.89
CA ILE D 626 32.07 22.81 14.49
C ILE D 626 32.13 22.64 16.01
N GLY D 627 31.18 21.90 16.56
CA GLY D 627 31.21 21.59 17.96
C GLY D 627 32.35 20.68 18.35
N TYR D 628 32.44 19.51 17.72
CA TYR D 628 33.43 18.50 18.07
C TYR D 628 34.87 18.94 17.81
N ALA D 629 35.14 19.49 16.62
CA ALA D 629 36.51 19.83 16.23
C ALA D 629 37.09 20.94 17.10
N SER D 630 36.29 21.97 17.37
CA SER D 630 36.74 23.05 18.22
C SER D 630 36.84 22.62 19.68
N ALA D 631 36.12 21.57 20.06
CA ALA D 631 36.30 20.97 21.37
C ALA D 631 37.62 20.21 21.40
N LEU D 632 37.93 19.52 20.30
CA LEU D 632 39.05 18.60 20.32
C LEU D 632 40.37 19.30 19.98
N VAL D 633 40.32 20.45 19.31
CA VAL D 633 41.55 21.22 19.15
C VAL D 633 41.80 22.08 20.38
N SER D 634 40.76 22.30 21.19
CA SER D 634 40.96 22.94 22.48
C SER D 634 41.49 21.93 23.49
N LEU D 635 41.31 20.64 23.19
CA LEU D 635 41.83 19.56 24.01
C LEU D 635 43.34 19.47 23.82
N LEU D 636 43.83 19.95 22.66
CA LEU D 636 45.25 19.89 22.34
C LEU D 636 46.06 20.89 23.17
N ASN D 637 47.38 20.79 23.11
CA ASN D 637 48.25 21.63 23.92
C ASN D 637 48.75 22.85 23.14
N PRO D 638 48.92 23.99 23.80
CA PRO D 638 49.55 25.14 23.14
C PRO D 638 51.05 24.93 23.00
N CYS D 639 51.64 25.70 22.10
CA CYS D 639 53.08 25.60 21.82
C CYS D 639 53.85 26.23 22.98
N ALA D 640 54.25 25.37 23.92
CA ALA D 640 55.08 25.77 25.06
C ALA D 640 56.27 24.83 25.20
N ASN D 641 56.47 23.97 24.20
CA ASN D 641 57.54 22.97 24.11
C ASN D 641 57.57 22.03 25.32
N VAL D 654 59.17 22.75 17.40
CA VAL D 654 57.97 23.12 18.14
C VAL D 654 56.77 23.55 17.23
N PRO D 655 56.96 24.39 16.15
CA PRO D 655 55.82 24.62 15.25
C PRO D 655 55.51 23.42 14.36
N THR D 656 55.00 22.34 14.95
CA THR D 656 54.60 21.16 14.19
C THR D 656 53.16 20.83 14.62
N TYR D 657 52.30 20.61 13.62
CA TYR D 657 50.92 20.21 13.89
C TYR D 657 50.76 18.84 14.56
N PRO D 658 51.50 17.73 14.20
CA PRO D 658 51.33 16.49 14.96
C PRO D 658 51.77 16.53 16.42
N SER D 659 52.36 17.63 16.87
CA SER D 659 52.64 17.83 18.29
C SER D 659 51.80 18.96 18.86
N CYS D 660 51.86 20.14 18.25
CA CYS D 660 51.26 21.34 18.81
C CYS D 660 50.15 21.88 17.91
N ARG D 661 49.54 22.97 18.36
CA ARG D 661 48.52 23.68 17.58
C ARG D 661 49.20 24.84 16.85
N ASP D 662 48.85 25.01 15.57
CA ASP D 662 49.41 26.05 14.74
C ASP D 662 48.27 26.93 14.19
N SER D 663 48.60 27.80 13.23
CA SER D 663 47.58 28.60 12.57
C SER D 663 46.73 27.75 11.63
N GLU D 664 47.26 26.61 11.18
CA GLU D 664 46.56 25.78 10.22
C GLU D 664 45.87 24.63 10.95
N THR D 665 45.74 24.76 12.27
CA THR D 665 45.04 23.78 13.09
C THR D 665 43.54 23.82 12.80
N PHE D 666 43.03 25.00 12.42
CA PHE D 666 41.66 25.17 11.95
C PHE D 666 41.41 24.35 10.69
N SER D 667 42.43 24.23 9.85
CA SER D 667 42.29 23.50 8.59
C SER D 667 42.58 22.02 8.77
N THR D 668 43.78 21.69 9.25
CA THR D 668 44.31 20.33 9.11
C THR D 668 43.62 19.34 10.05
N PHE D 669 42.92 19.84 11.06
CA PHE D 669 42.18 18.92 11.91
C PHE D 669 40.94 18.43 11.21
N LEU D 670 40.18 19.36 10.61
CA LEU D 670 38.92 19.02 9.97
C LEU D 670 39.14 18.26 8.67
N LEU D 671 40.31 18.44 8.04
CA LEU D 671 40.73 17.54 6.97
C LEU D 671 40.95 16.14 7.51
N ASP D 672 41.70 16.04 8.62
CA ASP D 672 41.98 14.74 9.21
C ASP D 672 40.79 14.17 9.96
N LEU D 673 39.75 14.97 10.17
CA LEU D 673 38.62 14.54 10.98
C LEU D 673 37.76 13.51 10.22
N PHE D 674 37.22 13.88 9.07
CA PHE D 674 36.34 12.94 8.36
C PHE D 674 37.14 11.89 7.60
N LYS D 675 38.42 12.15 7.33
CA LYS D 675 39.28 11.13 6.71
C LYS D 675 39.45 9.92 7.63
N LEU D 676 39.59 10.17 8.93
CA LEU D 676 39.76 9.10 9.91
C LEU D 676 38.49 8.26 10.04
N THR D 677 37.34 8.84 9.69
CA THR D 677 36.08 8.11 9.80
C THR D 677 35.91 7.12 8.64
N ILE D 678 36.05 7.60 7.41
CA ILE D 678 35.62 6.82 6.25
C ILE D 678 36.60 5.71 5.88
N GLY D 679 37.89 6.04 5.72
CA GLY D 679 38.83 5.06 5.20
C GLY D 679 40.15 4.98 5.92
N MET D 680 40.41 5.92 6.82
CA MET D 680 41.67 5.97 7.55
C MET D 680 41.46 5.43 8.96
N GLY D 681 40.72 4.32 9.07
CA GLY D 681 40.46 3.65 10.35
C GLY D 681 41.69 3.18 11.10
N ASP D 682 42.84 3.09 10.44
CA ASP D 682 44.11 2.88 11.13
C ASP D 682 44.45 4.07 12.01
N LEU D 683 45.48 3.88 12.86
CA LEU D 683 45.72 4.59 14.13
C LEU D 683 45.50 6.10 14.11
N GLU D 684 46.35 6.84 13.36
CA GLU D 684 46.31 8.28 13.13
C GLU D 684 46.01 9.06 14.41
N MET D 685 46.88 8.95 15.40
CA MET D 685 46.57 9.39 16.75
C MET D 685 47.47 10.56 17.14
N LEU D 686 46.87 11.54 17.78
CA LEU D 686 47.58 12.74 18.24
C LEU D 686 48.01 12.43 19.67
N SER D 687 49.31 12.22 19.87
CA SER D 687 49.82 11.81 21.17
C SER D 687 49.83 12.97 22.16
N SER D 688 50.40 14.11 21.78
CA SER D 688 50.56 15.21 22.72
C SER D 688 49.24 15.93 22.96
N THR D 689 48.43 15.39 23.88
CA THR D 689 47.16 16.01 24.27
C THR D 689 47.20 16.22 25.77
N LYS D 690 46.26 17.03 26.27
CA LYS D 690 46.13 17.25 27.71
C LYS D 690 45.60 16.00 28.40
N TYR D 691 44.48 15.47 27.92
CA TYR D 691 43.83 14.32 28.52
C TYR D 691 43.50 13.33 27.42
N PRO D 692 44.32 12.30 27.22
CA PRO D 692 44.03 11.31 26.17
C PRO D 692 42.84 10.43 26.48
N VAL D 693 42.40 10.39 27.74
CA VAL D 693 41.30 9.51 28.11
C VAL D 693 39.97 10.10 27.69
N VAL D 694 39.93 11.42 27.47
CA VAL D 694 38.68 12.06 27.06
C VAL D 694 38.68 12.33 25.57
N PHE D 695 39.86 12.32 24.95
CA PHE D 695 39.95 12.50 23.51
C PHE D 695 39.41 11.27 22.79
N ILE D 696 39.73 10.08 23.30
CA ILE D 696 39.32 8.86 22.63
C ILE D 696 37.83 8.61 22.82
N ILE D 697 37.25 9.10 23.93
CA ILE D 697 35.81 8.94 24.14
C ILE D 697 35.03 9.87 23.23
N LEU D 698 35.50 11.11 23.09
CA LEU D 698 34.84 12.06 22.20
C LEU D 698 35.02 11.67 20.74
N LEU D 699 36.11 10.96 20.43
CA LEU D 699 36.29 10.44 19.08
C LEU D 699 35.31 9.31 18.80
N VAL D 700 35.03 8.48 19.82
CA VAL D 700 34.10 7.37 19.66
C VAL D 700 32.68 7.89 19.47
N THR D 701 32.31 8.93 20.22
CA THR D 701 31.02 9.57 20.02
C THR D 701 30.94 10.24 18.66
N TYR D 702 32.05 10.79 18.18
CA TYR D 702 32.05 11.43 16.86
C TYR D 702 31.92 10.40 15.75
N ILE D 703 32.26 9.14 16.01
CA ILE D 703 32.03 8.11 15.01
C ILE D 703 30.54 7.81 14.93
N ILE D 704 29.89 7.61 16.07
CA ILE D 704 28.54 7.06 16.06
C ILE D 704 27.46 8.13 16.21
N LEU D 705 27.68 9.17 17.02
CA LEU D 705 26.65 10.19 17.18
C LEU D 705 26.57 11.13 15.98
N THR D 706 27.50 11.00 15.04
CA THR D 706 27.60 11.69 13.76
C THR D 706 27.64 10.61 12.67
N PHE D 707 28.33 10.91 11.57
CA PHE D 707 28.26 10.38 10.21
C PHE D 707 27.72 8.96 10.03
N VAL D 708 28.07 8.03 10.91
CA VAL D 708 27.51 6.68 10.86
C VAL D 708 26.00 6.72 11.07
N LEU D 709 25.53 7.44 12.09
CA LEU D 709 24.10 7.64 12.26
C LEU D 709 23.52 8.58 11.19
N LEU D 710 24.33 9.52 10.73
CA LEU D 710 23.84 10.46 9.74
C LEU D 710 23.80 9.83 8.34
N LEU D 711 24.54 8.74 8.13
CA LEU D 711 24.35 7.95 6.93
C LEU D 711 23.02 7.20 6.97
N ASN D 712 22.69 6.62 8.13
CA ASN D 712 21.46 5.86 8.26
C ASN D 712 20.23 6.75 8.20
N MET D 713 20.38 8.05 8.47
CA MET D 713 19.32 9.00 8.17
C MET D 713 19.09 9.10 6.67
N LEU D 714 20.17 9.34 5.91
CA LEU D 714 20.08 9.62 4.49
C LEU D 714 19.61 8.39 3.70
N ILE D 715 19.92 7.20 4.20
CA ILE D 715 19.38 5.98 3.61
C ILE D 715 17.87 5.93 3.84
N ALA D 716 17.43 6.33 5.04
CA ALA D 716 16.00 6.41 5.30
C ALA D 716 15.36 7.59 4.60
N LEU D 717 16.14 8.62 4.27
CA LEU D 717 15.62 9.73 3.49
C LEU D 717 15.40 9.30 2.05
N MET D 718 16.44 8.75 1.42
CA MET D 718 16.35 8.28 0.05
C MET D 718 15.47 7.05 -0.07
N GLY D 719 15.31 6.32 1.04
CA GLY D 719 14.38 5.20 1.09
C GLY D 719 12.94 5.64 1.00
N GLU D 720 12.61 6.79 1.58
CA GLU D 720 11.23 7.24 1.60
C GLU D 720 10.92 8.25 0.51
N THR D 721 11.91 9.05 0.10
CA THR D 721 11.66 10.06 -0.92
C THR D 721 11.79 9.48 -2.33
N VAL D 722 12.11 8.18 -2.44
CA VAL D 722 12.02 7.53 -3.74
C VAL D 722 10.61 7.01 -3.96
N GLY D 723 9.82 6.90 -2.89
CA GLY D 723 8.43 6.53 -3.00
C GLY D 723 7.57 7.69 -3.46
N GLN D 724 8.12 8.90 -3.33
CA GLN D 724 7.41 10.09 -3.82
C GLN D 724 7.59 10.26 -5.32
N VAL D 725 8.78 9.92 -5.82
CA VAL D 725 9.04 10.09 -7.25
C VAL D 725 8.46 8.90 -8.02
N SER D 726 8.25 7.79 -7.33
CA SER D 726 7.62 6.63 -7.95
C SER D 726 6.13 6.87 -8.11
N LYS D 727 5.57 7.71 -7.24
CA LYS D 727 4.17 8.11 -7.38
C LYS D 727 3.98 9.01 -8.58
N GLU D 728 4.99 9.83 -8.90
CA GLU D 728 4.95 10.73 -10.04
C GLU D 728 5.59 10.15 -11.28
N SER D 729 5.70 8.83 -11.37
CA SER D 729 6.44 8.16 -12.44
C SER D 729 5.78 8.37 -13.80
N LYS D 730 4.48 8.11 -13.89
CA LYS D 730 3.77 8.32 -15.14
C LYS D 730 3.54 9.80 -15.41
N HIS D 731 3.46 10.60 -14.36
CA HIS D 731 2.96 11.97 -14.51
C HIS D 731 4.06 12.94 -14.89
N ILE D 732 5.32 12.52 -14.82
CA ILE D 732 6.40 13.40 -15.29
C ILE D 732 6.82 13.02 -16.70
N TRP D 733 6.58 11.76 -17.09
CA TRP D 733 6.94 11.34 -18.43
C TRP D 733 6.00 11.92 -19.47
N LYS D 734 4.72 12.07 -19.12
CA LYS D 734 3.75 12.65 -20.04
C LYS D 734 4.04 14.11 -20.31
N LEU D 735 4.62 14.81 -19.34
CA LEU D 735 4.91 16.23 -19.54
C LEU D 735 6.24 16.41 -20.26
N GLN D 736 7.18 15.49 -20.09
CA GLN D 736 8.41 15.52 -20.87
C GLN D 736 8.11 15.24 -22.34
N TRP D 737 7.26 14.25 -22.58
CA TRP D 737 6.88 13.86 -23.92
C TRP D 737 6.04 14.93 -24.60
N ALA D 738 5.33 15.74 -23.80
CA ALA D 738 4.55 16.85 -24.36
C ALA D 738 5.45 18.02 -24.71
N THR D 739 6.44 18.31 -23.87
CA THR D 739 7.39 19.38 -24.18
C THR D 739 8.31 18.99 -25.33
N THR D 740 8.44 17.70 -25.58
CA THR D 740 9.23 17.21 -26.71
C THR D 740 8.57 17.60 -28.02
N ILE D 741 7.26 17.39 -28.10
CA ILE D 741 6.55 17.54 -29.37
C ILE D 741 6.35 19.00 -29.71
N LEU D 742 5.99 19.80 -28.71
CA LEU D 742 5.70 21.21 -28.96
C LEU D 742 6.96 22.00 -29.26
N ASP D 743 8.12 21.56 -28.75
CA ASP D 743 9.37 22.23 -29.10
C ASP D 743 9.76 21.94 -30.54
N ILE D 744 9.47 20.72 -31.02
CA ILE D 744 9.70 20.41 -32.42
C ILE D 744 8.71 21.15 -33.28
N GLU D 745 7.45 21.24 -32.83
CA GLU D 745 6.41 21.83 -33.65
C GLU D 745 6.52 23.34 -33.73
N ARG D 746 6.89 24.02 -32.64
CA ARG D 746 7.02 25.47 -32.67
C ARG D 746 8.33 25.95 -33.27
N SER D 747 9.19 25.03 -33.72
CA SER D 747 10.43 25.43 -34.38
C SER D 747 10.28 25.41 -35.90
N PHE D 748 9.29 24.68 -36.40
CA PHE D 748 9.01 24.58 -37.83
C PHE D 748 8.50 25.90 -38.39
N PRO D 749 8.64 26.16 -39.68
CA PRO D 749 7.93 27.28 -40.30
C PRO D 749 6.44 26.98 -40.43
N VAL D 750 5.68 28.04 -40.69
CA VAL D 750 4.22 27.98 -40.57
C VAL D 750 3.61 27.16 -41.71
N PHE D 751 4.18 27.24 -42.91
CA PHE D 751 3.66 26.46 -44.02
C PHE D 751 3.96 24.97 -43.85
N LEU D 752 5.06 24.67 -43.15
CA LEU D 752 5.35 23.28 -42.82
C LEU D 752 4.40 22.76 -41.76
N ARG D 753 4.01 23.61 -40.81
CA ARG D 753 3.07 23.19 -39.77
C ARG D 753 1.67 23.03 -40.36
N LYS D 754 1.31 23.88 -41.32
CA LYS D 754 0.02 23.76 -42.00
C LYS D 754 0.02 22.55 -42.92
N ALA D 755 1.19 22.08 -43.31
CA ALA D 755 1.29 20.82 -44.04
C ALA D 755 1.00 19.67 -43.09
N PHE D 756 1.28 19.86 -41.81
CA PHE D 756 1.11 18.83 -40.80
C PHE D 756 -0.06 19.12 -39.85
N ARG D 757 -1.15 19.66 -40.37
CA ARG D 757 -2.32 19.90 -39.52
C ARG D 757 -2.94 18.57 -39.11
N SER D 758 -2.79 18.21 -37.84
CA SER D 758 -3.32 16.96 -37.34
C SER D 758 -4.85 16.98 -37.36
N GLY D 759 -5.43 15.92 -37.88
CA GLY D 759 -6.86 15.84 -38.11
C GLY D 759 -7.19 16.11 -39.56
N GLU D 760 -8.43 16.55 -39.79
CA GLU D 760 -8.90 16.71 -41.15
C GLU D 760 -9.97 17.78 -41.28
N MET D 761 -10.00 18.44 -42.43
CA MET D 761 -10.91 19.56 -42.69
C MET D 761 -12.33 19.07 -42.94
N VAL D 762 -13.16 19.10 -41.91
CA VAL D 762 -14.48 18.48 -41.99
C VAL D 762 -15.55 19.55 -42.18
N THR D 763 -16.42 19.33 -43.17
CA THR D 763 -17.66 20.07 -43.35
C THR D 763 -18.71 19.40 -42.47
N VAL D 764 -19.24 20.15 -41.49
CA VAL D 764 -20.12 19.54 -40.50
C VAL D 764 -21.42 20.31 -40.30
N GLY D 765 -21.48 21.58 -40.69
CA GLY D 765 -22.70 22.34 -40.53
C GLY D 765 -22.81 23.50 -41.50
N LYS D 766 -24.03 23.95 -41.78
CA LYS D 766 -24.28 24.92 -42.85
C LYS D 766 -25.16 26.09 -42.41
N SER D 767 -25.00 26.55 -41.16
CA SER D 767 -25.84 27.59 -40.58
C SER D 767 -25.75 28.93 -41.30
N SER D 768 -26.67 29.85 -40.98
CA SER D 768 -27.07 31.03 -41.75
C SER D 768 -25.91 31.87 -42.29
N ASP D 769 -26.14 32.50 -43.47
CA ASP D 769 -25.09 32.83 -44.43
C ASP D 769 -24.34 31.54 -44.69
N GLY D 770 -25.02 30.60 -45.37
CA GLY D 770 -24.81 29.16 -45.35
C GLY D 770 -23.40 28.60 -45.21
N THR D 771 -22.53 28.86 -46.22
CA THR D 771 -21.07 28.90 -46.27
C THR D 771 -20.44 27.88 -45.31
N PRO D 772 -20.55 26.58 -45.62
CA PRO D 772 -20.46 25.52 -44.60
C PRO D 772 -19.15 25.45 -43.81
N ASP D 773 -19.20 24.75 -42.67
CA ASP D 773 -18.20 24.88 -41.62
C ASP D 773 -16.85 24.33 -42.05
N ARG D 774 -15.90 25.25 -42.21
CA ARG D 774 -14.52 24.94 -42.54
C ARG D 774 -13.81 24.69 -41.21
N ARG D 775 -14.06 23.53 -40.61
CA ARG D 775 -13.69 23.30 -39.22
C ARG D 775 -12.77 22.08 -39.13
N TRP D 776 -11.53 22.33 -38.75
CA TRP D 776 -10.49 21.30 -38.70
C TRP D 776 -10.69 20.37 -37.52
N CYS D 777 -11.30 19.21 -37.75
CA CYS D 777 -11.70 18.33 -36.67
C CYS D 777 -10.76 17.13 -36.56
N PHE D 778 -11.10 16.20 -35.68
CA PHE D 778 -10.23 15.07 -35.32
C PHE D 778 -11.09 13.85 -34.97
N ARG D 779 -10.70 12.69 -35.46
CA ARG D 779 -11.49 11.48 -35.24
C ARG D 779 -11.00 10.69 -34.05
N VAL D 780 -11.95 10.28 -33.21
CA VAL D 780 -11.69 9.40 -32.08
C VAL D 780 -12.73 8.28 -32.10
N ASP D 781 -12.31 7.07 -32.38
CA ASP D 781 -13.25 5.96 -32.48
C ASP D 781 -13.41 5.27 -31.14
N GLU D 782 -14.61 4.75 -30.89
CA GLU D 782 -14.96 4.18 -29.60
C GLU D 782 -15.69 2.87 -29.81
N VAL D 783 -15.30 1.85 -29.05
CA VAL D 783 -15.89 0.53 -29.15
C VAL D 783 -16.73 0.26 -27.90
N ASN D 784 -18.04 0.19 -28.07
CA ASN D 784 -18.95 0.05 -26.95
C ASN D 784 -20.01 -0.99 -27.27
N TRP D 785 -20.19 -1.93 -26.35
CA TRP D 785 -21.24 -2.92 -26.49
C TRP D 785 -22.43 -2.64 -25.57
N SER D 786 -22.24 -1.77 -24.57
CA SER D 786 -23.34 -1.46 -23.66
C SER D 786 -24.40 -0.59 -24.34
N HIS D 787 -23.96 0.47 -25.03
CA HIS D 787 -24.83 1.38 -25.76
C HIS D 787 -25.54 0.66 -26.90
N TRP D 788 -24.87 -0.33 -27.47
CA TRP D 788 -25.38 -1.11 -28.59
C TRP D 788 -26.57 -1.97 -28.23
N ASN D 789 -26.68 -2.39 -26.98
CA ASN D 789 -27.64 -3.43 -26.63
C ASN D 789 -29.07 -2.91 -26.48
N GLN D 790 -29.28 -1.80 -25.77
CA GLN D 790 -30.65 -1.39 -25.48
C GLN D 790 -31.31 -0.71 -26.67
N ASN D 791 -30.52 -0.28 -27.65
CA ASN D 791 -31.09 0.38 -28.82
C ASN D 791 -31.76 -0.62 -29.76
C09 XS9 E . 16.47 -34.74 -23.57
C10 XS9 E . 17.45 -33.64 -23.29
O11 XS9 E . 18.05 -33.49 -22.26
O12 XS9 E . 17.55 -32.81 -24.34
C13 XS9 E . 18.43 -31.66 -24.22
C14 XS9 E . 17.63 -30.39 -24.17
C15 XS9 E . 18.59 -29.22 -24.17
C16 XS9 E . 19.10 -29.12 -25.63
C17 XS9 E . 20.07 -27.99 -25.84
C18 XS9 E . 19.70 -26.73 -26.08
C19 XS9 E . 18.52 -26.16 -25.34
C20 XS9 E . 18.55 -26.55 -23.86
C21 XS9 E . 17.98 -27.96 -23.51
C22 XS9 E . 16.53 -27.64 -23.61
C23 XS9 E . 16.43 -26.53 -22.89
C24 XS9 E . 17.55 -25.67 -23.24
O25 XS9 E . 17.68 -24.46 -23.12
C26 XS9 E . 15.46 -26.19 -21.80
O27 XS9 E . 19.87 -26.42 -23.34
C28 XS9 E . 20.38 -25.82 -27.07
O29 XS9 E . 19.63 -24.62 -27.26
C30 XS9 E . 19.74 -30.43 -26.15
C31 XS9 E . 19.42 -31.69 -25.38
C32 XS9 E . 19.07 -31.59 -26.88
C33 XS9 E . 17.61 -31.44 -27.32
C34 XS9 E . 19.91 -32.40 -27.88
O35 XS9 E . 20.34 -32.78 -25.16
C36 XS9 E . 21.54 -32.75 -24.56
O37 XS9 E . 22.16 -33.72 -24.21
C38 XS9 E . 21.99 -31.34 -24.34
O47 XS9 E . 19.67 -29.50 -23.29
C48 XS9 E . 16.67 -30.54 -22.99
C08 XS9 E . 17.14 -36.11 -23.69
C07 XS9 E . 16.58 -37.14 -22.71
C06 XS9 E . 16.62 -38.57 -23.23
C05 XS9 E . 15.68 -39.51 -22.49
C04 XS9 E . 15.48 -39.16 -21.02
C03 XS9 E . 14.31 -39.89 -20.37
C02 XS9 E . 13.82 -39.24 -19.08
C01 XS9 E . 13.41 -40.25 -18.04
C39 XS9 E . 22.32 -31.02 -22.89
C40 XS9 E . 22.95 -29.65 -22.74
C41 XS9 E . 24.45 -29.72 -22.58
C42 XS9 E . 24.91 -30.90 -21.75
C43 XS9 E . 25.91 -31.80 -22.46
C44 XS9 E . 25.38 -32.39 -23.76
C45 XS9 E . 25.19 -33.89 -23.70
C46 XS9 E . 24.69 -34.37 -22.36
C09 XS9 F . 13.62 -20.43 39.13
C10 XS9 F . 14.33 -19.92 37.91
O11 XS9 F . 14.71 -18.79 37.76
O12 XS9 F . 14.49 -20.89 37.00
C13 XS9 F . 15.10 -20.54 35.73
C14 XS9 F . 14.52 -21.41 34.64
C15 XS9 F . 15.28 -21.32 33.36
C16 XS9 F . 16.69 -21.93 33.60
C17 XS9 F . 17.57 -21.75 32.40
C18 XS9 F . 17.21 -22.15 31.18
C19 XS9 F . 16.22 -21.35 30.37
C20 XS9 F . 14.75 -21.57 30.76
C21 XS9 F . 14.47 -21.98 32.23
C22 XS9 F . 14.48 -23.47 32.14
C23 XS9 F . 14.38 -23.90 30.89
C24 XS9 F . 14.30 -22.75 30.00
O25 XS9 F . 13.96 -22.72 28.85
C26 XS9 F . 14.35 -25.30 30.37
O27 XS9 F . 13.98 -20.42 30.47
C28 XS9 F . 17.74 -23.42 30.59
O29 XS9 F . 17.34 -24.54 31.36
C30 XS9 F . 17.42 -21.37 34.83
C31 XS9 F . 16.62 -20.68 35.89
C32 XS9 F . 17.38 -21.96 36.21
C33 XS9 F . 16.62 -23.27 36.46
C34 XS9 F . 18.65 -21.86 37.06
O35 XS9 F . 17.17 -19.62 36.69
C36 XS9 F . 17.45 -18.37 36.30
O37 XS9 F . 17.87 -17.51 37.03
C38 XS9 F . 17.19 -18.20 34.84
O47 XS9 F . 15.41 -19.94 33.02
C48 XS9 F . 13.06 -20.99 34.46
C08 XS9 F . 13.17 -19.32 40.06
C07 XS9 F . 12.08 -18.44 39.46
C06 XS9 F . 11.82 -17.16 40.25
C05 XS9 F . 10.77 -17.31 41.32
C04 XS9 F . 9.48 -16.60 41.02
C03 XS9 F . 9.54 -15.10 41.25
C02 XS9 F . 8.30 -14.36 40.78
C01 XS9 F . 7.39 -13.98 41.91
C39 XS9 F . 18.47 -18.03 34.02
C40 XS9 F . 19.57 -18.99 34.42
C41 XS9 F . 20.62 -18.40 35.35
C42 XS9 F . 21.19 -19.40 36.34
C43 XS9 F . 21.08 -18.94 37.79
C44 XS9 F . 21.82 -19.83 38.77
C45 XS9 F . 23.02 -19.17 39.45
C46 XS9 F . 23.12 -17.69 39.15
C09 XS9 G . 11.93 35.79 24.96
C10 XS9 G . 13.00 34.75 24.76
O11 XS9 G . 13.70 34.67 23.78
O12 XS9 G . 13.08 33.92 25.81
C13 XS9 G . 14.06 32.85 25.76
C14 XS9 G . 13.35 31.52 25.64
C15 XS9 G . 14.39 30.43 25.71
C16 XS9 G . 14.79 30.35 27.21
C17 XS9 G . 15.83 29.28 27.50
C18 XS9 G . 15.52 28.01 27.70
C19 XS9 G . 14.46 27.36 26.86
C20 XS9 G . 14.57 27.76 25.39
C21 XS9 G . 13.94 29.12 25.00
C22 XS9 G . 12.50 28.71 24.98
C23 XS9 G . 12.56 27.60 24.25
C24 XS9 G . 13.69 26.82 24.69
O25 XS9 G . 13.92 25.63 24.57
C26 XS9 G . 11.70 27.19 23.09
O27 XS9 G . 15.93 27.74 24.98
C28 XS9 G . 16.18 27.13 28.73
O29 XS9 G . 15.52 25.89 28.86
C30 XS9 G . 15.29 31.70 27.79
C31 XS9 G . 14.94 32.94 27.01
C32 XS9 G . 14.48 32.80 28.46
C33 XS9 G . 13.01 32.53 28.78
C34 XS9 G . 15.17 33.65 29.54
O35 XS9 G . 15.79 34.09 26.86
C36 XS9 G . 17.03 34.16 26.36
O37 XS9 G . 17.61 35.17 26.07
C38 XS9 G . 17.61 32.78 26.17
O47 XS9 G . 15.52 30.79 24.93
C48 XS9 G . 12.48 31.62 24.39
C08 XS9 G . 12.49 37.20 25.16
C07 XS9 G . 11.94 38.19 24.14
C06 XS9 G . 11.83 39.62 24.65
C05 XS9 G . 10.88 40.49 23.85
C04 XS9 G . 10.83 40.15 22.37
C03 XS9 G . 9.67 40.80 21.63
C02 XS9 G . 9.33 40.13 20.31
C01 XS9 G . 8.94 41.12 19.23
C39 XS9 G . 18.07 32.50 24.75
C40 XS9 G . 18.82 31.19 24.64
C41 XS9 G . 20.31 31.37 24.61
C42 XS9 G . 20.75 32.59 23.83
C43 XS9 G . 21.62 33.55 24.62
C44 XS9 G . 20.95 34.08 25.87
C45 XS9 G . 20.65 35.57 25.80
C46 XS9 G . 20.23 36.03 24.43
C09 XS9 H . 15.41 21.45 -38.00
C10 XS9 H . 16.04 20.99 -36.72
O11 XS9 H . 16.49 19.89 -36.54
O12 XS9 H . 16.07 21.97 -35.81
C13 XS9 H . 16.60 21.65 -34.49
C14 XS9 H . 15.86 22.48 -33.46
C15 XS9 H . 16.52 22.43 -32.12
C16 XS9 H . 17.90 23.14 -32.24
C17 XS9 H . 18.69 23.01 -30.97
C18 XS9 H . 18.20 23.38 -29.78
C19 XS9 H . 17.20 22.51 -29.06
C20 XS9 H . 15.76 22.64 -29.57
C21 XS9 H . 15.57 23.03 -31.06
C22 XS9 H . 15.48 24.51 -30.97
C23 XS9 H . 15.25 24.94 -29.73
C24 XS9 H . 15.18 23.78 -28.86
O25 XS9 H . 14.73 23.72 -27.73
C26 XS9 H . 15.09 26.34 -29.22
O27 XS9 H . 15.05 21.43 -29.34
C28 XS9 H . 18.60 24.69 -29.15
O29 XS9 H . 18.18 25.78 -29.95
C30 XS9 H . 18.77 22.64 -33.40
C31 XS9 H . 18.10 21.90 -34.52
C32 XS9 H . 18.80 23.23 -34.79
C33 XS9 H . 17.98 24.48 -35.09
C34 XS9 H . 20.15 23.22 -35.52
O35 XS9 H . 18.78 20.88 -35.28
C36 XS9 H . 19.13 19.65 -34.86
O37 XS9 H . 19.66 18.82 -35.54
C38 XS9 H . 18.76 19.46 -33.42
O47 XS9 H . 16.71 21.06 -31.76
C48 XS9 H . 14.44 21.95 -33.39
C08 XS9 H . 15.12 20.32 -38.97
C07 XS9 H . 14.04 19.37 -38.47
C06 XS9 H . 13.94 18.09 -39.26
C05 XS9 H . 12.97 18.17 -40.43
C04 XS9 H . 11.71 17.36 -40.23
C03 XS9 H . 11.88 15.88 -40.45
C02 XS9 H . 10.67 15.05 -40.09
C01 XS9 H . 9.89 14.62 -41.28
C39 XS9 H . 19.97 19.37 -32.50
C40 XS9 H . 21.04 20.40 -32.81
C41 XS9 H . 22.19 19.88 -33.65
C42 XS9 H . 22.78 20.92 -34.59
C43 XS9 H . 22.82 20.46 -36.04
C44 XS9 H . 23.58 21.39 -36.96
C45 XS9 H . 24.87 20.83 -37.53
C46 XS9 H . 25.04 19.35 -37.22
#